data_6RLM
#
_entry.id   6RLM
#
_cell.length_a   224.909
_cell.length_b   238.594
_cell.length_c   209.812
_cell.angle_alpha   90.000
_cell.angle_beta   90.000
_cell.angle_gamma   90.000
#
_symmetry.space_group_name_H-M   'C 2 2 21'
#
loop_
_entity.id
_entity.type
_entity.pdbx_description
1 polymer 'AT1412dm Fab (Heavy Chain)'
2 polymer 'AT1412dm Fab (Light Chain)'
3 non-polymer 'CHLORIDE ION'
#
loop_
_entity_poly.entity_id
_entity_poly.type
_entity_poly.pdbx_seq_one_letter_code
_entity_poly.pdbx_strand_id
1 'polypeptide(L)'
;EVQVVESGGGLVQPGRSLRLSCAASGFTFDDYAMYWVRQAPGKGLEWVSGISWNSGSIVYADSVKGRFTISRDNAKNSLY
LQLNSLRAEDTAFYYCAKAVSGYFPYFDYWGQGILVTVSSASTKGPSVFPLAPSSKSTSGGTAALGCLVKDYFPEPVTVS
WNSGALTSGVHTFPAVLQSSGLYSLSSVVTVPSSSLGTQTYICNVNHKPSNTKVDKRVEPKSCDKTH
;
A,C,E,G,I,K,M,O
2 'polypeptide(L)'
;DIVMTQSPDSLSVSLGERATINCKSSQSVLYSSNNKNYLGWYQQKPGQPPKLLIYWASTRESGVPDRFSGSGSGTDFTLT
ISSLQAEDVAVYYCQQYYTTPSTFGQGTRLEIKRTAAAPSVFIFPPSDEQLKSGTASVVCLLNNFYPREAKVQWKVDNAL
QSGNSQESVTEQDSKDSTYSLSSTLTLSKADYEKHKVYACEVTHQGLSSPVTKSFNRGEC
;
B,D,F,H,J,L,N,P
#
loop_
_chem_comp.id
_chem_comp.type
_chem_comp.name
_chem_comp.formula
CL non-polymer 'CHLORIDE ION' 'Cl -1'
#
# COMPACT_ATOMS: atom_id res chain seq x y z
N VAL A 2 -33.68 9.79 -26.91
CA VAL A 2 -33.69 8.34 -26.39
C VAL A 2 -32.39 7.63 -26.76
N GLN A 3 -31.65 7.11 -25.79
CA GLN A 3 -30.31 6.51 -25.97
C GLN A 3 -30.22 5.19 -25.20
N VAL A 4 -29.76 4.14 -25.86
CA VAL A 4 -29.74 2.76 -25.31
C VAL A 4 -28.31 2.19 -25.39
N VAL A 5 -27.90 1.44 -24.38
CA VAL A 5 -26.59 0.74 -24.31
C VAL A 5 -26.83 -0.74 -23.99
N GLU A 6 -26.53 -1.59 -24.97
CA GLU A 6 -26.66 -3.07 -24.90
C GLU A 6 -25.28 -3.65 -24.62
N SER A 7 -25.19 -4.64 -23.74
CA SER A 7 -23.90 -5.30 -23.40
C SER A 7 -24.16 -6.68 -22.83
N GLY A 8 -23.09 -7.46 -22.65
CA GLY A 8 -23.11 -8.94 -22.55
C GLY A 8 -23.11 -9.53 -23.95
N GLY A 9 -23.24 -10.84 -24.07
CA GLY A 9 -23.36 -11.49 -25.39
C GLY A 9 -22.01 -11.93 -25.92
N GLY A 10 -22.00 -12.62 -27.06
CA GLY A 10 -20.79 -13.20 -27.66
C GLY A 10 -20.74 -14.70 -27.46
N LEU A 11 -19.53 -15.28 -27.46
CA LEU A 11 -19.32 -16.73 -27.38
C LEU A 11 -19.37 -17.17 -25.92
N VAL A 12 -20.04 -18.28 -25.64
CA VAL A 12 -20.04 -18.95 -24.31
C VAL A 12 -20.24 -20.44 -24.56
N GLN A 13 -19.61 -21.31 -23.78
CA GLN A 13 -19.64 -22.78 -24.03
C GLN A 13 -20.83 -23.37 -23.25
N PRO A 14 -21.42 -24.49 -23.73
CA PRO A 14 -22.60 -25.05 -23.07
C PRO A 14 -22.37 -25.24 -21.57
N GLY A 15 -23.39 -24.97 -20.75
CA GLY A 15 -23.34 -25.14 -19.28
C GLY A 15 -22.91 -23.87 -18.57
N ARG A 16 -22.02 -23.07 -19.18
CA ARG A 16 -21.56 -21.77 -18.62
C ARG A 16 -22.72 -20.77 -18.66
N SER A 17 -22.49 -19.56 -18.15
CA SER A 17 -23.53 -18.52 -17.99
C SER A 17 -23.04 -17.16 -18.51
N LEU A 18 -23.98 -16.23 -18.62
CA LEU A 18 -23.85 -14.96 -19.36
C LEU A 18 -24.92 -14.02 -18.81
N ARG A 19 -24.65 -12.71 -18.80
CA ARG A 19 -25.59 -11.69 -18.28
C ARG A 19 -25.75 -10.63 -19.37
N LEU A 20 -26.95 -10.54 -19.95
CA LEU A 20 -27.31 -9.49 -20.93
C LEU A 20 -27.82 -8.28 -20.13
N SER A 21 -27.78 -7.09 -20.73
CA SER A 21 -28.40 -5.87 -20.18
C SER A 21 -28.65 -4.87 -21.31
N CYS A 22 -29.82 -4.25 -21.29
CA CYS A 22 -30.07 -2.95 -21.94
C CYS A 22 -30.28 -1.90 -20.86
N ALA A 23 -29.68 -0.72 -21.04
CA ALA A 23 -29.86 0.47 -20.21
C ALA A 23 -30.25 1.62 -21.12
N ALA A 24 -31.08 2.55 -20.65
CA ALA A 24 -31.67 3.60 -21.51
C ALA A 24 -31.95 4.86 -20.72
N SER A 25 -31.84 5.99 -21.39
CA SER A 25 -32.29 7.31 -20.94
C SER A 25 -33.17 7.90 -22.03
N GLY A 26 -34.16 8.72 -21.68
CA GLY A 26 -35.00 9.45 -22.66
C GLY A 26 -36.44 8.97 -22.65
N PHE A 27 -36.72 7.89 -21.90
CA PHE A 27 -38.08 7.40 -21.62
C PHE A 27 -38.18 7.05 -20.13
N THR A 28 -39.40 7.10 -19.60
CA THR A 28 -39.68 6.92 -18.17
C THR A 28 -39.56 5.43 -17.88
N PHE A 29 -38.42 4.98 -17.35
CA PHE A 29 -38.08 3.54 -17.30
C PHE A 29 -39.12 2.76 -16.49
N ASP A 30 -39.77 3.36 -15.49
CA ASP A 30 -40.69 2.61 -14.59
C ASP A 30 -42.15 2.80 -15.04
N ASP A 31 -42.39 3.29 -16.25
CA ASP A 31 -43.76 3.37 -16.85
C ASP A 31 -44.09 2.09 -17.61
N TYR A 32 -43.14 1.14 -17.71
CA TYR A 32 -43.23 0.03 -18.69
C TYR A 32 -42.93 -1.32 -18.04
N ALA A 33 -43.68 -2.33 -18.46
CA ALA A 33 -43.30 -3.75 -18.30
C ALA A 33 -42.23 -4.03 -19.35
N MET A 34 -41.17 -4.73 -18.91
CA MET A 34 -39.97 -5.02 -19.73
C MET A 34 -40.05 -6.50 -20.11
N TYR A 35 -39.65 -6.82 -21.35
CA TYR A 35 -39.65 -8.19 -21.89
C TYR A 35 -38.34 -8.44 -22.63
N TRP A 36 -37.93 -9.72 -22.65
CA TRP A 36 -36.90 -10.28 -23.57
C TRP A 36 -37.56 -11.15 -24.64
N VAL A 37 -37.34 -10.85 -25.90
CA VAL A 37 -37.70 -11.69 -27.09
C VAL A 37 -36.38 -12.18 -27.70
N ARG A 38 -36.31 -13.45 -28.13
CA ARG A 38 -35.13 -13.99 -28.84
C ARG A 38 -35.52 -14.52 -30.22
N GLN A 39 -34.52 -14.62 -31.09
CA GLN A 39 -34.64 -15.07 -32.51
C GLN A 39 -33.39 -15.88 -32.83
N ALA A 40 -33.49 -17.21 -32.87
CA ALA A 40 -32.39 -18.11 -33.32
C ALA A 40 -32.11 -17.79 -34.78
N PRO A 41 -30.83 -17.76 -35.24
CA PRO A 41 -30.51 -17.12 -36.52
C PRO A 41 -31.27 -17.85 -37.64
N GLY A 42 -31.87 -17.07 -38.56
CA GLY A 42 -32.67 -17.58 -39.70
C GLY A 42 -34.11 -17.91 -39.33
N LYS A 43 -34.38 -18.27 -38.07
CA LYS A 43 -35.71 -18.69 -37.55
C LYS A 43 -36.49 -17.47 -37.04
N GLY A 44 -37.62 -17.67 -36.36
CA GLY A 44 -38.61 -16.62 -36.03
C GLY A 44 -38.53 -16.18 -34.58
N LEU A 45 -39.42 -15.27 -34.17
CA LEU A 45 -39.43 -14.58 -32.84
C LEU A 45 -40.01 -15.51 -31.78
N GLU A 46 -39.46 -15.47 -30.57
CA GLU A 46 -39.89 -16.30 -29.40
C GLU A 46 -39.93 -15.42 -28.15
N TRP A 47 -41.10 -15.25 -27.56
CA TRP A 47 -41.31 -14.66 -26.21
C TRP A 47 -40.54 -15.49 -25.17
N VAL A 48 -39.63 -14.87 -24.43
CA VAL A 48 -38.67 -15.53 -23.50
C VAL A 48 -39.06 -15.24 -22.05
N SER A 49 -39.26 -13.97 -21.72
CA SER A 49 -39.38 -13.51 -20.31
C SER A 49 -40.05 -12.13 -20.25
N GLY A 50 -40.68 -11.83 -19.12
CA GLY A 50 -41.43 -10.58 -18.88
C GLY A 50 -41.40 -10.19 -17.40
N ILE A 51 -41.51 -8.89 -17.11
CA ILE A 51 -41.40 -8.35 -15.72
C ILE A 51 -42.17 -7.03 -15.64
N SER A 52 -43.02 -6.90 -14.61
CA SER A 52 -43.89 -5.72 -14.35
C SER A 52 -42.99 -4.56 -13.89
N TRP A 53 -43.50 -3.33 -13.99
CA TRP A 53 -42.71 -2.09 -13.73
C TRP A 53 -41.95 -2.19 -12.39
N ASN A 54 -42.57 -2.76 -11.36
CA ASN A 54 -41.99 -2.78 -9.97
C ASN A 54 -41.45 -4.17 -9.61
N SER A 55 -41.18 -5.02 -10.61
CA SER A 55 -40.67 -6.41 -10.42
C SER A 55 -41.68 -7.27 -9.63
N GLY A 56 -42.96 -6.88 -9.66
CA GLY A 56 -44.05 -7.49 -8.89
C GLY A 56 -44.42 -8.87 -9.42
N SER A 57 -44.60 -9.02 -10.74
CA SER A 57 -44.88 -10.32 -11.39
C SER A 57 -43.83 -10.59 -12.49
N ILE A 58 -43.33 -11.82 -12.53
CA ILE A 58 -42.26 -12.31 -13.44
C ILE A 58 -42.79 -13.57 -14.14
N VAL A 59 -42.73 -13.63 -15.45
CA VAL A 59 -43.22 -14.80 -16.27
C VAL A 59 -42.09 -15.25 -17.20
N TYR A 60 -41.78 -16.55 -17.23
CA TYR A 60 -40.84 -17.18 -18.19
C TYR A 60 -41.59 -18.15 -19.11
N ALA A 61 -41.22 -18.19 -20.39
CA ALA A 61 -41.59 -19.27 -21.35
C ALA A 61 -40.97 -20.59 -20.83
N ASP A 62 -41.63 -21.70 -21.13
CA ASP A 62 -41.29 -23.04 -20.55
C ASP A 62 -39.84 -23.37 -20.95
N SER A 63 -39.45 -23.07 -22.19
CA SER A 63 -38.12 -23.38 -22.79
C SER A 63 -36.96 -22.92 -21.89
N VAL A 64 -37.15 -21.86 -21.08
CA VAL A 64 -36.05 -21.22 -20.30
C VAL A 64 -36.31 -21.31 -18.79
N LYS A 65 -37.51 -21.66 -18.35
CA LYS A 65 -37.88 -21.65 -16.90
C LYS A 65 -36.84 -22.46 -16.11
N GLY A 66 -36.39 -21.95 -14.97
CA GLY A 66 -35.39 -22.60 -14.09
C GLY A 66 -33.94 -22.28 -14.46
N ARG A 67 -33.68 -21.75 -15.66
CA ARG A 67 -32.31 -21.50 -16.18
C ARG A 67 -32.02 -20.00 -16.28
N PHE A 68 -32.97 -19.21 -16.80
CA PHE A 68 -32.84 -17.75 -17.03
C PHE A 68 -33.54 -16.99 -15.89
N THR A 69 -32.94 -15.87 -15.48
CA THR A 69 -33.50 -14.95 -14.45
C THR A 69 -33.60 -13.56 -15.07
N ILE A 70 -34.83 -13.04 -15.21
CA ILE A 70 -35.07 -11.64 -15.60
C ILE A 70 -35.06 -10.78 -14.33
N SER A 71 -34.56 -9.55 -14.42
CA SER A 71 -34.53 -8.57 -13.32
C SER A 71 -34.39 -7.16 -13.92
N ARG A 72 -34.58 -6.14 -13.09
CA ARG A 72 -34.45 -4.72 -13.51
C ARG A 72 -34.01 -3.88 -12.31
N ASP A 73 -33.39 -2.74 -12.61
CA ASP A 73 -33.03 -1.67 -11.63
C ASP A 73 -33.52 -0.35 -12.24
N ASN A 74 -34.67 0.15 -11.78
CA ASN A 74 -35.32 1.37 -12.35
C ASN A 74 -34.48 2.61 -12.05
N ALA A 75 -33.68 2.52 -10.99
CA ALA A 75 -32.73 3.57 -10.54
C ALA A 75 -31.59 3.70 -11.56
N LYS A 76 -31.10 2.56 -12.09
CA LYS A 76 -30.00 2.49 -13.09
C LYS A 76 -30.59 2.41 -14.51
N ASN A 77 -31.91 2.59 -14.67
CA ASN A 77 -32.66 2.45 -15.94
C ASN A 77 -32.13 1.26 -16.76
N SER A 78 -32.06 0.06 -16.15
CA SER A 78 -31.42 -1.15 -16.72
C SER A 78 -32.36 -2.37 -16.63
N LEU A 79 -32.40 -3.15 -17.71
CA LEU A 79 -33.08 -4.47 -17.77
C LEU A 79 -32.02 -5.55 -17.93
N TYR A 80 -32.05 -6.58 -17.09
CA TYR A 80 -31.04 -7.68 -17.08
C TYR A 80 -31.71 -8.99 -17.48
N LEU A 81 -30.97 -9.88 -18.14
CA LEU A 81 -31.30 -11.32 -18.29
C LEU A 81 -30.06 -12.14 -17.97
N GLN A 82 -30.12 -12.93 -16.90
CA GLN A 82 -29.06 -13.88 -16.46
C GLN A 82 -29.32 -15.21 -17.15
N LEU A 83 -28.46 -15.62 -18.09
CA LEU A 83 -28.55 -16.91 -18.83
C LEU A 83 -27.66 -17.94 -18.13
N ASN A 84 -28.24 -18.92 -17.44
CA ASN A 84 -27.48 -20.05 -16.82
C ASN A 84 -27.81 -21.33 -17.59
N SER A 85 -27.01 -22.39 -17.41
CA SER A 85 -27.23 -23.74 -18.00
C SER A 85 -27.50 -23.61 -19.49
N LEU A 86 -26.69 -22.82 -20.19
CA LEU A 86 -26.91 -22.50 -21.62
C LEU A 86 -26.72 -23.77 -22.48
N ARG A 87 -27.47 -23.84 -23.58
CA ARG A 87 -27.48 -25.00 -24.51
C ARG A 87 -27.49 -24.43 -25.93
N ALA A 88 -27.08 -25.22 -26.91
CA ALA A 88 -26.91 -24.81 -28.32
C ALA A 88 -28.15 -24.07 -28.82
N GLU A 89 -29.36 -24.49 -28.42
CA GLU A 89 -30.66 -23.97 -28.96
C GLU A 89 -30.91 -22.53 -28.48
N ASP A 90 -30.27 -22.13 -27.37
CA ASP A 90 -30.33 -20.76 -26.81
C ASP A 90 -29.56 -19.76 -27.69
N THR A 91 -28.69 -20.23 -28.57
CA THR A 91 -28.04 -19.38 -29.59
C THR A 91 -29.15 -18.60 -30.30
N ALA A 92 -29.09 -17.27 -30.19
CA ALA A 92 -30.11 -16.35 -30.76
C ALA A 92 -29.68 -14.90 -30.55
N PHE A 93 -30.25 -13.99 -31.35
CA PHE A 93 -30.32 -12.53 -31.08
C PHE A 93 -31.36 -12.29 -29.99
N TYR A 94 -30.97 -11.73 -28.83
CA TYR A 94 -31.88 -11.39 -27.70
C TYR A 94 -32.23 -9.91 -27.75
N TYR A 95 -33.53 -9.58 -27.86
CA TYR A 95 -34.03 -8.19 -27.99
C TYR A 95 -34.69 -7.73 -26.68
N CYS A 96 -34.49 -6.45 -26.37
CA CYS A 96 -35.15 -5.70 -25.26
C CYS A 96 -36.47 -5.16 -25.76
N ALA A 97 -37.57 -5.45 -25.06
CA ALA A 97 -38.91 -4.91 -25.40
C ALA A 97 -39.59 -4.34 -24.15
N LYS A 98 -40.67 -3.60 -24.39
CA LYS A 98 -41.24 -2.58 -23.50
C LYS A 98 -42.75 -2.52 -23.79
N ALA A 99 -43.61 -2.65 -22.78
CA ALA A 99 -45.07 -2.42 -22.95
C ALA A 99 -45.59 -1.57 -21.80
N VAL A 100 -46.53 -0.67 -22.11
CA VAL A 100 -47.07 0.35 -21.17
C VAL A 100 -47.82 -0.33 -20.01
N SER A 101 -48.87 -1.10 -20.29
CA SER A 101 -49.80 -1.69 -19.27
C SER A 101 -50.69 -2.77 -19.91
N GLY A 102 -51.55 -3.40 -19.09
CA GLY A 102 -52.69 -4.22 -19.54
C GLY A 102 -53.58 -3.51 -20.56
N TYR A 103 -53.79 -2.19 -20.47
CA TYR A 103 -54.70 -1.44 -21.40
C TYR A 103 -54.09 -1.36 -22.80
N PHE A 104 -52.77 -1.59 -22.91
CA PHE A 104 -52.03 -1.56 -24.21
C PHE A 104 -50.74 -2.35 -24.07
N PRO A 105 -50.79 -3.70 -24.21
CA PRO A 105 -49.66 -4.57 -23.87
C PRO A 105 -48.71 -4.85 -25.05
N TYR A 106 -48.95 -4.17 -26.18
CA TYR A 106 -48.20 -4.29 -27.45
C TYR A 106 -46.76 -3.82 -27.24
N PHE A 107 -45.81 -4.61 -27.76
CA PHE A 107 -44.35 -4.45 -27.58
C PHE A 107 -43.86 -3.24 -28.39
N ASP A 108 -43.00 -2.45 -27.76
CA ASP A 108 -42.06 -1.50 -28.39
C ASP A 108 -40.67 -2.13 -28.21
N TYR A 109 -39.88 -2.25 -29.28
CA TYR A 109 -38.50 -2.80 -29.21
C TYR A 109 -37.54 -1.61 -29.06
N TRP A 110 -36.72 -1.63 -28.01
CA TRP A 110 -35.64 -0.61 -27.74
C TRP A 110 -34.31 -1.36 -27.67
N GLY A 111 -33.35 -0.94 -28.46
CA GLY A 111 -32.10 -1.71 -28.65
C GLY A 111 -32.24 -2.81 -29.71
N GLN A 112 -31.14 -3.05 -30.42
CA GLN A 112 -31.03 -3.67 -31.77
C GLN A 112 -30.85 -5.18 -31.67
N GLY A 113 -30.71 -5.75 -30.48
CA GLY A 113 -30.53 -7.20 -30.32
C GLY A 113 -29.09 -7.56 -30.03
N ILE A 114 -28.89 -8.56 -29.17
CA ILE A 114 -27.58 -8.98 -28.63
C ILE A 114 -27.37 -10.44 -29.02
N LEU A 115 -26.36 -10.73 -29.85
CA LEU A 115 -26.10 -12.10 -30.33
C LEU A 115 -25.39 -12.90 -29.24
N VAL A 116 -26.03 -13.98 -28.79
CA VAL A 116 -25.39 -15.02 -27.93
C VAL A 116 -25.16 -16.25 -28.81
N THR A 117 -23.90 -16.72 -28.87
CA THR A 117 -23.51 -17.96 -29.59
C THR A 117 -23.04 -18.97 -28.54
N VAL A 118 -23.79 -20.06 -28.36
CA VAL A 118 -23.44 -21.16 -27.43
C VAL A 118 -22.81 -22.29 -28.27
N SER A 119 -21.52 -22.55 -28.02
CA SER A 119 -20.67 -23.49 -28.80
C SER A 119 -19.39 -23.80 -28.03
N SER A 120 -18.86 -25.01 -28.22
CA SER A 120 -17.58 -25.47 -27.62
C SER A 120 -16.41 -24.96 -28.46
N ALA A 121 -16.68 -24.62 -29.73
CA ALA A 121 -15.67 -24.19 -30.73
C ALA A 121 -14.92 -22.94 -30.23
N SER A 122 -13.64 -22.85 -30.57
CA SER A 122 -12.73 -21.74 -30.19
C SER A 122 -13.00 -20.55 -31.09
N THR A 123 -12.83 -19.35 -30.55
CA THR A 123 -12.80 -18.08 -31.30
C THR A 123 -11.67 -18.14 -32.31
N LYS A 124 -11.87 -17.54 -33.48
CA LYS A 124 -10.82 -17.35 -34.50
C LYS A 124 -11.12 -16.09 -35.29
N GLY A 125 -10.15 -15.19 -35.39
CA GLY A 125 -10.30 -13.91 -36.08
C GLY A 125 -10.34 -14.11 -37.58
N PRO A 126 -10.98 -13.18 -38.32
CA PRO A 126 -11.07 -13.30 -39.76
C PRO A 126 -9.76 -12.94 -40.43
N SER A 127 -9.41 -13.69 -41.46
CA SER A 127 -8.40 -13.33 -42.48
C SER A 127 -9.11 -12.44 -43.50
N VAL A 128 -8.65 -11.20 -43.67
CA VAL A 128 -9.24 -10.22 -44.62
C VAL A 128 -8.32 -10.12 -45.83
N PHE A 129 -8.87 -10.37 -47.03
CA PHE A 129 -8.14 -10.45 -48.32
C PHE A 129 -8.81 -9.54 -49.32
N PRO A 130 -8.06 -8.79 -50.15
CA PRO A 130 -8.68 -7.95 -51.16
C PRO A 130 -9.36 -8.78 -52.25
N LEU A 131 -10.46 -8.24 -52.79
CA LEU A 131 -11.06 -8.68 -54.06
C LEU A 131 -10.83 -7.52 -55.02
N ALA A 132 -9.73 -7.57 -55.77
CA ALA A 132 -9.18 -6.43 -56.52
C ALA A 132 -9.96 -6.27 -57.82
N PRO A 133 -10.25 -5.03 -58.24
CA PRO A 133 -10.83 -4.78 -59.57
C PRO A 133 -9.82 -5.04 -60.70
N SER A 134 -10.30 -5.44 -61.88
CA SER A 134 -9.47 -5.85 -63.06
C SER A 134 -9.16 -4.62 -63.94
N SER A 135 -8.32 -4.80 -64.97
CA SER A 135 -7.91 -3.77 -65.96
C SER A 135 -8.48 -2.40 -65.59
N GLY A 140 -21.40 -0.09 -67.83
CA GLY A 140 -20.40 -0.16 -68.90
C GLY A 140 -19.02 0.15 -68.36
N GLY A 141 -18.81 1.42 -67.99
CA GLY A 141 -17.68 1.89 -67.16
C GLY A 141 -17.92 1.67 -65.65
N THR A 142 -18.31 0.45 -65.26
CA THR A 142 -18.61 0.06 -63.84
C THR A 142 -17.62 -1.02 -63.39
N ALA A 143 -17.01 -0.82 -62.21
CA ALA A 143 -16.04 -1.76 -61.61
C ALA A 143 -16.55 -2.18 -60.23
N ALA A 144 -16.37 -3.47 -59.93
CA ALA A 144 -16.66 -4.06 -58.60
C ALA A 144 -15.32 -4.36 -57.93
N LEU A 145 -15.26 -4.11 -56.63
CA LEU A 145 -14.14 -4.46 -55.76
C LEU A 145 -14.75 -4.86 -54.41
N GLY A 146 -13.94 -5.39 -53.50
CA GLY A 146 -14.46 -5.89 -52.22
C GLY A 146 -13.38 -6.41 -51.29
N CYS A 147 -13.84 -7.01 -50.21
CA CYS A 147 -13.05 -7.68 -49.15
C CYS A 147 -13.60 -9.08 -48.94
N LEU A 148 -12.72 -10.07 -48.85
CA LEU A 148 -13.10 -11.45 -48.49
C LEU A 148 -12.73 -11.62 -47.02
N VAL A 149 -13.73 -11.84 -46.17
CA VAL A 149 -13.57 -11.97 -44.70
C VAL A 149 -13.71 -13.46 -44.38
N LYS A 150 -12.60 -14.20 -44.33
CA LYS A 150 -12.57 -15.68 -44.41
C LYS A 150 -12.11 -16.30 -43.09
N ASP A 151 -12.74 -17.41 -42.70
CA ASP A 151 -12.31 -18.36 -41.64
C ASP A 151 -12.31 -17.66 -40.28
N TYR A 152 -13.48 -17.28 -39.79
CA TYR A 152 -13.66 -16.67 -38.45
C TYR A 152 -14.77 -17.40 -37.68
N PHE A 153 -14.77 -17.21 -36.37
CA PHE A 153 -15.76 -17.80 -35.44
C PHE A 153 -15.67 -17.11 -34.09
N PRO A 154 -16.81 -16.81 -33.42
CA PRO A 154 -18.14 -17.00 -33.98
C PRO A 154 -18.57 -15.79 -34.81
N GLU A 155 -19.85 -15.76 -35.21
CA GLU A 155 -20.51 -14.51 -35.67
C GLU A 155 -20.54 -13.54 -34.49
N PRO A 156 -20.63 -12.21 -34.70
CA PRO A 156 -20.55 -11.60 -36.03
C PRO A 156 -19.29 -10.78 -36.36
N VAL A 157 -19.18 -10.41 -37.62
CA VAL A 157 -18.25 -9.37 -38.10
C VAL A 157 -19.10 -8.22 -38.63
N THR A 158 -18.58 -7.02 -38.52
CA THR A 158 -19.11 -5.79 -39.14
C THR A 158 -18.10 -5.36 -40.19
N VAL A 159 -18.60 -4.93 -41.33
CA VAL A 159 -17.77 -4.39 -42.45
C VAL A 159 -18.34 -3.03 -42.83
N SER A 160 -17.51 -2.00 -42.84
CA SER A 160 -17.84 -0.68 -43.43
C SER A 160 -16.80 -0.38 -44.50
N TRP A 161 -17.00 0.70 -45.26
CA TRP A 161 -16.07 1.13 -46.33
C TRP A 161 -15.71 2.60 -46.08
N ASN A 162 -14.40 2.90 -46.09
CA ASN A 162 -13.86 4.25 -45.85
C ASN A 162 -14.49 4.81 -44.57
N SER A 163 -14.62 3.96 -43.56
CA SER A 163 -15.03 4.32 -42.17
C SER A 163 -16.46 4.89 -42.14
N GLY A 164 -17.34 4.42 -43.04
CA GLY A 164 -18.76 4.81 -43.08
C GLY A 164 -19.07 5.81 -44.18
N ALA A 165 -18.06 6.43 -44.78
CA ALA A 165 -18.18 7.45 -45.86
C ALA A 165 -18.78 6.83 -47.14
N LEU A 166 -18.55 5.52 -47.35
CA LEU A 166 -19.07 4.78 -48.52
C LEU A 166 -20.10 3.74 -48.06
N THR A 167 -21.37 3.97 -48.41
CA THR A 167 -22.53 3.10 -48.10
C THR A 167 -23.27 2.78 -49.41
N SER A 168 -23.31 3.73 -50.34
CA SER A 168 -23.88 3.60 -51.70
C SER A 168 -23.14 2.51 -52.49
N GLY A 169 -23.86 1.47 -52.88
CA GLY A 169 -23.40 0.42 -53.81
C GLY A 169 -22.96 -0.84 -53.09
N VAL A 170 -22.90 -0.84 -51.76
CA VAL A 170 -22.27 -1.90 -50.91
C VAL A 170 -23.24 -3.07 -50.77
N HIS A 171 -22.73 -4.29 -50.89
CA HIS A 171 -23.41 -5.56 -50.54
C HIS A 171 -22.50 -6.39 -49.64
N THR A 172 -22.79 -6.44 -48.34
CA THR A 172 -22.10 -7.32 -47.36
C THR A 172 -22.90 -8.62 -47.25
N PHE A 173 -22.41 -9.68 -47.88
CA PHE A 173 -23.11 -10.99 -47.99
C PHE A 173 -23.27 -11.59 -46.60
N PRO A 174 -24.39 -12.27 -46.35
CA PRO A 174 -24.56 -13.10 -45.16
C PRO A 174 -23.40 -14.10 -45.02
N ALA A 175 -22.92 -14.26 -43.79
CA ALA A 175 -21.96 -15.31 -43.42
C ALA A 175 -22.52 -16.66 -43.87
N VAL A 176 -21.63 -17.53 -44.35
CA VAL A 176 -21.93 -18.94 -44.68
C VAL A 176 -20.89 -19.80 -43.94
N LEU A 177 -21.38 -20.76 -43.16
CA LEU A 177 -20.52 -21.74 -42.43
C LEU A 177 -19.89 -22.66 -43.48
N GLN A 178 -18.56 -22.80 -43.46
CA GLN A 178 -17.79 -23.74 -44.33
C GLN A 178 -17.70 -25.08 -43.59
N SER A 179 -17.34 -26.16 -44.29
CA SER A 179 -17.18 -27.52 -43.68
C SER A 179 -16.14 -27.49 -42.56
N SER A 180 -15.19 -26.55 -42.60
CA SER A 180 -14.14 -26.36 -41.57
C SER A 180 -14.77 -26.03 -40.21
N GLY A 181 -16.02 -25.55 -40.17
CA GLY A 181 -16.68 -25.08 -38.94
C GLY A 181 -16.40 -23.61 -38.65
N LEU A 182 -15.95 -22.86 -39.67
CA LEU A 182 -15.64 -21.42 -39.60
C LEU A 182 -16.48 -20.69 -40.65
N TYR A 183 -16.89 -19.45 -40.32
CA TYR A 183 -17.70 -18.61 -41.23
C TYR A 183 -16.77 -17.93 -42.23
N SER A 184 -17.36 -17.50 -43.33
CA SER A 184 -16.73 -16.66 -44.37
C SER A 184 -17.82 -15.84 -45.06
N LEU A 185 -17.49 -14.61 -45.44
CA LEU A 185 -18.35 -13.75 -46.28
C LEU A 185 -17.46 -12.83 -47.10
N SER A 186 -18.03 -12.22 -48.11
CA SER A 186 -17.39 -11.11 -48.88
C SER A 186 -18.29 -9.88 -48.73
N SER A 187 -17.68 -8.71 -48.65
CA SER A 187 -18.35 -7.42 -48.78
C SER A 187 -17.82 -6.80 -50.07
N VAL A 188 -18.71 -6.36 -50.95
CA VAL A 188 -18.31 -5.81 -52.28
C VAL A 188 -19.02 -4.48 -52.49
N VAL A 189 -18.55 -3.74 -53.46
CA VAL A 189 -19.12 -2.41 -53.82
C VAL A 189 -18.81 -2.15 -55.29
N THR A 190 -19.78 -1.57 -55.98
CA THR A 190 -19.67 -1.14 -57.39
C THR A 190 -19.45 0.37 -57.36
N VAL A 191 -18.55 0.83 -58.23
CA VAL A 191 -18.08 2.24 -58.30
C VAL A 191 -17.83 2.52 -59.77
N PRO A 192 -17.74 3.80 -60.17
CA PRO A 192 -17.32 4.14 -61.53
C PRO A 192 -15.90 3.60 -61.80
N SER A 193 -15.60 3.17 -63.03
CA SER A 193 -14.24 2.82 -63.51
C SER A 193 -13.28 4.00 -63.27
N SER A 194 -13.64 5.20 -63.74
CA SER A 194 -12.83 6.45 -63.67
C SER A 194 -12.32 6.74 -62.24
N SER A 195 -13.07 6.34 -61.22
CA SER A 195 -12.75 6.60 -59.80
C SER A 195 -11.68 5.64 -59.27
N LEU A 196 -11.39 4.54 -59.96
CA LEU A 196 -10.57 3.43 -59.43
C LEU A 196 -9.19 3.92 -58.97
N GLY A 197 -8.57 4.82 -59.74
CA GLY A 197 -7.21 5.36 -59.47
C GLY A 197 -7.26 6.62 -58.64
N THR A 198 -8.39 7.35 -58.68
CA THR A 198 -8.55 8.72 -58.13
C THR A 198 -9.05 8.69 -56.68
N GLN A 199 -9.56 7.55 -56.21
CA GLN A 199 -10.25 7.41 -54.90
C GLN A 199 -9.69 6.20 -54.15
N THR A 200 -9.62 6.31 -52.83
CA THR A 200 -9.10 5.26 -51.91
C THR A 200 -10.27 4.39 -51.45
N TYR A 201 -10.08 3.06 -51.41
CA TYR A 201 -11.10 2.08 -50.94
C TYR A 201 -10.49 1.18 -49.86
N ILE A 202 -11.05 1.24 -48.65
CA ILE A 202 -10.61 0.48 -47.45
C ILE A 202 -11.82 -0.18 -46.79
N CYS A 203 -11.75 -1.48 -46.54
CA CYS A 203 -12.70 -2.26 -45.68
C CYS A 203 -12.33 -2.05 -44.23
N ASN A 204 -13.31 -1.77 -43.39
CA ASN A 204 -13.15 -1.71 -41.93
C ASN A 204 -13.85 -2.95 -41.38
N VAL A 205 -13.07 -4.02 -41.20
CA VAL A 205 -13.57 -5.28 -40.61
C VAL A 205 -13.31 -5.23 -39.11
N ASN A 206 -14.35 -5.46 -38.31
CA ASN A 206 -14.27 -5.55 -36.84
C ASN A 206 -14.89 -6.89 -36.45
N HIS A 207 -14.21 -7.63 -35.58
CA HIS A 207 -14.67 -8.93 -35.06
C HIS A 207 -14.45 -8.93 -33.53
N LYS A 208 -15.44 -8.47 -32.77
CA LYS A 208 -15.27 -8.22 -31.31
C LYS A 208 -14.74 -9.48 -30.63
N PRO A 209 -15.25 -10.69 -30.93
CA PRO A 209 -14.83 -11.88 -30.17
C PRO A 209 -13.33 -12.24 -30.19
N SER A 210 -12.58 -11.90 -31.25
CA SER A 210 -11.13 -12.20 -31.42
C SER A 210 -10.27 -10.95 -31.18
N ASN A 211 -10.95 -9.84 -30.91
CA ASN A 211 -10.35 -8.50 -30.70
C ASN A 211 -9.57 -8.13 -31.95
N THR A 212 -10.19 -8.31 -33.12
CA THR A 212 -9.58 -8.06 -34.45
C THR A 212 -10.25 -6.85 -35.09
N LYS A 213 -9.48 -5.78 -35.29
CA LYS A 213 -9.84 -4.59 -36.08
C LYS A 213 -8.83 -4.60 -37.24
N VAL A 214 -9.29 -4.73 -38.48
CA VAL A 214 -8.39 -4.70 -39.67
C VAL A 214 -8.99 -3.73 -40.69
N ASP A 215 -8.19 -2.78 -41.15
CA ASP A 215 -8.54 -1.84 -42.24
C ASP A 215 -7.68 -2.27 -43.41
N LYS A 216 -8.26 -2.94 -44.43
CA LYS A 216 -7.51 -3.49 -45.60
C LYS A 216 -7.74 -2.59 -46.81
N ARG A 217 -6.65 -2.09 -47.39
CA ARG A 217 -6.64 -1.27 -48.62
C ARG A 217 -6.89 -2.23 -49.78
N VAL A 218 -7.71 -1.82 -50.75
CA VAL A 218 -8.12 -2.64 -51.93
C VAL A 218 -7.78 -1.83 -53.18
N GLU A 219 -6.80 -2.30 -53.98
CA GLU A 219 -6.31 -1.52 -55.14
C GLU A 219 -6.12 -2.44 -56.33
N PRO A 220 -6.21 -1.89 -57.56
CA PRO A 220 -6.20 -2.71 -58.78
C PRO A 220 -5.01 -3.67 -58.97
N LYS A 221 -5.19 -4.68 -59.82
CA LYS A 221 -4.32 -5.88 -60.00
C LYS A 221 -5.10 -7.08 -59.45
N ASP B 1 -51.44 -23.35 -23.50
CA ASP B 1 -50.83 -22.14 -24.10
C ASP B 1 -51.33 -22.01 -25.55
N ILE B 2 -51.73 -20.79 -25.95
CA ILE B 2 -52.24 -20.46 -27.31
C ILE B 2 -51.13 -20.63 -28.35
N VAL B 3 -51.50 -21.07 -29.56
CA VAL B 3 -50.58 -21.32 -30.71
C VAL B 3 -51.05 -20.47 -31.89
N MET B 4 -50.13 -19.69 -32.47
CA MET B 4 -50.42 -18.88 -33.67
C MET B 4 -49.83 -19.58 -34.90
N THR B 5 -50.57 -19.64 -36.00
CA THR B 5 -50.18 -20.28 -37.27
C THR B 5 -50.55 -19.32 -38.39
N GLN B 6 -49.53 -18.78 -39.06
CA GLN B 6 -49.69 -17.86 -40.21
C GLN B 6 -49.82 -18.71 -41.47
N SER B 7 -50.30 -18.11 -42.56
CA SER B 7 -50.40 -18.74 -43.89
C SER B 7 -50.51 -17.65 -44.94
N PRO B 8 -49.75 -17.66 -46.04
CA PRO B 8 -48.72 -18.67 -46.29
C PRO B 8 -47.45 -18.44 -45.47
N ASP B 9 -46.54 -19.42 -45.49
CA ASP B 9 -45.18 -19.34 -44.87
C ASP B 9 -44.38 -18.30 -45.64
N SER B 10 -44.66 -18.11 -46.93
CA SER B 10 -44.02 -17.07 -47.77
C SER B 10 -44.90 -16.74 -48.97
N LEU B 11 -44.64 -15.62 -49.61
CA LEU B 11 -45.58 -14.95 -50.52
C LEU B 11 -44.80 -14.01 -51.43
N SER B 12 -45.06 -14.05 -52.72
CA SER B 12 -44.39 -13.23 -53.74
C SER B 12 -45.44 -12.48 -54.57
N VAL B 13 -45.49 -11.16 -54.43
CA VAL B 13 -46.57 -10.29 -54.97
C VAL B 13 -45.93 -9.17 -55.79
N SER B 14 -46.49 -8.86 -56.95
CA SER B 14 -45.98 -7.79 -57.86
C SER B 14 -46.17 -6.41 -57.24
N LEU B 15 -45.35 -5.45 -57.67
CA LEU B 15 -45.44 -4.02 -57.29
C LEU B 15 -46.84 -3.50 -57.61
N GLY B 16 -47.47 -2.81 -56.66
CA GLY B 16 -48.75 -2.11 -56.85
C GLY B 16 -49.93 -3.06 -56.82
N GLU B 17 -49.79 -4.21 -56.14
CA GLU B 17 -50.80 -5.31 -56.15
C GLU B 17 -51.07 -5.78 -54.71
N ARG B 18 -52.17 -6.47 -54.46
CA ARG B 18 -52.60 -6.77 -53.07
C ARG B 18 -51.80 -7.96 -52.55
N ALA B 19 -51.37 -7.89 -51.29
CA ALA B 19 -50.71 -8.98 -50.56
C ALA B 19 -51.52 -9.26 -49.31
N THR B 20 -51.89 -10.51 -49.11
CA THR B 20 -52.78 -10.93 -48.01
C THR B 20 -52.07 -12.02 -47.21
N ILE B 21 -51.99 -11.83 -45.89
CA ILE B 21 -51.33 -12.77 -44.94
C ILE B 21 -52.36 -13.08 -43.87
N ASN B 22 -52.46 -14.35 -43.46
CA ASN B 22 -53.53 -14.85 -42.55
C ASN B 22 -52.86 -15.37 -41.30
N CYS B 23 -53.54 -15.17 -40.16
CA CYS B 23 -53.11 -15.61 -38.82
C CYS B 23 -54.30 -16.29 -38.15
N LYS B 24 -54.04 -17.39 -37.45
CA LYS B 24 -55.07 -18.22 -36.79
C LYS B 24 -54.58 -18.58 -35.40
N SER B 25 -55.41 -18.34 -34.38
CA SER B 25 -55.11 -18.67 -32.97
C SER B 25 -55.83 -19.95 -32.56
N SER B 26 -55.16 -20.81 -31.79
CA SER B 26 -55.69 -22.09 -31.29
C SER B 26 -56.94 -21.84 -30.42
N GLN B 27 -56.96 -20.74 -29.65
CA GLN B 27 -58.15 -20.27 -28.89
C GLN B 27 -58.51 -18.87 -29.36
N SER B 28 -59.70 -18.39 -29.01
CA SER B 28 -60.15 -17.01 -29.34
C SER B 28 -59.32 -16.02 -28.52
N VAL B 29 -59.04 -14.85 -29.10
CA VAL B 29 -58.31 -13.72 -28.47
C VAL B 29 -59.21 -12.48 -28.46
N LEU B 30 -60.51 -12.68 -28.67
CA LEU B 30 -61.58 -11.67 -28.36
C LEU B 30 -61.88 -11.75 -26.86
N TYR B 31 -61.75 -10.63 -26.16
CA TYR B 31 -62.16 -10.45 -24.74
C TYR B 31 -63.59 -9.91 -24.76
N SER B 32 -64.56 -10.74 -24.35
CA SER B 32 -66.02 -10.43 -24.35
C SER B 32 -66.27 -9.18 -23.49
N SER B 33 -65.51 -9.05 -22.39
CA SER B 33 -65.53 -7.97 -21.37
C SER B 33 -65.45 -6.57 -22.01
N ASN B 34 -64.44 -6.32 -22.86
CA ASN B 34 -64.21 -5.00 -23.53
C ASN B 34 -64.35 -5.10 -25.05
N ASN B 35 -64.63 -6.30 -25.59
CA ASN B 35 -64.88 -6.55 -27.04
C ASN B 35 -63.70 -6.03 -27.87
N LYS B 36 -62.47 -6.36 -27.47
CA LYS B 36 -61.21 -6.01 -28.19
C LYS B 36 -60.45 -7.29 -28.50
N ASN B 37 -59.90 -7.39 -29.71
CA ASN B 37 -59.03 -8.52 -30.14
C ASN B 37 -57.57 -8.23 -29.75
N TYR B 38 -57.01 -9.06 -28.84
CA TYR B 38 -55.63 -8.96 -28.30
C TYR B 38 -54.66 -9.57 -29.31
N LEU B 39 -54.46 -8.85 -30.41
CA LEU B 39 -53.81 -9.36 -31.63
C LEU B 39 -53.08 -8.19 -32.32
N GLY B 40 -51.76 -8.28 -32.44
CA GLY B 40 -50.93 -7.30 -33.16
C GLY B 40 -50.22 -7.92 -34.34
N TRP B 41 -49.91 -7.10 -35.34
CA TRP B 41 -49.07 -7.41 -36.53
C TRP B 41 -47.77 -6.61 -36.48
N TYR B 42 -46.61 -7.28 -36.61
CA TYR B 42 -45.26 -6.65 -36.65
C TYR B 42 -44.57 -6.90 -38.00
N GLN B 43 -43.85 -5.89 -38.48
CA GLN B 43 -42.90 -5.92 -39.64
C GLN B 43 -41.48 -6.08 -39.07
N GLN B 44 -40.67 -6.95 -39.65
CA GLN B 44 -39.22 -7.09 -39.32
C GLN B 44 -38.44 -7.04 -40.62
N LYS B 45 -37.83 -5.90 -40.92
CA LYS B 45 -36.87 -5.73 -42.03
C LYS B 45 -35.55 -6.40 -41.62
N PRO B 46 -34.71 -6.86 -42.58
CA PRO B 46 -33.49 -7.57 -42.24
C PRO B 46 -32.54 -6.80 -41.31
N GLY B 47 -32.04 -7.49 -40.27
CA GLY B 47 -31.06 -6.96 -39.30
C GLY B 47 -31.59 -5.75 -38.55
N GLN B 48 -32.90 -5.68 -38.33
CA GLN B 48 -33.57 -4.65 -37.50
C GLN B 48 -34.47 -5.38 -36.50
N PRO B 49 -34.90 -4.71 -35.42
CA PRO B 49 -35.92 -5.28 -34.55
C PRO B 49 -37.30 -5.09 -35.17
N PRO B 50 -38.33 -5.80 -34.69
CA PRO B 50 -39.70 -5.64 -35.21
C PRO B 50 -40.33 -4.27 -34.90
N LYS B 51 -41.12 -3.75 -35.87
CA LYS B 51 -41.91 -2.51 -35.80
C LYS B 51 -43.40 -2.90 -35.73
N LEU B 52 -44.18 -2.31 -34.82
CA LEU B 52 -45.65 -2.55 -34.70
C LEU B 52 -46.36 -1.88 -35.89
N LEU B 53 -47.16 -2.64 -36.63
CA LEU B 53 -47.94 -2.15 -37.79
C LEU B 53 -49.39 -1.90 -37.39
N ILE B 54 -49.98 -2.82 -36.62
CA ILE B 54 -51.45 -2.91 -36.39
C ILE B 54 -51.72 -3.59 -35.05
N TYR B 55 -52.59 -2.99 -34.23
CA TYR B 55 -52.95 -3.45 -32.85
C TYR B 55 -54.48 -3.50 -32.75
N TRP B 56 -54.99 -4.26 -31.78
CA TRP B 56 -56.44 -4.57 -31.62
C TRP B 56 -56.98 -5.08 -32.97
N ALA B 57 -56.18 -5.90 -33.66
CA ALA B 57 -56.51 -6.62 -34.91
C ALA B 57 -56.71 -5.68 -36.11
N SER B 58 -57.18 -4.44 -35.93
CA SER B 58 -57.57 -3.56 -37.08
C SER B 58 -57.11 -2.10 -36.94
N THR B 59 -56.58 -1.67 -35.80
CA THR B 59 -56.10 -0.27 -35.59
C THR B 59 -54.66 -0.14 -36.09
N ARG B 60 -54.46 0.73 -37.08
CA ARG B 60 -53.14 1.04 -37.69
C ARG B 60 -52.37 1.98 -36.77
N GLU B 61 -51.09 1.68 -36.49
CA GLU B 61 -50.14 2.58 -35.75
C GLU B 61 -49.89 3.86 -36.57
N SER B 62 -49.61 4.96 -35.88
CA SER B 62 -49.26 6.25 -36.52
C SER B 62 -47.89 6.08 -37.22
N GLY B 63 -47.74 6.70 -38.40
CA GLY B 63 -46.54 6.57 -39.23
C GLY B 63 -46.72 5.49 -40.28
N VAL B 64 -47.39 4.39 -39.92
CA VAL B 64 -47.66 3.23 -40.82
C VAL B 64 -48.54 3.71 -41.97
N PRO B 65 -48.14 3.55 -43.25
CA PRO B 65 -48.92 4.08 -44.38
C PRO B 65 -50.32 3.46 -44.56
N ASP B 66 -51.17 4.12 -45.37
CA ASP B 66 -52.63 3.80 -45.54
C ASP B 66 -52.80 2.34 -45.96
N ARG B 67 -51.93 1.86 -46.86
CA ARG B 67 -52.09 0.58 -47.60
C ARG B 67 -52.08 -0.63 -46.65
N PHE B 68 -51.47 -0.51 -45.47
CA PHE B 68 -51.54 -1.57 -44.42
C PHE B 68 -52.88 -1.46 -43.69
N SER B 69 -53.59 -2.57 -43.58
CA SER B 69 -54.88 -2.71 -42.84
C SER B 69 -54.95 -4.10 -42.22
N GLY B 70 -55.57 -4.19 -41.05
CA GLY B 70 -55.84 -5.45 -40.35
C GLY B 70 -57.33 -5.71 -40.37
N SER B 71 -57.73 -6.98 -40.24
CA SER B 71 -59.14 -7.39 -40.13
C SER B 71 -59.23 -8.75 -39.45
N GLY B 72 -60.46 -9.23 -39.25
CA GLY B 72 -60.76 -10.48 -38.54
C GLY B 72 -61.13 -10.25 -37.09
N SER B 73 -61.41 -11.34 -36.39
CA SER B 73 -61.92 -11.37 -35.00
C SER B 73 -61.78 -12.79 -34.44
N GLY B 74 -61.68 -12.93 -33.12
CA GLY B 74 -61.78 -14.23 -32.44
C GLY B 74 -60.56 -15.10 -32.70
N THR B 75 -60.50 -15.80 -33.84
CA THR B 75 -59.41 -16.78 -34.14
C THR B 75 -58.82 -16.61 -35.56
N ASP B 76 -59.41 -15.79 -36.43
CA ASP B 76 -58.97 -15.69 -37.85
C ASP B 76 -58.76 -14.23 -38.21
N PHE B 77 -57.51 -13.84 -38.47
CA PHE B 77 -57.09 -12.44 -38.74
C PHE B 77 -56.36 -12.37 -40.06
N THR B 78 -56.27 -11.16 -40.60
CA THR B 78 -55.77 -10.88 -41.97
C THR B 78 -55.09 -9.51 -41.98
N LEU B 79 -53.78 -9.51 -42.20
CA LEU B 79 -52.98 -8.32 -42.59
C LEU B 79 -53.05 -8.20 -44.12
N THR B 80 -53.39 -7.02 -44.61
CA THR B 80 -53.54 -6.76 -46.07
C THR B 80 -52.68 -5.54 -46.43
N ILE B 81 -51.97 -5.62 -47.54
CA ILE B 81 -51.17 -4.48 -48.08
C ILE B 81 -51.73 -4.22 -49.47
N SER B 82 -52.47 -3.12 -49.63
CA SER B 82 -53.41 -2.92 -50.78
C SER B 82 -52.62 -2.68 -52.07
N SER B 83 -51.51 -1.94 -52.02
CA SER B 83 -50.71 -1.57 -53.22
C SER B 83 -49.23 -1.65 -52.89
N LEU B 84 -48.67 -2.86 -52.98
CA LEU B 84 -47.36 -3.25 -52.43
C LEU B 84 -46.26 -2.39 -53.06
N GLN B 85 -45.40 -1.84 -52.20
CA GLN B 85 -44.25 -0.97 -52.59
C GLN B 85 -42.95 -1.73 -52.34
N ALA B 86 -41.88 -1.34 -53.04
CA ALA B 86 -40.54 -1.94 -52.98
C ALA B 86 -40.09 -2.17 -51.53
N GLU B 87 -40.39 -1.21 -50.65
CA GLU B 87 -39.86 -1.12 -49.27
C GLU B 87 -40.64 -2.02 -48.31
N ASP B 88 -41.68 -2.69 -48.79
CA ASP B 88 -42.57 -3.54 -47.94
C ASP B 88 -41.94 -4.93 -47.75
N VAL B 89 -40.90 -5.24 -48.51
CA VAL B 89 -40.14 -6.52 -48.37
C VAL B 89 -39.69 -6.64 -46.90
N ALA B 90 -40.14 -7.70 -46.24
CA ALA B 90 -39.88 -7.97 -44.81
C ALA B 90 -40.49 -9.32 -44.43
N VAL B 91 -40.32 -9.73 -43.17
CA VAL B 91 -41.03 -10.87 -42.57
C VAL B 91 -42.11 -10.28 -41.66
N TYR B 92 -43.37 -10.68 -41.85
CA TYR B 92 -44.52 -10.22 -41.05
C TYR B 92 -44.90 -11.30 -40.05
N TYR B 93 -45.09 -10.89 -38.80
CA TYR B 93 -45.46 -11.75 -37.65
C TYR B 93 -46.77 -11.23 -37.08
N CYS B 94 -47.68 -12.13 -36.72
CA CYS B 94 -48.84 -11.83 -35.85
C CYS B 94 -48.42 -12.24 -34.44
N GLN B 95 -48.96 -11.55 -33.43
CA GLN B 95 -48.67 -11.83 -32.01
C GLN B 95 -49.96 -11.65 -31.22
N GLN B 96 -50.30 -12.62 -30.38
CA GLN B 96 -51.50 -12.57 -29.50
C GLN B 96 -51.05 -12.13 -28.12
N TYR B 97 -51.85 -11.30 -27.46
CA TYR B 97 -51.60 -10.80 -26.09
C TYR B 97 -52.76 -11.18 -25.17
N TYR B 98 -53.64 -12.11 -25.56
CA TYR B 98 -54.75 -12.59 -24.69
C TYR B 98 -54.15 -13.35 -23.50
N THR B 99 -53.07 -14.09 -23.72
CA THR B 99 -52.32 -14.77 -22.65
C THR B 99 -50.92 -14.17 -22.57
N THR B 100 -50.15 -14.56 -21.56
CA THR B 100 -48.68 -14.32 -21.46
C THR B 100 -48.06 -15.61 -20.92
N PRO B 101 -47.05 -16.24 -21.57
CA PRO B 101 -46.36 -15.71 -22.74
C PRO B 101 -47.20 -15.29 -23.94
N SER B 102 -46.95 -14.10 -24.48
CA SER B 102 -47.68 -13.44 -25.59
C SER B 102 -47.15 -13.93 -26.93
N THR B 103 -47.51 -15.16 -27.31
CA THR B 103 -46.83 -15.99 -28.35
C THR B 103 -47.01 -15.40 -29.75
N PHE B 104 -46.09 -15.75 -30.65
CA PHE B 104 -45.94 -15.22 -32.03
C PHE B 104 -46.32 -16.27 -33.08
N GLY B 105 -46.78 -15.81 -34.25
CA GLY B 105 -46.78 -16.62 -35.48
C GLY B 105 -45.36 -17.01 -35.88
N GLN B 106 -45.23 -18.04 -36.71
CA GLN B 106 -43.92 -18.58 -37.20
C GLN B 106 -43.32 -17.57 -38.19
N GLY B 107 -44.14 -16.68 -38.76
CA GLY B 107 -43.70 -15.59 -39.64
C GLY B 107 -44.03 -15.86 -41.09
N THR B 108 -44.07 -14.80 -41.91
CA THR B 108 -44.39 -14.85 -43.36
C THR B 108 -43.39 -13.98 -44.13
N ARG B 109 -42.52 -14.57 -44.94
CA ARG B 109 -41.58 -13.84 -45.81
C ARG B 109 -42.38 -13.23 -46.96
N LEU B 110 -42.39 -11.92 -47.11
CA LEU B 110 -42.97 -11.25 -48.30
C LEU B 110 -41.84 -10.81 -49.24
N GLU B 111 -41.88 -11.28 -50.47
CA GLU B 111 -40.93 -10.93 -51.57
C GLU B 111 -41.72 -10.06 -52.56
N ILE B 112 -41.05 -9.09 -53.18
CA ILE B 112 -41.62 -8.24 -54.27
C ILE B 112 -41.29 -8.90 -55.60
N LYS B 113 -42.29 -9.14 -56.44
CA LYS B 113 -42.13 -9.62 -57.84
C LYS B 113 -41.96 -8.37 -58.71
N ARG B 114 -40.96 -8.37 -59.60
CA ARG B 114 -40.67 -7.23 -60.52
C ARG B 114 -40.26 -7.80 -61.87
N THR B 115 -40.22 -6.97 -62.92
CA THR B 115 -39.72 -7.35 -64.26
C THR B 115 -38.32 -7.94 -64.05
N ALA B 116 -38.02 -9.06 -64.71
CA ALA B 116 -36.69 -9.70 -64.71
C ALA B 116 -35.60 -8.65 -65.00
N ALA B 117 -34.51 -8.69 -64.22
CA ALA B 117 -33.29 -7.88 -64.42
C ALA B 117 -32.08 -8.82 -64.41
N ALA B 118 -31.21 -8.69 -65.41
CA ALA B 118 -30.03 -9.54 -65.64
C ALA B 118 -28.92 -9.13 -64.67
N PRO B 119 -28.16 -10.09 -64.12
CA PRO B 119 -27.03 -9.76 -63.24
C PRO B 119 -25.85 -9.18 -64.02
N SER B 120 -25.20 -8.15 -63.48
CA SER B 120 -23.80 -7.78 -63.80
C SER B 120 -22.89 -8.83 -63.17
N VAL B 121 -22.04 -9.47 -63.96
CA VAL B 121 -21.11 -10.52 -63.46
C VAL B 121 -19.68 -9.94 -63.40
N PHE B 122 -19.00 -10.21 -62.29
CA PHE B 122 -17.58 -9.86 -62.05
C PHE B 122 -16.89 -11.08 -61.47
N ILE B 123 -15.64 -11.32 -61.86
CA ILE B 123 -14.82 -12.42 -61.27
C ILE B 123 -13.59 -11.81 -60.59
N PHE B 124 -13.15 -12.45 -59.51
CA PHE B 124 -12.05 -11.99 -58.64
C PHE B 124 -11.06 -13.14 -58.43
N PRO B 125 -9.79 -12.97 -58.85
CA PRO B 125 -8.77 -13.97 -58.57
C PRO B 125 -8.41 -13.97 -57.10
N PRO B 126 -7.75 -15.01 -56.58
CA PRO B 126 -7.27 -15.01 -55.21
C PRO B 126 -6.20 -13.92 -55.05
N SER B 127 -6.11 -13.35 -53.85
CA SER B 127 -5.08 -12.33 -53.50
C SER B 127 -3.73 -13.04 -53.36
N ASP B 128 -2.64 -12.38 -53.75
CA ASP B 128 -1.26 -12.86 -53.48
C ASP B 128 -1.13 -13.18 -51.99
N GLU B 129 -1.67 -12.31 -51.14
CA GLU B 129 -1.66 -12.46 -49.65
C GLU B 129 -2.28 -13.81 -49.26
N GLN B 130 -3.39 -14.22 -49.88
CA GLN B 130 -4.11 -15.45 -49.46
C GLN B 130 -3.27 -16.68 -49.81
N LEU B 131 -2.64 -16.69 -50.98
CA LEU B 131 -1.89 -17.86 -51.52
C LEU B 131 -0.81 -18.27 -50.52
N LYS B 132 -0.13 -17.29 -49.91
CA LYS B 132 0.92 -17.51 -48.86
C LYS B 132 0.36 -18.41 -47.73
N SER B 133 -0.95 -18.45 -47.51
CA SER B 133 -1.59 -19.25 -46.42
C SER B 133 -1.77 -20.72 -46.84
N GLY B 134 -1.87 -20.99 -48.15
CA GLY B 134 -1.92 -22.35 -48.72
C GLY B 134 -3.28 -22.76 -49.27
N THR B 135 -4.27 -21.87 -49.32
CA THR B 135 -5.55 -22.11 -50.04
C THR B 135 -5.84 -20.89 -50.93
N ALA B 136 -6.71 -21.07 -51.92
CA ALA B 136 -7.07 -20.06 -52.95
C ALA B 136 -8.59 -19.98 -53.04
N SER B 137 -9.10 -18.75 -53.01
CA SER B 137 -10.55 -18.45 -53.05
C SER B 137 -10.76 -17.58 -54.30
N VAL B 138 -11.53 -18.11 -55.23
CA VAL B 138 -11.96 -17.40 -56.46
C VAL B 138 -13.41 -17.02 -56.22
N VAL B 139 -13.76 -15.77 -56.52
CA VAL B 139 -15.09 -15.21 -56.15
C VAL B 139 -15.74 -14.69 -57.42
N CYS B 140 -16.96 -15.17 -57.67
CA CYS B 140 -17.85 -14.67 -58.72
C CYS B 140 -18.98 -13.89 -58.07
N LEU B 141 -19.24 -12.68 -58.58
CA LEU B 141 -20.31 -11.77 -58.09
C LEU B 141 -21.35 -11.59 -59.19
N LEU B 142 -22.60 -11.96 -58.91
CA LEU B 142 -23.79 -11.61 -59.70
C LEU B 142 -24.48 -10.46 -58.95
N ASN B 143 -24.62 -9.30 -59.59
CA ASN B 143 -24.98 -8.05 -58.90
C ASN B 143 -26.31 -7.52 -59.44
N ASN B 144 -27.29 -7.37 -58.56
CA ASN B 144 -28.56 -6.62 -58.79
C ASN B 144 -29.35 -7.28 -59.91
N PHE B 145 -29.92 -8.45 -59.63
CA PHE B 145 -30.73 -9.27 -60.56
C PHE B 145 -32.02 -9.75 -59.91
N TYR B 146 -33.07 -9.93 -60.72
CA TYR B 146 -34.38 -10.58 -60.36
C TYR B 146 -34.77 -11.51 -61.48
N PRO B 147 -35.32 -12.72 -61.21
CA PRO B 147 -35.54 -13.24 -59.86
C PRO B 147 -34.31 -13.92 -59.24
N ARG B 148 -34.49 -14.45 -58.04
CA ARG B 148 -33.44 -14.97 -57.11
C ARG B 148 -32.72 -16.18 -57.73
N GLU B 149 -33.42 -16.97 -58.54
CA GLU B 149 -32.91 -18.24 -59.13
C GLU B 149 -31.82 -17.86 -60.15
N ALA B 150 -30.62 -18.43 -60.00
CA ALA B 150 -29.51 -18.33 -60.99
C ALA B 150 -28.59 -19.55 -60.88
N LYS B 151 -28.07 -20.02 -62.01
CA LYS B 151 -27.09 -21.12 -62.11
C LYS B 151 -25.69 -20.48 -62.27
N VAL B 152 -24.76 -20.87 -61.40
CA VAL B 152 -23.32 -20.47 -61.49
C VAL B 152 -22.48 -21.75 -61.70
N GLN B 153 -21.83 -21.84 -62.87
CA GLN B 153 -20.88 -22.92 -63.26
C GLN B 153 -19.43 -22.41 -63.10
N TRP B 154 -18.63 -23.14 -62.33
CA TRP B 154 -17.15 -22.95 -62.23
C TRP B 154 -16.43 -23.86 -63.24
N LYS B 155 -15.63 -23.25 -64.13
CA LYS B 155 -14.80 -23.93 -65.16
C LYS B 155 -13.31 -23.62 -64.91
N VAL B 156 -12.54 -24.65 -64.53
CA VAL B 156 -11.05 -24.63 -64.37
C VAL B 156 -10.41 -25.33 -65.58
N ASP B 157 -9.97 -24.56 -66.58
CA ASP B 157 -9.43 -25.05 -67.89
C ASP B 157 -10.50 -25.91 -68.57
N ASN B 158 -11.72 -25.38 -68.68
CA ASN B 158 -12.89 -25.99 -69.37
C ASN B 158 -13.38 -27.27 -68.68
N ALA B 159 -12.81 -27.66 -67.54
CA ALA B 159 -13.33 -28.73 -66.65
C ALA B 159 -14.35 -28.13 -65.67
N LEU B 160 -15.58 -28.63 -65.69
CA LEU B 160 -16.70 -28.11 -64.86
C LEU B 160 -16.55 -28.65 -63.44
N GLN B 161 -16.58 -27.76 -62.45
CA GLN B 161 -16.28 -28.09 -61.02
C GLN B 161 -17.57 -28.48 -60.31
N SER B 162 -17.48 -29.12 -59.14
CA SER B 162 -18.64 -29.56 -58.35
C SER B 162 -18.23 -29.92 -56.92
N GLY B 163 -18.92 -29.37 -55.91
CA GLY B 163 -18.77 -29.74 -54.49
C GLY B 163 -17.63 -29.00 -53.80
N ASN B 164 -17.11 -27.96 -54.45
CA ASN B 164 -15.91 -27.18 -54.01
C ASN B 164 -16.23 -25.67 -54.07
N SER B 165 -17.51 -25.30 -54.09
CA SER B 165 -17.98 -23.89 -54.14
C SER B 165 -19.17 -23.70 -53.17
N GLN B 166 -19.39 -22.48 -52.70
CA GLN B 166 -20.50 -22.08 -51.79
C GLN B 166 -21.07 -20.73 -52.25
N GLU B 167 -22.40 -20.60 -52.19
CA GLU B 167 -23.16 -19.40 -52.62
C GLU B 167 -23.66 -18.69 -51.36
N SER B 168 -23.79 -17.37 -51.43
CA SER B 168 -24.48 -16.50 -50.46
C SER B 168 -25.36 -15.53 -51.23
N VAL B 169 -26.55 -15.24 -50.73
CA VAL B 169 -27.51 -14.31 -51.43
C VAL B 169 -27.91 -13.21 -50.45
N THR B 170 -27.92 -11.97 -50.92
CA THR B 170 -28.40 -10.82 -50.13
C THR B 170 -29.92 -10.97 -49.92
N GLU B 171 -30.40 -10.41 -48.81
CA GLU B 171 -31.81 -10.04 -48.64
C GLU B 171 -32.19 -9.12 -49.80
N GLN B 172 -33.39 -9.25 -50.31
CA GLN B 172 -33.90 -8.43 -51.44
C GLN B 172 -33.78 -6.94 -51.10
N ASP B 173 -33.33 -6.13 -52.06
CA ASP B 173 -33.17 -4.66 -51.87
C ASP B 173 -34.55 -4.01 -51.68
N SER B 174 -34.63 -3.08 -50.73
CA SER B 174 -35.86 -2.32 -50.39
C SER B 174 -36.11 -1.15 -51.36
N LYS B 175 -35.26 -0.94 -52.36
CA LYS B 175 -35.44 0.15 -53.35
C LYS B 175 -35.67 -0.43 -54.75
N ASP B 176 -34.75 -1.22 -55.29
CA ASP B 176 -34.83 -1.76 -56.68
C ASP B 176 -35.34 -3.23 -56.65
N SER B 177 -35.60 -3.78 -55.47
CA SER B 177 -36.28 -5.10 -55.31
C SER B 177 -35.50 -6.23 -56.00
N THR B 178 -34.17 -6.05 -56.17
CA THR B 178 -33.24 -7.06 -56.74
C THR B 178 -32.44 -7.79 -55.66
N TYR B 179 -31.76 -8.86 -56.06
CA TYR B 179 -30.82 -9.65 -55.21
C TYR B 179 -29.40 -9.49 -55.78
N SER B 180 -28.40 -9.83 -54.96
CA SER B 180 -27.00 -10.09 -55.40
C SER B 180 -26.54 -11.43 -54.82
N LEU B 181 -25.68 -12.13 -55.55
CA LEU B 181 -25.17 -13.47 -55.19
C LEU B 181 -23.65 -13.51 -55.33
N SER B 182 -23.00 -14.25 -54.43
CA SER B 182 -21.54 -14.53 -54.45
C SER B 182 -21.30 -16.04 -54.48
N SER B 183 -20.64 -16.53 -55.53
CA SER B 183 -20.11 -17.92 -55.58
C SER B 183 -18.61 -17.86 -55.26
N THR B 184 -18.17 -18.74 -54.36
CA THR B 184 -16.79 -18.82 -53.83
C THR B 184 -16.23 -20.23 -54.06
N LEU B 185 -15.37 -20.35 -55.08
CA LEU B 185 -14.60 -21.57 -55.42
C LEU B 185 -13.35 -21.63 -54.53
N THR B 186 -13.19 -22.75 -53.80
CA THR B 186 -12.13 -22.99 -52.79
C THR B 186 -11.30 -24.22 -53.21
N LEU B 187 -10.02 -24.03 -53.52
CA LEU B 187 -9.05 -25.10 -53.82
C LEU B 187 -7.73 -24.83 -53.10
N SER B 188 -6.82 -25.80 -53.06
CA SER B 188 -5.45 -25.68 -52.49
C SER B 188 -4.58 -24.82 -53.42
N LYS B 189 -3.46 -24.30 -52.90
CA LYS B 189 -2.45 -23.50 -53.65
C LYS B 189 -1.96 -24.38 -54.81
N ALA B 190 -1.59 -25.62 -54.49
CA ALA B 190 -1.16 -26.68 -55.44
C ALA B 190 -2.08 -26.68 -56.66
N ASP B 191 -3.36 -27.05 -56.46
CA ASP B 191 -4.38 -27.21 -57.53
C ASP B 191 -4.56 -25.87 -58.24
N TYR B 192 -4.54 -24.74 -57.53
CA TYR B 192 -4.76 -23.41 -58.16
C TYR B 192 -3.64 -23.13 -59.17
N GLU B 193 -2.40 -23.53 -58.85
CA GLU B 193 -1.19 -23.20 -59.65
C GLU B 193 -1.01 -24.19 -60.82
N LYS B 194 -1.54 -25.41 -60.73
CA LYS B 194 -1.58 -26.40 -61.85
C LYS B 194 -2.28 -25.81 -63.09
N HIS B 195 -3.45 -25.15 -62.92
CA HIS B 195 -4.38 -24.78 -64.01
C HIS B 195 -4.25 -23.28 -64.34
N LYS B 196 -4.72 -22.84 -65.51
CA LYS B 196 -4.43 -21.49 -66.08
C LYS B 196 -5.70 -20.63 -66.18
N VAL B 197 -6.77 -21.16 -66.76
CA VAL B 197 -8.03 -20.41 -67.09
C VAL B 197 -9.10 -20.72 -66.03
N TYR B 198 -9.52 -19.67 -65.31
CA TYR B 198 -10.57 -19.69 -64.26
C TYR B 198 -11.74 -18.86 -64.78
N ALA B 199 -12.90 -19.51 -64.92
CA ALA B 199 -14.11 -18.97 -65.57
C ALA B 199 -15.35 -19.29 -64.71
N CYS B 200 -16.23 -18.31 -64.63
CA CYS B 200 -17.53 -18.38 -63.92
C CYS B 200 -18.60 -18.11 -65.01
N GLU B 201 -19.46 -19.10 -65.25
CA GLU B 201 -20.55 -19.04 -66.27
C GLU B 201 -21.89 -18.92 -65.54
N VAL B 202 -22.67 -17.89 -65.90
CA VAL B 202 -23.92 -17.49 -65.21
C VAL B 202 -25.09 -17.72 -66.16
N THR B 203 -26.00 -18.63 -65.81
CA THR B 203 -27.30 -18.80 -66.50
C THR B 203 -28.40 -18.13 -65.65
N HIS B 204 -29.11 -17.17 -66.24
CA HIS B 204 -30.24 -16.46 -65.56
C HIS B 204 -31.30 -16.04 -66.58
N GLN B 205 -32.55 -16.05 -66.12
CA GLN B 205 -33.78 -15.75 -66.91
C GLN B 205 -33.67 -14.42 -67.66
N GLY B 206 -32.93 -13.43 -67.13
CA GLY B 206 -32.84 -12.08 -67.72
C GLY B 206 -31.76 -11.97 -68.80
N LEU B 207 -31.05 -13.08 -69.07
CA LEU B 207 -29.96 -13.15 -70.08
C LEU B 207 -30.39 -14.07 -71.24
N SER B 208 -30.33 -13.56 -72.47
CA SER B 208 -30.65 -14.31 -73.72
C SER B 208 -29.78 -15.57 -73.82
N SER B 209 -28.53 -15.54 -73.31
CA SER B 209 -27.64 -16.73 -73.27
C SER B 209 -26.60 -16.58 -72.17
N PRO B 210 -26.09 -17.71 -71.61
CA PRO B 210 -25.14 -17.66 -70.50
C PRO B 210 -24.00 -16.65 -70.69
N VAL B 211 -23.73 -15.83 -69.67
CA VAL B 211 -22.58 -14.88 -69.64
C VAL B 211 -21.44 -15.54 -68.87
N THR B 212 -20.21 -15.42 -69.41
CA THR B 212 -18.97 -15.98 -68.84
C THR B 212 -17.99 -14.82 -68.61
N LYS B 213 -17.49 -14.73 -67.38
CA LYS B 213 -16.30 -13.91 -67.01
C LYS B 213 -15.20 -14.89 -66.58
N SER B 214 -13.96 -14.61 -66.98
CA SER B 214 -12.78 -15.45 -66.68
C SER B 214 -11.49 -14.61 -66.62
N PHE B 215 -10.44 -15.19 -66.06
CA PHE B 215 -9.06 -14.65 -66.03
C PHE B 215 -8.07 -15.79 -66.27
N ASN B 216 -6.86 -15.46 -66.73
CA ASN B 216 -5.68 -16.37 -66.77
C ASN B 216 -4.80 -16.04 -65.56
N ARG B 217 -4.42 -17.06 -64.79
CA ARG B 217 -3.58 -16.97 -63.57
C ARG B 217 -2.34 -16.09 -63.82
N GLY B 218 -2.26 -14.93 -63.15
CA GLY B 218 -1.16 -13.94 -63.28
C GLY B 218 -1.31 -13.08 -64.52
N GLU B 219 -2.50 -12.48 -64.73
CA GLU B 219 -2.84 -11.63 -65.89
C GLU B 219 -2.47 -12.32 -67.20
N VAL C 2 -2.45 -0.36 -38.81
CA VAL C 2 -1.60 -1.22 -37.89
C VAL C 2 -0.92 -0.36 -36.81
N GLN C 3 -1.14 -0.68 -35.54
CA GLN C 3 -0.58 0.06 -34.39
C GLN C 3 0.00 -0.92 -33.38
N VAL C 4 1.24 -0.68 -32.94
CA VAL C 4 2.00 -1.63 -32.09
C VAL C 4 2.47 -0.92 -30.82
N VAL C 5 2.46 -1.62 -29.69
CA VAL C 5 2.95 -1.11 -28.38
C VAL C 5 3.93 -2.14 -27.79
N GLU C 6 5.19 -1.74 -27.69
CA GLU C 6 6.31 -2.52 -27.11
C GLU C 6 6.54 -2.06 -25.67
N SER C 7 6.77 -2.99 -24.76
CA SER C 7 7.05 -2.68 -23.34
C SER C 7 7.79 -3.83 -22.68
N GLY C 8 8.26 -3.61 -21.44
CA GLY C 8 9.36 -4.37 -20.82
C GLY C 8 10.68 -3.78 -21.27
N GLY C 9 11.79 -4.39 -20.88
CA GLY C 9 13.11 -3.91 -21.34
C GLY C 9 13.72 -2.92 -20.36
N GLY C 10 14.96 -2.56 -20.61
CA GLY C 10 15.76 -1.69 -19.74
C GLY C 10 16.80 -2.49 -18.99
N LEU C 11 17.25 -1.94 -17.86
CA LEU C 11 18.39 -2.49 -17.08
C LEU C 11 17.86 -3.58 -16.16
N VAL C 12 18.59 -4.68 -16.06
CA VAL C 12 18.35 -5.78 -15.10
C VAL C 12 19.69 -6.42 -14.78
N GLN C 13 19.90 -6.89 -13.56
CA GLN C 13 21.22 -7.43 -13.14
C GLN C 13 21.26 -8.93 -13.42
N PRO C 14 22.44 -9.52 -13.66
CA PRO C 14 22.52 -10.95 -13.99
C PRO C 14 21.74 -11.79 -12.98
N GLY C 15 21.05 -12.85 -13.45
CA GLY C 15 20.27 -13.78 -12.61
C GLY C 15 18.82 -13.36 -12.49
N ARG C 16 18.54 -12.05 -12.49
CA ARG C 16 17.16 -11.51 -12.35
C ARG C 16 16.41 -11.80 -13.66
N SER C 17 15.14 -11.40 -13.75
CA SER C 17 14.25 -11.69 -14.89
C SER C 17 13.50 -10.44 -15.35
N LEU C 18 12.85 -10.56 -16.51
CA LEU C 18 12.28 -9.44 -17.30
C LEU C 18 11.23 -10.05 -18.23
N ARG C 19 10.19 -9.31 -18.58
CA ARG C 19 9.10 -9.80 -19.47
C ARG C 19 8.91 -8.75 -20.57
N LEU C 20 9.23 -9.11 -21.81
CA LEU C 20 9.00 -8.26 -23.01
C LEU C 20 7.58 -8.53 -23.52
N SER C 21 7.00 -7.60 -24.25
CA SER C 21 5.70 -7.77 -24.94
C SER C 21 5.59 -6.78 -26.09
N CYS C 22 5.14 -7.28 -27.25
CA CYS C 22 4.52 -6.48 -28.32
C CYS C 22 3.03 -6.81 -28.35
N ALA C 23 2.20 -5.78 -28.47
CA ALA C 23 0.75 -5.87 -28.66
C ALA C 23 0.41 -5.06 -29.91
N ALA C 24 -0.55 -5.53 -30.70
CA ALA C 24 -0.88 -4.89 -31.99
C ALA C 24 -2.38 -4.99 -32.28
N SER C 25 -2.87 -3.99 -32.98
CA SER C 25 -4.19 -4.00 -33.66
C SER C 25 -3.96 -3.66 -35.12
N GLY C 26 -4.80 -4.18 -36.02
CA GLY C 26 -4.78 -3.80 -37.45
C GLY C 26 -4.39 -4.95 -38.35
N PHE C 27 -3.97 -6.07 -37.75
CA PHE C 27 -3.74 -7.36 -38.43
C PHE C 27 -4.34 -8.48 -37.59
N THR C 28 -4.70 -9.58 -38.25
CA THR C 28 -5.42 -10.71 -37.63
C THR C 28 -4.39 -11.47 -36.79
N PHE C 29 -4.36 -11.24 -35.48
CA PHE C 29 -3.24 -11.68 -34.63
C PHE C 29 -3.05 -13.21 -34.69
N ASP C 30 -4.10 -13.99 -34.90
CA ASP C 30 -4.01 -15.46 -34.85
C ASP C 30 -3.85 -16.06 -36.26
N ASP C 31 -3.49 -15.26 -37.26
CA ASP C 31 -3.16 -15.73 -38.63
C ASP C 31 -1.66 -16.02 -38.76
N TYR C 32 -0.87 -15.78 -37.70
CA TYR C 32 0.60 -15.69 -37.80
C TYR C 32 1.30 -16.50 -36.71
N ALA C 33 2.39 -17.16 -37.11
CA ALA C 33 3.43 -17.63 -36.18
C ALA C 33 4.24 -16.41 -35.78
N MET C 34 4.51 -16.29 -34.48
CA MET C 34 5.19 -15.15 -33.84
C MET C 34 6.60 -15.62 -33.48
N TYR C 35 7.58 -14.75 -33.66
CA TYR C 35 9.00 -15.03 -33.34
C TYR C 35 9.62 -13.84 -32.62
N TRP C 36 10.64 -14.13 -31.81
CA TRP C 36 11.61 -13.14 -31.25
C TRP C 36 12.97 -13.32 -31.91
N VAL C 37 13.50 -12.25 -32.50
CA VAL C 37 14.90 -12.15 -33.00
C VAL C 37 15.63 -11.14 -32.12
N ARG C 38 16.89 -11.41 -31.74
CA ARG C 38 17.71 -10.43 -30.98
C ARG C 38 18.98 -10.09 -31.73
N GLN C 39 19.55 -8.94 -31.38
CA GLN C 39 20.78 -8.36 -31.98
C GLN C 39 21.57 -7.71 -30.85
N ALA C 40 22.66 -8.36 -30.38
CA ALA C 40 23.60 -7.78 -29.40
C ALA C 40 24.23 -6.56 -30.05
N PRO C 41 24.45 -5.43 -29.33
CA PRO C 41 24.74 -4.16 -30.02
C PRO C 41 26.03 -4.33 -30.82
N GLY C 42 26.03 -3.82 -32.06
CA GLY C 42 27.16 -3.89 -33.01
C GLY C 42 27.25 -5.22 -33.75
N LYS C 43 26.74 -6.33 -33.18
CA LYS C 43 26.79 -7.70 -33.75
C LYS C 43 25.53 -7.95 -34.60
N GLY C 44 25.31 -9.20 -35.06
CA GLY C 44 24.30 -9.52 -36.09
C GLY C 44 23.04 -10.15 -35.50
N LEU C 45 22.12 -10.61 -36.36
CA LEU C 45 20.77 -11.12 -36.00
C LEU C 45 20.86 -12.57 -35.50
N GLU C 46 20.08 -12.92 -34.48
CA GLU C 46 20.04 -14.26 -33.86
C GLU C 46 18.58 -14.65 -33.62
N TRP C 47 18.13 -15.70 -34.28
CA TRP C 47 16.82 -16.37 -34.03
C TRP C 47 16.82 -16.89 -32.59
N VAL C 48 15.84 -16.46 -31.79
CA VAL C 48 15.76 -16.70 -30.33
C VAL C 48 14.67 -17.72 -30.03
N SER C 49 13.47 -17.47 -30.56
CA SER C 49 12.24 -18.21 -30.15
C SER C 49 11.15 -18.06 -31.21
N GLY C 50 10.23 -19.03 -31.25
CA GLY C 50 9.12 -19.09 -32.22
C GLY C 50 7.93 -19.81 -31.64
N ILE C 51 6.73 -19.49 -32.11
CA ILE C 51 5.46 -20.04 -31.56
C ILE C 51 4.38 -20.00 -32.64
N SER C 52 3.69 -21.11 -32.83
CA SER C 52 2.61 -21.29 -33.84
C SER C 52 1.39 -20.49 -33.38
N TRP C 53 0.47 -20.21 -34.29
CA TRP C 53 -0.71 -19.35 -34.06
C TRP C 53 -1.44 -19.73 -32.76
N ASN C 54 -1.59 -21.03 -32.48
CA ASN C 54 -2.40 -21.52 -31.33
C ASN C 54 -1.50 -22.03 -30.20
N SER C 55 -0.23 -21.60 -30.14
CA SER C 55 0.76 -22.00 -29.11
C SER C 55 1.01 -23.52 -29.15
N GLY C 56 0.73 -24.15 -30.30
CA GLY C 56 0.78 -25.61 -30.49
C GLY C 56 2.21 -26.14 -30.52
N SER C 57 3.09 -25.49 -31.27
CA SER C 57 4.54 -25.82 -31.29
C SER C 57 5.38 -24.59 -30.92
N ILE C 58 6.34 -24.80 -30.03
CA ILE C 58 7.23 -23.77 -29.43
C ILE C 58 8.66 -24.25 -29.64
N VAL C 59 9.52 -23.43 -30.23
CA VAL C 59 10.94 -23.77 -30.53
C VAL C 59 11.82 -22.66 -29.96
N TYR C 60 12.86 -23.05 -29.20
CA TYR C 60 13.92 -22.15 -28.69
C TYR C 60 15.26 -22.47 -29.33
N ALA C 61 16.08 -21.46 -29.63
CA ALA C 61 17.55 -21.60 -29.88
C ALA C 61 18.22 -22.19 -28.63
N ASP C 62 19.30 -22.96 -28.81
CA ASP C 62 19.99 -23.65 -27.69
C ASP C 62 20.46 -22.61 -26.68
N SER C 63 20.96 -21.45 -27.14
CA SER C 63 21.54 -20.37 -26.29
C SER C 63 20.58 -19.97 -25.16
N VAL C 64 19.25 -20.10 -25.35
CA VAL C 64 18.23 -19.59 -24.38
C VAL C 64 17.38 -20.71 -23.79
N LYS C 65 17.44 -21.93 -24.33
CA LYS C 65 16.59 -23.07 -23.88
C LYS C 65 16.69 -23.22 -22.36
N GLY C 66 15.57 -23.41 -21.66
CA GLY C 66 15.51 -23.59 -20.20
C GLY C 66 15.40 -22.27 -19.43
N ARG C 67 15.69 -21.14 -20.06
CA ARG C 67 15.77 -19.81 -19.39
C ARG C 67 14.63 -18.88 -19.86
N PHE C 68 14.37 -18.84 -21.18
CA PHE C 68 13.36 -17.96 -21.81
C PHE C 68 12.08 -18.76 -22.09
N THR C 69 10.93 -18.13 -21.88
CA THR C 69 9.59 -18.68 -22.23
C THR C 69 8.89 -17.72 -23.21
N ILE C 70 8.61 -18.18 -24.41
CA ILE C 70 7.74 -17.46 -25.39
C ILE C 70 6.28 -17.88 -25.13
N SER C 71 5.37 -16.94 -25.25
CA SER C 71 3.92 -17.13 -25.02
C SER C 71 3.14 -16.06 -25.78
N ARG C 72 1.83 -16.26 -25.92
CA ARG C 72 0.97 -15.28 -26.61
C ARG C 72 -0.42 -15.36 -26.01
N ASP C 73 -1.17 -14.26 -26.14
CA ASP C 73 -2.61 -14.13 -25.83
C ASP C 73 -3.29 -13.50 -27.04
N ASN C 74 -3.92 -14.31 -27.89
CA ASN C 74 -4.53 -13.86 -29.17
C ASN C 74 -5.75 -12.95 -28.87
N ALA C 75 -6.34 -13.13 -27.68
CA ALA C 75 -7.47 -12.33 -27.17
C ALA C 75 -6.99 -10.89 -26.85
N LYS C 76 -5.78 -10.74 -26.30
CA LYS C 76 -5.15 -9.44 -25.96
C LYS C 76 -4.22 -8.99 -27.10
N ASN C 77 -4.25 -9.67 -28.25
CA ASN C 77 -3.34 -9.45 -29.41
C ASN C 77 -1.91 -9.11 -28.93
N SER C 78 -1.32 -9.96 -28.09
CA SER C 78 -0.03 -9.74 -27.39
C SER C 78 0.91 -10.94 -27.56
N LEU C 79 2.19 -10.66 -27.84
CA LEU C 79 3.30 -11.65 -27.85
C LEU C 79 4.22 -11.34 -26.67
N TYR C 80 4.52 -12.34 -25.85
CA TYR C 80 5.37 -12.19 -24.64
C TYR C 80 6.68 -12.98 -24.84
N LEU C 81 7.77 -12.50 -24.23
CA LEU C 81 9.01 -13.27 -23.97
C LEU C 81 9.42 -13.03 -22.51
N GLN C 82 9.38 -14.08 -21.70
CA GLN C 82 9.82 -14.10 -20.27
C GLN C 82 11.32 -14.45 -20.27
N LEU C 83 12.17 -13.51 -19.90
CA LEU C 83 13.65 -13.69 -19.80
C LEU C 83 14.01 -14.01 -18.34
N ASN C 84 14.38 -15.25 -18.02
CA ASN C 84 14.87 -15.65 -16.67
C ASN C 84 16.36 -15.96 -16.77
N SER C 85 17.04 -16.04 -15.62
CA SER C 85 18.47 -16.43 -15.51
C SER C 85 19.30 -15.64 -16.51
N LEU C 86 19.09 -14.32 -16.57
CA LEU C 86 19.73 -13.44 -17.57
C LEU C 86 21.22 -13.38 -17.34
N ARG C 87 21.98 -13.21 -18.42
CA ARG C 87 23.47 -13.17 -18.44
C ARG C 87 23.88 -12.04 -19.37
N ALA C 88 25.10 -11.54 -19.21
CA ALA C 88 25.63 -10.37 -19.94
C ALA C 88 25.38 -10.52 -21.44
N GLU C 89 25.51 -11.74 -22.00
CA GLU C 89 25.47 -12.01 -23.47
C GLU C 89 24.04 -11.79 -24.02
N ASP C 90 23.03 -11.87 -23.16
CA ASP C 90 21.60 -11.64 -23.48
C ASP C 90 21.33 -10.15 -23.76
N THR C 91 22.23 -9.26 -23.35
CA THR C 91 22.16 -7.83 -23.71
C THR C 91 22.01 -7.74 -25.22
N ALA C 92 20.90 -7.17 -25.69
CA ALA C 92 20.56 -7.05 -27.12
C ALA C 92 19.27 -6.25 -27.29
N PHE C 93 19.06 -5.74 -28.51
CA PHE C 93 17.73 -5.29 -29.03
C PHE C 93 16.92 -6.53 -29.40
N TYR C 94 15.76 -6.73 -28.76
CA TYR C 94 14.83 -7.87 -29.05
C TYR C 94 13.71 -7.38 -29.96
N TYR C 95 13.57 -8.01 -31.13
CA TYR C 95 12.56 -7.64 -32.16
C TYR C 95 11.41 -8.66 -32.21
N CYS C 96 10.19 -8.16 -32.41
CA CYS C 96 8.95 -8.94 -32.65
C CYS C 96 8.86 -9.24 -34.13
N ALA C 97 8.68 -10.50 -34.49
CA ALA C 97 8.50 -10.93 -35.90
C ALA C 97 7.33 -11.89 -36.03
N LYS C 98 6.93 -12.11 -37.28
CA LYS C 98 5.59 -12.57 -37.70
C LYS C 98 5.79 -13.35 -39.00
N ALA C 99 5.30 -14.58 -39.12
CA ALA C 99 5.21 -15.30 -40.42
C ALA C 99 3.84 -15.95 -40.56
N VAL C 100 3.34 -16.02 -41.79
CA VAL C 100 1.99 -16.54 -42.13
C VAL C 100 1.90 -18.04 -41.78
N SER C 101 2.73 -18.90 -42.38
CA SER C 101 2.65 -20.38 -42.31
C SER C 101 3.93 -21.03 -42.89
N GLY C 102 4.00 -22.36 -42.86
CA GLY C 102 4.99 -23.16 -43.62
C GLY C 102 5.02 -22.83 -45.11
N TYR C 103 3.90 -22.48 -45.75
CA TYR C 103 3.84 -22.19 -47.21
C TYR C 103 4.53 -20.85 -47.51
N PHE C 104 4.77 -20.03 -46.49
CA PHE C 104 5.48 -18.73 -46.59
C PHE C 104 6.03 -18.30 -45.24
N PRO C 105 7.21 -18.82 -44.82
CA PRO C 105 7.68 -18.69 -43.44
C PRO C 105 8.57 -17.45 -43.19
N TYR C 106 8.68 -16.60 -44.22
CA TYR C 106 9.54 -15.38 -44.24
C TYR C 106 9.01 -14.36 -43.23
N PHE C 107 9.92 -13.78 -42.46
CA PHE C 107 9.66 -12.84 -41.33
C PHE C 107 9.15 -11.50 -41.88
N ASP C 108 8.12 -10.98 -41.22
CA ASP C 108 7.70 -9.56 -41.20
C ASP C 108 8.07 -9.08 -39.78
N TYR C 109 8.80 -7.97 -39.66
CA TYR C 109 9.14 -7.37 -38.35
C TYR C 109 8.08 -6.30 -38.04
N TRP C 110 7.40 -6.43 -36.89
CA TRP C 110 6.39 -5.47 -36.36
C TRP C 110 6.87 -4.99 -35.00
N GLY C 111 6.98 -3.68 -34.83
CA GLY C 111 7.69 -3.10 -33.67
C GLY C 111 9.20 -3.03 -33.87
N GLN C 112 9.79 -1.99 -33.27
CA GLN C 112 11.09 -1.36 -33.60
C GLN C 112 12.23 -1.96 -32.78
N GLY C 113 11.95 -2.85 -31.85
CA GLY C 113 13.00 -3.46 -31.02
C GLY C 113 13.06 -2.89 -29.63
N ILE C 114 13.35 -3.75 -28.66
CA ILE C 114 13.28 -3.45 -27.20
C ILE C 114 14.68 -3.72 -26.65
N LEU C 115 15.34 -2.69 -26.12
CA LEU C 115 16.71 -2.83 -25.56
C LEU C 115 16.65 -3.46 -24.17
N VAL C 116 17.27 -4.63 -24.01
CA VAL C 116 17.56 -5.26 -22.70
C VAL C 116 19.05 -5.09 -22.42
N THR C 117 19.39 -4.50 -21.28
CA THR C 117 20.80 -4.32 -20.81
C THR C 117 20.96 -5.13 -19.54
N VAL C 118 21.76 -6.18 -19.58
CA VAL C 118 22.06 -7.05 -18.40
C VAL C 118 23.44 -6.64 -17.89
N SER C 119 23.50 -6.08 -16.68
CA SER C 119 24.71 -5.48 -16.07
C SER C 119 24.48 -5.26 -14.58
N SER C 120 25.56 -5.31 -13.80
CA SER C 120 25.56 -5.05 -12.34
C SER C 120 25.59 -3.53 -12.08
N ALA C 121 26.00 -2.74 -13.07
CA ALA C 121 26.13 -1.28 -13.00
C ALA C 121 24.79 -0.63 -12.64
N SER C 122 24.83 0.44 -11.85
CA SER C 122 23.67 1.23 -11.39
C SER C 122 23.23 2.15 -12.50
N THR C 123 21.95 2.51 -12.55
CA THR C 123 21.42 3.61 -13.38
C THR C 123 22.10 4.92 -12.97
N LYS C 124 22.39 5.79 -13.92
CA LYS C 124 22.99 7.11 -13.68
C LYS C 124 22.57 8.06 -14.79
N GLY C 125 21.97 9.19 -14.44
CA GLY C 125 21.48 10.19 -15.40
C GLY C 125 22.64 10.93 -16.05
N PRO C 126 22.44 11.45 -17.27
CA PRO C 126 23.50 12.15 -17.96
C PRO C 126 23.71 13.55 -17.40
N SER C 127 24.97 13.94 -17.30
CA SER C 127 25.40 15.36 -17.15
C SER C 127 25.41 15.97 -18.55
N VAL C 128 24.62 17.00 -18.77
CA VAL C 128 24.53 17.72 -20.07
C VAL C 128 25.32 19.03 -19.96
N PHE C 129 26.28 19.23 -20.85
CA PHE C 129 27.22 20.39 -20.87
C PHE C 129 27.19 21.02 -22.25
N PRO C 130 27.21 22.37 -22.37
CA PRO C 130 27.23 22.98 -23.69
C PRO C 130 28.58 22.75 -24.39
N LEU C 131 28.52 22.66 -25.71
CA LEU C 131 29.70 22.78 -26.61
C LEU C 131 29.49 24.10 -27.33
N ALA C 132 30.10 25.16 -26.81
CA ALA C 132 29.82 26.56 -27.21
C ALA C 132 30.54 26.87 -28.51
N PRO C 133 29.89 27.60 -29.45
CA PRO C 133 30.58 28.05 -30.66
C PRO C 133 31.59 29.17 -30.38
N SER C 134 32.71 29.21 -31.12
CA SER C 134 33.79 30.23 -30.98
C SER C 134 33.74 31.17 -32.19
N SER C 135 34.52 32.26 -32.18
CA SER C 135 34.87 33.05 -33.40
C SER C 135 34.56 32.21 -34.66
N THR C 142 29.88 29.45 -41.65
CA THR C 142 29.27 28.28 -40.96
C THR C 142 29.89 28.08 -39.57
N ALA C 143 29.04 27.91 -38.55
CA ALA C 143 29.44 27.72 -37.13
C ALA C 143 28.83 26.43 -36.58
N ALA C 144 29.59 25.69 -35.78
CA ALA C 144 29.17 24.43 -35.15
C ALA C 144 29.00 24.67 -33.64
N LEU C 145 27.96 24.08 -33.06
CA LEU C 145 27.69 24.10 -31.60
C LEU C 145 27.06 22.75 -31.25
N GLY C 146 26.86 22.45 -29.97
CA GLY C 146 26.35 21.12 -29.56
C GLY C 146 26.14 20.98 -28.06
N CYS C 147 25.86 19.75 -27.66
CA CYS C 147 25.66 19.28 -26.27
C CYS C 147 26.56 18.09 -26.03
N LEU C 148 27.24 18.04 -24.89
CA LEU C 148 28.00 16.86 -24.43
C LEU C 148 27.13 16.16 -23.39
N VAL C 149 26.69 14.93 -23.69
CA VAL C 149 25.80 14.13 -22.81
C VAL C 149 26.66 13.05 -22.17
N LYS C 150 27.18 13.32 -20.98
CA LYS C 150 28.36 12.60 -20.42
C LYS C 150 27.95 11.81 -19.17
N ASP C 151 28.49 10.61 -19.02
CA ASP C 151 28.50 9.79 -17.78
C ASP C 151 27.07 9.38 -17.42
N TYR C 152 26.44 8.57 -18.27
CA TYR C 152 25.08 8.00 -18.02
C TYR C 152 25.08 6.50 -18.22
N PHE C 153 24.05 5.84 -17.69
CA PHE C 153 23.87 4.38 -17.80
C PHE C 153 22.45 4.01 -17.35
N PRO C 154 21.76 3.07 -18.04
CA PRO C 154 22.26 2.45 -19.27
C PRO C 154 21.88 3.31 -20.49
N GLU C 155 22.09 2.76 -21.68
CA GLU C 155 21.48 3.31 -22.92
C GLU C 155 19.96 3.13 -22.80
N PRO C 156 19.14 3.92 -23.51
CA PRO C 156 19.58 5.06 -24.32
C PRO C 156 19.24 6.47 -23.83
N VAL C 157 19.80 7.47 -24.51
CA VAL C 157 19.36 8.88 -24.42
C VAL C 157 18.84 9.28 -25.78
N THR C 158 17.89 10.21 -25.81
CA THR C 158 17.36 10.86 -27.03
C THR C 158 17.73 12.34 -26.93
N VAL C 159 18.17 12.93 -28.03
CA VAL C 159 18.55 14.36 -28.11
C VAL C 159 17.80 14.97 -29.30
N SER C 160 17.07 16.05 -29.08
CA SER C 160 16.50 16.89 -30.16
C SER C 160 17.00 18.31 -29.97
N TRP C 161 16.71 19.21 -30.91
CA TRP C 161 17.15 20.63 -30.86
C TRP C 161 15.94 21.53 -31.05
N ASN C 162 15.75 22.50 -30.14
CA ASN C 162 14.60 23.44 -30.13
C ASN C 162 13.31 22.62 -30.25
N SER C 163 13.24 21.50 -29.54
CA SER C 163 12.04 20.66 -29.35
C SER C 163 11.58 20.05 -30.69
N GLY C 164 12.51 19.76 -31.60
CA GLY C 164 12.22 19.09 -32.88
C GLY C 164 12.22 20.05 -34.06
N ALA C 165 12.18 21.37 -33.81
CA ALA C 165 12.13 22.44 -34.82
C ALA C 165 13.42 22.46 -35.64
N LEU C 166 14.55 22.04 -35.07
CA LEU C 166 15.87 21.96 -35.74
C LEU C 166 16.27 20.48 -35.89
N THR C 167 16.30 20.00 -37.14
CA THR C 167 16.71 18.62 -37.52
C THR C 167 17.82 18.70 -38.58
N SER C 168 17.76 19.69 -39.46
CA SER C 168 18.73 19.90 -40.56
C SER C 168 20.12 20.24 -39.98
N GLY C 169 21.11 19.39 -40.25
CA GLY C 169 22.52 19.63 -39.92
C GLY C 169 22.97 18.95 -38.62
N VAL C 170 22.06 18.26 -37.94
CA VAL C 170 22.28 17.62 -36.61
C VAL C 170 23.02 16.30 -36.80
N HIS C 171 24.01 16.03 -35.96
CA HIS C 171 24.70 14.72 -35.83
C HIS C 171 24.74 14.32 -34.35
N THR C 172 23.89 13.39 -33.93
CA THR C 172 23.90 12.81 -32.56
C THR C 172 24.75 11.54 -32.60
N PHE C 173 25.97 11.62 -32.09
CA PHE C 173 26.98 10.53 -32.17
C PHE C 173 26.48 9.32 -31.41
N PRO C 174 26.80 8.10 -31.90
CA PRO C 174 26.63 6.88 -31.12
C PRO C 174 27.33 6.98 -29.77
N ALA C 175 26.65 6.50 -28.73
CA ALA C 175 27.22 6.34 -27.38
C ALA C 175 28.49 5.52 -27.49
N VAL C 176 29.50 5.87 -26.68
CA VAL C 176 30.73 5.07 -26.48
C VAL C 176 30.93 4.87 -24.99
N LEU C 177 31.10 3.62 -24.55
CA LEU C 177 31.35 3.26 -23.13
C LEU C 177 32.75 3.75 -22.78
N GLN C 178 32.87 4.52 -21.69
CA GLN C 178 34.18 5.00 -21.13
C GLN C 178 34.69 3.93 -20.16
N SER C 179 35.97 3.97 -19.80
CA SER C 179 36.58 3.00 -18.84
C SER C 179 35.87 3.08 -17.47
N SER C 180 35.25 4.22 -17.15
CA SER C 180 34.44 4.41 -15.92
C SER C 180 33.26 3.43 -15.85
N GLY C 181 32.82 2.87 -16.99
CA GLY C 181 31.64 1.98 -17.08
C GLY C 181 30.37 2.76 -17.33
N LEU C 182 30.48 4.01 -17.79
CA LEU C 182 29.34 4.92 -18.13
C LEU C 182 29.47 5.37 -19.58
N TYR C 183 28.35 5.56 -20.26
CA TYR C 183 28.32 6.03 -21.67
C TYR C 183 28.51 7.54 -21.71
N SER C 184 28.93 8.02 -22.88
CA SER C 184 29.01 9.45 -23.22
C SER C 184 28.85 9.61 -24.74
N LEU C 185 28.21 10.69 -25.16
CA LEU C 185 28.13 11.07 -26.59
C LEU C 185 28.00 12.60 -26.64
N SER C 186 28.21 13.16 -27.83
CA SER C 186 27.90 14.57 -28.13
C SER C 186 26.85 14.60 -29.24
N SER C 187 25.95 15.57 -29.18
CA SER C 187 25.05 15.91 -30.30
C SER C 187 25.49 17.30 -30.76
N VAL C 188 25.70 17.48 -32.06
CA VAL C 188 26.22 18.77 -32.62
C VAL C 188 25.34 19.17 -33.79
N VAL C 189 25.46 20.42 -34.22
CA VAL C 189 24.71 20.97 -35.36
C VAL C 189 25.49 22.14 -35.95
N THR C 190 25.47 22.27 -37.27
CA THR C 190 26.05 23.39 -38.02
C THR C 190 24.90 24.32 -38.41
N VAL C 191 25.14 25.62 -38.29
CA VAL C 191 24.14 26.70 -38.54
C VAL C 191 24.88 27.86 -39.18
N PRO C 192 24.16 28.84 -39.78
CA PRO C 192 24.80 30.04 -40.29
C PRO C 192 25.49 30.81 -39.14
N SER C 193 26.64 31.45 -39.42
CA SER C 193 27.35 32.35 -38.48
C SER C 193 26.41 33.46 -38.00
N SER C 194 25.79 34.17 -38.94
CA SER C 194 24.89 35.34 -38.73
C SER C 194 23.78 35.03 -37.73
N SER C 195 23.34 33.77 -37.65
CA SER C 195 22.22 33.35 -36.77
C SER C 195 22.67 33.22 -35.31
N LEU C 196 23.98 33.15 -35.01
CA LEU C 196 24.51 32.78 -33.67
C LEU C 196 23.93 33.69 -32.57
N GLY C 197 23.82 34.99 -32.84
CA GLY C 197 23.35 36.00 -31.87
C GLY C 197 21.85 36.21 -31.94
N THR C 198 21.25 35.92 -33.10
CA THR C 198 19.83 36.24 -33.44
C THR C 198 18.88 35.10 -33.06
N GLN C 199 19.39 33.89 -32.81
CA GLN C 199 18.57 32.65 -32.70
C GLN C 199 18.96 31.87 -31.44
N THR C 200 17.97 31.22 -30.82
CA THR C 200 18.11 30.40 -29.59
C THR C 200 18.38 28.94 -29.99
N TYR C 201 19.32 28.29 -29.30
CA TYR C 201 19.70 26.86 -29.50
C TYR C 201 19.67 26.12 -28.16
N ILE C 202 18.81 25.11 -28.06
CA ILE C 202 18.56 24.29 -26.83
C ILE C 202 18.56 22.81 -27.19
N CYS C 203 19.36 21.99 -26.49
CA CYS C 203 19.32 20.50 -26.54
C CYS C 203 18.19 20.01 -25.65
N ASN C 204 17.39 19.08 -26.15
CA ASN C 204 16.36 18.39 -25.34
C ASN C 204 16.89 16.97 -25.13
N VAL C 205 17.57 16.76 -24.00
CA VAL C 205 18.09 15.43 -23.59
C VAL C 205 17.03 14.77 -22.71
N ASN C 206 16.64 13.54 -23.07
CA ASN C 206 15.75 12.69 -22.23
C ASN C 206 16.49 11.37 -21.99
N HIS C 207 16.47 10.88 -20.76
CA HIS C 207 17.05 9.58 -20.35
C HIS C 207 16.02 8.86 -19.48
N LYS C 208 15.14 8.06 -20.08
CA LYS C 208 13.99 7.45 -19.37
C LYS C 208 14.48 6.71 -18.13
N PRO C 209 15.57 5.91 -18.16
CA PRO C 209 15.94 5.10 -16.99
C PRO C 209 16.24 5.84 -15.68
N SER C 210 16.70 7.10 -15.72
CA SER C 210 17.05 7.95 -14.54
C SER C 210 15.96 9.01 -14.28
N ASN C 211 14.97 9.03 -15.16
CA ASN C 211 13.84 9.99 -15.17
C ASN C 211 14.42 11.40 -15.27
N THR C 212 15.34 11.60 -16.22
CA THR C 212 16.07 12.87 -16.43
C THR C 212 15.63 13.50 -17.75
N LYS C 213 14.98 14.66 -17.66
CA LYS C 213 14.61 15.51 -18.82
C LYS C 213 15.38 16.81 -18.60
N VAL C 214 16.31 17.17 -19.48
CA VAL C 214 17.11 18.42 -19.35
C VAL C 214 17.05 19.17 -20.68
N ASP C 215 16.67 20.44 -20.64
CA ASP C 215 16.74 21.35 -21.82
C ASP C 215 17.90 22.32 -21.51
N LYS C 216 19.05 22.17 -22.16
CA LYS C 216 20.25 23.00 -21.90
C LYS C 216 20.45 24.02 -23.01
N ARG C 217 20.52 25.30 -22.62
CA ARG C 217 20.79 26.45 -23.52
C ARG C 217 22.27 26.39 -23.92
N VAL C 218 22.57 26.68 -25.18
CA VAL C 218 23.95 26.68 -25.75
C VAL C 218 24.18 28.05 -26.37
N GLU C 219 25.07 28.87 -25.80
CA GLU C 219 25.43 30.21 -26.34
C GLU C 219 26.94 30.40 -26.21
N PRO C 220 27.54 31.31 -27.02
CA PRO C 220 28.98 31.60 -26.96
C PRO C 220 29.56 31.95 -25.57
N LYS C 221 30.87 31.78 -25.38
CA LYS C 221 31.64 32.15 -24.15
C LYS C 221 31.48 31.07 -23.07
N ILE D 2 22.13 -26.11 -39.60
CA ILE D 2 22.58 -25.37 -40.81
C ILE D 2 23.29 -24.07 -40.41
N VAL D 3 24.37 -23.75 -41.12
CA VAL D 3 25.23 -22.56 -40.88
C VAL D 3 25.29 -21.74 -42.17
N MET D 4 25.01 -20.45 -42.08
CA MET D 4 25.08 -19.51 -43.23
C MET D 4 26.35 -18.69 -43.07
N THR D 5 27.09 -18.49 -44.16
CA THR D 5 28.35 -17.72 -44.23
C THR D 5 28.26 -16.80 -45.45
N GLN D 6 28.19 -15.51 -45.21
CA GLN D 6 28.15 -14.47 -46.27
C GLN D 6 29.58 -14.12 -46.65
N SER D 7 29.77 -13.48 -47.79
CA SER D 7 31.08 -13.01 -48.31
C SER D 7 30.83 -11.91 -49.32
N PRO D 8 31.50 -10.74 -49.25
CA PRO D 8 32.45 -10.44 -48.18
C PRO D 8 31.77 -10.04 -46.87
N ASP D 9 32.55 -9.88 -45.80
CA ASP D 9 32.09 -9.36 -44.48
C ASP D 9 31.68 -7.90 -44.66
N SER D 10 32.31 -7.18 -45.59
CA SER D 10 31.96 -5.78 -45.91
C SER D 10 32.45 -5.43 -47.31
N LEU D 11 31.94 -4.34 -47.87
CA LEU D 11 31.94 -4.09 -49.32
C LEU D 11 31.69 -2.60 -49.55
N SER D 12 32.50 -1.99 -50.40
CA SER D 12 32.45 -0.52 -50.69
C SER D 12 32.34 -0.31 -52.20
N VAL D 13 31.21 0.19 -52.66
CA VAL D 13 30.83 0.21 -54.11
C VAL D 13 30.40 1.64 -54.46
N SER D 14 30.86 2.16 -55.61
CA SER D 14 30.57 3.55 -56.05
C SER D 14 29.09 3.70 -56.42
N LEU D 15 28.57 4.92 -56.36
CA LEU D 15 27.17 5.24 -56.77
C LEU D 15 26.98 4.82 -58.24
N GLY D 16 25.88 4.15 -58.55
CA GLY D 16 25.45 3.78 -59.91
C GLY D 16 26.22 2.59 -60.44
N GLU D 17 26.72 1.72 -59.56
CA GLU D 17 27.62 0.59 -59.92
C GLU D 17 27.14 -0.69 -59.22
N ARG D 18 27.56 -1.86 -59.69
CA ARG D 18 26.98 -3.15 -59.22
C ARG D 18 27.61 -3.50 -57.88
N ALA D 19 26.79 -3.98 -56.94
CA ALA D 19 27.22 -4.53 -55.64
C ALA D 19 26.73 -5.96 -55.54
N THR D 20 27.63 -6.88 -55.25
CA THR D 20 27.35 -8.33 -55.25
C THR D 20 27.72 -8.88 -53.87
N ILE D 21 26.77 -9.58 -53.24
CA ILE D 21 26.95 -10.19 -51.89
C ILE D 21 26.57 -11.67 -52.02
N ASN D 22 27.34 -12.55 -51.41
CA ASN D 22 27.24 -14.03 -51.59
C ASN D 22 26.88 -14.64 -50.24
N CYS D 23 26.09 -15.70 -50.27
CA CYS D 23 25.63 -16.48 -49.11
C CYS D 23 25.83 -17.96 -49.45
N LYS D 24 26.29 -18.73 -48.47
CA LYS D 24 26.60 -20.18 -48.61
C LYS D 24 26.03 -20.90 -47.40
N SER D 25 25.26 -21.97 -47.63
CA SER D 25 24.67 -22.81 -46.57
C SER D 25 25.48 -24.10 -46.42
N SER D 26 25.68 -24.54 -45.17
CA SER D 26 26.42 -25.77 -44.81
C SER D 26 25.73 -26.99 -45.44
N GLN D 27 24.39 -27.00 -45.51
CA GLN D 27 23.59 -28.03 -46.24
C GLN D 27 22.77 -27.32 -47.32
N SER D 28 22.19 -28.07 -48.24
CA SER D 28 21.30 -27.52 -49.29
C SER D 28 19.99 -27.08 -48.62
N VAL D 29 19.40 -26.01 -49.14
CA VAL D 29 18.10 -25.42 -48.69
C VAL D 29 17.11 -25.44 -49.88
N LEU D 30 17.41 -26.23 -50.91
CA LEU D 30 16.47 -26.66 -51.96
C LEU D 30 15.64 -27.84 -51.41
N TYR D 31 14.32 -27.70 -51.42
CA TYR D 31 13.35 -28.79 -51.11
C TYR D 31 12.98 -29.42 -52.46
N SER D 32 13.42 -30.67 -52.67
CA SER D 32 13.22 -31.45 -53.93
C SER D 32 11.72 -31.58 -54.21
N SER D 33 10.94 -31.72 -53.14
CA SER D 33 9.45 -31.91 -53.11
C SER D 33 8.71 -30.82 -53.91
N ASN D 34 9.00 -29.53 -53.65
CA ASN D 34 8.34 -28.37 -54.33
C ASN D 34 9.36 -27.55 -55.14
N ASN D 35 10.64 -27.93 -55.13
CA ASN D 35 11.72 -27.28 -55.92
C ASN D 35 11.77 -25.78 -55.63
N LYS D 36 11.75 -25.42 -54.34
CA LYS D 36 11.84 -24.02 -53.85
C LYS D 36 13.05 -23.91 -52.90
N ASN D 37 13.82 -22.84 -53.04
CA ASN D 37 14.96 -22.51 -52.14
C ASN D 37 14.44 -21.71 -50.94
N TYR D 38 14.55 -22.29 -49.73
CA TYR D 38 14.11 -21.70 -48.43
C TYR D 38 15.18 -20.73 -47.94
N LEU D 39 15.26 -19.59 -48.63
CA LEU D 39 16.36 -18.62 -48.52
C LEU D 39 15.80 -17.23 -48.77
N GLY D 40 15.91 -16.32 -47.79
CA GLY D 40 15.52 -14.92 -47.89
C GLY D 40 16.71 -14.00 -47.70
N TRP D 41 16.64 -12.80 -48.30
CA TRP D 41 17.58 -11.67 -48.11
C TRP D 41 16.86 -10.49 -47.42
N TYR D 42 17.45 -9.96 -46.34
CA TYR D 42 16.93 -8.79 -45.58
C TYR D 42 17.92 -7.63 -45.62
N GLN D 43 17.40 -6.39 -45.67
CA GLN D 43 18.10 -5.09 -45.50
C GLN D 43 17.84 -4.62 -44.07
N GLN D 44 18.87 -4.14 -43.35
CA GLN D 44 18.72 -3.51 -42.02
C GLN D 44 19.46 -2.18 -42.06
N LYS D 45 18.71 -1.08 -42.17
CA LYS D 45 19.26 0.29 -42.05
C LYS D 45 19.49 0.56 -40.57
N PRO D 46 20.42 1.48 -40.19
CA PRO D 46 20.75 1.70 -38.78
C PRO D 46 19.53 2.07 -37.91
N GLY D 47 19.42 1.40 -36.74
CA GLY D 47 18.37 1.66 -35.72
C GLY D 47 16.97 1.42 -36.27
N GLN D 48 16.83 0.49 -37.21
CA GLN D 48 15.54 0.01 -37.74
C GLN D 48 15.54 -1.51 -37.65
N PRO D 49 14.36 -2.14 -37.74
CA PRO D 49 14.31 -3.60 -37.86
C PRO D 49 14.58 -3.98 -39.32
N PRO D 50 14.90 -5.27 -39.59
CA PRO D 50 15.13 -5.73 -40.96
C PRO D 50 13.87 -5.71 -41.86
N LYS D 51 14.05 -5.36 -43.13
CA LYS D 51 13.03 -5.34 -44.21
C LYS D 51 13.34 -6.51 -45.17
N LEU D 52 12.34 -7.32 -45.54
CA LEU D 52 12.49 -8.43 -46.51
C LEU D 52 12.67 -7.85 -47.90
N LEU D 53 13.75 -8.23 -48.60
CA LEU D 53 14.07 -7.77 -49.96
C LEU D 53 13.64 -8.85 -50.97
N ILE D 54 13.96 -10.11 -50.68
CA ILE D 54 13.92 -11.24 -51.66
C ILE D 54 13.70 -12.56 -50.93
N TYR D 55 12.75 -13.38 -51.42
CA TYR D 55 12.33 -14.68 -50.83
C TYR D 55 12.34 -15.75 -51.93
N TRP D 56 12.38 -17.03 -51.55
CA TRP D 56 12.59 -18.18 -52.46
C TRP D 56 13.83 -17.90 -53.34
N ALA D 57 14.87 -17.33 -52.73
CA ALA D 57 16.20 -17.07 -53.32
C ALA D 57 16.17 -16.00 -54.42
N SER D 58 15.09 -15.86 -55.20
CA SER D 58 15.08 -15.00 -56.41
C SER D 58 13.80 -14.15 -56.60
N THR D 59 12.74 -14.36 -55.81
CA THR D 59 11.49 -13.57 -55.90
C THR D 59 11.62 -12.27 -55.08
N ARG D 60 11.50 -11.14 -55.75
CA ARG D 60 11.55 -9.78 -55.14
C ARG D 60 10.22 -9.46 -54.45
N GLU D 61 10.24 -8.98 -53.20
CA GLU D 61 9.07 -8.43 -52.46
C GLU D 61 8.51 -7.19 -53.18
N SER D 62 7.20 -6.95 -53.06
CA SER D 62 6.53 -5.73 -53.60
C SER D 62 7.05 -4.52 -52.82
N GLY D 63 7.23 -3.40 -53.52
CA GLY D 63 7.81 -2.17 -52.96
C GLY D 63 9.29 -2.09 -53.24
N VAL D 64 10.00 -3.23 -53.16
CA VAL D 64 11.48 -3.33 -53.33
C VAL D 64 11.82 -2.93 -54.76
N PRO D 65 12.68 -1.92 -55.00
CA PRO D 65 13.00 -1.46 -56.36
C PRO D 65 13.62 -2.52 -57.28
N ASP D 66 13.58 -2.27 -58.62
CA ASP D 66 14.01 -3.23 -59.66
C ASP D 66 15.45 -3.68 -59.43
N ARG D 67 16.33 -2.76 -59.02
CA ARG D 67 17.80 -2.95 -59.00
C ARG D 67 18.22 -4.09 -58.05
N PHE D 68 17.41 -4.40 -57.04
CA PHE D 68 17.63 -5.58 -56.15
C PHE D 68 17.16 -6.84 -56.87
N SER D 69 18.01 -7.87 -56.94
CA SER D 69 17.70 -9.20 -57.52
C SER D 69 18.45 -10.27 -56.74
N GLY D 70 17.85 -11.45 -56.59
CA GLY D 70 18.48 -12.62 -55.97
C GLY D 70 18.73 -13.68 -57.02
N SER D 71 19.65 -14.59 -56.75
CA SER D 71 19.93 -15.76 -57.63
C SER D 71 20.59 -16.85 -56.80
N GLY D 72 20.88 -17.98 -57.47
CA GLY D 72 21.51 -19.16 -56.87
C GLY D 72 20.50 -20.23 -56.54
N SER D 73 20.98 -21.34 -55.99
CA SER D 73 20.19 -22.56 -55.69
C SER D 73 21.01 -23.47 -54.76
N GLY D 74 20.32 -24.30 -53.98
CA GLY D 74 20.98 -25.37 -53.20
C GLY D 74 21.78 -24.83 -52.04
N THR D 75 23.01 -24.37 -52.29
CA THR D 75 23.96 -23.95 -51.23
C THR D 75 24.65 -22.61 -51.54
N ASP D 76 24.51 -22.04 -52.75
CA ASP D 76 25.28 -20.82 -53.14
C ASP D 76 24.31 -19.80 -53.73
N PHE D 77 24.12 -18.67 -53.03
CA PHE D 77 23.13 -17.62 -53.39
C PHE D 77 23.84 -16.28 -53.50
N THR D 78 23.19 -15.34 -54.18
CA THR D 78 23.76 -14.03 -54.57
C THR D 78 22.67 -12.96 -54.61
N LEU D 79 22.78 -11.99 -53.70
CA LEU D 79 22.03 -10.72 -53.74
C LEU D 79 22.83 -9.74 -54.61
N THR D 80 22.18 -9.11 -55.58
CA THR D 80 22.83 -8.16 -56.52
C THR D 80 22.05 -6.85 -56.50
N ILE D 81 22.76 -5.72 -56.45
CA ILE D 81 22.16 -4.36 -56.54
C ILE D 81 22.78 -3.70 -57.76
N SER D 82 22.01 -3.57 -58.84
CA SER D 82 22.55 -3.33 -60.21
C SER D 82 23.12 -1.91 -60.32
N SER D 83 22.47 -0.91 -59.72
CA SER D 83 22.88 0.52 -59.86
C SER D 83 22.70 1.22 -58.51
N LEU D 84 23.70 1.09 -57.65
CA LEU D 84 23.65 1.42 -56.21
C LEU D 84 23.28 2.90 -56.02
N GLN D 85 22.31 3.15 -55.13
CA GLN D 85 21.84 4.51 -54.76
C GLN D 85 22.35 4.84 -53.33
N ALA D 86 22.47 6.13 -53.02
CA ALA D 86 23.04 6.65 -51.74
C ALA D 86 22.31 5.98 -50.55
N GLU D 87 21.01 5.74 -50.69
CA GLU D 87 20.13 5.27 -49.59
C GLU D 87 20.21 3.74 -49.41
N ASP D 88 21.00 3.03 -50.20
CA ASP D 88 21.13 1.54 -50.12
C ASP D 88 22.15 1.16 -49.04
N VAL D 89 22.87 2.14 -48.49
CA VAL D 89 23.78 1.92 -47.32
C VAL D 89 22.99 1.22 -46.20
N ALA D 90 23.44 0.02 -45.83
CA ALA D 90 22.77 -0.85 -44.85
C ALA D 90 23.62 -2.10 -44.61
N VAL D 91 23.17 -2.98 -43.72
CA VAL D 91 23.76 -4.32 -43.51
C VAL D 91 22.78 -5.31 -44.15
N TYR D 92 23.26 -6.17 -45.06
CA TYR D 92 22.43 -7.18 -45.74
C TYR D 92 22.69 -8.54 -45.08
N TYR D 93 21.61 -9.25 -44.79
CA TYR D 93 21.62 -10.60 -44.16
C TYR D 93 20.88 -11.56 -45.09
N CYS D 94 21.41 -12.77 -45.25
CA CYS D 94 20.69 -13.92 -45.82
C CYS D 94 20.17 -14.72 -44.62
N GLN D 95 19.04 -15.40 -44.81
CA GLN D 95 18.41 -16.24 -43.76
C GLN D 95 17.83 -17.47 -44.45
N GLN D 96 18.10 -18.65 -43.89
CA GLN D 96 17.57 -19.94 -44.40
C GLN D 96 16.36 -20.30 -43.54
N TYR D 97 15.31 -20.83 -44.18
CA TYR D 97 14.08 -21.31 -43.50
C TYR D 97 13.86 -22.80 -43.79
N TYR D 98 14.86 -23.52 -44.27
CA TYR D 98 14.78 -25.00 -44.50
C TYR D 98 14.61 -25.70 -43.15
N THR D 99 15.28 -25.21 -42.13
CA THR D 99 15.14 -25.71 -40.74
C THR D 99 14.58 -24.59 -39.86
N THR D 100 14.27 -24.89 -38.60
CA THR D 100 13.98 -23.89 -37.53
C THR D 100 14.66 -24.40 -36.25
N PRO D 101 15.51 -23.63 -35.54
CA PRO D 101 15.78 -22.21 -35.84
C PRO D 101 16.24 -21.87 -37.26
N SER D 102 15.60 -20.84 -37.83
CA SER D 102 15.79 -20.32 -39.21
C SER D 102 16.99 -19.37 -39.22
N THR D 103 18.20 -19.92 -39.18
CA THR D 103 19.47 -19.24 -38.85
C THR D 103 19.87 -18.23 -39.93
N PHE D 104 20.67 -17.23 -39.54
CA PHE D 104 21.05 -16.04 -40.34
C PHE D 104 22.54 -16.10 -40.75
N GLY D 105 22.87 -15.45 -41.86
CA GLY D 105 24.26 -15.04 -42.16
C GLY D 105 24.76 -14.06 -41.12
N GLN D 106 26.08 -13.91 -41.03
CA GLN D 106 26.78 -13.03 -40.05
C GLN D 106 26.55 -11.58 -40.47
N GLY D 107 26.19 -11.33 -41.73
CA GLY D 107 25.84 -10.00 -42.26
C GLY D 107 26.93 -9.43 -43.12
N THR D 108 26.60 -8.45 -43.99
CA THR D 108 27.53 -7.80 -44.93
C THR D 108 27.28 -6.28 -44.90
N ARG D 109 28.23 -5.49 -44.38
CA ARG D 109 28.10 -4.01 -44.33
C ARG D 109 28.34 -3.50 -45.75
N LEU D 110 27.37 -2.81 -46.35
CA LEU D 110 27.57 -2.14 -47.65
C LEU D 110 27.76 -0.64 -47.40
N GLU D 111 28.90 -0.10 -47.84
CA GLU D 111 29.24 1.34 -47.79
C GLU D 111 29.16 1.87 -49.23
N ILE D 112 28.77 3.12 -49.39
CA ILE D 112 28.76 3.86 -50.69
C ILE D 112 30.10 4.56 -50.84
N LYS D 113 30.80 4.31 -51.95
CA LYS D 113 32.05 5.02 -52.34
C LYS D 113 31.63 6.27 -53.11
N ARG D 114 32.22 7.42 -52.75
CA ARG D 114 31.96 8.72 -53.41
C ARG D 114 33.31 9.47 -53.53
N THR D 115 33.34 10.54 -54.32
CA THR D 115 34.53 11.43 -54.44
C THR D 115 34.91 11.85 -53.02
N ALA D 116 36.19 11.80 -52.68
CA ALA D 116 36.72 12.21 -51.36
C ALA D 116 36.19 13.61 -51.01
N ALA D 117 35.76 13.81 -49.76
CA ALA D 117 35.38 15.13 -49.20
C ALA D 117 36.16 15.33 -47.89
N ALA D 118 36.80 16.50 -47.75
CA ALA D 118 37.62 16.87 -46.59
C ALA D 118 36.69 17.25 -45.42
N PRO D 119 37.03 16.88 -44.17
CA PRO D 119 36.22 17.26 -43.02
C PRO D 119 36.35 18.75 -42.70
N SER D 120 35.24 19.41 -42.35
CA SER D 120 35.23 20.65 -41.53
C SER D 120 35.63 20.25 -40.11
N VAL D 121 36.68 20.86 -39.57
CA VAL D 121 37.16 20.56 -38.20
C VAL D 121 36.79 21.73 -37.27
N PHE D 122 36.26 21.39 -36.11
CA PHE D 122 35.89 22.33 -35.03
C PHE D 122 36.44 21.75 -33.72
N ILE D 123 36.95 22.59 -32.83
CA ILE D 123 37.39 22.17 -31.47
C ILE D 123 36.53 22.90 -30.44
N PHE D 124 36.27 22.22 -29.32
CA PHE D 124 35.39 22.67 -28.23
C PHE D 124 36.11 22.53 -26.90
N PRO D 125 36.32 23.65 -26.18
CA PRO D 125 36.90 23.59 -24.84
C PRO D 125 35.88 23.00 -23.87
N PRO D 126 36.30 22.56 -22.67
CA PRO D 126 35.35 22.10 -21.66
C PRO D 126 34.48 23.28 -21.21
N SER D 127 33.25 22.99 -20.79
CA SER D 127 32.30 23.97 -20.19
C SER D 127 32.80 24.33 -18.79
N ASP D 128 32.61 25.60 -18.39
CA ASP D 128 32.87 26.05 -17.00
C ASP D 128 32.15 25.09 -16.04
N GLU D 129 30.89 24.76 -16.36
CA GLU D 129 30.04 23.86 -15.53
C GLU D 129 30.74 22.51 -15.31
N GLN D 130 31.39 21.94 -16.34
CA GLN D 130 31.99 20.58 -16.22
C GLN D 130 33.19 20.61 -15.26
N LEU D 131 34.02 21.66 -15.37
CA LEU D 131 35.28 21.77 -14.59
C LEU D 131 34.97 21.66 -13.09
N LYS D 132 33.90 22.29 -12.62
CA LYS D 132 33.43 22.25 -11.21
C LYS D 132 33.33 20.80 -10.72
N SER D 133 33.10 19.82 -11.62
CA SER D 133 32.91 18.39 -11.26
C SER D 133 34.25 17.68 -11.04
N GLY D 134 35.33 18.17 -11.65
CA GLY D 134 36.72 17.72 -11.41
C GLY D 134 37.35 16.96 -12.57
N THR D 135 36.67 16.84 -13.73
CA THR D 135 37.29 16.35 -14.98
C THR D 135 36.96 17.34 -16.11
N ALA D 136 37.73 17.28 -17.20
CA ALA D 136 37.64 18.20 -18.36
C ALA D 136 37.58 17.35 -19.63
N SER D 137 36.64 17.69 -20.51
CA SER D 137 36.40 16.98 -21.77
C SER D 137 36.61 18.00 -22.89
N VAL D 138 37.61 17.74 -23.73
CA VAL D 138 37.89 18.54 -24.95
C VAL D 138 37.38 17.71 -26.12
N VAL D 139 36.63 18.33 -27.02
CA VAL D 139 35.94 17.60 -28.11
C VAL D 139 36.40 18.19 -29.44
N CYS D 140 36.86 17.32 -30.33
CA CYS D 140 37.17 17.64 -31.74
C CYS D 140 36.11 17.00 -32.63
N LEU D 141 35.55 17.80 -33.54
CA LEU D 141 34.49 17.38 -34.50
C LEU D 141 35.04 17.45 -35.92
N LEU D 142 35.07 16.31 -36.62
CA LEU D 142 35.28 16.20 -38.08
C LEU D 142 33.90 16.02 -38.71
N ASN D 143 33.47 16.93 -39.57
CA ASN D 143 32.06 17.01 -40.04
C ASN D 143 31.98 16.78 -41.56
N ASN D 144 31.23 15.76 -41.97
CA ASN D 144 30.78 15.51 -43.38
C ASN D 144 32.00 15.29 -44.28
N PHE D 145 32.65 14.14 -44.12
CA PHE D 145 33.88 13.74 -44.85
C PHE D 145 33.75 12.31 -45.37
N TYR D 146 34.43 12.02 -46.49
CA TYR D 146 34.64 10.68 -47.08
C TYR D 146 36.10 10.57 -47.55
N PRO D 147 36.79 9.42 -47.36
CA PRO D 147 36.25 8.24 -46.70
C PRO D 147 36.37 8.26 -45.15
N ARG D 148 35.98 7.15 -44.52
CA ARG D 148 35.81 6.96 -43.05
C ARG D 148 37.16 7.09 -42.34
N GLU D 149 38.25 6.71 -43.00
CA GLU D 149 39.60 6.64 -42.37
C GLU D 149 40.07 8.08 -42.12
N ALA D 150 40.43 8.37 -40.88
CA ALA D 150 40.94 9.67 -40.43
C ALA D 150 41.74 9.48 -39.15
N LYS D 151 42.91 10.14 -39.08
CA LYS D 151 43.81 10.19 -37.90
C LYS D 151 43.52 11.48 -37.16
N VAL D 152 43.24 11.38 -35.86
CA VAL D 152 43.04 12.54 -34.95
C VAL D 152 44.11 12.49 -33.86
N GLN D 153 45.03 13.47 -33.87
CA GLN D 153 46.16 13.66 -32.92
C GLN D 153 45.82 14.76 -31.90
N TRP D 154 45.85 14.42 -30.60
CA TRP D 154 45.67 15.38 -29.49
C TRP D 154 47.03 15.90 -29.01
N LYS D 155 47.21 17.23 -29.05
CA LYS D 155 48.43 17.95 -28.59
C LYS D 155 48.06 18.89 -27.43
N VAL D 156 48.62 18.61 -26.25
CA VAL D 156 48.56 19.48 -25.03
C VAL D 156 49.93 20.17 -24.86
N ASP D 157 50.04 21.42 -25.31
CA ASP D 157 51.32 22.20 -25.36
C ASP D 157 52.33 21.43 -26.22
N ASN D 158 51.93 20.97 -27.42
CA ASN D 158 52.78 20.27 -28.41
C ASN D 158 53.30 18.92 -27.92
N ALA D 159 52.87 18.45 -26.73
CA ALA D 159 53.04 17.05 -26.27
C ALA D 159 51.89 16.18 -26.81
N LEU D 160 52.22 15.12 -27.57
CA LEU D 160 51.22 14.25 -28.22
C LEU D 160 50.64 13.29 -27.19
N GLN D 161 49.32 13.22 -27.10
CA GLN D 161 48.58 12.45 -26.06
C GLN D 161 48.34 11.02 -26.55
N SER D 162 48.05 10.10 -25.63
CA SER D 162 47.81 8.67 -25.99
C SER D 162 47.09 7.93 -24.85
N GLY D 163 45.99 7.24 -25.17
CA GLY D 163 45.26 6.34 -24.26
C GLY D 163 44.26 7.08 -23.37
N ASN D 164 43.97 8.33 -23.68
CA ASN D 164 43.15 9.27 -22.87
C ASN D 164 42.10 9.95 -23.79
N SER D 165 41.81 9.39 -24.95
CA SER D 165 40.83 9.91 -25.92
C SER D 165 40.02 8.76 -26.53
N GLN D 166 38.80 9.05 -27.01
CA GLN D 166 37.85 8.06 -27.59
C GLN D 166 37.17 8.66 -28.81
N GLU D 167 37.02 7.87 -29.87
CA GLU D 167 36.38 8.30 -31.14
C GLU D 167 34.99 7.68 -31.24
N SER D 168 34.05 8.38 -31.86
CA SER D 168 32.71 7.87 -32.25
C SER D 168 32.44 8.36 -33.66
N VAL D 169 31.83 7.53 -34.50
CA VAL D 169 31.58 7.84 -35.94
C VAL D 169 30.10 7.64 -36.22
N THR D 170 29.49 8.57 -36.96
CA THR D 170 28.08 8.42 -37.42
C THR D 170 28.02 7.26 -38.42
N GLU D 171 26.86 6.62 -38.49
CA GLU D 171 26.48 5.76 -39.64
C GLU D 171 26.53 6.68 -40.87
N GLN D 172 26.98 6.14 -42.00
CA GLN D 172 27.13 6.92 -43.26
C GLN D 172 25.78 7.55 -43.61
N ASP D 173 25.78 8.81 -44.05
CA ASP D 173 24.54 9.53 -44.44
C ASP D 173 23.93 8.88 -45.69
N SER D 174 22.60 8.71 -45.68
CA SER D 174 21.80 8.06 -46.75
C SER D 174 21.52 9.05 -47.90
N LYS D 175 22.00 10.30 -47.82
CA LYS D 175 21.80 11.29 -48.91
C LYS D 175 23.18 11.66 -49.52
N ASP D 176 24.11 12.22 -48.72
CA ASP D 176 25.41 12.75 -49.21
C ASP D 176 26.53 11.72 -49.00
N SER D 177 26.21 10.57 -48.39
CA SER D 177 27.11 9.39 -48.33
C SER D 177 28.41 9.74 -47.59
N THR D 178 28.41 10.76 -46.71
CA THR D 178 29.56 11.17 -45.87
C THR D 178 29.42 10.67 -44.43
N TYR D 179 30.51 10.74 -43.68
CA TYR D 179 30.58 10.43 -42.22
C TYR D 179 30.87 11.72 -41.44
N SER D 180 30.61 11.71 -40.14
CA SER D 180 31.13 12.67 -39.14
C SER D 180 31.74 11.90 -37.97
N LEU D 181 32.79 12.45 -37.36
CA LEU D 181 33.57 11.81 -36.27
C LEU D 181 33.77 12.81 -35.12
N SER D 182 33.75 12.30 -33.88
CA SER D 182 34.04 13.05 -32.63
C SER D 182 35.20 12.38 -31.89
N SER D 183 36.29 13.10 -31.67
CA SER D 183 37.36 12.69 -30.72
C SER D 183 37.17 13.46 -29.41
N THR D 184 37.23 12.74 -28.29
CA THR D 184 36.97 13.26 -26.93
C THR D 184 38.16 12.97 -26.02
N LEU D 185 38.96 14.02 -25.76
CA LEU D 185 40.11 14.01 -24.83
C LEU D 185 39.61 14.25 -23.40
N THR D 186 39.95 13.35 -22.48
CA THR D 186 39.52 13.35 -21.05
C THR D 186 40.76 13.45 -20.14
N LEU D 187 40.88 14.53 -19.37
CA LEU D 187 41.93 14.72 -18.33
C LEU D 187 41.29 15.30 -17.06
N SER D 188 42.04 15.32 -15.95
CA SER D 188 41.61 15.90 -14.66
C SER D 188 41.62 17.45 -14.75
N LYS D 189 40.90 18.12 -13.84
CA LYS D 189 40.85 19.61 -13.75
C LYS D 189 42.28 20.12 -13.54
N ALA D 190 42.99 19.49 -12.59
CA ALA D 190 44.42 19.72 -12.27
C ALA D 190 45.22 19.85 -13.58
N ASP D 191 45.32 18.74 -14.33
CA ASP D 191 46.14 18.64 -15.57
C ASP D 191 45.62 19.65 -16.59
N TYR D 192 44.31 19.86 -16.70
CA TYR D 192 43.73 20.79 -17.71
C TYR D 192 44.24 22.21 -17.43
N GLU D 193 44.36 22.59 -16.16
CA GLU D 193 44.69 23.98 -15.75
C GLU D 193 46.22 24.21 -15.78
N LYS D 194 47.05 23.17 -15.63
CA LYS D 194 48.54 23.26 -15.78
C LYS D 194 48.93 23.80 -17.17
N HIS D 195 48.31 23.32 -18.25
CA HIS D 195 48.76 23.51 -19.66
C HIS D 195 47.88 24.57 -20.34
N LYS D 196 48.32 25.14 -21.47
CA LYS D 196 47.74 26.37 -22.08
C LYS D 196 47.12 26.10 -23.45
N VAL D 197 47.86 25.43 -24.36
CA VAL D 197 47.47 25.21 -25.79
C VAL D 197 46.91 23.79 -25.95
N TYR D 198 45.64 23.72 -26.35
CA TYR D 198 44.89 22.47 -26.67
C TYR D 198 44.60 22.48 -28.17
N ALA D 199 45.14 21.46 -28.86
CA ALA D 199 45.14 21.36 -30.34
C ALA D 199 44.75 19.94 -30.75
N CYS D 200 43.94 19.88 -31.80
CA CYS D 200 43.48 18.62 -32.45
C CYS D 200 43.97 18.71 -33.90
N GLU D 201 44.83 17.76 -34.29
CA GLU D 201 45.43 17.66 -35.65
C GLU D 201 44.76 16.50 -36.40
N VAL D 202 44.24 16.79 -37.59
CA VAL D 202 43.41 15.86 -38.41
C VAL D 202 44.18 15.53 -39.69
N THR D 203 44.58 14.25 -39.86
CA THR D 203 45.15 13.72 -41.12
C THR D 203 44.04 12.94 -41.86
N HIS D 204 43.73 13.36 -43.08
CA HIS D 204 42.65 12.78 -43.91
C HIS D 204 43.01 12.92 -45.40
N GLN D 205 42.64 11.91 -46.17
CA GLN D 205 43.00 11.75 -47.60
C GLN D 205 42.52 12.96 -48.43
N GLY D 206 41.45 13.64 -48.02
CA GLY D 206 40.85 14.77 -48.77
C GLY D 206 41.49 16.11 -48.44
N LEU D 207 42.52 16.11 -47.58
CA LEU D 207 43.33 17.30 -47.18
C LEU D 207 44.76 17.15 -47.71
N SER D 208 45.26 18.16 -48.44
CA SER D 208 46.64 18.20 -49.02
C SER D 208 47.69 18.02 -47.90
N SER D 209 47.42 18.52 -46.68
CA SER D 209 48.30 18.29 -45.49
C SER D 209 47.49 18.45 -44.20
N PRO D 210 47.92 17.80 -43.09
CA PRO D 210 47.16 17.82 -41.82
C PRO D 210 46.64 19.21 -41.42
N VAL D 211 45.33 19.30 -41.09
CA VAL D 211 44.70 20.56 -40.56
C VAL D 211 44.68 20.47 -39.03
N THR D 212 44.98 21.59 -38.38
CA THR D 212 45.00 21.76 -36.90
C THR D 212 44.02 22.87 -36.52
N LYS D 213 43.13 22.57 -35.57
CA LYS D 213 42.34 23.56 -34.81
C LYS D 213 42.79 23.47 -33.35
N SER D 214 42.91 24.63 -32.69
CA SER D 214 43.37 24.73 -31.28
C SER D 214 42.77 25.97 -30.61
N PHE D 215 42.85 26.01 -29.28
CA PHE D 215 42.48 27.17 -28.43
C PHE D 215 43.53 27.29 -27.32
N ASN D 216 43.66 28.49 -26.74
CA ASN D 216 44.41 28.77 -25.49
C ASN D 216 43.39 28.86 -24.35
N ARG D 217 43.63 28.13 -23.26
CA ARG D 217 42.71 28.00 -22.09
C ARG D 217 42.19 29.38 -21.64
N GLY D 218 40.88 29.64 -21.79
CA GLY D 218 40.19 30.88 -21.42
C GLY D 218 40.42 32.00 -22.42
N GLU D 219 40.22 31.76 -23.72
CA GLU D 219 40.52 32.75 -24.80
C GLU D 219 41.99 33.16 -24.69
N VAL E 2 14.07 -24.99 -3.58
CA VAL E 2 15.24 -25.90 -3.13
C VAL E 2 16.24 -25.10 -2.29
N GLN E 3 16.49 -25.51 -1.05
CA GLN E 3 17.25 -24.69 -0.06
C GLN E 3 18.18 -25.62 0.72
N VAL E 4 19.46 -25.24 0.81
CA VAL E 4 20.51 -26.11 1.40
C VAL E 4 21.24 -25.35 2.52
N VAL E 5 21.60 -26.06 3.58
CA VAL E 5 22.37 -25.50 4.74
C VAL E 5 23.58 -26.40 5.00
N GLU E 6 24.76 -25.84 4.74
CA GLU E 6 26.07 -26.51 4.93
C GLU E 6 26.69 -26.03 6.23
N SER E 7 27.27 -26.93 7.02
CA SER E 7 27.87 -26.56 8.32
C SER E 7 28.89 -27.62 8.74
N GLY E 8 29.66 -27.34 9.80
CA GLY E 8 30.99 -27.94 10.08
C GLY E 8 32.03 -27.16 9.29
N GLY E 9 33.28 -27.62 9.33
CA GLY E 9 34.35 -27.02 8.51
C GLY E 9 35.08 -25.93 9.27
N GLY E 10 36.13 -25.37 8.68
CA GLY E 10 37.03 -24.39 9.31
C GLY E 10 38.33 -25.04 9.72
N LEU E 11 39.00 -24.46 10.71
CA LEU E 11 40.35 -24.89 11.15
C LEU E 11 40.22 -26.03 12.15
N VAL E 12 41.06 -27.05 12.00
CA VAL E 12 41.18 -28.18 12.98
C VAL E 12 42.61 -28.68 12.89
N GLN E 13 43.20 -29.10 14.02
CA GLN E 13 44.64 -29.48 14.06
C GLN E 13 44.76 -30.98 13.75
N PRO E 14 45.90 -31.44 13.18
CA PRO E 14 46.05 -32.84 12.81
C PRO E 14 45.69 -33.77 13.98
N GLY E 15 45.03 -34.90 13.70
CA GLY E 15 44.66 -35.90 14.72
C GLY E 15 43.27 -35.66 15.27
N ARG E 16 42.85 -34.39 15.42
CA ARG E 16 41.50 -34.02 15.91
C ARG E 16 40.47 -34.39 14.83
N SER E 17 39.19 -34.16 15.12
CA SER E 17 38.05 -34.60 14.26
C SER E 17 37.04 -33.48 14.09
N LEU E 18 36.10 -33.68 13.16
CA LEU E 18 35.21 -32.64 12.58
C LEU E 18 34.03 -33.39 11.96
N ARG E 19 32.85 -32.77 11.94
CA ARG E 19 31.62 -33.37 11.36
C ARG E 19 31.03 -32.38 10.38
N LEU E 20 31.03 -32.72 9.10
CA LEU E 20 30.40 -31.92 8.02
C LEU E 20 28.94 -32.35 7.92
N SER E 21 28.08 -31.49 7.37
CA SER E 21 26.68 -31.81 7.06
C SER E 21 26.15 -30.85 6.00
N CYS E 22 25.44 -31.39 5.01
CA CYS E 22 24.47 -30.67 4.19
C CYS E 22 23.07 -31.15 4.54
N ALA E 23 22.14 -30.22 4.69
CA ALA E 23 20.69 -30.49 4.90
C ALA E 23 19.95 -29.70 3.84
N ALA E 24 18.84 -30.24 3.34
CA ALA E 24 18.11 -29.65 2.20
C ALA E 24 16.60 -29.90 2.33
N SER E 25 15.83 -28.96 1.82
CA SER E 25 14.39 -29.11 1.55
C SER E 25 14.16 -28.73 0.09
N GLY E 26 13.17 -29.33 -0.56
CA GLY E 26 12.74 -28.93 -1.91
C GLY E 26 13.03 -30.01 -2.94
N PHE E 27 13.73 -31.07 -2.53
CA PHE E 27 13.90 -32.31 -3.32
C PHE E 27 13.68 -33.51 -2.39
N THR E 28 13.27 -34.63 -2.97
CA THR E 28 12.83 -35.82 -2.19
C THR E 28 14.13 -36.51 -1.76
N PHE E 29 14.51 -36.31 -0.50
CA PHE E 29 15.86 -36.65 0.00
C PHE E 29 16.15 -38.14 -0.17
N ASP E 30 15.15 -39.03 -0.13
CA ASP E 30 15.43 -40.49 -0.16
C ASP E 30 15.24 -41.04 -1.58
N ASP E 31 15.21 -40.18 -2.60
CA ASP E 31 15.21 -40.60 -4.03
C ASP E 31 16.64 -40.74 -4.55
N TYR E 32 17.65 -40.44 -3.74
CA TYR E 32 19.03 -40.20 -4.20
C TYR E 32 20.07 -40.93 -3.35
N ALA E 33 21.08 -41.49 -4.02
CA ALA E 33 22.36 -41.86 -3.40
C ALA E 33 23.14 -40.57 -3.19
N MET E 34 23.73 -40.44 -2.01
CA MET E 34 24.45 -39.22 -1.56
C MET E 34 25.95 -39.52 -1.60
N TYR E 35 26.75 -38.55 -2.03
CA TYR E 35 28.21 -38.68 -2.13
C TYR E 35 28.89 -37.42 -1.57
N TRP E 36 30.11 -37.60 -1.08
CA TRP E 36 31.08 -36.53 -0.78
C TRP E 36 32.22 -36.54 -1.80
N VAL E 37 32.43 -35.44 -2.49
CA VAL E 37 33.62 -35.15 -3.36
C VAL E 37 34.45 -34.08 -2.65
N ARG E 38 35.78 -34.21 -2.65
CA ARG E 38 36.68 -33.15 -2.11
C ARG E 38 37.65 -32.66 -3.18
N GLN E 39 38.18 -31.46 -2.96
CA GLN E 39 39.12 -30.75 -3.87
C GLN E 39 40.12 -29.99 -3.01
N ALA E 40 41.36 -30.49 -2.89
CA ALA E 40 42.47 -29.80 -2.18
C ALA E 40 42.74 -28.50 -2.93
N PRO E 41 43.01 -27.36 -2.27
CA PRO E 41 42.94 -26.06 -2.96
C PRO E 41 43.95 -26.05 -4.11
N GLY E 42 43.53 -25.56 -5.28
CA GLY E 42 44.35 -25.50 -6.52
C GLY E 42 44.39 -26.83 -7.29
N LYS E 43 44.20 -27.96 -6.62
CA LYS E 43 44.27 -29.33 -7.20
C LYS E 43 42.86 -29.77 -7.68
N GLY E 44 42.66 -31.03 -8.05
CA GLY E 44 41.46 -31.49 -8.78
C GLY E 44 40.50 -32.26 -7.89
N LEU E 45 39.42 -32.78 -8.47
CA LEU E 45 38.27 -33.44 -7.77
C LEU E 45 38.65 -34.87 -7.39
N GLU E 46 38.20 -35.33 -6.23
CA GLU E 46 38.48 -36.68 -5.68
C GLU E 46 37.19 -37.23 -5.07
N TRP E 47 36.69 -38.34 -5.62
CA TRP E 47 35.62 -39.17 -5.03
C TRP E 47 36.07 -39.67 -3.65
N VAL E 48 35.31 -39.35 -2.59
CA VAL E 48 35.68 -39.60 -1.17
C VAL E 48 34.83 -40.72 -0.61
N SER E 49 33.51 -40.61 -0.77
CA SER E 49 32.54 -41.49 -0.06
C SER E 49 31.17 -41.46 -0.74
N GLY E 50 30.40 -42.52 -0.55
CA GLY E 50 29.07 -42.71 -1.18
C GLY E 50 28.17 -43.55 -0.31
N ILE E 51 26.86 -43.36 -0.43
CA ILE E 51 25.84 -44.05 0.44
C ILE E 51 24.51 -44.13 -0.32
N SER E 52 23.93 -45.33 -0.33
CA SER E 52 22.64 -45.63 -1.03
C SER E 52 21.51 -44.97 -0.26
N TRP E 53 20.36 -44.78 -0.91
CA TRP E 53 19.21 -44.03 -0.34
C TRP E 53 18.87 -44.50 1.10
N ASN E 54 18.94 -45.80 1.37
CA ASN E 54 18.51 -46.39 2.66
C ASN E 54 19.71 -46.79 3.52
N SER E 55 20.91 -46.24 3.26
CA SER E 55 22.18 -46.53 3.99
C SER E 55 22.55 -48.03 3.86
N GLY E 56 22.06 -48.68 2.80
CA GLY E 56 22.20 -50.13 2.54
C GLY E 56 23.63 -50.49 2.16
N SER E 57 24.24 -49.74 1.24
CA SER E 57 25.66 -49.93 0.84
C SER E 57 26.43 -48.61 1.02
N ILE E 58 27.62 -48.71 1.60
CA ILE E 58 28.54 -47.58 1.90
C ILE E 58 29.90 -47.89 1.28
N VAL E 59 30.45 -46.97 0.48
CA VAL E 59 31.77 -47.15 -0.19
C VAL E 59 32.67 -45.96 0.15
N TYR E 60 33.90 -46.22 0.58
CA TYR E 60 34.96 -45.20 0.80
C TYR E 60 36.12 -45.39 -0.19
N ALA E 61 36.68 -44.30 -0.70
CA ALA E 61 38.01 -44.28 -1.37
C ALA E 61 39.08 -44.72 -0.36
N ASP E 62 40.15 -45.36 -0.85
CA ASP E 62 41.19 -45.98 0.01
C ASP E 62 41.81 -44.89 0.89
N SER E 63 42.04 -43.68 0.34
CA SER E 63 42.71 -42.54 1.02
C SER E 63 42.07 -42.22 2.38
N VAL E 64 40.76 -42.51 2.56
CA VAL E 64 40.00 -42.10 3.80
C VAL E 64 39.49 -43.32 4.58
N LYS E 65 39.51 -44.53 4.00
CA LYS E 65 38.94 -45.73 4.66
C LYS E 65 39.53 -45.87 6.07
N GLY E 66 38.69 -46.19 7.07
CA GLY E 66 39.08 -46.35 8.48
C GLY E 66 39.06 -45.06 9.28
N ARG E 67 39.04 -43.90 8.62
CA ARG E 67 39.15 -42.57 9.29
C ARG E 67 37.82 -41.79 9.18
N PHE E 68 37.20 -41.77 8.01
CA PHE E 68 35.95 -41.02 7.72
C PHE E 68 34.74 -41.96 7.78
N THR E 69 33.63 -41.47 8.31
CA THR E 69 32.33 -42.19 8.34
C THR E 69 31.26 -41.34 7.64
N ILE E 70 30.70 -41.86 6.55
CA ILE E 70 29.52 -41.25 5.87
C ILE E 70 28.26 -41.81 6.53
N SER E 71 27.22 -40.98 6.67
CA SER E 71 25.90 -41.36 7.23
C SER E 71 24.85 -40.38 6.72
N ARG E 72 23.57 -40.71 6.91
CA ARG E 72 22.45 -39.83 6.49
C ARG E 72 21.27 -40.06 7.42
N ASP E 73 20.40 -39.05 7.53
CA ASP E 73 19.09 -39.09 8.24
C ASP E 73 18.04 -38.51 7.28
N ASN E 74 17.29 -39.39 6.61
CA ASN E 74 16.31 -39.01 5.56
C ASN E 74 15.14 -38.23 6.19
N ALA E 75 14.92 -38.47 7.49
CA ALA E 75 13.90 -37.80 8.32
C ALA E 75 14.29 -36.32 8.52
N LYS E 76 15.58 -36.04 8.74
CA LYS E 76 16.14 -34.68 8.94
C LYS E 76 16.68 -34.13 7.61
N ASN E 77 16.41 -34.80 6.48
CA ASN E 77 16.94 -34.47 5.13
C ASN E 77 18.41 -34.00 5.22
N SER E 78 19.29 -34.78 5.85
CA SER E 78 20.69 -34.43 6.18
C SER E 78 21.67 -35.52 5.73
N LEU E 79 22.79 -35.10 5.15
CA LEU E 79 23.96 -35.96 4.80
C LEU E 79 25.13 -35.56 5.69
N TYR E 80 25.76 -36.52 6.37
CA TYR E 80 26.87 -36.26 7.32
C TYR E 80 28.17 -36.90 6.78
N LEU E 81 29.31 -36.29 7.08
CA LEU E 81 30.67 -36.90 6.97
C LEU E 81 31.43 -36.61 8.26
N GLN E 82 31.76 -37.66 9.03
CA GLN E 82 32.58 -37.61 10.27
C GLN E 82 34.05 -37.77 9.86
N LEU E 83 34.86 -36.71 10.00
CA LEU E 83 36.31 -36.71 9.67
C LEU E 83 37.09 -36.99 10.96
N ASN E 84 37.69 -38.17 11.12
CA ASN E 84 38.58 -38.50 12.27
C ASN E 84 40.01 -38.63 11.75
N SER E 85 41.00 -38.59 12.66
CA SER E 85 42.44 -38.81 12.34
C SER E 85 42.84 -37.93 11.16
N LEU E 86 42.47 -36.66 11.21
CA LEU E 86 42.68 -35.71 10.08
C LEU E 86 44.18 -35.46 9.90
N ARG E 87 44.58 -35.22 8.64
CA ARG E 87 45.99 -35.01 8.25
C ARG E 87 46.01 -33.85 7.25
N ALA E 88 47.15 -33.19 7.07
CA ALA E 88 47.31 -31.98 6.25
C ALA E 88 46.70 -32.20 4.85
N GLU E 89 46.81 -33.40 4.27
CA GLU E 89 46.39 -33.69 2.87
C GLU E 89 44.87 -33.67 2.73
N ASP E 90 44.14 -33.86 3.84
CA ASP E 90 42.66 -33.79 3.93
C ASP E 90 42.16 -32.34 3.78
N THR E 91 43.03 -31.35 3.95
CA THR E 91 42.70 -29.94 3.66
C THR E 91 42.12 -29.90 2.25
N ALA E 92 40.86 -29.48 2.12
CA ALA E 92 40.11 -29.43 0.86
C ALA E 92 38.76 -28.77 1.06
N PHE E 93 38.16 -28.30 -0.03
CA PHE E 93 36.72 -28.00 -0.15
C PHE E 93 35.96 -29.32 -0.30
N TYR E 94 35.06 -29.65 0.64
CA TYR E 94 34.22 -30.88 0.62
C TYR E 94 32.83 -30.56 0.05
N TYR E 95 32.44 -31.19 -1.04
CA TYR E 95 31.15 -30.95 -1.75
C TYR E 95 30.15 -32.08 -1.50
N CYS E 96 28.88 -31.71 -1.36
CA CYS E 96 27.72 -32.63 -1.28
C CYS E 96 27.26 -32.94 -2.70
N ALA E 97 27.13 -34.22 -3.03
CA ALA E 97 26.61 -34.65 -4.34
C ALA E 97 25.54 -35.75 -4.18
N LYS E 98 24.83 -36.00 -5.27
CA LYS E 98 23.49 -36.60 -5.31
C LYS E 98 23.36 -37.34 -6.64
N ALA E 99 23.02 -38.63 -6.63
CA ALA E 99 22.68 -39.36 -7.89
C ALA E 99 21.41 -40.17 -7.69
N VAL E 100 20.59 -40.25 -8.75
CA VAL E 100 19.25 -40.89 -8.74
C VAL E 100 19.37 -42.40 -8.44
N SER E 101 20.07 -43.17 -9.28
CA SER E 101 20.13 -44.67 -9.23
C SER E 101 21.24 -45.21 -10.13
N GLY E 102 21.40 -46.54 -10.16
CA GLY E 102 22.19 -47.27 -11.18
C GLY E 102 21.83 -46.89 -12.62
N TYR E 103 20.56 -46.61 -12.94
CA TYR E 103 20.11 -46.30 -14.33
C TYR E 103 20.64 -44.92 -14.76
N PHE E 104 21.06 -44.09 -13.79
CA PHE E 104 21.62 -42.74 -14.05
C PHE E 104 22.44 -42.28 -12.84
N PRO E 105 23.73 -42.68 -12.74
CA PRO E 105 24.52 -42.49 -11.52
C PRO E 105 25.32 -41.16 -11.51
N TYR E 106 25.09 -40.32 -12.51
CA TYR E 106 25.75 -39.01 -12.74
C TYR E 106 25.42 -38.05 -11.60
N PHE E 107 26.45 -37.37 -11.09
CA PHE E 107 26.40 -36.47 -9.91
C PHE E 107 25.64 -35.19 -10.28
N ASP E 108 24.77 -34.77 -9.35
CA ASP E 108 24.25 -33.39 -9.20
C ASP E 108 24.91 -32.87 -7.92
N TYR E 109 25.53 -31.68 -7.97
CA TYR E 109 26.15 -31.05 -6.79
C TYR E 109 25.11 -30.12 -6.16
N TRP E 110 24.80 -30.31 -4.87
CA TRP E 110 23.89 -29.47 -4.07
C TRP E 110 24.68 -28.92 -2.87
N GLY E 111 24.69 -27.60 -2.72
CA GLY E 111 25.63 -26.95 -1.79
C GLY E 111 27.01 -26.72 -2.39
N GLN E 112 27.63 -25.62 -1.96
CA GLN E 112 28.70 -24.85 -2.62
C GLN E 112 30.09 -25.33 -2.17
N GLY E 113 30.17 -26.25 -1.22
CA GLY E 113 31.47 -26.76 -0.73
C GLY E 113 31.84 -26.16 0.61
N ILE E 114 32.47 -26.96 1.45
CA ILE E 114 32.79 -26.64 2.87
C ILE E 114 34.29 -26.74 3.00
N LEU E 115 34.97 -25.63 3.32
CA LEU E 115 36.45 -25.61 3.44
C LEU E 115 36.86 -26.18 4.80
N VAL E 116 37.61 -27.28 4.78
CA VAL E 116 38.31 -27.84 5.96
C VAL E 116 39.80 -27.52 5.80
N THR E 117 40.39 -26.85 6.79
CA THR E 117 41.84 -26.53 6.83
C THR E 117 42.44 -27.29 8.01
N VAL E 118 43.29 -28.27 7.73
CA VAL E 118 44.00 -29.07 8.78
C VAL E 118 45.40 -28.50 8.91
N SER E 119 45.71 -27.91 10.07
CA SER E 119 46.95 -27.15 10.35
C SER E 119 47.10 -26.96 11.87
N SER E 120 48.34 -26.90 12.35
CA SER E 120 48.67 -26.61 13.78
C SER E 120 48.65 -25.11 14.01
N ALA E 121 48.77 -24.32 12.94
CA ALA E 121 48.84 -22.83 12.98
C ALA E 121 47.57 -22.26 13.63
N SER E 122 47.73 -21.17 14.36
CA SER E 122 46.65 -20.47 15.09
C SER E 122 45.85 -19.62 14.10
N THR E 123 44.57 -19.41 14.39
CA THR E 123 43.72 -18.40 13.70
C THR E 123 44.31 -17.03 13.93
N LYS E 124 44.21 -16.15 12.94
CA LYS E 124 44.60 -14.72 13.07
C LYS E 124 43.74 -13.89 12.11
N GLY E 125 43.09 -12.86 12.64
CA GLY E 125 42.19 -11.99 11.86
C GLY E 125 42.97 -11.08 10.94
N PRO E 126 42.35 -10.63 9.84
CA PRO E 126 43.04 -9.78 8.88
C PRO E 126 43.16 -8.34 9.39
N SER E 127 44.31 -7.75 9.14
CA SER E 127 44.53 -6.28 9.19
C SER E 127 44.05 -5.69 7.87
N VAL E 128 43.07 -4.79 7.92
CA VAL E 128 42.48 -4.15 6.71
C VAL E 128 43.01 -2.73 6.59
N PHE E 129 43.62 -2.39 5.46
CA PHE E 129 44.27 -1.08 5.19
C PHE E 129 43.72 -0.53 3.88
N PRO E 130 43.47 0.79 3.76
CA PRO E 130 43.05 1.36 2.49
C PRO E 130 44.18 1.32 1.45
N LEU E 131 43.81 1.18 0.18
CA LEU E 131 44.64 1.50 -1.00
C LEU E 131 44.02 2.74 -1.61
N ALA E 132 44.57 3.90 -1.27
CA ALA E 132 43.94 5.22 -1.51
C ALA E 132 44.14 5.63 -2.96
N PRO E 133 43.10 6.20 -3.61
CA PRO E 133 43.26 6.78 -4.95
C PRO E 133 44.06 8.09 -4.93
N SER E 134 44.60 8.53 -6.07
CA SER E 134 45.57 9.67 -6.13
C SER E 134 45.58 10.20 -7.56
N SER E 135 46.59 10.99 -7.92
CA SER E 135 46.98 11.34 -9.32
C SER E 135 47.69 10.13 -9.96
N LYS E 136 48.33 9.30 -9.13
CA LYS E 136 49.05 8.06 -9.48
C LYS E 136 48.06 6.89 -9.53
N SER E 137 46.78 7.19 -9.28
CA SER E 137 45.63 6.24 -9.26
C SER E 137 44.51 6.69 -10.21
N THR E 138 44.62 7.88 -10.85
CA THR E 138 43.70 8.42 -11.89
C THR E 138 44.44 8.51 -13.24
N SER E 139 43.91 7.85 -14.27
CA SER E 139 44.39 7.85 -15.67
C SER E 139 43.20 8.09 -16.60
N GLY E 140 42.99 9.36 -16.96
CA GLY E 140 42.06 9.79 -18.02
C GLY E 140 40.60 9.55 -17.66
N GLY E 141 40.12 10.14 -16.58
CA GLY E 141 38.70 10.07 -16.18
C GLY E 141 38.37 8.86 -15.31
N THR E 142 39.25 7.86 -15.19
CA THR E 142 39.05 6.61 -14.40
C THR E 142 40.08 6.53 -13.27
N ALA E 143 39.61 6.22 -12.05
CA ALA E 143 40.44 6.07 -10.83
C ALA E 143 40.25 4.68 -10.22
N ALA E 144 41.32 4.10 -9.71
CA ALA E 144 41.36 2.81 -8.99
C ALA E 144 41.60 3.08 -7.51
N LEU E 145 40.92 2.31 -6.66
CA LEU E 145 41.08 2.31 -5.18
C LEU E 145 40.83 0.88 -4.72
N GLY E 146 41.08 0.58 -3.44
CA GLY E 146 40.94 -0.79 -2.93
C GLY E 146 41.20 -0.92 -1.44
N CYS E 147 41.28 -2.16 -0.99
CA CYS E 147 41.52 -2.61 0.39
C CYS E 147 42.66 -3.63 0.36
N LEU E 148 43.61 -3.51 1.28
CA LEU E 148 44.64 -4.55 1.51
C LEU E 148 44.22 -5.35 2.73
N VAL E 149 43.95 -6.64 2.54
CA VAL E 149 43.51 -7.56 3.61
C VAL E 149 44.70 -8.44 3.97
N LYS E 150 45.50 -8.04 4.97
CA LYS E 150 46.87 -8.56 5.20
C LYS E 150 46.95 -9.39 6.48
N ASP E 151 47.71 -10.47 6.44
CA ASP E 151 48.21 -11.25 7.61
C ASP E 151 47.03 -11.88 8.34
N TYR E 152 46.35 -12.84 7.70
CA TYR E 152 45.24 -13.61 8.31
C TYR E 152 45.44 -15.10 8.09
N PHE E 153 44.73 -15.91 8.88
CA PHE E 153 44.76 -17.39 8.79
C PHE E 153 43.60 -17.97 9.60
N PRO E 154 42.92 -19.03 9.11
CA PRO E 154 43.14 -19.59 7.78
C PRO E 154 42.32 -18.85 6.73
N GLU E 155 42.25 -19.40 5.52
CA GLU E 155 41.22 -19.00 4.52
C GLU E 155 39.86 -19.39 5.08
N PRO E 156 38.74 -18.78 4.64
CA PRO E 156 38.74 -17.62 3.75
C PRO E 156 38.30 -16.26 4.31
N VAL E 157 38.47 -15.20 3.54
CA VAL E 157 37.85 -13.87 3.79
C VAL E 157 36.93 -13.56 2.63
N THR E 158 35.89 -12.78 2.89
CA THR E 158 34.94 -12.25 1.88
C THR E 158 35.10 -10.73 1.90
N VAL E 159 35.10 -10.09 0.74
CA VAL E 159 35.17 -8.62 0.62
C VAL E 159 34.03 -8.18 -0.30
N SER E 160 33.22 -7.23 0.14
CA SER E 160 32.23 -6.52 -0.70
C SER E 160 32.52 -5.04 -0.63
N TRP E 161 31.83 -4.22 -1.42
CA TRP E 161 32.03 -2.77 -1.50
C TRP E 161 30.68 -2.07 -1.32
N ASN E 162 30.61 -1.11 -0.38
CA ASN E 162 29.38 -0.37 -0.03
C ASN E 162 28.26 -1.38 0.21
N SER E 163 28.59 -2.47 0.90
CA SER E 163 27.62 -3.48 1.42
C SER E 163 26.91 -4.20 0.28
N GLY E 164 27.58 -4.37 -0.86
CA GLY E 164 27.03 -5.13 -2.01
C GLY E 164 26.50 -4.22 -3.12
N ALA E 165 26.35 -2.91 -2.86
CA ALA E 165 25.87 -1.89 -3.80
C ALA E 165 26.85 -1.72 -4.97
N LEU E 166 28.14 -1.96 -4.75
CA LEU E 166 29.21 -1.85 -5.78
C LEU E 166 29.78 -3.24 -6.06
N THR E 167 29.52 -3.76 -7.27
CA THR E 167 30.01 -5.07 -7.77
C THR E 167 30.71 -4.89 -9.11
N SER E 168 30.24 -3.96 -9.94
CA SER E 168 30.81 -3.66 -11.27
C SER E 168 32.22 -3.06 -11.10
N GLY E 169 33.23 -3.75 -11.65
CA GLY E 169 34.61 -3.22 -11.78
C GLY E 169 35.52 -3.79 -10.70
N VAL E 170 34.99 -4.62 -9.80
CA VAL E 170 35.72 -5.14 -8.61
C VAL E 170 36.59 -6.33 -9.03
N HIS E 171 37.81 -6.39 -8.51
CA HIS E 171 38.70 -7.57 -8.59
C HIS E 171 39.21 -7.88 -7.18
N THR E 172 38.71 -8.93 -6.56
CA THR E 172 39.20 -9.44 -5.25
C THR E 172 40.22 -10.56 -5.55
N PHE E 173 41.51 -10.24 -5.41
CA PHE E 173 42.63 -11.13 -5.78
C PHE E 173 42.60 -12.38 -4.93
N PRO E 174 42.96 -13.54 -5.51
CA PRO E 174 43.21 -14.76 -4.73
C PRO E 174 44.24 -14.50 -3.63
N ALA E 175 43.97 -15.06 -2.46
CA ALA E 175 44.92 -15.11 -1.32
C ALA E 175 46.23 -15.68 -1.83
N VAL E 176 47.34 -15.15 -1.31
CA VAL E 176 48.70 -15.71 -1.48
C VAL E 176 49.32 -15.87 -0.09
N LEU E 177 49.81 -17.08 0.23
CA LEU E 177 50.49 -17.36 1.51
C LEU E 177 51.85 -16.62 1.48
N GLN E 178 52.14 -15.82 2.51
CA GLN E 178 53.44 -15.12 2.71
C GLN E 178 54.35 -16.06 3.48
N SER E 179 55.67 -15.83 3.48
CA SER E 179 56.67 -16.66 4.21
C SER E 179 56.35 -16.68 5.71
N SER E 180 55.65 -15.66 6.23
CA SER E 180 55.20 -15.57 7.65
C SER E 180 54.27 -16.75 8.00
N GLY E 181 53.65 -17.40 7.01
CA GLY E 181 52.66 -18.47 7.22
C GLY E 181 51.24 -17.91 7.36
N LEU E 182 51.03 -16.66 6.92
CA LEU E 182 49.72 -15.95 6.93
C LEU E 182 49.38 -15.52 5.51
N TYR E 183 48.08 -15.53 5.18
CA TYR E 183 47.59 -15.10 3.85
C TYR E 183 47.51 -13.58 3.79
N SER E 184 47.50 -13.05 2.57
CA SER E 184 47.25 -11.64 2.26
C SER E 184 46.65 -11.53 0.84
N LEU E 185 45.73 -10.59 0.63
CA LEU E 185 45.17 -10.26 -0.69
C LEU E 185 44.78 -8.80 -0.70
N SER E 186 44.55 -8.25 -1.88
CA SER E 186 43.93 -6.92 -2.07
C SER E 186 42.62 -7.12 -2.84
N SER E 187 41.63 -6.31 -2.55
CA SER E 187 40.42 -6.12 -3.38
C SER E 187 40.48 -4.71 -3.92
N VAL E 188 40.28 -4.53 -5.22
CA VAL E 188 40.37 -3.19 -5.88
C VAL E 188 39.15 -3.00 -6.78
N VAL E 189 38.92 -1.77 -7.20
CA VAL E 189 37.77 -1.38 -8.04
C VAL E 189 38.12 -0.11 -8.79
N THR E 190 37.68 -0.02 -10.04
CA THR E 190 37.78 1.18 -10.89
C THR E 190 36.42 1.88 -10.90
N VAL E 191 36.43 3.19 -10.83
CA VAL E 191 35.23 4.08 -10.72
C VAL E 191 35.56 5.35 -11.49
N PRO E 192 34.56 6.20 -11.81
CA PRO E 192 34.84 7.51 -12.40
C PRO E 192 35.71 8.37 -11.46
N SER E 193 36.61 9.19 -12.00
CA SER E 193 37.39 10.21 -11.24
C SER E 193 36.42 11.12 -10.48
N SER E 194 35.47 11.72 -11.19
CA SER E 194 34.50 12.74 -10.69
C SER E 194 33.76 12.24 -9.44
N SER E 195 33.57 10.92 -9.32
CA SER E 195 32.82 10.29 -8.22
C SER E 195 33.64 10.22 -6.94
N LEU E 196 34.96 10.42 -6.99
CA LEU E 196 35.85 10.37 -5.80
C LEU E 196 35.39 11.39 -4.77
N GLY E 197 34.92 12.56 -5.22
CA GLY E 197 34.42 13.66 -4.39
C GLY E 197 32.94 13.54 -4.03
N THR E 198 32.15 12.86 -4.85
CA THR E 198 30.67 12.75 -4.71
C THR E 198 30.24 11.55 -3.85
N GLN E 199 31.11 10.55 -3.62
CA GLN E 199 30.64 9.18 -3.21
C GLN E 199 31.55 8.65 -2.10
N THR E 200 31.00 7.85 -1.23
CA THR E 200 31.71 7.06 -0.18
C THR E 200 32.08 5.68 -0.74
N TYR E 201 33.29 5.21 -0.41
CA TYR E 201 33.80 3.86 -0.71
C TYR E 201 34.26 3.13 0.56
N ILE E 202 33.65 1.98 0.86
CA ILE E 202 33.90 1.17 2.08
C ILE E 202 34.04 -0.31 1.68
N CYS E 203 35.12 -0.97 2.10
CA CYS E 203 35.30 -2.45 2.05
C CYS E 203 34.57 -3.10 3.21
N ASN E 204 33.83 -4.15 2.93
CA ASN E 204 33.19 -4.98 3.98
C ASN E 204 33.96 -6.30 4.01
N VAL E 205 34.95 -6.36 4.90
CA VAL E 205 35.78 -7.58 5.12
C VAL E 205 35.14 -8.40 6.23
N ASN E 206 34.90 -9.67 5.98
CA ASN E 206 34.43 -10.66 6.99
C ASN E 206 35.41 -11.83 6.96
N HIS E 207 35.83 -12.29 8.14
CA HIS E 207 36.72 -13.47 8.34
C HIS E 207 36.12 -14.34 9.43
N LYS E 208 35.26 -15.29 9.08
CA LYS E 208 34.46 -16.09 10.05
C LYS E 208 35.39 -16.71 11.10
N PRO E 209 36.56 -17.30 10.74
CA PRO E 209 37.37 -18.02 11.72
C PRO E 209 37.89 -17.20 12.92
N SER E 210 38.11 -15.89 12.79
CA SER E 210 38.63 -14.97 13.85
C SER E 210 37.51 -14.10 14.44
N ASN E 211 36.32 -14.27 13.88
CA ASN E 211 35.08 -13.53 14.24
C ASN E 211 35.36 -12.03 14.01
N THR E 212 35.93 -11.70 12.86
CA THR E 212 36.34 -10.32 12.49
C THR E 212 35.45 -9.81 11.35
N LYS E 213 34.67 -8.77 11.64
CA LYS E 213 33.86 -8.02 10.65
C LYS E 213 34.43 -6.60 10.68
N VAL E 214 34.99 -6.10 9.59
CA VAL E 214 35.58 -4.72 9.53
C VAL E 214 35.05 -4.02 8.30
N ASP E 215 34.53 -2.81 8.46
CA ASP E 215 34.12 -1.91 7.34
C ASP E 215 35.14 -0.79 7.34
N LYS E 216 36.08 -0.78 6.37
CA LYS E 216 37.16 0.25 6.29
C LYS E 216 36.85 1.27 5.19
N ARG E 217 36.83 2.54 5.57
CA ARG E 217 36.63 3.71 4.67
C ARG E 217 37.91 3.87 3.84
N VAL E 218 37.76 4.20 2.56
CA VAL E 218 38.88 4.39 1.60
C VAL E 218 38.71 5.77 0.96
N GLU E 219 39.61 6.71 1.25
CA GLU E 219 39.48 8.11 0.75
C GLU E 219 40.83 8.60 0.26
N PRO E 220 40.84 9.56 -0.70
CA PRO E 220 42.09 10.17 -1.17
C PRO E 220 43.06 10.71 -0.09
N LYS E 221 44.36 10.85 -0.41
CA LYS E 221 45.40 11.18 0.62
C LYS E 221 45.65 12.71 0.64
N SER E 222 46.40 13.21 1.66
CA SER E 222 46.99 14.58 1.77
C SER E 222 47.57 15.04 0.43
N ASP F 1 41.49 -50.78 -9.37
CA ASP F 1 40.64 -49.57 -9.51
C ASP F 1 41.01 -48.87 -10.83
N ILE F 2 40.01 -48.42 -11.58
CA ILE F 2 40.16 -47.69 -12.88
C ILE F 2 40.84 -46.33 -12.65
N VAL F 3 41.67 -45.92 -13.62
CA VAL F 3 42.45 -44.65 -13.60
C VAL F 3 42.10 -43.85 -14.84
N MET F 4 41.71 -42.59 -14.65
CA MET F 4 41.40 -41.66 -15.76
C MET F 4 42.57 -40.71 -15.94
N THR F 5 42.98 -40.47 -17.20
CA THR F 5 44.11 -39.59 -17.57
C THR F 5 43.62 -38.72 -18.73
N GLN F 6 43.50 -37.41 -18.47
CA GLN F 6 43.09 -36.42 -19.47
C GLN F 6 44.34 -35.95 -20.20
N SER F 7 44.16 -35.32 -21.36
CA SER F 7 45.26 -34.74 -22.17
C SER F 7 44.67 -33.69 -23.09
N PRO F 8 45.21 -32.47 -23.19
CA PRO F 8 46.35 -32.03 -22.38
C PRO F 8 45.97 -31.69 -20.94
N ASP F 9 46.97 -31.44 -20.09
CA ASP F 9 46.78 -30.94 -18.69
C ASP F 9 46.23 -29.50 -18.78
N SER F 10 46.55 -28.76 -19.85
CA SER F 10 46.00 -27.40 -20.07
C SER F 10 46.08 -27.03 -21.55
N LEU F 11 45.34 -25.99 -21.94
CA LEU F 11 44.98 -25.76 -23.36
C LEU F 11 44.54 -24.31 -23.51
N SER F 12 45.04 -23.63 -24.53
CA SER F 12 44.76 -22.21 -24.79
C SER F 12 44.28 -22.07 -26.25
N VAL F 13 43.01 -21.71 -26.42
CA VAL F 13 42.32 -21.74 -27.74
C VAL F 13 41.67 -20.37 -27.99
N SER F 14 41.79 -19.85 -29.21
CA SER F 14 41.22 -18.54 -29.60
C SER F 14 39.69 -18.57 -29.59
N LEU F 15 39.07 -17.39 -29.43
CA LEU F 15 37.61 -17.18 -29.51
C LEU F 15 37.12 -17.66 -30.87
N GLY F 16 36.04 -18.45 -30.88
CA GLY F 16 35.33 -18.89 -32.10
C GLY F 16 36.06 -20.03 -32.80
N GLU F 17 36.85 -20.82 -32.07
CA GLU F 17 37.75 -21.86 -32.63
C GLU F 17 37.61 -23.15 -31.81
N ARG F 18 38.02 -24.29 -32.35
CA ARG F 18 37.69 -25.61 -31.74
C ARG F 18 38.66 -25.87 -30.58
N ALA F 19 38.13 -26.38 -29.47
CA ALA F 19 38.92 -26.84 -28.31
C ALA F 19 38.60 -28.31 -28.08
N THR F 20 39.63 -29.15 -28.03
CA THR F 20 39.47 -30.61 -27.92
C THR F 20 40.24 -31.10 -26.70
N ILE F 21 39.57 -31.86 -25.85
CA ILE F 21 40.12 -32.42 -24.59
C ILE F 21 39.87 -33.92 -24.62
N ASN F 22 40.84 -34.72 -24.23
CA ASN F 22 40.83 -36.20 -24.38
C ASN F 22 40.89 -36.82 -22.99
N CYS F 23 40.19 -37.94 -22.84
CA CYS F 23 40.13 -38.74 -21.59
C CYS F 23 40.37 -40.20 -21.98
N LYS F 24 41.14 -40.90 -21.15
CA LYS F 24 41.53 -42.30 -21.36
C LYS F 24 41.36 -43.06 -20.05
N SER F 25 40.67 -44.19 -20.09
CA SER F 25 40.43 -45.07 -18.91
C SER F 25 41.37 -46.28 -18.97
N SER F 26 41.92 -46.67 -17.82
CA SER F 26 42.84 -47.82 -17.68
C SER F 26 42.12 -49.11 -18.13
N GLN F 27 40.82 -49.25 -17.85
CA GLN F 27 39.96 -50.36 -18.35
C GLN F 27 38.82 -49.75 -19.17
N SER F 28 38.10 -50.58 -19.93
CA SER F 28 36.93 -50.13 -20.71
C SER F 28 35.80 -49.79 -19.75
N VAL F 29 34.99 -48.79 -20.10
CA VAL F 29 33.79 -48.33 -19.35
C VAL F 29 32.55 -48.46 -20.24
N LEU F 30 32.66 -49.23 -21.33
CA LEU F 30 31.51 -49.76 -22.11
C LEU F 30 30.96 -50.99 -21.39
N TYR F 31 29.68 -50.96 -21.04
CA TYR F 31 28.92 -52.11 -20.51
C TYR F 31 28.26 -52.81 -21.70
N SER F 32 28.74 -54.02 -22.03
CA SER F 32 28.30 -54.85 -23.17
C SER F 32 26.79 -55.11 -23.06
N SER F 33 26.32 -55.29 -21.81
CA SER F 33 24.93 -55.61 -21.39
C SER F 33 23.91 -54.60 -21.98
N ASN F 34 24.14 -53.30 -21.80
CA ASN F 34 23.22 -52.21 -22.28
C ASN F 34 23.90 -51.31 -23.32
N ASN F 35 25.17 -51.58 -23.66
CA ASN F 35 25.94 -50.84 -24.70
C ASN F 35 25.93 -49.33 -24.41
N LYS F 36 26.22 -48.96 -23.17
CA LYS F 36 26.30 -47.54 -22.71
C LYS F 36 27.70 -47.33 -22.10
N ASN F 37 28.31 -46.18 -22.43
CA ASN F 37 29.61 -45.75 -21.85
C ASN F 37 29.36 -44.98 -20.54
N TYR F 38 29.81 -45.54 -19.41
CA TYR F 38 29.67 -44.99 -18.03
C TYR F 38 30.73 -43.91 -17.82
N LEU F 39 30.53 -42.77 -18.49
CA LEU F 39 31.55 -41.71 -18.68
C LEU F 39 30.82 -40.36 -18.77
N GLY F 40 31.10 -39.45 -17.83
CA GLY F 40 30.56 -38.08 -17.83
C GLY F 40 31.66 -37.04 -17.92
N TRP F 41 31.34 -35.87 -18.48
CA TRP F 41 32.19 -34.65 -18.56
C TRP F 41 31.58 -33.53 -17.70
N TYR F 42 32.37 -32.93 -16.80
CA TYR F 42 31.96 -31.81 -15.91
C TYR F 42 32.78 -30.55 -16.19
N GLN F 43 32.12 -29.39 -16.13
CA GLN F 43 32.69 -28.00 -16.13
C GLN F 43 32.77 -27.52 -14.67
N GLN F 44 33.89 -26.92 -14.26
CA GLN F 44 34.02 -26.29 -12.92
C GLN F 44 34.60 -24.89 -13.15
N LYS F 45 33.74 -23.88 -13.03
CA LYS F 45 34.14 -22.46 -13.05
C LYS F 45 34.73 -22.13 -11.67
N PRO F 46 35.62 -21.12 -11.56
CA PRO F 46 36.33 -20.86 -10.30
C PRO F 46 35.39 -20.61 -9.10
N GLY F 47 35.66 -21.28 -7.97
CA GLY F 47 34.92 -21.14 -6.69
C GLY F 47 33.45 -21.51 -6.82
N GLN F 48 33.15 -22.45 -7.72
CA GLN F 48 31.81 -23.06 -7.87
C GLN F 48 31.97 -24.58 -7.82
N PRO F 49 30.89 -25.34 -7.57
CA PRO F 49 30.94 -26.79 -7.71
C PRO F 49 30.84 -27.19 -9.18
N PRO F 50 31.19 -28.43 -9.54
CA PRO F 50 31.10 -28.87 -10.94
C PRO F 50 29.66 -28.99 -11.49
N LYS F 51 29.47 -28.66 -12.76
CA LYS F 51 28.21 -28.76 -13.54
C LYS F 51 28.37 -29.89 -14.56
N LEU F 52 27.40 -30.80 -14.68
CA LEU F 52 27.41 -31.90 -15.69
C LEU F 52 27.16 -31.32 -17.08
N LEU F 53 28.07 -31.60 -18.02
CA LEU F 53 27.98 -31.13 -19.43
C LEU F 53 27.44 -32.25 -20.32
N ILE F 54 27.92 -33.48 -20.12
CA ILE F 54 27.74 -34.61 -21.07
C ILE F 54 27.83 -35.94 -20.30
N TYR F 55 26.87 -36.84 -20.54
CA TYR F 55 26.73 -38.17 -19.86
C TYR F 55 26.55 -39.25 -20.94
N TRP F 56 26.81 -40.51 -20.57
CA TRP F 56 26.88 -41.66 -21.52
C TRP F 56 27.83 -41.29 -22.68
N ALA F 57 28.92 -40.61 -22.36
CA ALA F 57 30.02 -40.24 -23.27
C ALA F 57 29.61 -39.21 -24.34
N SER F 58 28.35 -39.20 -24.81
CA SER F 58 27.96 -38.37 -25.98
C SER F 58 26.62 -37.63 -25.83
N THR F 59 25.83 -37.90 -24.77
CA THR F 59 24.53 -37.23 -24.53
C THR F 59 24.75 -35.91 -23.79
N ARG F 60 24.37 -34.80 -24.42
CA ARG F 60 24.46 -33.44 -23.86
C ARG F 60 23.32 -33.20 -22.85
N GLU F 61 23.63 -32.67 -21.65
CA GLU F 61 22.63 -32.20 -20.65
C GLU F 61 21.82 -31.04 -21.20
N SER F 62 20.57 -30.89 -20.75
CA SER F 62 19.68 -29.76 -21.12
C SER F 62 20.25 -28.49 -20.50
N GLY F 63 20.16 -27.38 -21.23
CA GLY F 63 20.75 -26.09 -20.83
C GLY F 63 22.11 -25.89 -21.44
N VAL F 64 22.91 -26.97 -21.53
CA VAL F 64 24.29 -26.96 -22.11
C VAL F 64 24.19 -26.60 -23.59
N PRO F 65 24.86 -25.53 -24.07
CA PRO F 65 24.72 -25.09 -25.48
C PRO F 65 25.21 -26.11 -26.52
N ASP F 66 24.83 -25.89 -27.80
CA ASP F 66 25.04 -26.86 -28.91
C ASP F 66 26.53 -27.19 -29.06
N ARG F 67 27.40 -26.20 -28.90
CA ARG F 67 28.85 -26.26 -29.26
C ARG F 67 29.60 -27.33 -28.43
N PHE F 68 29.10 -27.68 -27.25
CA PHE F 68 29.64 -28.79 -26.42
C PHE F 68 29.12 -30.12 -27.00
N SER F 69 30.02 -31.07 -27.25
CA SER F 69 29.72 -32.44 -27.74
C SER F 69 30.74 -33.40 -27.15
N GLY F 70 30.30 -34.61 -26.86
CA GLY F 70 31.15 -35.72 -26.40
C GLY F 70 31.22 -36.77 -27.48
N SER F 71 32.27 -37.58 -27.47
CA SER F 71 32.43 -38.72 -28.42
C SER F 71 33.38 -39.74 -27.81
N GLY F 72 33.59 -40.84 -28.54
CA GLY F 72 34.45 -41.95 -28.10
C GLY F 72 33.65 -43.09 -27.53
N SER F 73 34.34 -44.15 -27.11
CA SER F 73 33.77 -45.42 -26.61
C SER F 73 34.87 -46.23 -25.91
N GLY F 74 34.50 -47.09 -24.98
CA GLY F 74 35.42 -48.08 -24.40
C GLY F 74 36.45 -47.46 -23.49
N THR F 75 37.55 -46.90 -24.05
CA THR F 75 38.68 -46.36 -23.25
C THR F 75 39.14 -44.97 -23.72
N ASP F 76 38.66 -44.45 -24.85
CA ASP F 76 39.18 -43.17 -25.42
C ASP F 76 38.01 -42.26 -25.75
N PHE F 77 37.89 -41.14 -25.04
CA PHE F 77 36.76 -40.19 -25.12
C PHE F 77 37.28 -38.79 -25.41
N THR F 78 36.40 -37.94 -25.90
CA THR F 78 36.73 -36.60 -26.41
C THR F 78 35.56 -35.64 -26.16
N LEU F 79 35.80 -34.65 -25.29
CA LEU F 79 34.97 -33.44 -25.14
C LEU F 79 35.43 -32.41 -26.18
N THR F 80 34.51 -31.85 -26.96
CA THR F 80 34.81 -30.88 -28.02
C THR F 80 33.94 -29.65 -27.81
N ILE F 81 34.52 -28.46 -27.95
CA ILE F 81 33.78 -27.17 -27.92
C ILE F 81 34.04 -26.52 -29.27
N SER F 82 33.02 -26.50 -30.13
CA SER F 82 33.18 -26.26 -31.59
C SER F 82 33.56 -24.81 -31.87
N SER F 83 32.99 -23.85 -31.14
CA SER F 83 33.21 -22.40 -31.37
C SER F 83 33.31 -21.68 -30.02
N LEU F 84 34.51 -21.70 -29.45
CA LEU F 84 34.79 -21.35 -28.03
C LEU F 84 34.37 -19.90 -27.75
N GLN F 85 33.60 -19.72 -26.67
CA GLN F 85 33.10 -18.40 -26.22
C GLN F 85 33.83 -18.00 -24.94
N ALA F 86 33.85 -16.69 -24.66
CA ALA F 86 34.53 -16.08 -23.50
C ALA F 86 34.22 -16.83 -22.20
N GLU F 87 32.96 -17.26 -22.04
CA GLU F 87 32.41 -17.80 -20.78
C GLU F 87 32.78 -19.27 -20.59
N ASP F 88 33.46 -19.89 -21.55
CA ASP F 88 33.78 -21.34 -21.51
C ASP F 88 35.06 -21.58 -20.69
N VAL F 89 35.76 -20.51 -20.32
CA VAL F 89 36.96 -20.60 -19.43
C VAL F 89 36.55 -21.33 -18.15
N ALA F 90 37.20 -22.46 -17.88
CA ALA F 90 36.92 -23.34 -16.72
C ALA F 90 37.95 -24.48 -16.69
N VAL F 91 37.82 -25.37 -15.72
CA VAL F 91 38.58 -26.65 -15.66
C VAL F 91 37.57 -27.74 -16.02
N TYR F 92 37.88 -28.57 -17.01
CA TYR F 92 37.01 -29.69 -17.46
C TYR F 92 37.57 -30.99 -16.91
N TYR F 93 36.68 -31.81 -16.35
CA TYR F 93 36.97 -33.14 -15.76
C TYR F 93 36.13 -34.18 -16.49
N CYS F 94 36.71 -35.35 -16.77
CA CYS F 94 35.97 -36.57 -17.15
C CYS F 94 35.84 -37.39 -15.86
N GLN F 95 34.77 -38.18 -15.77
CA GLN F 95 34.52 -39.06 -14.59
C GLN F 95 33.90 -40.35 -15.12
N GLN F 96 34.41 -41.49 -14.67
CA GLN F 96 33.90 -42.83 -15.04
C GLN F 96 33.01 -43.31 -13.90
N TYR F 97 31.90 -43.96 -14.22
CA TYR F 97 30.94 -44.55 -13.26
C TYR F 97 30.80 -46.06 -13.49
N TYR F 98 31.69 -46.69 -14.24
CA TYR F 98 31.68 -48.16 -14.46
C TYR F 98 31.96 -48.86 -13.13
N THR F 99 32.85 -48.29 -12.32
CA THR F 99 33.15 -48.79 -10.96
C THR F 99 32.74 -47.72 -9.95
N THR F 100 32.81 -48.04 -8.66
CA THR F 100 32.72 -47.08 -7.54
C THR F 100 33.76 -47.51 -6.50
N PRO F 101 34.70 -46.67 -6.04
CA PRO F 101 34.74 -45.22 -6.34
C PRO F 101 34.73 -44.82 -7.82
N SER F 102 33.86 -43.86 -8.17
CA SER F 102 33.62 -43.34 -9.54
C SER F 102 34.64 -42.27 -9.88
N THR F 103 35.87 -42.70 -10.16
CA THR F 103 37.11 -41.87 -10.17
C THR F 103 37.09 -40.83 -11.29
N PHE F 104 37.86 -39.75 -11.10
CA PHE F 104 37.91 -38.53 -11.95
C PHE F 104 39.23 -38.45 -12.72
N GLY F 105 39.21 -37.79 -13.88
CA GLY F 105 40.43 -37.26 -14.51
C GLY F 105 41.09 -36.21 -13.64
N GLN F 106 42.38 -35.95 -13.87
CA GLN F 106 43.19 -34.99 -13.09
C GLN F 106 42.72 -33.57 -13.42
N GLY F 107 42.05 -33.37 -14.56
CA GLY F 107 41.45 -32.09 -14.97
C GLY F 107 42.22 -31.42 -16.08
N THR F 108 41.59 -30.50 -16.81
CA THR F 108 42.17 -29.78 -17.97
C THR F 108 41.80 -28.30 -17.88
N ARG F 109 42.76 -27.41 -17.63
CA ARG F 109 42.52 -25.94 -17.57
C ARG F 109 42.33 -25.46 -19.01
N LEU F 110 41.18 -24.87 -19.33
CA LEU F 110 40.97 -24.22 -20.64
C LEU F 110 41.07 -22.71 -20.47
N GLU F 111 41.99 -22.06 -21.19
CA GLU F 111 42.16 -20.58 -21.23
C GLU F 111 41.67 -20.10 -22.60
N ILE F 112 41.09 -18.91 -22.67
CA ILE F 112 40.68 -18.24 -23.93
C ILE F 112 41.85 -17.38 -24.42
N LYS F 113 42.27 -17.57 -25.66
CA LYS F 113 43.25 -16.69 -26.36
C LYS F 113 42.46 -15.55 -27.01
N ARG F 114 42.89 -14.31 -26.83
CA ARG F 114 42.24 -13.11 -27.42
C ARG F 114 43.32 -12.14 -27.90
N THR F 115 42.94 -11.14 -28.71
CA THR F 115 43.86 -10.06 -29.15
C THR F 115 44.51 -9.48 -27.90
N ALA F 116 45.82 -9.28 -27.92
CA ALA F 116 46.59 -8.70 -26.81
C ALA F 116 45.92 -7.39 -26.37
N ALA F 117 45.80 -7.17 -25.05
CA ALA F 117 45.32 -5.92 -24.43
C ALA F 117 46.33 -5.50 -23.36
N ALA F 118 46.74 -4.23 -23.40
CA ALA F 118 47.75 -3.64 -22.49
C ALA F 118 47.12 -3.39 -21.13
N PRO F 119 47.85 -3.61 -20.01
CA PRO F 119 47.32 -3.33 -18.68
C PRO F 119 47.25 -1.82 -18.41
N SER F 120 46.18 -1.35 -17.78
CA SER F 120 46.13 -0.08 -17.01
C SER F 120 46.95 -0.31 -15.73
N VAL F 121 47.95 0.53 -15.49
CA VAL F 121 48.81 0.40 -14.28
C VAL F 121 48.45 1.53 -13.29
N PHE F 122 48.30 1.16 -12.02
CA PHE F 122 47.99 2.05 -10.88
C PHE F 122 48.94 1.67 -9.74
N ILE F 123 49.45 2.66 -9.02
CA ILE F 123 50.32 2.39 -7.83
C ILE F 123 49.64 2.99 -6.61
N PHE F 124 49.84 2.35 -5.46
CA PHE F 124 49.19 2.69 -4.18
C PHE F 124 50.26 2.74 -3.08
N PRO F 125 50.47 3.92 -2.46
CA PRO F 125 51.38 4.04 -1.33
C PRO F 125 50.77 3.36 -0.12
N PRO F 126 51.55 3.05 0.94
CA PRO F 126 51.02 2.47 2.16
C PRO F 126 50.06 3.46 2.83
N SER F 127 49.07 2.95 3.55
CA SER F 127 48.12 3.75 4.36
C SER F 127 48.87 4.31 5.58
N ASP F 128 48.50 5.52 6.00
CA ASP F 128 49.02 6.13 7.25
C ASP F 128 48.78 5.12 8.40
N GLU F 129 47.59 4.51 8.42
CA GLU F 129 47.18 3.51 9.44
C GLU F 129 48.19 2.35 9.48
N GLN F 130 48.67 1.86 8.32
CA GLN F 130 49.53 0.65 8.30
C GLN F 130 50.90 0.98 8.90
N LEU F 131 51.45 2.16 8.59
CA LEU F 131 52.81 2.57 9.01
C LEU F 131 52.93 2.48 10.53
N LYS F 132 51.90 2.93 11.26
CA LYS F 132 51.82 2.88 12.74
C LYS F 132 52.11 1.45 13.25
N SER F 133 51.88 0.41 12.45
CA SER F 133 52.05 -1.02 12.87
C SER F 133 53.52 -1.45 12.74
N GLY F 134 54.30 -0.80 11.87
CA GLY F 134 55.75 -1.00 11.74
C GLY F 134 56.19 -1.72 10.46
N THR F 135 55.28 -2.00 9.52
CA THR F 135 55.64 -2.45 8.14
C THR F 135 54.88 -1.58 7.13
N ALA F 136 55.35 -1.55 5.88
CA ALA F 136 54.79 -0.74 4.77
C ALA F 136 54.57 -1.65 3.55
N SER F 137 53.39 -1.55 2.96
CA SER F 137 52.97 -2.36 1.80
C SER F 137 52.67 -1.38 0.67
N VAL F 138 53.46 -1.49 -0.41
CA VAL F 138 53.24 -0.72 -1.67
C VAL F 138 52.62 -1.70 -2.65
N VAL F 139 51.55 -1.28 -3.33
CA VAL F 139 50.76 -2.18 -4.20
C VAL F 139 50.74 -1.57 -5.60
N CYS F 140 51.12 -2.39 -6.58
CA CYS F 140 51.00 -2.08 -8.01
C CYS F 140 49.89 -2.97 -8.60
N LEU F 141 48.97 -2.36 -9.34
CA LEU F 141 47.83 -3.02 -9.99
C LEU F 141 47.98 -2.92 -11.51
N LEU F 142 48.06 -4.07 -12.18
CA LEU F 142 47.91 -4.22 -13.65
C LEU F 142 46.49 -4.71 -13.89
N ASN F 143 45.68 -3.94 -14.61
CA ASN F 143 44.22 -4.14 -14.69
C ASN F 143 43.79 -4.46 -16.13
N ASN F 144 43.17 -5.63 -16.31
CA ASN F 144 42.44 -6.03 -17.55
C ASN F 144 43.41 -6.08 -18.74
N PHE F 145 44.28 -7.08 -18.75
CA PHE F 145 45.30 -7.31 -19.80
C PHE F 145 45.30 -8.76 -20.25
N TYR F 146 45.68 -8.97 -21.53
CA TYR F 146 45.99 -10.32 -22.12
C TYR F 146 47.25 -10.19 -22.96
N PRO F 147 48.18 -11.18 -22.96
CA PRO F 147 48.08 -12.39 -22.15
C PRO F 147 48.60 -12.26 -20.71
N ARG F 148 48.59 -13.37 -19.97
CA ARG F 148 48.84 -13.50 -18.52
C ARG F 148 50.27 -13.08 -18.18
N GLU F 149 51.22 -13.30 -19.10
CA GLU F 149 52.68 -13.07 -18.85
C GLU F 149 52.88 -11.56 -18.77
N ALA F 150 53.50 -11.11 -17.66
CA ALA F 150 53.88 -9.70 -17.43
C ALA F 150 55.02 -9.65 -16.41
N LYS F 151 56.00 -8.77 -16.67
CA LYS F 151 57.14 -8.51 -15.76
C LYS F 151 56.81 -7.24 -14.97
N VAL F 152 56.90 -7.33 -13.64
CA VAL F 152 56.73 -6.17 -12.71
C VAL F 152 58.05 -5.97 -11.96
N GLN F 153 58.70 -4.83 -12.21
CA GLN F 153 59.96 -4.38 -11.53
C GLN F 153 59.63 -3.33 -10.47
N TRP F 154 60.06 -3.58 -9.22
CA TRP F 154 60.02 -2.59 -8.12
C TRP F 154 61.35 -1.81 -8.05
N LYS F 155 61.25 -0.48 -8.16
CA LYS F 155 62.37 0.49 -8.06
C LYS F 155 62.16 1.42 -6.84
N VAL F 156 63.03 1.30 -5.85
CA VAL F 156 63.14 2.19 -4.65
C VAL F 156 64.34 3.12 -4.84
N ASP F 157 64.10 4.36 -5.31
CA ASP F 157 65.14 5.36 -5.67
C ASP F 157 66.04 4.76 -6.77
N ASN F 158 65.44 4.22 -7.82
CA ASN F 158 66.10 3.66 -9.03
C ASN F 158 66.95 2.41 -8.71
N ALA F 159 66.94 1.92 -7.46
CA ALA F 159 67.51 0.61 -7.08
C ALA F 159 66.44 -0.49 -7.29
N LEU F 160 66.77 -1.49 -8.11
CA LEU F 160 65.83 -2.58 -8.48
C LEU F 160 65.75 -3.59 -7.33
N GLN F 161 64.53 -3.91 -6.88
CA GLN F 161 64.28 -4.75 -5.69
C GLN F 161 64.21 -6.21 -6.08
N SER F 162 64.30 -7.13 -5.12
CA SER F 162 64.24 -8.59 -5.37
C SER F 162 64.04 -9.35 -4.06
N GLY F 163 63.06 -10.27 -4.01
CA GLY F 163 62.83 -11.23 -2.90
C GLY F 163 61.99 -10.62 -1.80
N ASN F 164 61.36 -9.47 -2.04
CA ASN F 164 60.61 -8.66 -1.05
C ASN F 164 59.24 -8.27 -1.64
N SER F 165 58.78 -8.97 -2.70
CA SER F 165 57.47 -8.70 -3.35
C SER F 165 56.78 -10.03 -3.68
N GLN F 166 55.44 -10.01 -3.80
CA GLN F 166 54.59 -11.18 -4.15
C GLN F 166 53.54 -10.75 -5.18
N GLU F 167 53.27 -11.62 -6.15
CA GLU F 167 52.26 -11.37 -7.22
C GLU F 167 51.04 -12.25 -6.92
N SER F 168 49.85 -11.77 -7.29
CA SER F 168 48.59 -12.55 -7.34
C SER F 168 47.90 -12.23 -8.65
N VAL F 169 47.29 -13.23 -9.28
CA VAL F 169 46.60 -13.05 -10.59
C VAL F 169 45.16 -13.54 -10.45
N THR F 170 44.22 -12.77 -11.00
CA THR F 170 42.79 -13.17 -11.04
C THR F 170 42.65 -14.38 -11.96
N GLU F 171 41.64 -15.21 -11.72
CA GLU F 171 41.08 -16.13 -12.72
C GLU F 171 40.67 -15.29 -13.92
N GLN F 172 40.88 -15.79 -15.13
CA GLN F 172 40.54 -15.07 -16.40
C GLN F 172 39.05 -14.67 -16.36
N ASP F 173 38.73 -13.45 -16.80
CA ASP F 173 37.34 -12.94 -16.83
C ASP F 173 36.51 -13.73 -17.85
N SER F 174 35.28 -14.08 -17.49
CA SER F 174 34.32 -14.83 -18.33
C SER F 174 33.62 -13.91 -19.36
N LYS F 175 33.92 -12.62 -19.40
CA LYS F 175 33.28 -11.68 -20.37
C LYS F 175 34.33 -11.12 -21.33
N ASP F 176 35.37 -10.46 -20.84
CA ASP F 176 36.41 -9.80 -21.69
C ASP F 176 37.66 -10.69 -21.77
N SER F 177 37.68 -11.85 -21.10
CA SER F 177 38.74 -12.87 -21.26
C SER F 177 40.14 -12.32 -20.90
N THR F 178 40.19 -11.27 -20.06
CA THR F 178 41.44 -10.63 -19.57
C THR F 178 41.78 -11.07 -18.13
N TYR F 179 43.01 -10.79 -17.72
CA TYR F 179 43.51 -11.00 -16.34
C TYR F 179 43.77 -9.64 -15.68
N SER F 180 43.85 -9.63 -14.34
CA SER F 180 44.41 -8.53 -13.55
C SER F 180 45.45 -9.11 -12.58
N LEU F 181 46.49 -8.33 -12.30
CA LEU F 181 47.63 -8.75 -11.44
C LEU F 181 47.89 -7.67 -10.39
N SER F 182 48.27 -8.11 -9.18
CA SER F 182 48.72 -7.25 -8.05
C SER F 182 50.14 -7.64 -7.63
N SER F 183 51.08 -6.70 -7.72
CA SER F 183 52.42 -6.84 -7.08
C SER F 183 52.43 -6.07 -5.77
N THR F 184 52.92 -6.71 -4.70
CA THR F 184 52.89 -6.18 -3.32
C THR F 184 54.32 -6.19 -2.75
N LEU F 185 54.93 -5.00 -2.70
CA LEU F 185 56.27 -4.74 -2.12
C LEU F 185 56.12 -4.52 -0.61
N THR F 186 56.84 -5.31 0.18
CA THR F 186 56.77 -5.34 1.68
C THR F 186 58.14 -5.01 2.26
N LEU F 187 58.25 -3.89 2.98
CA LEU F 187 59.49 -3.47 3.72
C LEU F 187 59.10 -2.95 5.10
N SER F 188 60.07 -2.73 5.99
CA SER F 188 59.87 -2.15 7.34
C SER F 188 59.58 -0.64 7.22
N LYS F 189 59.01 -0.03 8.28
CA LYS F 189 58.70 1.42 8.37
C LYS F 189 60.02 2.17 8.17
N ALA F 190 61.05 1.75 8.91
CA ALA F 190 62.44 2.26 8.84
C ALA F 190 62.84 2.44 7.37
N ASP F 191 62.96 1.32 6.64
CA ASP F 191 63.44 1.27 5.23
C ASP F 191 62.50 2.12 4.36
N TYR F 192 61.19 2.10 4.60
CA TYR F 192 60.21 2.85 3.76
C TYR F 192 60.50 4.35 3.88
N GLU F 193 60.86 4.82 5.08
CA GLU F 193 61.02 6.27 5.37
C GLU F 193 62.41 6.77 4.95
N LYS F 194 63.44 5.89 4.87
CA LYS F 194 64.79 6.23 4.32
C LYS F 194 64.69 6.77 2.89
N HIS F 195 63.90 6.13 2.01
CA HIS F 195 63.93 6.35 0.54
C HIS F 195 62.72 7.21 0.11
N LYS F 196 62.74 7.81 -1.09
CA LYS F 196 61.79 8.89 -1.51
C LYS F 196 60.90 8.45 -2.67
N VAL F 197 61.50 7.90 -3.75
CA VAL F 197 60.81 7.57 -5.03
C VAL F 197 60.51 6.07 -5.08
N TYR F 198 59.21 5.73 -5.12
CA TYR F 198 58.67 4.35 -5.22
C TYR F 198 57.99 4.21 -6.58
N ALA F 199 58.51 3.29 -7.38
CA ALA F 199 58.16 3.11 -8.81
C ALA F 199 57.95 1.62 -9.11
N CYS F 200 56.91 1.35 -9.90
CA CYS F 200 56.56 0.02 -10.42
C CYS F 200 56.63 0.11 -11.95
N GLU F 201 57.53 -0.68 -12.55
CA GLU F 201 57.81 -0.72 -14.01
C GLU F 201 57.23 -2.03 -14.58
N VAL F 202 56.37 -1.90 -15.59
CA VAL F 202 55.55 -3.01 -16.15
C VAL F 202 55.99 -3.27 -17.59
N THR F 203 56.55 -4.46 -17.85
CA THR F 203 56.85 -4.94 -19.22
C THR F 203 55.77 -5.94 -19.63
N HIS F 204 55.07 -5.66 -20.73
CA HIS F 204 53.98 -6.52 -21.26
C HIS F 204 53.90 -6.39 -22.78
N GLN F 205 53.56 -7.50 -23.43
CA GLN F 205 53.48 -7.67 -24.90
C GLN F 205 52.60 -6.59 -25.56
N GLY F 206 51.59 -6.07 -24.87
CA GLY F 206 50.62 -5.10 -25.43
C GLY F 206 51.09 -3.66 -25.34
N LEU F 207 52.29 -3.45 -24.76
CA LEU F 207 52.93 -2.11 -24.57
C LEU F 207 54.18 -2.03 -25.45
N SER F 208 54.27 -0.97 -26.27
CA SER F 208 55.43 -0.71 -27.19
C SER F 208 56.74 -0.65 -26.40
N SER F 209 56.72 -0.17 -25.15
CA SER F 209 57.90 -0.16 -24.23
C SER F 209 57.43 -0.08 -22.78
N PRO F 210 58.24 -0.57 -21.81
CA PRO F 210 57.84 -0.61 -20.40
C PRO F 210 57.18 0.69 -19.90
N VAL F 211 56.02 0.58 -19.22
CA VAL F 211 55.32 1.73 -18.57
C VAL F 211 55.70 1.74 -17.09
N THR F 212 55.95 2.94 -16.55
CA THR F 212 56.30 3.17 -15.12
C THR F 212 55.24 4.10 -14.48
N LYS F 213 54.70 3.67 -13.34
CA LYS F 213 53.95 4.54 -12.40
C LYS F 213 54.76 4.61 -11.10
N SER F 214 54.82 5.79 -10.50
CA SER F 214 55.63 6.07 -9.28
C SER F 214 55.01 7.23 -8.48
N PHE F 215 55.41 7.32 -7.22
CA PHE F 215 55.05 8.44 -6.30
C PHE F 215 56.31 8.79 -5.49
N ASN F 216 56.34 10.01 -4.97
CA ASN F 216 57.31 10.48 -3.93
C ASN F 216 56.62 10.42 -2.57
N ARG F 217 57.25 9.79 -1.57
CA ARG F 217 56.71 9.55 -0.20
C ARG F 217 56.05 10.82 0.37
N GLY F 218 54.72 10.79 0.55
CA GLY F 218 53.89 11.91 1.04
C GLY F 218 53.60 12.95 -0.04
N GLU F 219 53.10 12.52 -1.20
CA GLU F 219 52.79 13.38 -2.39
C GLU F 219 54.00 14.29 -2.71
N VAL G 2 13.30 24.08 -16.09
CA VAL G 2 13.50 23.68 -14.62
C VAL G 2 12.27 24.02 -13.79
N GLN G 3 11.64 23.03 -13.16
CA GLN G 3 10.32 23.16 -12.47
C GLN G 3 10.38 22.40 -11.14
N VAL G 4 9.90 23.01 -10.06
CA VAL G 4 9.96 22.43 -8.69
C VAL G 4 8.55 22.40 -8.08
N VAL G 5 8.27 21.37 -7.30
CA VAL G 5 7.01 21.22 -6.52
C VAL G 5 7.35 20.90 -5.07
N GLU G 6 7.04 21.84 -4.19
CA GLU G 6 7.26 21.74 -2.72
C GLU G 6 5.94 21.37 -2.05
N SER G 7 5.97 20.49 -1.05
CA SER G 7 4.76 20.10 -0.30
C SER G 7 5.15 19.54 1.07
N GLY G 8 4.15 19.31 1.91
CA GLY G 8 4.29 19.19 3.38
C GLY G 8 4.23 20.59 3.98
N GLY G 9 4.44 20.69 5.29
CA GLY G 9 4.52 22.01 5.94
C GLY G 9 3.18 22.44 6.49
N GLY G 10 3.15 23.54 7.22
CA GLY G 10 1.95 24.08 7.90
C GLY G 10 2.02 23.83 9.40
N LEU G 11 0.86 23.81 10.06
CA LEU G 11 0.76 23.73 11.54
C LEU G 11 0.86 22.27 11.96
N VAL G 12 1.63 22.01 13.02
CA VAL G 12 1.74 20.67 13.67
C VAL G 12 2.06 20.93 15.14
N GLN G 13 1.54 20.10 16.05
CA GLN G 13 1.69 20.34 17.51
C GLN G 13 2.95 19.63 17.99
N PRO G 14 3.60 20.11 19.08
CA PRO G 14 4.82 19.49 19.57
C PRO G 14 4.66 17.97 19.75
N GLY G 15 5.70 17.20 19.42
CA GLY G 15 5.71 15.73 19.55
C GLY G 15 5.23 15.03 18.29
N ARG G 16 4.29 15.62 17.55
CA ARG G 16 3.76 15.04 16.28
C ARG G 16 4.85 15.13 15.21
N SER G 17 4.56 14.64 14.00
CA SER G 17 5.54 14.55 12.88
C SER G 17 4.94 15.06 11.57
N LEU G 18 5.80 15.23 10.57
CA LEU G 18 5.55 15.97 9.31
C LEU G 18 6.58 15.49 8.29
N ARG G 19 6.24 15.50 7.00
CA ARG G 19 7.13 15.03 5.90
C ARG G 19 7.17 16.13 4.85
N LEU G 20 8.33 16.77 4.67
CA LEU G 20 8.56 17.78 3.62
C LEU G 20 9.04 17.05 2.37
N SER G 21 8.89 17.68 1.20
CA SER G 21 9.44 17.15 -0.08
C SER G 21 9.56 18.28 -1.09
N CYS G 22 10.67 18.33 -1.79
CA CYS G 22 10.83 19.01 -3.09
C CYS G 22 11.03 17.95 -4.16
N ALA G 23 10.35 18.12 -5.29
CA ALA G 23 10.51 17.31 -6.52
C ALA G 23 10.80 18.27 -7.67
N ALA G 24 11.66 17.86 -8.59
CA ALA G 24 12.12 18.76 -9.68
C ALA G 24 12.39 17.99 -10.96
N SER G 25 12.11 18.64 -12.07
CA SER G 25 12.47 18.20 -13.43
C SER G 25 13.24 19.34 -14.10
N GLY G 26 14.20 19.02 -14.97
CA GLY G 26 14.92 20.02 -15.76
C GLY G 26 16.39 20.15 -15.37
N PHE G 27 16.78 19.44 -14.30
CA PHE G 27 18.19 19.21 -13.91
C PHE G 27 18.38 17.74 -13.58
N THR G 28 19.61 17.26 -13.73
CA THR G 28 19.94 15.82 -13.60
C THR G 28 20.00 15.54 -12.10
N PHE G 29 18.93 14.96 -11.57
CA PHE G 29 18.68 14.88 -10.11
C PHE G 29 19.82 14.14 -9.40
N ASP G 30 20.48 13.18 -10.05
CA ASP G 30 21.49 12.33 -9.37
C ASP G 30 22.91 12.86 -9.62
N ASP G 31 23.05 14.09 -10.13
CA ASP G 31 24.37 14.76 -10.29
C ASP G 31 24.72 15.55 -9.02
N TYR G 32 23.84 15.56 -8.01
CA TYR G 32 23.90 16.51 -6.89
C TYR G 32 23.74 15.83 -5.54
N ALA G 33 24.54 16.27 -4.57
CA ALA G 33 24.26 16.07 -3.13
C ALA G 33 23.16 17.05 -2.76
N MET G 34 22.18 16.56 -2.02
CA MET G 34 20.96 17.30 -1.64
C MET G 34 21.09 17.66 -0.16
N TYR G 35 20.63 18.86 0.19
CA TYR G 35 20.69 19.37 1.58
C TYR G 35 19.35 20.03 1.92
N TRP G 36 19.02 20.02 3.21
CA TRP G 36 17.99 20.89 3.85
C TRP G 36 18.66 21.96 4.71
N VAL G 37 18.37 23.23 4.42
CA VAL G 37 18.71 24.41 5.25
C VAL G 37 17.41 24.95 5.85
N ARG G 38 17.39 25.35 7.12
CA ARG G 38 16.20 26.00 7.74
C ARG G 38 16.55 27.39 8.27
N GLN G 39 15.51 28.21 8.42
CA GLN G 39 15.60 29.62 8.87
C GLN G 39 14.40 29.89 9.76
N ALA G 40 14.57 29.95 11.09
CA ALA G 40 13.51 30.33 12.05
C ALA G 40 13.11 31.75 11.75
N PRO G 41 11.80 32.13 11.81
CA PRO G 41 11.37 33.38 11.20
C PRO G 41 12.10 34.55 11.87
N GLY G 42 12.59 35.50 11.05
CA GLY G 42 13.36 36.69 11.49
C GLY G 42 14.84 36.39 11.76
N LYS G 43 15.19 35.16 12.10
CA LYS G 43 16.57 34.72 12.47
C LYS G 43 17.32 34.22 11.21
N GLY G 44 18.50 33.60 11.37
CA GLY G 44 19.43 33.34 10.26
C GLY G 44 19.43 31.87 9.83
N LEU G 45 20.30 31.52 8.88
CA LEU G 45 20.35 30.21 8.18
C LEU G 45 21.01 29.16 9.07
N GLU G 46 20.53 27.92 9.02
CA GLU G 46 21.07 26.76 9.78
C GLU G 46 21.10 25.53 8.87
N TRP G 47 22.29 25.00 8.60
CA TRP G 47 22.52 23.69 7.95
C TRP G 47 21.88 22.61 8.84
N VAL G 48 20.97 21.82 8.27
CA VAL G 48 20.10 20.85 8.99
C VAL G 48 20.56 19.43 8.66
N SER G 49 20.69 19.12 7.36
CA SER G 49 20.86 17.73 6.88
C SER G 49 21.42 17.72 5.45
N GLY G 50 22.09 16.62 5.09
CA GLY G 50 22.77 16.45 3.79
C GLY G 50 22.81 14.99 3.40
N ILE G 51 22.85 14.71 2.09
CA ILE G 51 22.79 13.32 1.55
C ILE G 51 23.48 13.28 0.17
N SER G 52 24.36 12.29 -0.02
CA SER G 52 25.15 12.07 -1.25
C SER G 52 24.21 11.59 -2.35
N TRP G 53 24.63 11.72 -3.61
CA TRP G 53 23.77 11.43 -4.79
C TRP G 53 23.08 10.06 -4.64
N ASN G 54 23.77 9.04 -4.13
CA ASN G 54 23.25 7.65 -4.10
C ASN G 54 22.83 7.25 -2.68
N SER G 55 22.56 8.22 -1.79
CA SER G 55 22.16 8.00 -0.37
C SER G 55 23.24 7.24 0.40
N GLY G 56 24.50 7.32 -0.08
CA GLY G 56 25.66 6.59 0.46
C GLY G 56 26.08 7.13 1.82
N SER G 57 26.22 8.45 1.95
CA SER G 57 26.55 9.11 3.24
C SER G 57 25.49 10.16 3.57
N ILE G 58 25.07 10.18 4.84
CA ILE G 58 23.99 11.03 5.41
C ILE G 58 24.58 11.74 6.65
N VAL G 59 24.45 13.07 6.71
CA VAL G 59 24.96 13.87 7.86
C VAL G 59 23.82 14.74 8.39
N TYR G 60 23.60 14.73 9.72
CA TYR G 60 22.66 15.64 10.42
C TYR G 60 23.42 16.59 11.34
N ALA G 61 23.00 17.85 11.43
CA ALA G 61 23.40 18.80 12.51
C ALA G 61 22.90 18.24 13.85
N ASP G 62 23.63 18.54 14.93
CA ASP G 62 23.38 17.95 16.28
C ASP G 62 21.94 18.27 16.70
N SER G 63 21.46 19.49 16.43
CA SER G 63 20.13 20.01 16.84
C SER G 63 18.99 19.06 16.44
N VAL G 64 19.15 18.29 15.35
CA VAL G 64 18.05 17.46 14.78
C VAL G 64 18.39 15.96 14.82
N LYS G 65 19.64 15.58 15.09
CA LYS G 65 20.08 14.15 15.04
C LYS G 65 19.15 13.31 15.92
N GLY G 66 18.74 12.14 15.44
CA GLY G 66 17.82 11.22 16.14
C GLY G 66 16.35 11.50 15.89
N ARG G 67 15.99 12.69 15.39
CA ARG G 67 14.57 13.14 15.23
C ARG G 67 14.17 13.24 13.75
N PHE G 68 15.04 13.81 12.91
CA PHE G 68 14.80 14.05 11.46
C PHE G 68 15.49 12.96 10.62
N THR G 69 14.84 12.53 9.54
CA THR G 69 15.39 11.56 8.56
C THR G 69 15.38 12.20 7.17
N ILE G 70 16.56 12.40 6.58
CA ILE G 70 16.69 12.84 5.17
C ILE G 70 16.72 11.59 4.30
N SER G 71 16.13 11.67 3.11
CA SER G 71 16.06 10.56 2.12
C SER G 71 15.79 11.15 0.74
N ARG G 72 15.98 10.35 -0.30
CA ARG G 72 15.75 10.79 -1.70
C ARG G 72 15.33 9.59 -2.53
N ASP G 73 14.62 9.86 -3.64
CA ASP G 73 14.24 8.89 -4.70
C ASP G 73 14.61 9.54 -6.04
N ASN G 74 15.75 9.17 -6.61
CA ASN G 74 16.30 9.78 -7.84
C ASN G 74 15.41 9.45 -9.05
N ALA G 75 14.68 8.34 -8.93
CA ALA G 75 13.70 7.85 -9.94
C ALA G 75 12.49 8.80 -9.96
N LYS G 76 12.04 9.28 -8.78
CA LYS G 76 10.90 10.23 -8.65
C LYS G 76 11.41 11.68 -8.59
N ASN G 77 12.70 11.91 -8.86
CA ASN G 77 13.41 13.21 -8.73
C ASN G 77 12.89 13.98 -7.50
N SER G 78 12.93 13.36 -6.31
CA SER G 78 12.34 13.89 -5.05
C SER G 78 13.35 13.83 -3.90
N LEU G 79 13.38 14.89 -3.09
CA LEU G 79 14.13 14.97 -1.82
C LEU G 79 13.13 15.06 -0.67
N TYR G 80 13.28 14.22 0.34
CA TYR G 80 12.34 14.15 1.49
C TYR G 80 13.08 14.54 2.79
N LEU G 81 12.35 15.16 3.73
CA LEU G 81 12.78 15.31 5.15
C LEU G 81 11.60 14.91 6.05
N GLN G 82 11.76 13.83 6.82
CA GLN G 82 10.81 13.34 7.83
C GLN G 82 11.12 14.04 9.16
N LEU G 83 10.24 14.92 9.63
CA LEU G 83 10.38 15.66 10.92
C LEU G 83 9.61 14.88 12.00
N ASN G 84 10.27 14.22 12.95
CA ASN G 84 9.64 13.56 14.11
C ASN G 84 10.00 14.34 15.38
N SER G 85 9.27 14.09 16.48
CA SER G 85 9.54 14.68 17.82
C SER G 85 9.74 16.19 17.70
N LEU G 86 8.84 16.86 16.98
CA LEU G 86 8.96 18.30 16.67
C LEU G 86 8.82 19.12 17.95
N ARG G 87 9.51 20.26 17.99
CA ARG G 87 9.57 21.18 19.14
C ARG G 87 9.46 22.61 18.61
N ALA G 88 9.07 23.56 19.44
CA ALA G 88 8.80 24.97 19.06
C ALA G 88 9.96 25.53 18.23
N GLU G 89 11.22 25.19 18.56
CA GLU G 89 12.45 25.79 17.96
C GLU G 89 12.60 25.35 16.50
N ASP G 90 11.98 24.21 16.12
CA ASP G 90 11.96 23.66 14.73
C ASP G 90 11.08 24.52 13.82
N THR G 91 10.22 25.37 14.36
CA THR G 91 9.47 26.36 13.57
C THR G 91 10.48 27.13 12.72
N ALA G 92 10.35 27.03 11.40
CA ALA G 92 11.27 27.65 10.42
C ALA G 92 10.75 27.43 9.01
N PHE G 93 11.22 28.24 8.07
CA PHE G 93 11.20 28.01 6.61
C PHE G 93 12.28 26.97 6.27
N TYR G 94 11.93 25.82 5.73
CA TYR G 94 12.86 24.73 5.32
C TYR G 94 13.11 24.82 3.82
N TYR G 95 14.37 25.00 3.42
CA TYR G 95 14.80 25.17 2.01
C TYR G 95 15.48 23.91 1.48
N CYS G 96 15.21 23.59 0.21
CA CYS G 96 15.87 22.54 -0.58
C CYS G 96 17.14 23.12 -1.19
N ALA G 97 18.28 22.47 -0.98
CA ALA G 97 19.55 22.89 -1.60
C ALA G 97 20.28 21.70 -2.23
N LYS G 98 21.29 22.00 -3.02
CA LYS G 98 21.86 21.14 -4.09
C LYS G 98 23.33 21.53 -4.25
N ALA G 99 24.25 20.57 -4.20
CA ALA G 99 25.69 20.83 -4.51
C ALA G 99 26.24 19.72 -5.41
N VAL G 100 27.11 20.09 -6.35
CA VAL G 100 27.66 19.21 -7.40
C VAL G 100 28.50 18.06 -6.76
N SER G 101 29.55 18.38 -6.02
CA SER G 101 30.51 17.41 -5.41
C SER G 101 31.39 18.09 -4.35
N GLY G 102 32.26 17.32 -3.70
CA GLY G 102 33.39 17.83 -2.89
C GLY G 102 34.26 18.85 -3.63
N TYR G 103 34.46 18.71 -4.94
CA TYR G 103 35.34 19.62 -5.73
C TYR G 103 34.68 20.99 -5.89
N PHE G 104 33.38 21.10 -5.64
CA PHE G 104 32.60 22.37 -5.68
C PHE G 104 31.32 22.23 -4.85
N PRO G 105 31.41 22.40 -3.50
CA PRO G 105 30.34 22.02 -2.58
C PRO G 105 29.32 23.13 -2.28
N TYR G 106 29.45 24.24 -3.00
CA TYR G 106 28.64 25.48 -2.87
C TYR G 106 27.18 25.19 -3.21
N PHE G 107 26.27 25.65 -2.35
CA PHE G 107 24.80 25.42 -2.42
C PHE G 107 24.20 26.19 -3.60
N ASP G 108 23.33 25.51 -4.33
CA ASP G 108 22.28 26.09 -5.20
C ASP G 108 20.95 25.82 -4.47
N TYR G 109 20.13 26.85 -4.26
CA TYR G 109 18.79 26.69 -3.62
C TYR G 109 17.76 26.52 -4.75
N TRP G 110 17.00 25.42 -4.70
CA TRP G 110 15.91 25.09 -5.66
C TRP G 110 14.62 24.92 -4.84
N GLY G 111 13.58 25.63 -5.20
CA GLY G 111 12.41 25.78 -4.33
C GLY G 111 12.56 26.85 -3.25
N GLN G 112 11.43 27.48 -2.94
CA GLN G 112 11.27 28.81 -2.30
C GLN G 112 11.20 28.72 -0.79
N GLY G 113 11.17 27.51 -0.22
CA GLY G 113 11.11 27.33 1.24
C GLY G 113 9.70 26.96 1.71
N ILE G 114 9.63 26.10 2.70
CA ILE G 114 8.37 25.49 3.20
C ILE G 114 8.24 25.86 4.68
N LEU G 115 7.21 26.63 5.05
CA LEU G 115 7.00 27.07 6.45
C LEU G 115 6.42 25.91 7.27
N VAL G 116 7.14 25.48 8.30
CA VAL G 116 6.65 24.58 9.38
C VAL G 116 6.44 25.43 10.63
N THR G 117 5.24 25.41 11.19
CA THR G 117 4.88 26.10 12.46
C THR G 117 4.54 25.04 13.50
N VAL G 118 5.37 24.90 14.53
CA VAL G 118 5.16 23.95 15.65
C VAL G 118 4.57 24.75 16.82
N SER G 119 3.33 24.45 17.18
CA SER G 119 2.52 25.17 18.21
C SER G 119 1.33 24.32 18.64
N SER G 120 0.89 24.48 19.89
CA SER G 120 -0.31 23.81 20.44
C SER G 120 -1.57 24.59 20.03
N ALA G 121 -1.40 25.87 19.67
CA ALA G 121 -2.49 26.80 19.30
C ALA G 121 -3.27 26.24 18.10
N SER G 122 -4.59 26.46 18.10
CA SER G 122 -5.52 26.03 17.03
C SER G 122 -5.40 27.00 15.86
N THR G 123 -5.66 26.48 14.67
CA THR G 123 -5.83 27.26 13.44
C THR G 123 -7.01 28.21 13.61
N LYS G 124 -6.94 29.40 13.03
CA LYS G 124 -8.07 30.35 12.95
C LYS G 124 -7.92 31.20 11.69
N GLY G 125 -8.96 31.24 10.88
CA GLY G 125 -8.96 31.97 9.61
C GLY G 125 -9.01 33.48 9.83
N PRO G 126 -8.50 34.28 8.89
CA PRO G 126 -8.48 35.71 9.04
C PRO G 126 -9.87 36.31 8.79
N SER G 127 -10.22 37.30 9.61
CA SER G 127 -11.31 38.26 9.36
C SER G 127 -10.76 39.34 8.46
N VAL G 128 -11.33 39.51 7.28
CA VAL G 128 -10.91 40.52 6.27
C VAL G 128 -11.90 41.68 6.30
N PHE G 129 -11.42 42.90 6.53
CA PHE G 129 -12.22 44.14 6.71
C PHE G 129 -11.69 45.20 5.76
N PRO G 130 -12.55 45.98 5.07
CA PRO G 130 -12.05 47.02 4.17
C PRO G 130 -11.41 48.17 4.95
N LEU G 131 -10.40 48.80 4.34
CA LEU G 131 -9.87 50.10 4.77
C LEU G 131 -10.25 51.06 3.66
N ALA G 132 -11.36 51.77 3.86
CA ALA G 132 -12.03 52.58 2.81
C ALA G 132 -11.30 53.90 2.60
N PRO G 133 -11.14 54.34 1.34
CA PRO G 133 -10.53 55.64 1.05
C PRO G 133 -11.43 56.83 1.43
N SER G 134 -10.78 57.94 1.80
CA SER G 134 -11.32 59.29 2.14
C SER G 134 -11.23 60.19 0.89
N SER G 135 -11.84 61.38 0.93
CA SER G 135 -11.46 62.58 0.13
C SER G 135 -12.08 63.83 0.75
N THR G 142 -3.68 61.77 -5.12
CA THR G 142 -3.37 60.37 -4.69
C THR G 142 -4.25 59.94 -3.52
N ALA G 143 -4.87 58.76 -3.61
CA ALA G 143 -5.73 58.17 -2.55
C ALA G 143 -5.22 56.78 -2.18
N ALA G 144 -5.26 56.45 -0.88
CA ALA G 144 -4.83 55.15 -0.32
C ALA G 144 -6.07 54.38 0.14
N LEU G 145 -6.09 53.07 -0.08
CA LEU G 145 -7.15 52.14 0.37
C LEU G 145 -6.45 50.81 0.69
N GLY G 146 -7.17 49.85 1.28
CA GLY G 146 -6.54 48.59 1.70
C GLY G 146 -7.52 47.59 2.30
N CYS G 147 -6.95 46.53 2.84
CA CYS G 147 -7.62 45.41 3.54
C CYS G 147 -6.94 45.23 4.90
N LEU G 148 -7.73 45.03 5.95
CA LEU G 148 -7.22 44.63 7.27
C LEU G 148 -7.45 43.13 7.42
N VAL G 149 -6.37 42.35 7.52
CA VAL G 149 -6.44 40.88 7.64
C VAL G 149 -6.14 40.52 9.09
N LYS G 150 -7.18 40.38 9.91
CA LYS G 150 -7.08 40.42 11.39
C LYS G 150 -7.40 39.06 12.01
N ASP G 151 -6.67 38.68 13.04
CA ASP G 151 -6.97 37.59 14.01
C ASP G 151 -6.95 36.24 13.29
N TYR G 152 -5.78 35.83 12.81
CA TYR G 152 -5.55 34.51 12.16
C TYR G 152 -4.36 33.79 12.78
N PHE G 153 -4.28 32.49 12.55
CA PHE G 153 -3.19 31.61 13.04
C PHE G 153 -3.24 30.27 12.30
N PRO G 154 -2.10 29.69 11.89
CA PRO G 154 -0.79 30.33 11.99
C PRO G 154 -0.51 31.22 10.78
N GLU G 155 0.72 31.68 10.64
CA GLU G 155 1.23 32.22 9.35
C GLU G 155 1.23 31.07 8.33
N PRO G 156 1.20 31.34 7.01
CA PRO G 156 1.01 32.68 6.45
C PRO G 156 -0.31 32.97 5.74
N VAL G 157 -0.54 34.24 5.41
CA VAL G 157 -1.61 34.66 4.46
C VAL G 157 -0.93 35.29 3.26
N THR G 158 -1.56 35.17 2.11
CA THR G 158 -1.15 35.81 0.83
C THR G 158 -2.25 36.81 0.48
N VAL G 159 -1.88 37.99 0.03
CA VAL G 159 -2.83 39.06 -0.38
C VAL G 159 -2.41 39.54 -1.76
N SER G 160 -3.34 39.53 -2.73
CA SER G 160 -3.16 40.17 -4.05
C SER G 160 -4.28 41.18 -4.23
N TRP G 161 -4.23 41.97 -5.29
CA TRP G 161 -5.26 43.00 -5.60
C TRP G 161 -5.76 42.80 -7.04
N ASN G 162 -7.08 42.72 -7.22
CA ASN G 162 -7.74 42.45 -8.51
C ASN G 162 -7.08 41.23 -9.15
N SER G 163 -6.79 40.21 -8.35
CA SER G 163 -6.31 38.87 -8.77
C SER G 163 -4.94 38.97 -9.47
N GLY G 164 -4.10 39.93 -9.06
CA GLY G 164 -2.71 40.07 -9.55
C GLY G 164 -2.57 41.19 -10.55
N ALA G 165 -3.67 41.73 -11.07
CA ALA G 165 -3.72 42.83 -12.07
C ALA G 165 -3.16 44.12 -11.49
N LEU G 166 -3.26 44.31 -10.16
CA LEU G 166 -2.71 45.48 -9.44
C LEU G 166 -1.56 45.02 -8.53
N THR G 167 -0.34 45.44 -8.85
CA THR G 167 0.91 45.16 -8.09
C THR G 167 1.60 46.47 -7.76
N SER G 168 1.55 47.45 -8.66
CA SER G 168 2.22 48.76 -8.51
C SER G 168 1.58 49.55 -7.35
N GLY G 169 2.38 49.85 -6.32
CA GLY G 169 2.00 50.73 -5.21
C GLY G 169 1.52 49.97 -3.98
N VAL G 170 1.52 48.63 -4.04
CA VAL G 170 1.00 47.74 -2.95
C VAL G 170 2.04 47.62 -1.85
N HIS G 171 1.63 47.69 -0.59
CA HIS G 171 2.45 47.37 0.61
C HIS G 171 1.65 46.40 1.49
N THR G 172 2.00 45.11 1.48
CA THR G 172 1.42 44.09 2.38
C THR G 172 2.33 43.98 3.60
N PHE G 173 1.91 44.56 4.72
CA PHE G 173 2.72 44.68 5.96
C PHE G 173 3.02 43.30 6.51
N PRO G 174 4.23 43.11 7.08
CA PRO G 174 4.53 41.92 7.85
C PRO G 174 3.50 41.70 8.96
N ALA G 175 3.10 40.44 9.14
CA ALA G 175 2.24 40.01 10.26
C ALA G 175 2.88 40.47 11.57
N VAL G 176 2.06 40.88 12.52
CA VAL G 176 2.48 41.16 13.93
C VAL G 176 1.58 40.34 14.84
N LEU G 177 2.17 39.55 15.73
CA LEU G 177 1.45 38.76 16.76
C LEU G 177 0.83 39.74 17.77
N GLN G 178 -0.48 39.65 18.02
CA GLN G 178 -1.21 40.42 19.05
C GLN G 178 -1.14 39.64 20.36
N SER G 179 -1.42 40.28 21.50
CA SER G 179 -1.43 39.62 22.84
C SER G 179 -2.44 38.46 22.86
N SER G 180 -3.47 38.49 22.01
CA SER G 180 -4.48 37.41 21.85
C SER G 180 -3.82 36.10 21.42
N GLY G 181 -2.61 36.14 20.84
CA GLY G 181 -1.92 34.95 20.30
C GLY G 181 -2.30 34.70 18.84
N LEU G 182 -2.85 35.71 18.16
CA LEU G 182 -3.28 35.68 16.74
C LEU G 182 -2.57 36.79 15.98
N TYR G 183 -2.25 36.53 14.71
CA TYR G 183 -1.58 37.51 13.82
C TYR G 183 -2.62 38.48 13.26
N SER G 184 -2.13 39.63 12.83
CA SER G 184 -2.89 40.65 12.09
C SER G 184 -1.93 41.47 11.22
N LEU G 185 -2.38 41.87 10.04
CA LEU G 185 -1.65 42.78 9.13
C LEU G 185 -2.67 43.54 8.31
N SER G 186 -2.23 44.60 7.63
CA SER G 186 -2.99 45.32 6.60
C SER G 186 -2.22 45.22 5.29
N SER G 187 -2.92 45.13 4.18
CA SER G 187 -2.37 45.33 2.83
C SER G 187 -3.01 46.61 2.30
N VAL G 188 -2.21 47.54 1.78
CA VAL G 188 -2.70 48.85 1.29
C VAL G 188 -2.12 49.12 -0.10
N VAL G 189 -2.70 50.09 -0.78
CA VAL G 189 -2.26 50.48 -2.14
C VAL G 189 -2.67 51.94 -2.38
N THR G 190 -1.82 52.69 -3.07
CA THR G 190 -2.07 54.07 -3.50
C THR G 190 -2.44 54.01 -4.99
N VAL G 191 -3.43 54.81 -5.36
CA VAL G 191 -4.03 54.86 -6.73
C VAL G 191 -4.38 56.32 -7.01
N PRO G 192 -4.64 56.68 -8.28
CA PRO G 192 -5.13 58.02 -8.60
C PRO G 192 -6.47 58.28 -7.90
N SER G 193 -6.73 59.53 -7.46
CA SER G 193 -8.03 59.99 -6.93
C SER G 193 -9.14 59.72 -7.95
N SER G 194 -8.94 60.19 -9.19
CA SER G 194 -9.91 60.13 -10.32
C SER G 194 -10.42 58.69 -10.56
N SER G 195 -9.61 57.69 -10.26
CA SER G 195 -9.93 56.26 -10.49
C SER G 195 -10.90 55.72 -9.42
N LEU G 196 -11.08 56.41 -8.28
CA LEU G 196 -11.80 55.86 -7.10
C LEU G 196 -13.21 55.38 -7.46
N GLY G 197 -13.92 56.15 -8.28
CA GLY G 197 -15.32 55.86 -8.68
C GLY G 197 -15.41 55.02 -9.94
N THR G 198 -14.36 55.07 -10.78
CA THR G 198 -14.34 54.49 -12.15
C THR G 198 -13.80 53.05 -12.14
N GLN G 199 -13.14 52.60 -11.07
CA GLN G 199 -12.35 51.33 -11.05
C GLN G 199 -12.70 50.52 -9.80
N THR G 200 -12.71 49.20 -9.94
CA THR G 200 -13.02 48.23 -8.88
C THR G 200 -11.72 47.81 -8.17
N TYR G 201 -11.75 47.71 -6.84
CA TYR G 201 -10.61 47.29 -5.98
C TYR G 201 -11.05 46.16 -5.04
N ILE G 202 -10.41 45.00 -5.18
CA ILE G 202 -10.72 43.75 -4.42
C ILE G 202 -9.41 43.14 -3.87
N CYS G 203 -9.34 42.86 -2.57
CA CYS G 203 -8.26 42.05 -1.93
C CYS G 203 -8.55 40.57 -2.14
N ASN G 204 -7.55 39.82 -2.55
CA ASN G 204 -7.63 38.34 -2.64
C ASN G 204 -6.78 37.80 -1.49
N VAL G 205 -7.43 37.53 -0.37
CA VAL G 205 -6.79 36.93 0.83
C VAL G 205 -6.95 35.41 0.74
N ASN G 206 -5.86 34.67 0.86
CA ASN G 206 -5.84 33.19 0.96
C ASN G 206 -5.06 32.83 2.23
N HIS G 207 -5.60 31.89 3.01
CA HIS G 207 -4.99 31.37 4.26
C HIS G 207 -5.11 29.84 4.22
N LYS G 208 -4.12 29.15 3.65
CA LYS G 208 -4.19 27.69 3.38
C LYS G 208 -4.55 26.96 4.67
N PRO G 209 -3.97 27.26 5.84
CA PRO G 209 -4.22 26.45 7.04
C PRO G 209 -5.67 26.36 7.54
N SER G 210 -6.52 27.36 7.28
CA SER G 210 -7.96 27.41 7.71
C SER G 210 -8.91 27.15 6.53
N ASN G 211 -8.30 26.96 5.36
CA ASN G 211 -8.99 26.73 4.07
C ASN G 211 -9.89 27.93 3.79
N THR G 212 -9.35 29.14 3.96
CA THR G 212 -10.08 30.43 3.80
C THR G 212 -9.58 31.17 2.57
N LYS G 213 -10.44 31.33 1.59
CA LYS G 213 -10.23 32.16 0.37
C LYS G 213 -11.30 33.26 0.46
N VAL G 214 -10.93 34.52 0.56
CA VAL G 214 -11.90 35.66 0.67
C VAL G 214 -11.48 36.73 -0.32
N ASP G 215 -12.41 37.17 -1.18
CA ASP G 215 -12.23 38.32 -2.08
C ASP G 215 -13.12 39.43 -1.51
N LYS G 216 -12.55 40.46 -0.87
CA LYS G 216 -13.33 41.57 -0.25
C LYS G 216 -13.26 42.83 -1.11
N ARG G 217 -14.42 43.36 -1.48
CA ARG G 217 -14.58 44.64 -2.23
C ARG G 217 -14.27 45.78 -1.27
N VAL G 218 -13.58 46.80 -1.75
CA VAL G 218 -13.17 48.02 -0.98
C VAL G 218 -13.67 49.25 -1.73
N GLU G 219 -14.62 49.99 -1.17
CA GLU G 219 -15.24 51.18 -1.83
C GLU G 219 -15.44 52.28 -0.80
N PRO G 220 -15.53 53.56 -1.25
CA PRO G 220 -15.37 54.72 -0.36
C PRO G 220 -16.30 54.83 0.86
N ILE H 2 33.48 24.29 13.48
CA ILE H 2 33.85 25.67 13.01
C ILE H 2 32.69 26.65 13.29
N VAL H 3 33.03 27.88 13.68
CA VAL H 3 32.08 28.98 14.01
C VAL H 3 32.39 30.19 13.13
N MET H 4 31.40 30.69 12.42
CA MET H 4 31.52 31.90 11.56
C MET H 4 30.89 33.08 12.29
N THR H 5 31.58 34.22 12.32
CA THR H 5 31.16 35.46 13.02
C THR H 5 31.38 36.61 12.05
N GLN H 6 30.28 37.19 11.58
CA GLN H 6 30.30 38.34 10.64
C GLN H 6 30.39 39.62 11.47
N SER H 7 30.80 40.71 10.85
CA SER H 7 30.89 42.05 11.48
C SER H 7 30.80 43.11 10.39
N PRO H 8 29.95 44.14 10.51
CA PRO H 8 29.03 44.29 11.65
C PRO H 8 27.79 43.38 11.53
N ASP H 9 26.95 43.35 12.57
CA ASP H 9 25.64 42.63 12.56
C ASP H 9 24.71 43.37 11.59
N SER H 10 24.88 44.67 11.41
CA SER H 10 24.09 45.47 10.44
C SER H 10 24.84 46.75 10.05
N LEU H 11 24.45 47.36 8.95
CA LEU H 11 25.29 48.30 8.18
C LEU H 11 24.38 49.16 7.31
N SER H 12 24.59 50.47 7.31
CA SER H 12 23.76 51.43 6.53
C SER H 12 24.69 52.30 5.67
N VAL H 13 24.61 52.13 4.35
CA VAL H 13 25.56 52.73 3.39
C VAL H 13 24.77 53.51 2.33
N SER H 14 25.23 54.70 1.95
CA SER H 14 24.57 55.57 0.95
C SER H 14 24.64 54.94 -0.45
N LEU H 15 23.71 55.33 -1.31
CA LEU H 15 23.67 54.95 -2.74
C LEU H 15 24.99 55.37 -3.41
N GLY H 16 25.60 54.47 -4.17
CA GLY H 16 26.79 54.75 -4.99
C GLY H 16 28.06 54.79 -4.17
N GLU H 17 28.08 54.11 -3.01
CA GLU H 17 29.19 54.18 -2.02
C GLU H 17 29.59 52.78 -1.57
N ARG H 18 30.78 52.61 -1.01
CA ARG H 18 31.34 51.26 -0.74
C ARG H 18 30.69 50.70 0.52
N ALA H 19 30.34 49.41 0.49
CA ALA H 19 29.80 48.66 1.64
C ALA H 19 30.71 47.47 1.87
N THR H 20 31.22 47.32 3.09
CA THR H 20 32.22 46.29 3.42
C THR H 20 31.69 45.47 4.59
N ILE H 21 31.69 44.15 4.41
CA ILE H 21 31.19 43.16 5.42
C ILE H 21 32.30 42.17 5.65
N ASN H 22 32.54 41.78 6.90
CA ASN H 22 33.69 40.94 7.31
C ASN H 22 33.15 39.64 7.87
N CYS H 23 33.88 38.55 7.61
CA CYS H 23 33.59 37.19 8.11
C CYS H 23 34.89 36.64 8.72
N LYS H 24 34.76 35.96 9.85
CA LYS H 24 35.89 35.34 10.59
C LYS H 24 35.51 33.91 10.95
N SER H 25 36.38 32.94 10.65
CA SER H 25 36.20 31.51 10.98
C SER H 25 37.05 31.16 12.21
N SER H 26 36.51 30.34 13.11
CA SER H 26 37.17 29.87 14.34
C SER H 26 38.45 29.08 13.99
N GLN H 27 38.43 28.32 12.89
CA GLN H 27 39.62 27.63 12.32
C GLN H 27 39.85 28.16 10.91
N SER H 28 41.01 27.88 10.34
CA SER H 28 41.32 28.25 8.93
C SER H 28 40.49 27.36 8.01
N VAL H 29 40.07 27.92 6.87
CA VAL H 29 39.29 27.22 5.81
C VAL H 29 40.07 27.30 4.50
N LEU H 30 41.37 27.59 4.59
CA LEU H 30 42.38 27.35 3.53
C LEU H 30 42.78 25.87 3.60
N TYR H 31 42.62 25.16 2.48
CA TYR H 31 43.16 23.79 2.28
C TYR H 31 44.54 23.94 1.63
N SER H 32 45.61 23.64 2.38
CA SER H 32 47.03 23.78 1.98
C SER H 32 47.29 22.93 0.72
N SER H 33 46.62 21.77 0.65
CA SER H 33 46.65 20.74 -0.42
C SER H 33 46.40 21.35 -1.81
N ASN H 34 45.31 22.11 -2.00
CA ASN H 34 44.93 22.74 -3.30
C ASN H 34 44.95 24.28 -3.21
N ASN H 35 45.27 24.83 -2.04
CA ASN H 35 45.42 26.29 -1.81
C ASN H 35 44.14 27.03 -2.24
N LYS H 36 42.98 26.53 -1.83
CA LYS H 36 41.65 27.14 -2.09
C LYS H 36 40.95 27.39 -0.75
N ASN H 37 40.30 28.55 -0.62
CA ASN H 37 39.50 28.93 0.56
C ASN H 37 38.06 28.43 0.40
N TYR H 38 37.63 27.49 1.26
CA TYR H 38 36.28 26.84 1.25
C TYR H 38 35.28 27.77 1.94
N LEU H 39 34.95 28.85 1.23
CA LEU H 39 34.26 30.01 1.80
C LEU H 39 33.40 30.64 0.70
N GLY H 40 32.07 30.67 0.91
CA GLY H 40 31.12 31.33 0.00
C GLY H 40 30.38 32.47 0.67
N TRP H 41 29.96 33.46 -0.13
CA TRP H 41 29.08 34.59 0.26
C TRP H 41 27.72 34.47 -0.43
N TYR H 42 26.61 34.54 0.32
CA TYR H 42 25.21 34.48 -0.19
C TYR H 42 24.46 35.78 0.12
N GLN H 43 23.61 36.21 -0.82
CA GLN H 43 22.60 37.29 -0.71
C GLN H 43 21.24 36.64 -0.43
N GLN H 44 20.46 37.18 0.51
CA GLN H 44 19.06 36.73 0.76
C GLN H 44 18.19 37.97 0.81
N LYS H 45 17.45 38.22 -0.26
CA LYS H 45 16.42 39.30 -0.32
C LYS H 45 15.18 38.79 0.44
N PRO H 46 14.32 39.68 0.99
CA PRO H 46 13.21 39.24 1.84
C PRO H 46 12.26 38.23 1.16
N GLY H 47 11.93 37.15 1.88
CA GLY H 47 11.00 36.09 1.46
C GLY H 47 11.44 35.40 0.17
N GLN H 48 12.75 35.30 -0.04
CA GLN H 48 13.38 34.52 -1.13
C GLN H 48 14.41 33.59 -0.52
N PRO H 49 14.84 32.54 -1.25
CA PRO H 49 15.95 31.72 -0.79
C PRO H 49 17.28 32.43 -1.11
N PRO H 50 18.40 32.01 -0.48
CA PRO H 50 19.70 32.64 -0.73
C PRO H 50 20.26 32.38 -2.14
N LYS H 51 20.91 33.39 -2.71
CA LYS H 51 21.61 33.37 -4.02
C LYS H 51 23.13 33.41 -3.76
N LEU H 52 23.92 32.54 -4.40
CA LEU H 52 25.40 32.53 -4.31
C LEU H 52 25.97 33.74 -5.04
N LEU H 53 26.78 34.54 -4.35
CA LEU H 53 27.43 35.75 -4.90
C LEU H 53 28.88 35.43 -5.26
N ILE H 54 29.59 34.72 -4.37
CA ILE H 54 31.08 34.59 -4.42
C ILE H 54 31.51 33.28 -3.76
N TYR H 55 32.39 32.52 -4.43
CA TYR H 55 32.88 31.18 -3.99
C TYR H 55 34.41 31.18 -4.09
N TRP H 56 35.05 30.24 -3.37
CA TRP H 56 36.53 30.21 -3.17
C TRP H 56 36.99 31.58 -2.68
N ALA H 57 36.21 32.21 -1.81
CA ALA H 57 36.51 33.48 -1.11
C ALA H 57 36.54 34.69 -2.06
N SER H 58 36.93 34.54 -3.34
CA SER H 58 37.17 35.71 -4.24
C SER H 58 36.63 35.54 -5.67
N THR H 59 36.14 34.36 -6.07
CA THR H 59 35.57 34.13 -7.42
C THR H 59 34.09 34.52 -7.44
N ARG H 60 33.74 35.48 -8.28
CA ARG H 60 32.35 35.97 -8.48
C ARG H 60 31.57 34.97 -9.35
N GLU H 61 30.35 34.58 -8.95
CA GLU H 61 29.39 33.79 -9.77
C GLU H 61 28.98 34.57 -11.03
N SER H 62 28.68 33.85 -12.11
CA SER H 62 28.16 34.44 -13.37
C SER H 62 26.77 35.00 -13.11
N GLY H 63 26.46 36.15 -13.71
CA GLY H 63 25.19 36.87 -13.47
C GLY H 63 25.34 37.93 -12.40
N VAL H 64 26.14 37.66 -11.36
CA VAL H 64 26.41 38.59 -10.24
C VAL H 64 27.15 39.81 -10.79
N PRO H 65 26.64 41.05 -10.61
CA PRO H 65 27.26 42.25 -11.19
C PRO H 65 28.70 42.55 -10.69
N ASP H 66 29.41 43.41 -11.43
CA ASP H 66 30.88 43.69 -11.25
C ASP H 66 31.15 44.14 -9.81
N ARG H 67 30.27 44.98 -9.25
CA ARG H 67 30.48 45.74 -7.98
C ARG H 67 30.67 44.80 -6.78
N PHE H 68 30.15 43.58 -6.84
CA PHE H 68 30.38 42.55 -5.80
C PHE H 68 31.76 41.93 -6.02
N SER H 69 32.57 41.86 -4.96
CA SER H 69 33.91 41.21 -4.93
C SER H 69 34.16 40.63 -3.55
N GLY H 70 34.88 39.52 -3.48
CA GLY H 70 35.32 38.87 -2.24
C GLY H 70 36.82 39.00 -2.11
N SER H 71 37.34 38.87 -0.90
CA SER H 71 38.80 38.85 -0.62
C SER H 71 39.04 38.16 0.72
N GLY H 72 40.32 38.01 1.07
CA GLY H 72 40.74 37.39 2.33
C GLY H 72 41.21 35.96 2.10
N SER H 73 41.68 35.33 3.17
CA SER H 73 42.28 33.98 3.17
C SER H 73 42.29 33.43 4.61
N GLY H 74 42.28 32.11 4.76
CA GLY H 74 42.53 31.45 6.04
C GLY H 74 41.37 31.62 7.01
N THR H 75 41.29 32.76 7.71
CA THR H 75 40.27 32.99 8.78
C THR H 75 39.57 34.34 8.66
N ASP H 76 40.02 35.26 7.79
CA ASP H 76 39.47 36.63 7.72
C ASP H 76 39.12 36.95 6.26
N PHE H 77 37.83 37.14 5.98
CA PHE H 77 37.28 37.37 4.63
C PHE H 77 36.47 38.64 4.61
N THR H 78 36.25 39.17 3.40
CA THR H 78 35.62 40.49 3.17
C THR H 78 34.83 40.46 1.86
N LEU H 79 33.51 40.58 1.98
CA LEU H 79 32.58 40.90 0.86
C LEU H 79 32.52 42.41 0.71
N THR H 80 32.71 42.92 -0.50
CA THR H 80 32.73 44.37 -0.80
C THR H 80 31.75 44.65 -1.93
N ILE H 81 30.96 45.71 -1.80
CA ILE H 81 30.03 46.19 -2.86
C ILE H 81 30.48 47.61 -3.19
N SER H 82 31.09 47.82 -4.35
CA SER H 82 31.90 49.03 -4.65
C SER H 82 31.02 50.27 -4.81
N SER H 83 29.85 50.13 -5.43
CA SER H 83 28.92 51.25 -5.72
C SER H 83 27.49 50.80 -5.50
N LEU H 84 27.04 50.88 -4.24
CA LEU H 84 25.78 50.26 -3.73
C LEU H 84 24.58 50.80 -4.51
N GLN H 85 23.73 49.89 -4.98
CA GLN H 85 22.50 50.19 -5.74
C GLN H 85 21.29 49.88 -4.85
N ALA H 86 20.15 50.53 -5.13
CA ALA H 86 18.89 50.42 -4.36
C ALA H 86 18.53 48.95 -4.10
N GLU H 87 18.78 48.08 -5.08
CA GLU H 87 18.31 46.67 -5.10
C GLU H 87 19.24 45.77 -4.30
N ASP H 88 20.33 46.29 -3.73
CA ASP H 88 21.33 45.48 -2.99
C ASP H 88 20.88 45.29 -1.54
N VAL H 89 19.81 45.98 -1.13
CA VAL H 89 19.21 45.80 0.22
C VAL H 89 18.87 44.31 0.40
N ALA H 90 19.46 43.68 1.39
CA ALA H 90 19.38 42.23 1.65
C ALA H 90 20.15 41.90 2.93
N VAL H 91 20.12 40.64 3.33
CA VAL H 91 20.96 40.08 4.43
C VAL H 91 22.05 39.26 3.74
N TYR H 92 23.33 39.55 4.03
CA TYR H 92 24.48 38.82 3.46
C TYR H 92 25.02 37.84 4.50
N TYR H 93 25.26 36.62 4.06
CA TYR H 93 25.77 35.49 4.88
C TYR H 93 27.07 35.00 4.25
N CYS H 94 28.05 34.70 5.08
CA CYS H 94 29.25 33.91 4.69
C CYS H 94 28.96 32.48 5.13
N GLN H 95 29.51 31.50 4.41
CA GLN H 95 29.33 30.07 4.72
C GLN H 95 30.66 29.39 4.44
N GLN H 96 31.13 28.57 5.38
CA GLN H 96 32.36 27.76 5.21
C GLN H 96 31.96 26.35 4.78
N TYR H 97 32.74 25.76 3.87
CA TYR H 97 32.55 24.37 3.38
C TYR H 97 33.79 23.52 3.65
N TYR H 98 34.71 23.97 4.52
CA TYR H 98 35.91 23.20 4.91
C TYR H 98 35.47 21.94 5.69
N THR H 99 34.43 22.07 6.50
CA THR H 99 33.80 20.94 7.23
C THR H 99 32.36 20.78 6.73
N THR H 100 31.69 19.72 7.16
CA THR H 100 30.22 19.53 7.02
C THR H 100 29.72 18.91 8.33
N PRO H 101 28.70 19.48 9.04
CA PRO H 101 27.91 20.63 8.57
C PRO H 101 28.67 21.89 8.16
N SER H 102 28.30 22.43 7.00
CA SER H 102 28.91 23.61 6.32
C SER H 102 28.31 24.89 6.90
N THR H 103 28.75 25.27 8.10
CA THR H 103 28.11 26.27 8.99
C THR H 103 28.15 27.69 8.41
N PHE H 104 27.21 28.53 8.86
CA PHE H 104 26.90 29.89 8.32
C PHE H 104 27.28 30.97 9.33
N GLY H 105 27.62 32.16 8.83
CA GLY H 105 27.60 33.40 9.62
C GLY H 105 26.20 33.71 10.11
N GLN H 106 26.09 34.55 11.15
CA GLN H 106 24.80 34.94 11.78
C GLN H 106 24.06 35.87 10.82
N GLY H 107 24.76 36.48 9.87
CA GLY H 107 24.18 37.35 8.82
C GLY H 107 24.45 38.82 9.10
N THR H 108 24.38 39.65 8.06
CA THR H 108 24.60 41.11 8.11
C THR H 108 23.50 41.83 7.34
N ARG H 109 22.61 42.56 8.03
CA ARG H 109 21.52 43.34 7.39
C ARG H 109 22.17 44.56 6.73
N LEU H 110 22.06 44.70 5.42
CA LEU H 110 22.51 45.92 4.71
C LEU H 110 21.28 46.78 4.38
N GLU H 111 21.26 48.03 4.86
CA GLU H 111 20.22 49.04 4.58
C GLU H 111 20.84 50.08 3.64
N ILE H 112 20.06 50.65 2.72
CA ILE H 112 20.47 51.76 1.83
C ILE H 112 20.14 53.08 2.53
N LYS H 113 21.12 53.97 2.67
CA LYS H 113 20.94 55.36 3.14
C LYS H 113 20.59 56.23 1.91
N ARG H 114 19.55 57.05 1.99
CA ARG H 114 19.11 57.95 0.89
C ARG H 114 18.70 59.30 1.49
N THR H 115 18.55 60.33 0.64
CA THR H 115 18.03 61.65 1.04
C THR H 115 16.71 61.42 1.79
N ALA H 116 16.52 62.05 2.93
CA ALA H 116 15.28 61.94 3.75
C ALA H 116 14.06 62.19 2.86
N ALA H 117 13.01 61.39 3.02
CA ALA H 117 11.69 61.56 2.38
C ALA H 117 10.61 61.51 3.47
N ALA H 118 9.72 62.49 3.47
CA ALA H 118 8.62 62.63 4.46
C ALA H 118 7.52 61.63 4.12
N PRO H 119 6.87 61.00 5.13
CA PRO H 119 5.77 60.08 4.87
C PRO H 119 4.52 60.83 4.43
N SER H 120 3.79 60.30 3.43
CA SER H 120 2.35 60.55 3.22
C SER H 120 1.60 59.84 4.34
N VAL H 121 0.79 60.59 5.10
CA VAL H 121 0.00 60.01 6.22
C VAL H 121 -1.47 59.94 5.80
N PHE H 122 -2.09 58.79 6.08
CA PHE H 122 -3.52 58.50 5.85
C PHE H 122 -4.06 57.84 7.11
N ILE H 123 -5.28 58.16 7.49
CA ILE H 123 -5.99 57.49 8.61
C ILE H 123 -7.23 56.77 8.06
N PHE H 124 -7.55 55.65 8.69
CA PHE H 124 -8.64 54.74 8.28
C PHE H 124 -9.49 54.43 9.50
N PRO H 125 -10.79 54.81 9.47
CA PRO H 125 -11.71 54.45 10.54
C PRO H 125 -12.00 52.94 10.47
N PRO H 126 -12.56 52.33 11.53
CA PRO H 126 -12.95 50.93 11.46
C PRO H 126 -14.08 50.76 10.43
N SER H 127 -14.14 49.58 9.80
CA SER H 127 -15.20 49.20 8.85
C SER H 127 -16.49 48.97 9.62
N ASP H 128 -17.63 49.31 9.01
CA ASP H 128 -18.98 48.98 9.55
C ASP H 128 -19.01 47.47 9.88
N GLU H 129 -18.49 46.65 8.95
CA GLU H 129 -18.44 45.18 9.10
C GLU H 129 -17.71 44.79 10.39
N GLN H 130 -16.60 45.45 10.74
CA GLN H 130 -15.77 45.04 11.90
C GLN H 130 -16.53 45.32 13.20
N LEU H 131 -17.20 46.47 13.29
CA LEU H 131 -17.88 46.93 14.53
C LEU H 131 -18.89 45.87 14.99
N LYS H 132 -19.63 45.27 14.04
CA LYS H 132 -20.61 44.18 14.30
C LYS H 132 -19.96 43.06 15.13
N SER H 133 -18.64 42.87 15.05
CA SER H 133 -17.91 41.76 15.74
C SER H 133 -17.62 42.11 17.20
N GLY H 134 -17.54 43.41 17.53
CA GLY H 134 -17.40 43.89 18.92
C GLY H 134 -16.03 44.46 19.27
N THR H 135 -15.10 44.60 18.31
CA THR H 135 -13.87 45.40 18.49
C THR H 135 -13.72 46.36 17.30
N ALA H 136 -12.90 47.40 17.45
CA ALA H 136 -12.68 48.47 16.46
C ALA H 136 -11.18 48.66 16.26
N SER H 137 -10.76 48.71 15.00
CA SER H 137 -9.35 48.85 14.60
C SER H 137 -9.24 50.13 13.79
N VAL H 138 -8.48 51.09 14.32
CA VAL H 138 -8.16 52.37 13.62
C VAL H 138 -6.73 52.21 13.10
N VAL H 139 -6.49 52.56 11.85
CA VAL H 139 -5.20 52.29 11.17
C VAL H 139 -4.67 53.63 10.66
N CYS H 140 -3.43 53.92 11.05
CA CYS H 140 -2.64 55.04 10.50
C CYS H 140 -1.55 54.47 9.59
N LEU H 141 -1.45 55.01 8.39
CA LEU H 141 -0.47 54.57 7.35
C LEU H 141 0.51 55.73 7.09
N LEU H 142 1.79 55.48 7.33
CA LEU H 142 2.93 56.32 6.88
C LEU H 142 3.51 55.65 5.65
N ASN H 143 3.49 56.32 4.51
CA ASN H 143 3.75 55.68 3.19
C ASN H 143 5.00 56.30 2.55
N ASN H 144 6.01 55.46 2.28
CA ASN H 144 7.18 55.79 1.43
C ASN H 144 7.99 56.92 2.06
N PHE H 145 8.67 56.62 3.16
CA PHE H 145 9.50 57.58 3.93
C PHE H 145 10.87 56.98 4.26
N TYR H 146 11.88 57.84 4.37
CA TYR H 146 13.25 57.54 4.88
C TYR H 146 13.68 58.67 5.80
N PRO H 147 14.36 58.41 6.94
CA PRO H 147 14.70 57.06 7.41
C PRO H 147 13.58 56.36 8.20
N ARG H 148 13.90 55.17 8.72
CA ARG H 148 12.96 54.20 9.34
C ARG H 148 12.35 54.76 10.62
N GLU H 149 13.09 55.61 11.34
CA GLU H 149 12.68 56.14 12.67
C GLU H 149 11.49 57.08 12.46
N ALA H 150 10.38 56.83 13.16
CA ALA H 150 9.17 57.68 13.15
C ALA H 150 8.35 57.44 14.42
N LYS H 151 7.84 58.52 15.01
CA LYS H 151 6.97 58.51 16.22
C LYS H 151 5.52 58.64 15.74
N VAL H 152 4.67 57.72 16.16
CA VAL H 152 3.20 57.75 15.88
C VAL H 152 2.44 57.84 17.21
N GLN H 153 1.77 58.98 17.45
CA GLN H 153 0.94 59.28 18.65
C GLN H 153 -0.54 59.13 18.31
N TRP H 154 -1.25 58.29 19.08
CA TRP H 154 -2.73 58.13 19.01
C TRP H 154 -3.42 59.05 20.02
N LYS H 155 -4.31 59.92 19.50
CA LYS H 155 -5.14 60.88 20.30
C LYS H 155 -6.63 60.54 20.10
N VAL H 156 -7.29 60.11 21.19
CA VAL H 156 -8.76 59.86 21.29
C VAL H 156 -9.39 61.01 22.08
N ASP H 157 -9.95 62.01 21.39
CA ASP H 157 -10.49 63.27 21.98
C ASP H 157 -9.35 63.99 22.72
N ASN H 158 -8.18 64.14 22.08
CA ASN H 158 -6.99 64.86 22.59
C ASN H 158 -6.37 64.20 23.83
N ALA H 159 -6.87 63.03 24.27
CA ALA H 159 -6.21 62.15 25.27
C ALA H 159 -5.21 61.23 24.54
N LEU H 160 -3.94 61.27 24.95
CA LEU H 160 -2.84 60.49 24.31
C LEU H 160 -2.92 59.06 24.80
N GLN H 161 -2.92 58.10 23.86
CA GLN H 161 -3.14 56.66 24.15
C GLN H 161 -1.81 55.98 24.44
N SER H 162 -1.83 54.77 25.01
CA SER H 162 -0.62 54.00 25.35
C SER H 162 -0.99 52.55 25.67
N GLY H 163 -0.30 51.57 25.07
CA GLY H 163 -0.39 50.13 25.38
C GLY H 163 -1.54 49.45 24.65
N ASN H 164 -2.12 50.11 23.66
CA ASN H 164 -3.34 49.68 22.93
C ASN H 164 -3.11 49.82 21.42
N SER H 165 -1.87 49.93 20.96
CA SER H 165 -1.52 50.07 19.51
C SER H 165 -0.28 49.20 19.19
N GLN H 166 -0.13 48.82 17.92
CA GLN H 166 1.02 48.01 17.40
C GLN H 166 1.47 48.56 16.05
N GLU H 167 2.79 48.58 15.83
CA GLU H 167 3.41 49.05 14.57
C GLU H 167 3.88 47.84 13.77
N SER H 168 3.85 47.97 12.45
CA SER H 168 4.48 47.02 11.49
C SER H 168 5.18 47.86 10.43
N VAL H 169 6.36 47.43 10.00
CA VAL H 169 7.18 48.18 9.01
C VAL H 169 7.51 47.24 7.85
N THR H 170 7.39 47.74 6.62
CA THR H 170 7.79 46.99 5.41
C THR H 170 9.31 46.82 5.43
N GLU H 171 9.79 45.75 4.80
CA GLU H 171 11.19 45.63 4.32
C GLU H 171 11.42 46.83 3.40
N GLN H 172 12.61 47.42 3.46
CA GLN H 172 12.98 48.60 2.62
C GLN H 172 12.75 48.28 1.14
N ASP H 173 12.19 49.21 0.38
CA ASP H 173 11.91 49.04 -1.06
C ASP H 173 13.21 48.90 -1.85
N SER H 174 13.24 47.97 -2.79
CA SER H 174 14.40 47.68 -3.68
C SER H 174 14.51 48.68 -4.84
N LYS H 175 13.60 49.66 -4.95
CA LYS H 175 13.63 50.67 -6.06
C LYS H 175 13.86 52.06 -5.47
N ASP H 176 12.98 52.54 -4.59
CA ASP H 176 13.04 53.92 -4.02
C ASP H 176 13.68 53.90 -2.63
N SER H 177 14.06 52.73 -2.09
CA SER H 177 14.86 52.59 -0.85
C SER H 177 14.15 53.23 0.35
N THR H 178 12.82 53.37 0.30
CA THR H 178 11.96 53.89 1.40
C THR H 178 11.27 52.76 2.18
N TYR H 179 10.70 53.12 3.33
CA TYR H 179 9.87 52.24 4.18
C TYR H 179 8.42 52.74 4.16
N SER H 180 7.50 51.86 4.55
CA SER H 180 6.11 52.22 4.94
C SER H 180 5.81 51.58 6.30
N LEU H 181 4.99 52.26 7.10
CA LEU H 181 4.65 51.86 8.49
C LEU H 181 3.14 51.94 8.69
N SER H 182 2.60 51.00 9.47
CA SER H 182 1.18 50.94 9.90
C SER H 182 1.13 50.95 11.43
N SER H 183 0.48 51.96 12.02
CA SER H 183 0.07 51.93 13.45
C SER H 183 -1.41 51.53 13.52
N THR H 184 -1.72 50.57 14.40
CA THR H 184 -3.06 49.95 14.53
C THR H 184 -3.53 50.07 15.98
N LEU H 185 -4.45 51.02 16.21
CA LEU H 185 -5.13 51.26 17.50
C LEU H 185 -6.32 50.31 17.63
N THR H 186 -6.36 49.52 18.71
CA THR H 186 -7.36 48.46 18.97
C THR H 186 -8.10 48.76 20.28
N LEU H 187 -9.42 49.00 20.22
CA LEU H 187 -10.30 49.20 21.39
C LEU H 187 -11.61 48.42 21.18
N SER H 188 -12.42 48.28 22.23
CA SER H 188 -13.76 47.65 22.18
C SER H 188 -14.76 48.57 21.46
N LYS H 189 -15.90 48.01 21.00
CA LYS H 189 -16.99 48.77 20.31
C LYS H 189 -17.48 49.86 21.27
N ALA H 190 -17.73 49.44 22.52
CA ALA H 190 -18.11 50.32 23.66
C ALA H 190 -17.25 51.59 23.66
N ASP H 191 -15.94 51.44 23.91
CA ASP H 191 -14.97 52.55 24.04
C ASP H 191 -14.92 53.34 22.73
N TYR H 192 -15.00 52.69 21.57
CA TYR H 192 -14.92 53.38 20.26
C TYR H 192 -16.09 54.35 20.13
N GLU H 193 -17.27 53.96 20.60
CA GLU H 193 -18.53 54.72 20.41
C GLU H 193 -18.67 55.84 21.46
N LYS H 194 -18.05 55.72 22.64
CA LYS H 194 -17.98 56.78 23.68
C LYS H 194 -17.37 58.08 23.11
N HIS H 195 -16.26 58.00 22.36
CA HIS H 195 -15.40 59.16 21.97
C HIS H 195 -15.66 59.54 20.51
N LYS H 196 -15.26 60.74 20.07
CA LYS H 196 -15.72 61.37 18.79
C LYS H 196 -14.54 61.58 17.82
N VAL H 197 -13.44 62.20 18.30
CA VAL H 197 -12.27 62.62 17.47
C VAL H 197 -11.14 61.59 17.61
N TYR H 198 -10.79 60.94 16.49
CA TYR H 198 -9.69 59.95 16.37
C TYR H 198 -8.62 60.56 15.48
N ALA H 199 -7.41 60.72 16.04
CA ALA H 199 -6.28 61.45 15.42
C ALA H 199 -4.98 60.67 15.61
N CYS H 200 -4.18 60.64 14.54
CA CYS H 200 -2.83 60.03 14.52
C CYS H 200 -1.85 61.15 14.18
N GLU H 201 -0.91 61.41 15.10
CA GLU H 201 0.14 62.46 15.00
C GLU H 201 1.48 61.80 14.70
N VAL H 202 2.14 62.24 13.62
CA VAL H 202 3.37 61.62 13.06
C VAL H 202 4.52 62.61 13.22
N THR H 203 5.53 62.27 14.02
CA THR H 203 6.82 63.00 14.10
C THR H 203 7.87 62.23 13.28
N HIS H 204 8.46 62.89 12.27
CA HIS H 204 9.49 62.30 11.39
C HIS H 204 10.47 63.39 10.92
N GLN H 205 11.73 63.01 10.78
CA GLN H 205 12.88 63.88 10.44
C GLN H 205 12.61 64.69 9.16
N GLY H 206 11.82 64.16 8.22
CA GLY H 206 11.59 64.79 6.90
C GLY H 206 10.43 65.77 6.91
N LEU H 207 9.81 65.97 8.08
CA LEU H 207 8.69 66.92 8.31
C LEU H 207 9.15 68.05 9.23
N SER H 208 8.97 69.31 8.80
CA SER H 208 9.36 70.53 9.56
C SER H 208 8.68 70.54 10.94
N SER H 209 7.47 69.98 11.07
CA SER H 209 6.76 69.80 12.37
C SER H 209 5.76 68.65 12.27
N PRO H 210 5.40 68.01 13.41
CA PRO H 210 4.44 66.90 13.41
C PRO H 210 3.20 67.12 12.52
N VAL H 211 2.87 66.14 11.67
CA VAL H 211 1.62 66.13 10.84
C VAL H 211 0.58 65.29 11.58
N THR H 212 -0.66 65.77 11.59
CA THR H 212 -1.84 65.09 12.20
C THR H 212 -2.89 64.86 11.11
N LYS H 213 -3.35 63.61 10.99
CA LYS H 213 -4.58 63.22 10.25
C LYS H 213 -5.57 62.67 11.29
N SER H 214 -6.85 63.02 11.14
CA SER H 214 -7.94 62.64 12.08
C SER H 214 -9.29 62.57 11.35
N PHE H 215 -10.28 61.95 12.00
CA PHE H 215 -11.70 61.88 11.56
C PHE H 215 -12.59 62.03 12.80
N ASN H 216 -13.84 62.46 12.59
CA ASN H 216 -14.94 62.41 13.59
C ASN H 216 -15.82 61.19 13.29
N ARG H 217 -16.09 60.37 14.30
CA ARG H 217 -16.80 59.07 14.20
C ARG H 217 -18.06 59.17 13.33
N GLY H 218 -18.06 58.50 12.17
CA GLY H 218 -19.17 58.45 11.19
C GLY H 218 -19.31 59.72 10.38
N GLU H 219 -18.24 60.26 9.80
CA GLU H 219 -18.25 61.59 9.13
C GLU H 219 -18.76 62.66 10.11
N VAL I 2 -14.95 -22.17 19.13
CA VAL I 2 -14.62 -23.65 19.40
C VAL I 2 -13.40 -24.08 18.58
N GLN I 3 -12.34 -24.58 19.24
CA GLN I 3 -11.02 -24.83 18.60
C GLN I 3 -10.47 -26.16 19.09
N VAL I 4 -10.00 -27.01 18.17
CA VAL I 4 -9.58 -28.40 18.47
C VAL I 4 -8.15 -28.63 17.96
N VAL I 5 -7.36 -29.42 18.68
CA VAL I 5 -5.98 -29.82 18.31
C VAL I 5 -5.86 -31.34 18.42
N GLU I 6 -5.69 -31.99 17.27
CA GLU I 6 -5.55 -33.45 17.11
C GLU I 6 -4.08 -33.80 16.94
N SER I 7 -3.60 -34.84 17.59
CA SER I 7 -2.17 -35.25 17.50
C SER I 7 -2.03 -36.72 17.89
N GLY I 8 -0.85 -37.29 17.67
CA GLY I 8 -0.59 -38.73 17.53
C GLY I 8 -0.89 -39.14 16.09
N GLY I 9 -0.85 -40.43 15.80
CA GLY I 9 -1.20 -40.92 14.45
C GLY I 9 0.02 -41.02 13.57
N GLY I 10 -0.16 -41.58 12.37
CA GLY I 10 0.91 -41.84 11.41
C GLY I 10 1.25 -43.32 11.36
N LEU I 11 2.47 -43.63 10.93
CA LEU I 11 2.93 -45.02 10.67
C LEU I 11 3.40 -45.64 11.98
N VAL I 12 3.02 -46.89 12.22
CA VAL I 12 3.50 -47.71 13.36
C VAL I 12 3.44 -49.17 12.92
N GLN I 13 4.40 -49.99 13.34
CA GLN I 13 4.52 -51.40 12.87
C GLN I 13 3.70 -52.30 13.80
N PRO I 14 3.16 -53.44 13.30
CA PRO I 14 2.31 -54.30 14.12
C PRO I 14 2.98 -54.62 15.47
N GLY I 15 2.20 -54.68 16.55
CA GLY I 15 2.68 -55.02 17.89
C GLY I 15 3.09 -53.79 18.69
N ARG I 16 3.66 -52.77 18.04
CA ARG I 16 4.05 -51.48 18.68
C ARG I 16 2.78 -50.72 19.09
N SER I 17 2.94 -49.55 19.72
CA SER I 17 1.82 -48.76 20.30
C SER I 17 1.93 -47.28 19.93
N LEU I 18 0.88 -46.53 20.21
CA LEU I 18 0.59 -45.18 19.69
C LEU I 18 -0.43 -44.53 20.63
N ARG I 19 -0.41 -43.20 20.77
CA ARG I 19 -1.34 -42.47 21.67
C ARG I 19 -1.96 -41.34 20.87
N LEU I 20 -3.27 -41.41 20.64
CA LEU I 20 -4.05 -40.34 19.97
C LEU I 20 -4.52 -39.36 21.04
N SER I 21 -4.86 -38.13 20.64
CA SER I 21 -5.47 -37.12 21.54
C SER I 21 -6.16 -36.05 20.72
N CYS I 22 -7.37 -35.68 21.14
CA CYS I 22 -8.01 -34.39 20.81
C CYS I 22 -8.06 -33.54 22.07
N ALA I 23 -7.73 -32.26 21.94
CA ALA I 23 -7.86 -31.23 22.99
C ALA I 23 -8.70 -30.09 22.40
N ALA I 24 -9.50 -29.43 23.21
CA ALA I 24 -10.48 -28.42 22.74
C ALA I 24 -10.70 -27.33 23.78
N SER I 25 -11.02 -26.13 23.28
CA SER I 25 -11.56 -25.01 24.06
C SER I 25 -12.82 -24.55 23.34
N GLY I 26 -13.80 -24.00 24.06
CA GLY I 26 -14.98 -23.34 23.46
C GLY I 26 -16.27 -24.08 23.81
N PHE I 27 -16.14 -25.24 24.44
CA PHE I 27 -17.26 -26.03 25.01
C PHE I 27 -16.84 -26.57 26.38
N THR I 28 -17.82 -26.83 27.23
CA THR I 28 -17.59 -27.22 28.64
C THR I 28 -17.16 -28.67 28.62
N PHE I 29 -15.86 -28.94 28.73
CA PHE I 29 -15.31 -30.28 28.43
C PHE I 29 -15.95 -31.39 29.29
N ASP I 30 -16.35 -31.08 30.51
CA ASP I 30 -16.83 -32.11 31.48
C ASP I 30 -18.37 -32.11 31.50
N ASP I 31 -19.04 -31.54 30.51
CA ASP I 31 -20.51 -31.68 30.33
C ASP I 31 -20.84 -32.90 29.45
N TYR I 32 -19.81 -33.59 28.94
CA TYR I 32 -19.99 -34.55 27.80
C TYR I 32 -19.31 -35.90 28.08
N ALA I 33 -20.00 -36.96 27.68
CA ALA I 33 -19.37 -38.29 27.48
C ALA I 33 -18.60 -38.21 26.15
N MET I 34 -17.38 -38.73 26.18
CA MET I 34 -16.42 -38.68 25.05
C MET I 34 -16.36 -40.08 24.43
N TYR I 35 -16.28 -40.14 23.11
CA TYR I 35 -16.21 -41.40 22.35
C TYR I 35 -15.12 -41.30 21.26
N TRP I 36 -14.54 -42.44 20.92
CA TRP I 36 -13.72 -42.68 19.71
C TRP I 36 -14.51 -43.53 18.71
N VAL I 37 -14.71 -43.03 17.50
CA VAL I 37 -15.23 -43.76 16.31
C VAL I 37 -14.07 -43.91 15.32
N ARG I 38 -13.94 -45.07 14.67
CA ARG I 38 -12.91 -45.28 13.61
C ARG I 38 -13.57 -45.69 12.30
N GLN I 39 -12.84 -45.48 11.20
CA GLN I 39 -13.27 -45.77 9.81
C GLN I 39 -12.05 -46.27 9.06
N ALA I 40 -11.94 -47.58 8.80
CA ALA I 40 -10.87 -48.19 7.98
C ALA I 40 -11.06 -47.65 6.56
N PRO I 41 -9.98 -47.34 5.81
CA PRO I 41 -10.12 -46.53 4.60
C PRO I 41 -11.04 -47.26 3.61
N GLY I 42 -11.98 -46.52 3.00
CA GLY I 42 -12.98 -47.02 2.05
C GLY I 42 -14.20 -47.66 2.71
N LYS I 43 -14.05 -48.20 3.94
CA LYS I 43 -15.11 -48.94 4.68
C LYS I 43 -15.90 -47.95 5.57
N GLY I 44 -16.79 -48.44 6.44
CA GLY I 44 -17.80 -47.63 7.16
C GLY I 44 -17.39 -47.39 8.61
N LEU I 45 -18.28 -46.74 9.38
CA LEU I 45 -18.02 -46.23 10.76
C LEU I 45 -18.12 -47.38 11.77
N GLU I 46 -17.27 -47.38 12.79
CA GLU I 46 -17.23 -48.40 13.87
C GLU I 46 -17.06 -47.70 15.22
N TRP I 47 -18.05 -47.83 16.10
CA TRP I 47 -17.96 -47.47 17.55
C TRP I 47 -16.81 -48.25 18.19
N VAL I 48 -15.84 -47.55 18.78
CA VAL I 48 -14.57 -48.14 19.30
C VAL I 48 -14.58 -48.12 20.82
N SER I 49 -14.88 -46.96 21.41
CA SER I 49 -14.68 -46.71 22.86
C SER I 49 -15.50 -45.51 23.32
N GLY I 50 -15.84 -45.49 24.61
CA GLY I 50 -16.68 -44.46 25.25
C GLY I 50 -16.31 -44.26 26.71
N ILE I 51 -16.53 -43.06 27.25
CA ILE I 51 -16.13 -42.70 28.64
C ILE I 51 -17.05 -41.58 29.15
N SER I 52 -17.58 -41.76 30.37
CA SER I 52 -18.49 -40.80 31.06
C SER I 52 -17.69 -39.57 31.46
N TRP I 53 -18.37 -38.45 31.71
CA TRP I 53 -17.74 -37.13 32.00
C TRP I 53 -16.63 -37.25 33.05
N ASN I 54 -16.83 -38.07 34.08
CA ASN I 54 -15.88 -38.15 35.24
C ASN I 54 -15.05 -39.44 35.18
N SER I 55 -14.94 -40.08 34.03
CA SER I 55 -14.19 -41.36 33.83
C SER I 55 -14.77 -42.50 34.70
N GLY I 56 -16.06 -42.37 35.06
CA GLY I 56 -16.78 -43.28 35.97
C GLY I 56 -17.04 -44.63 35.31
N SER I 57 -17.56 -44.63 34.08
CA SER I 57 -17.84 -45.86 33.31
C SER I 57 -17.15 -45.78 31.93
N ILE I 58 -16.50 -46.87 31.55
CA ILE I 58 -15.63 -47.01 30.34
C ILE I 58 -16.12 -48.26 29.58
N VAL I 59 -16.43 -48.13 28.30
CA VAL I 59 -16.96 -49.23 27.45
C VAL I 59 -16.09 -49.33 26.19
N TYR I 60 -15.61 -50.53 25.87
CA TYR I 60 -14.88 -50.86 24.62
C TYR I 60 -15.69 -51.81 23.75
N ALA I 61 -15.69 -51.64 22.43
CA ALA I 61 -16.13 -52.65 21.44
C ALA I 61 -15.20 -53.86 21.55
N ASP I 62 -15.73 -55.04 21.24
CA ASP I 62 -15.03 -56.34 21.48
C ASP I 62 -13.71 -56.34 20.69
N SER I 63 -13.73 -55.80 19.45
CA SER I 63 -12.58 -55.77 18.50
C SER I 63 -11.31 -55.20 19.15
N VAL I 64 -11.44 -54.30 20.13
CA VAL I 64 -10.28 -53.56 20.71
C VAL I 64 -10.10 -53.87 22.20
N LYS I 65 -11.07 -54.51 22.87
CA LYS I 65 -10.99 -54.77 24.33
C LYS I 65 -9.67 -55.48 24.65
N GLY I 66 -8.99 -55.08 25.73
CA GLY I 66 -7.71 -55.65 26.17
C GLY I 66 -6.50 -54.96 25.55
N ARG I 67 -6.67 -54.23 24.44
CA ARG I 67 -5.55 -53.63 23.67
C ARG I 67 -5.54 -52.10 23.77
N PHE I 68 -6.71 -51.45 23.66
CA PHE I 68 -6.87 -49.97 23.67
C PHE I 68 -7.33 -49.50 25.05
N THR I 69 -6.83 -48.35 25.49
CA THR I 69 -7.23 -47.67 26.75
C THR I 69 -7.73 -46.26 26.43
N ILE I 70 -9.00 -45.98 26.70
CA ILE I 70 -9.57 -44.61 26.62
C ILE I 70 -9.36 -43.94 27.97
N SER I 71 -9.08 -42.64 27.96
CA SER I 71 -8.86 -41.80 29.17
C SER I 71 -9.10 -40.33 28.83
N ARG I 72 -9.20 -39.47 29.84
CA ARG I 72 -9.45 -38.03 29.64
C ARG I 72 -8.83 -37.26 30.80
N ASP I 73 -8.51 -35.99 30.56
CA ASP I 73 -8.04 -34.98 31.55
C ASP I 73 -8.89 -33.72 31.32
N ASN I 74 -9.93 -33.54 32.14
CA ASN I 74 -10.92 -32.44 31.99
C ASN I 74 -10.24 -31.08 32.27
N ALA I 75 -9.17 -31.14 33.06
CA ALA I 75 -8.31 -29.97 33.42
C ALA I 75 -7.56 -29.49 32.18
N LYS I 76 -7.06 -30.43 31.36
CA LYS I 76 -6.31 -30.12 30.10
C LYS I 76 -7.26 -30.17 28.89
N ASN I 77 -8.57 -30.23 29.12
CA ASN I 77 -9.64 -30.38 28.09
C ASN I 77 -9.16 -31.34 26.97
N SER I 78 -8.74 -32.56 27.31
CA SER I 78 -8.10 -33.55 26.42
C SER I 78 -8.76 -34.92 26.53
N LEU I 79 -8.99 -35.58 25.39
CA LEU I 79 -9.43 -36.99 25.27
C LEU I 79 -8.30 -37.81 24.67
N TYR I 80 -7.92 -38.92 25.30
CA TYR I 80 -6.79 -39.79 24.86
C TYR I 80 -7.33 -41.15 24.43
N LEU I 81 -6.67 -41.79 23.47
CA LEU I 81 -6.80 -43.25 23.17
C LEU I 81 -5.40 -43.84 23.02
N GLN I 82 -5.04 -44.76 23.92
CA GLN I 82 -3.75 -45.51 23.91
C GLN I 82 -3.97 -46.78 23.09
N LEU I 83 -3.34 -46.88 21.91
CA LEU I 83 -3.43 -48.06 21.01
C LEU I 83 -2.22 -48.97 21.31
N ASN I 84 -2.44 -50.14 21.93
CA ASN I 84 -1.37 -51.17 22.13
C ASN I 84 -1.69 -52.38 21.24
N SER I 85 -0.72 -53.27 21.05
CA SER I 85 -0.88 -54.55 20.32
C SER I 85 -1.57 -54.29 18.98
N LEU I 86 -1.11 -53.29 18.24
CA LEU I 86 -1.76 -52.85 16.98
C LEU I 86 -1.62 -53.93 15.91
N ARG I 87 -2.62 -54.01 15.03
CA ARG I 87 -2.71 -55.01 13.94
C ARG I 87 -3.20 -54.28 12.68
N ALA I 88 -2.95 -54.85 11.51
CA ALA I 88 -3.23 -54.23 10.20
C ALA I 88 -4.67 -53.67 10.16
N GLU I 89 -5.65 -54.37 10.76
CA GLU I 89 -7.10 -54.04 10.65
C GLU I 89 -7.42 -52.76 11.42
N ASP I 90 -6.57 -52.39 12.39
CA ASP I 90 -6.69 -51.13 13.19
C ASP I 90 -6.37 -49.90 12.34
N THR I 91 -5.71 -50.08 11.20
CA THR I 91 -5.51 -48.98 10.22
C THR I 91 -6.88 -48.36 9.95
N ALA I 92 -7.02 -47.06 10.27
CA ALA I 92 -8.29 -46.31 10.13
C ALA I 92 -8.05 -44.84 10.45
N PHE I 93 -8.96 -43.97 10.01
CA PHE I 93 -9.18 -42.60 10.53
C PHE I 93 -9.92 -42.71 11.86
N TYR I 94 -9.33 -42.23 12.97
CA TYR I 94 -9.93 -42.24 14.33
C TYR I 94 -10.52 -40.85 14.63
N TYR I 95 -11.83 -40.78 14.89
CA TYR I 95 -12.58 -39.51 15.14
C TYR I 95 -12.93 -39.35 16.62
N CYS I 96 -12.86 -38.11 17.11
CA CYS I 96 -13.30 -37.67 18.45
C CYS I 96 -14.78 -37.34 18.39
N ALA I 97 -15.58 -37.93 19.28
CA ALA I 97 -17.02 -37.62 19.40
C ALA I 97 -17.41 -37.38 20.86
N LYS I 98 -18.62 -36.86 21.03
CA LYS I 98 -19.06 -36.09 22.22
C LYS I 98 -20.58 -36.30 22.34
N ALA I 99 -21.11 -36.73 23.48
CA ALA I 99 -22.57 -36.75 23.74
C ALA I 99 -22.87 -36.17 25.13
N VAL I 100 -24.00 -35.48 25.25
CA VAL I 100 -24.42 -34.74 26.48
C VAL I 100 -24.64 -35.74 27.64
N SER I 101 -25.59 -36.68 27.50
CA SER I 101 -26.04 -37.61 28.57
C SER I 101 -26.87 -38.76 28.00
N GLY I 102 -27.32 -39.68 28.86
CA GLY I 102 -28.37 -40.67 28.57
C GLY I 102 -29.65 -40.05 27.98
N TYR I 103 -30.05 -38.85 28.40
CA TYR I 103 -31.31 -38.19 27.96
C TYR I 103 -31.18 -37.72 26.51
N PHE I 104 -29.95 -37.65 25.98
CA PHE I 104 -29.65 -37.27 24.57
C PHE I 104 -28.26 -37.77 24.18
N PRO I 105 -28.12 -39.06 23.78
CA PRO I 105 -26.81 -39.70 23.66
C PRO I 105 -26.19 -39.60 22.25
N TYR I 106 -26.84 -38.83 21.37
CA TYR I 106 -26.49 -38.61 19.95
C TYR I 106 -25.12 -37.92 19.85
N PHE I 107 -24.26 -38.44 18.97
CA PHE I 107 -22.85 -38.00 18.78
C PHE I 107 -22.82 -36.61 18.11
N ASP I 108 -21.94 -35.76 18.63
CA ASP I 108 -21.39 -34.56 17.96
C ASP I 108 -19.93 -34.89 17.68
N TYR I 109 -19.46 -34.73 16.44
CA TYR I 109 -18.04 -34.99 16.07
C TYR I 109 -17.28 -33.67 16.19
N TRP I 110 -16.19 -33.66 16.97
CA TRP I 110 -15.28 -32.51 17.14
C TRP I 110 -13.86 -32.97 16.75
N GLY I 111 -13.22 -32.26 15.83
CA GLY I 111 -12.00 -32.77 15.18
C GLY I 111 -12.25 -33.72 14.01
N GLN I 112 -11.36 -33.64 13.03
CA GLN I 112 -11.53 -34.04 11.61
C GLN I 112 -11.08 -35.49 11.38
N GLY I 113 -10.51 -36.15 12.39
CA GLY I 113 -10.06 -37.54 12.24
C GLY I 113 -8.55 -37.64 12.10
N ILE I 114 -7.97 -38.69 12.68
CA ILE I 114 -6.50 -38.90 12.79
C ILE I 114 -6.17 -40.22 12.12
N LEU I 115 -5.37 -40.20 11.06
CA LEU I 115 -5.01 -41.43 10.30
C LEU I 115 -3.93 -42.21 11.06
N VAL I 116 -4.25 -43.44 11.44
CA VAL I 116 -3.26 -44.45 11.93
C VAL I 116 -3.07 -45.48 10.80
N THR I 117 -1.81 -45.68 10.37
CA THR I 117 -1.43 -46.72 9.39
C THR I 117 -0.56 -47.74 10.11
N VAL I 118 -1.05 -48.98 10.25
CA VAL I 118 -0.29 -50.10 10.85
C VAL I 118 0.25 -50.95 9.70
N SER I 119 1.58 -50.99 9.55
CA SER I 119 2.31 -51.65 8.44
C SER I 119 3.78 -51.83 8.82
N SER I 120 4.41 -52.87 8.29
CA SER I 120 5.86 -53.17 8.46
C SER I 120 6.67 -52.33 7.48
N ALA I 121 6.05 -51.83 6.42
CA ALA I 121 6.68 -51.07 5.32
C ALA I 121 7.34 -49.81 5.88
N SER I 122 8.49 -49.45 5.30
CA SER I 122 9.26 -48.22 5.62
C SER I 122 8.57 -47.02 4.98
N THR I 123 8.72 -45.86 5.62
CA THR I 123 8.40 -44.54 5.03
C THR I 123 9.21 -44.33 3.75
N LYS I 124 8.63 -43.68 2.75
CA LYS I 124 9.32 -43.30 1.50
C LYS I 124 8.67 -42.04 0.93
N GLY I 125 9.47 -41.03 0.67
CA GLY I 125 8.99 -39.72 0.18
C GLY I 125 8.56 -39.81 -1.29
N PRO I 126 7.66 -38.95 -1.73
CA PRO I 126 7.19 -38.98 -3.10
C PRO I 126 8.20 -38.40 -4.07
N SER I 127 8.34 -39.03 -5.23
CA SER I 127 8.93 -38.44 -6.45
C SER I 127 7.87 -37.58 -7.14
N VAL I 128 8.13 -36.29 -7.29
CA VAL I 128 7.19 -35.33 -7.95
C VAL I 128 7.68 -35.05 -9.37
N PHE I 129 6.83 -35.27 -10.37
CA PHE I 129 7.15 -35.13 -11.82
C PHE I 129 6.09 -34.24 -12.48
N PRO I 130 6.46 -33.30 -13.37
CA PRO I 130 5.46 -32.44 -14.00
C PRO I 130 4.59 -33.22 -15.00
N LEU I 131 3.34 -32.81 -15.15
CA LEU I 131 2.44 -33.23 -16.25
C LEU I 131 2.24 -31.99 -17.10
N ALA I 132 3.04 -31.83 -18.15
CA ALA I 132 3.15 -30.60 -18.94
C ALA I 132 1.96 -30.46 -19.91
N PRO I 133 1.39 -29.25 -20.07
CA PRO I 133 0.36 -29.01 -21.08
C PRO I 133 0.91 -28.99 -22.51
N SER I 134 0.06 -29.01 -23.54
CA SER I 134 0.48 -29.16 -24.96
C SER I 134 -0.65 -28.72 -25.89
N SER I 135 -0.56 -29.04 -27.19
CA SER I 135 -1.70 -29.00 -28.16
C SER I 135 -2.59 -30.23 -27.94
N LYS I 136 -2.01 -31.32 -27.43
CA LYS I 136 -2.67 -32.61 -27.04
C LYS I 136 -3.28 -32.48 -25.63
N SER I 137 -3.14 -31.29 -25.02
CA SER I 137 -3.58 -30.93 -23.66
C SER I 137 -4.48 -29.66 -23.65
N THR I 138 -4.88 -29.17 -24.85
CA THR I 138 -5.81 -28.03 -25.10
C THR I 138 -7.07 -28.55 -25.82
N SER I 139 -8.26 -28.19 -25.33
CA SER I 139 -9.58 -28.58 -25.91
C SER I 139 -10.48 -27.34 -25.92
N GLY I 140 -10.55 -26.63 -27.04
CA GLY I 140 -11.11 -25.26 -27.11
C GLY I 140 -10.19 -24.25 -26.46
N GLY I 141 -10.74 -23.31 -25.66
CA GLY I 141 -9.95 -22.30 -24.92
C GLY I 141 -9.50 -22.78 -23.55
N THR I 142 -9.59 -24.09 -23.25
CA THR I 142 -9.28 -24.68 -21.91
C THR I 142 -8.12 -25.67 -22.01
N ALA I 143 -7.12 -25.54 -21.13
CA ALA I 143 -5.88 -26.37 -21.11
C ALA I 143 -5.66 -26.97 -19.72
N ALA I 144 -5.20 -28.22 -19.68
CA ALA I 144 -4.97 -29.01 -18.44
C ALA I 144 -3.47 -29.20 -18.23
N LEU I 145 -3.01 -29.17 -16.97
CA LEU I 145 -1.62 -29.44 -16.54
C LEU I 145 -1.70 -30.04 -15.14
N GLY I 146 -0.59 -30.52 -14.57
CA GLY I 146 -0.62 -31.18 -13.25
C GLY I 146 0.74 -31.62 -12.74
N CYS I 147 0.73 -32.38 -11.65
CA CYS I 147 1.88 -33.01 -10.98
C CYS I 147 1.59 -34.49 -10.78
N LEU I 148 2.57 -35.36 -11.03
CA LEU I 148 2.50 -36.79 -10.70
C LEU I 148 3.28 -37.00 -9.39
N VAL I 149 2.59 -37.43 -8.34
CA VAL I 149 3.21 -37.66 -7.01
C VAL I 149 3.33 -39.16 -6.81
N LYS I 150 4.49 -39.73 -7.14
CA LYS I 150 4.64 -41.19 -7.38
C LYS I 150 5.55 -41.83 -6.33
N ASP I 151 5.19 -43.03 -5.89
CA ASP I 151 6.04 -43.97 -5.11
C ASP I 151 6.34 -43.39 -3.74
N TYR I 152 5.32 -43.22 -2.90
CA TYR I 152 5.45 -42.75 -1.50
C TYR I 152 4.70 -43.68 -0.53
N PHE I 153 5.03 -43.58 0.75
CA PHE I 153 4.41 -44.36 1.84
C PHE I 153 4.80 -43.76 3.19
N PRO I 154 3.88 -43.68 4.18
CA PRO I 154 2.47 -44.03 3.98
C PRO I 154 1.68 -42.83 3.45
N GLU I 155 0.35 -42.94 3.42
CA GLU I 155 -0.56 -41.79 3.27
C GLU I 155 -0.40 -40.92 4.52
N PRO I 156 -0.70 -39.60 4.47
CA PRO I 156 -1.05 -38.89 3.25
C PRO I 156 -0.04 -37.89 2.66
N VAL I 157 -0.33 -37.39 1.46
CA VAL I 157 0.34 -36.20 0.88
C VAL I 157 -0.72 -35.13 0.72
N THR I 158 -0.31 -33.87 0.79
CA THR I 158 -1.16 -32.68 0.51
C THR I 158 -0.57 -32.00 -0.72
N VAL I 159 -1.41 -31.54 -1.62
CA VAL I 159 -1.00 -30.83 -2.86
C VAL I 159 -1.80 -29.54 -2.94
N SER I 160 -1.12 -28.40 -3.07
CA SER I 160 -1.77 -27.10 -3.40
C SER I 160 -1.13 -26.57 -4.68
N TRP I 161 -1.66 -25.50 -5.22
CA TRP I 161 -1.16 -24.87 -6.47
C TRP I 161 -0.90 -23.38 -6.22
N ASN I 162 0.31 -22.92 -6.57
CA ASN I 162 0.77 -21.53 -6.33
C ASN I 162 0.49 -21.17 -4.86
N SER I 163 0.74 -22.12 -3.96
CA SER I 163 0.71 -21.94 -2.48
C SER I 163 -0.71 -21.58 -1.99
N GLY I 164 -1.76 -22.05 -2.68
CA GLY I 164 -3.16 -21.87 -2.27
C GLY I 164 -3.87 -20.83 -3.10
N ALA I 165 -3.14 -20.04 -3.90
CA ALA I 165 -3.69 -18.96 -4.77
C ALA I 165 -4.56 -19.55 -5.88
N LEU I 166 -4.29 -20.79 -6.29
CA LEU I 166 -5.09 -21.53 -7.31
C LEU I 166 -5.79 -22.71 -6.65
N THR I 167 -7.12 -22.65 -6.57
CA THR I 167 -8.01 -23.71 -6.00
C THR I 167 -9.07 -24.08 -7.03
N SER I 168 -9.55 -23.11 -7.80
CA SER I 168 -10.56 -23.28 -8.88
C SER I 168 -10.01 -24.21 -9.97
N GLY I 169 -10.68 -25.35 -10.17
CA GLY I 169 -10.43 -26.28 -11.29
C GLY I 169 -9.53 -27.44 -10.92
N VAL I 170 -9.07 -27.51 -9.66
CA VAL I 170 -8.07 -28.52 -9.19
C VAL I 170 -8.78 -29.84 -8.92
N HIS I 171 -8.17 -30.96 -9.32
CA HIS I 171 -8.59 -32.34 -8.96
C HIS I 171 -7.34 -33.08 -8.45
N THR I 172 -7.21 -33.26 -7.13
CA THR I 172 -6.13 -34.10 -6.54
C THR I 172 -6.69 -35.51 -6.32
N PHE I 173 -6.32 -36.45 -7.20
CA PHE I 173 -6.86 -37.82 -7.26
C PHE I 173 -6.56 -38.55 -5.95
N PRO I 174 -7.50 -39.40 -5.47
CA PRO I 174 -7.22 -40.34 -4.40
C PRO I 174 -5.99 -41.19 -4.72
N ALA I 175 -5.14 -41.39 -3.71
CA ALA I 175 -3.98 -42.31 -3.78
C ALA I 175 -4.51 -43.68 -4.20
N VAL I 176 -3.72 -44.40 -4.99
CA VAL I 176 -3.92 -45.83 -5.34
C VAL I 176 -2.63 -46.59 -5.05
N LEU I 177 -2.72 -47.67 -4.29
CA LEU I 177 -1.56 -48.54 -3.96
C LEU I 177 -1.14 -49.26 -5.24
N GLN I 178 0.13 -49.18 -5.62
CA GLN I 178 0.74 -49.93 -6.77
C GLN I 178 1.23 -51.28 -6.24
N SER I 179 1.53 -52.23 -7.13
CA SER I 179 2.05 -53.58 -6.77
C SER I 179 3.36 -53.46 -5.98
N SER I 180 4.12 -52.37 -6.16
CA SER I 180 5.38 -52.08 -5.43
C SER I 180 5.12 -51.96 -3.92
N GLY I 181 3.88 -51.70 -3.50
CA GLY I 181 3.52 -51.44 -2.08
C GLY I 181 3.68 -49.97 -1.70
N LEU I 182 3.71 -49.09 -2.71
CA LEU I 182 3.84 -47.62 -2.57
C LEU I 182 2.66 -46.96 -3.26
N TYR I 183 2.19 -45.84 -2.70
CA TYR I 183 1.07 -45.07 -3.25
C TYR I 183 1.56 -44.19 -4.40
N SER I 184 0.61 -43.78 -5.24
CA SER I 184 0.82 -42.79 -6.32
C SER I 184 -0.50 -42.11 -6.63
N LEU I 185 -0.43 -40.82 -6.96
CA LEU I 185 -1.60 -40.03 -7.41
C LEU I 185 -1.10 -38.93 -8.32
N SER I 186 -1.99 -38.28 -9.05
CA SER I 186 -1.73 -37.04 -9.80
C SER I 186 -2.65 -35.96 -9.24
N SER I 187 -2.18 -34.73 -9.20
CA SER I 187 -3.03 -33.53 -9.02
C SER I 187 -3.01 -32.78 -10.34
N VAL I 188 -4.16 -32.39 -10.85
CA VAL I 188 -4.28 -31.69 -12.16
C VAL I 188 -5.17 -30.46 -11.98
N VAL I 189 -5.14 -29.58 -12.97
CA VAL I 189 -5.94 -28.32 -12.95
C VAL I 189 -6.14 -27.88 -14.41
N THR I 190 -7.32 -27.34 -14.68
CA THR I 190 -7.70 -26.71 -15.96
C THR I 190 -7.63 -25.20 -15.74
N VAL I 191 -7.13 -24.49 -16.75
CA VAL I 191 -6.87 -23.03 -16.76
C VAL I 191 -7.18 -22.55 -18.17
N PRO I 192 -7.31 -21.21 -18.38
CA PRO I 192 -7.46 -20.68 -19.74
C PRO I 192 -6.22 -21.02 -20.58
N SER I 193 -6.40 -21.29 -21.88
CA SER I 193 -5.30 -21.54 -22.86
C SER I 193 -4.30 -20.37 -22.84
N SER I 194 -4.83 -19.15 -23.04
CA SER I 194 -4.08 -17.87 -23.16
C SER I 194 -3.10 -17.67 -22.00
N SER I 195 -3.41 -18.19 -20.82
CA SER I 195 -2.61 -17.98 -19.58
C SER I 195 -1.37 -18.89 -19.57
N LEU I 196 -1.31 -19.94 -20.40
CA LEU I 196 -0.34 -21.05 -20.24
C LEU I 196 1.11 -20.56 -20.13
N GLY I 197 1.51 -19.60 -20.96
CA GLY I 197 2.91 -19.13 -21.02
C GLY I 197 3.09 -17.88 -20.17
N THR I 198 1.99 -17.16 -19.89
CA THR I 198 1.98 -15.80 -19.29
C THR I 198 1.89 -15.88 -17.75
N GLN I 199 1.55 -17.04 -17.20
CA GLN I 199 1.33 -17.27 -15.75
C GLN I 199 2.17 -18.47 -15.29
N THR I 200 2.63 -18.42 -14.03
CA THR I 200 3.45 -19.47 -13.38
C THR I 200 2.54 -20.48 -12.67
N TYR I 201 2.84 -21.78 -12.81
CA TYR I 201 2.10 -22.90 -12.18
C TYR I 201 3.10 -23.81 -11.43
N ILE I 202 2.90 -23.93 -10.11
CA ILE I 202 3.79 -24.70 -9.18
C ILE I 202 2.91 -25.58 -8.27
N CYS I 203 3.20 -26.88 -8.19
CA CYS I 203 2.61 -27.81 -7.20
C CYS I 203 3.36 -27.69 -5.89
N ASN I 204 2.65 -27.60 -4.79
CA ASN I 204 3.24 -27.63 -3.43
C ASN I 204 2.87 -28.99 -2.85
N VAL I 205 3.76 -29.95 -3.00
CA VAL I 205 3.61 -31.32 -2.44
C VAL I 205 4.30 -31.33 -1.07
N ASN I 206 3.57 -31.75 -0.03
CA ASN I 206 4.10 -31.95 1.34
C ASN I 206 3.75 -33.39 1.73
N HIS I 207 4.71 -34.11 2.31
CA HIS I 207 4.56 -35.48 2.82
C HIS I 207 5.19 -35.53 4.21
N LYS I 208 4.41 -35.25 5.27
CA LYS I 208 4.93 -35.07 6.65
C LYS I 208 5.78 -36.29 7.03
N PRO I 209 5.36 -37.54 6.76
CA PRO I 209 6.11 -38.70 7.27
C PRO I 209 7.57 -38.86 6.82
N SER I 210 7.94 -38.35 5.62
CA SER I 210 9.32 -38.44 5.04
C SER I 210 10.06 -37.10 5.16
N ASN I 211 9.35 -36.10 5.70
CA ASN I 211 9.82 -34.70 5.85
C ASN I 211 10.19 -34.17 4.47
N THR I 212 9.30 -34.37 3.50
CA THR I 212 9.49 -33.97 2.09
C THR I 212 8.54 -32.84 1.74
N LYS I 213 9.09 -31.67 1.45
CA LYS I 213 8.37 -30.48 0.93
C LYS I 213 8.99 -30.22 -0.44
N VAL I 214 8.22 -30.34 -1.53
CA VAL I 214 8.73 -30.11 -2.91
C VAL I 214 7.78 -29.16 -3.63
N ASP I 215 8.30 -28.07 -4.18
CA ASP I 215 7.55 -27.11 -5.03
C ASP I 215 8.09 -27.33 -6.44
N LYS I 216 7.32 -27.99 -7.33
CA LYS I 216 7.77 -28.33 -8.70
C LYS I 216 7.10 -27.39 -9.70
N ARG I 217 7.89 -26.69 -10.52
CA ARG I 217 7.41 -25.82 -11.61
C ARG I 217 6.91 -26.73 -12.75
N VAL I 218 5.81 -26.34 -13.38
CA VAL I 218 5.17 -27.10 -14.49
C VAL I 218 5.03 -26.15 -15.68
N GLU I 219 5.76 -26.42 -16.78
CA GLU I 219 5.75 -25.51 -17.95
C GLU I 219 5.68 -26.30 -19.24
N PRO I 220 5.13 -25.69 -20.32
CA PRO I 220 4.75 -26.42 -21.53
C PRO I 220 5.84 -27.25 -22.22
N LYS I 221 5.42 -28.22 -23.03
CA LYS I 221 6.22 -28.89 -24.09
C LYS I 221 5.24 -29.35 -25.17
N ASP J 1 -25.70 -58.27 20.63
CA ASP J 1 -25.53 -56.87 20.16
C ASP J 1 -26.47 -56.64 18.97
N ILE J 2 -27.15 -55.49 18.94
CA ILE J 2 -28.05 -55.03 17.84
C ILE J 2 -27.24 -54.84 16.54
N VAL J 3 -27.87 -55.17 15.40
CA VAL J 3 -27.28 -55.07 14.03
C VAL J 3 -28.16 -54.15 13.18
N MET J 4 -27.56 -53.15 12.56
CA MET J 4 -28.27 -52.22 11.64
C MET J 4 -27.92 -52.60 10.21
N THR J 5 -28.93 -52.65 9.33
CA THR J 5 -28.80 -53.03 7.90
C THR J 5 -29.59 -52.00 7.08
N GLN J 6 -28.86 -51.19 6.33
CA GLN J 6 -29.44 -50.13 5.46
C GLN J 6 -29.77 -50.76 4.11
N SER J 7 -30.59 -50.11 3.31
CA SER J 7 -30.96 -50.55 1.96
C SER J 7 -31.46 -49.33 1.17
N PRO J 8 -30.98 -49.07 -0.05
CA PRO J 8 -29.95 -49.87 -0.70
C PRO J 8 -28.55 -49.56 -0.16
N ASP J 9 -27.55 -50.36 -0.55
CA ASP J 9 -26.10 -50.14 -0.27
C ASP J 9 -25.66 -48.87 -1.01
N SER J 10 -26.29 -48.56 -2.15
CA SER J 10 -26.02 -47.31 -2.91
C SER J 10 -27.22 -46.96 -3.79
N LEU J 11 -27.29 -45.72 -4.23
CA LEU J 11 -28.54 -45.09 -4.72
C LEU J 11 -28.16 -43.88 -5.57
N SER J 12 -28.76 -43.74 -6.73
CA SER J 12 -28.48 -42.67 -7.72
C SER J 12 -29.80 -41.98 -8.08
N VAL J 13 -29.95 -40.72 -7.67
CA VAL J 13 -31.23 -39.97 -7.74
C VAL J 13 -30.99 -38.64 -8.44
N SER J 14 -31.88 -38.25 -9.37
CA SER J 14 -31.78 -37.01 -10.17
C SER J 14 -31.92 -35.78 -9.27
N LEU J 15 -31.35 -34.66 -9.72
CA LEU J 15 -31.48 -33.33 -9.09
C LEU J 15 -32.97 -32.98 -8.98
N GLY J 16 -33.40 -32.53 -7.81
CA GLY J 16 -34.76 -32.02 -7.56
C GLY J 16 -35.78 -33.14 -7.42
N GLU J 17 -35.36 -34.33 -7.03
CA GLU J 17 -36.21 -35.56 -7.01
C GLU J 17 -36.02 -36.28 -5.67
N ARG J 18 -36.95 -37.17 -5.30
CA ARG J 18 -36.97 -37.74 -3.92
C ARG J 18 -35.92 -38.86 -3.84
N ALA J 19 -35.17 -38.88 -2.74
CA ALA J 19 -34.19 -39.95 -2.41
C ALA J 19 -34.61 -40.58 -1.10
N THR J 20 -34.75 -41.91 -1.09
CA THR J 20 -35.28 -42.65 0.08
C THR J 20 -34.26 -43.70 0.46
N ILE J 21 -33.86 -43.72 1.73
CA ILE J 21 -32.88 -44.68 2.29
C ILE J 21 -33.54 -45.33 3.50
N ASN J 22 -33.37 -46.65 3.66
CA ASN J 22 -34.09 -47.46 4.66
C ASN J 22 -33.06 -48.05 5.62
N CYS J 23 -33.45 -48.16 6.90
CA CYS J 23 -32.62 -48.74 7.99
C CYS J 23 -33.50 -49.72 8.76
N LYS J 24 -32.93 -50.85 9.15
CA LYS J 24 -33.64 -51.94 9.87
C LYS J 24 -32.74 -52.40 11.02
N SER J 25 -33.30 -52.47 12.23
CA SER J 25 -32.58 -52.93 13.45
C SER J 25 -32.99 -54.36 13.77
N SER J 26 -32.02 -55.19 14.19
CA SER J 26 -32.22 -56.61 14.56
C SER J 26 -33.21 -56.70 15.73
N GLN J 27 -33.17 -55.75 16.68
CA GLN J 27 -34.15 -55.61 17.79
C GLN J 27 -34.85 -54.26 17.65
N SER J 28 -35.96 -54.06 18.36
CA SER J 28 -36.67 -52.76 18.39
C SER J 28 -35.81 -51.77 19.17
N VAL J 29 -35.85 -50.50 18.77
CA VAL J 29 -35.13 -49.36 19.42
C VAL J 29 -36.17 -48.32 19.86
N LEU J 30 -37.46 -48.72 19.92
CA LEU J 30 -38.53 -47.99 20.66
C LEU J 30 -38.43 -48.36 22.14
N TYR J 31 -38.28 -47.34 23.00
CA TYR J 31 -38.36 -47.47 24.47
C TYR J 31 -39.81 -47.17 24.86
N SER J 32 -40.54 -48.20 25.30
CA SER J 32 -41.99 -48.13 25.67
C SER J 32 -42.19 -47.10 26.79
N SER J 33 -41.20 -47.03 27.69
CA SER J 33 -41.11 -46.14 28.89
C SER J 33 -41.36 -44.66 28.53
N ASN J 34 -40.63 -44.11 27.55
CA ASN J 34 -40.74 -42.68 27.12
C ASN J 34 -41.24 -42.56 25.66
N ASN J 35 -41.48 -43.70 24.98
CA ASN J 35 -42.06 -43.76 23.61
C ASN J 35 -41.19 -42.92 22.65
N LYS J 36 -39.88 -43.11 22.70
CA LYS J 36 -38.89 -42.45 21.81
C LYS J 36 -38.07 -43.52 21.09
N ASN J 37 -37.83 -43.33 19.80
CA ASN J 37 -36.96 -44.20 18.97
C ASN J 37 -35.50 -43.74 19.08
N TYR J 38 -34.62 -44.57 19.65
CA TYR J 38 -33.18 -44.31 19.88
C TYR J 38 -32.40 -44.57 18.58
N LEU J 39 -32.61 -43.69 17.61
CA LEU J 39 -32.23 -43.89 16.20
C LEU J 39 -31.88 -42.52 15.60
N GLY J 40 -30.62 -42.35 15.16
CA GLY J 40 -30.16 -41.14 14.48
C GLY J 40 -29.68 -41.43 13.07
N TRP J 41 -29.78 -40.42 12.21
CA TRP J 41 -29.25 -40.40 10.81
C TRP J 41 -28.08 -39.39 10.70
N TYR J 42 -26.94 -39.83 10.19
CA TYR J 42 -25.73 -38.99 9.96
C TYR J 42 -25.39 -38.91 8.47
N GLN J 43 -24.94 -37.73 8.04
CA GLN J 43 -24.32 -37.42 6.71
C GLN J 43 -22.80 -37.43 6.90
N GLN J 44 -22.05 -38.06 6.00
CA GLN J 44 -20.56 -37.99 5.98
C GLN J 44 -20.14 -37.63 4.56
N LYS J 45 -19.75 -36.38 4.34
CA LYS J 45 -19.18 -35.91 3.06
C LYS J 45 -17.72 -36.40 3.00
N PRO J 46 -17.13 -36.58 1.80
CA PRO J 46 -15.79 -37.18 1.71
C PRO J 46 -14.71 -36.41 2.51
N GLY J 47 -13.90 -37.16 3.27
CA GLY J 47 -12.77 -36.63 4.08
C GLY J 47 -13.23 -35.61 5.12
N GLN J 48 -14.44 -35.77 5.64
CA GLN J 48 -15.00 -34.98 6.77
C GLN J 48 -15.52 -35.95 7.82
N PRO J 49 -15.77 -35.49 9.06
CA PRO J 49 -16.44 -36.34 10.04
C PRO J 49 -17.96 -36.32 9.78
N PRO J 50 -18.71 -37.29 10.35
CA PRO J 50 -20.16 -37.31 10.23
C PRO J 50 -20.86 -36.14 10.94
N LYS J 51 -21.94 -35.61 10.33
CA LYS J 51 -22.84 -34.54 10.82
C LYS J 51 -24.20 -35.17 11.15
N LEU J 52 -24.78 -34.87 12.30
CA LEU J 52 -26.13 -35.36 12.71
C LEU J 52 -27.20 -34.65 11.88
N LEU J 53 -28.06 -35.41 11.21
CA LEU J 53 -29.17 -34.88 10.37
C LEU J 53 -30.48 -34.95 11.14
N ILE J 54 -30.72 -36.08 11.83
CA ILE J 54 -32.06 -36.45 12.38
C ILE J 54 -31.89 -37.38 13.59
N TYR J 55 -32.59 -37.09 14.69
CA TYR J 55 -32.53 -37.82 15.98
C TYR J 55 -33.96 -38.14 16.42
N TRP J 56 -34.11 -39.13 17.32
CA TRP J 56 -35.42 -39.71 17.73
C TRP J 56 -36.20 -40.10 16.46
N ALA J 57 -35.50 -40.64 15.46
CA ALA J 57 -36.05 -41.20 14.21
C ALA J 57 -36.65 -40.13 13.28
N SER J 58 -37.24 -39.04 13.81
CA SER J 58 -38.03 -38.08 12.98
C SER J 58 -37.77 -36.60 13.30
N THR J 59 -37.00 -36.27 14.35
CA THR J 59 -36.68 -34.86 14.70
C THR J 59 -35.45 -34.39 13.92
N ARG J 60 -35.63 -33.36 13.11
CA ARG J 60 -34.55 -32.73 12.31
C ARG J 60 -33.69 -31.83 13.20
N GLU J 61 -32.35 -31.94 13.13
CA GLU J 61 -31.38 -31.01 13.79
C GLU J 61 -31.52 -29.60 13.20
N SER J 62 -31.22 -28.59 14.02
CA SER J 62 -31.23 -27.15 13.59
C SER J 62 -30.06 -26.96 12.61
N GLY J 63 -30.28 -26.15 11.58
CA GLY J 63 -29.29 -25.93 10.50
C GLY J 63 -29.56 -26.84 9.33
N VAL J 64 -29.97 -28.09 9.59
CA VAL J 64 -30.29 -29.11 8.55
C VAL J 64 -31.49 -28.60 7.74
N PRO J 65 -31.39 -28.47 6.39
CA PRO J 65 -32.49 -27.93 5.57
C PRO J 65 -33.80 -28.73 5.60
N ASP J 66 -34.90 -28.11 5.17
CA ASP J 66 -36.30 -28.63 5.26
C ASP J 66 -36.38 -30.01 4.60
N ARG J 67 -35.71 -30.19 3.45
CA ARG J 67 -35.90 -31.35 2.53
C ARG J 67 -35.50 -32.68 3.20
N PHE J 68 -34.63 -32.65 4.21
CA PHE J 68 -34.29 -33.85 5.03
C PHE J 68 -35.42 -34.09 6.04
N SER J 69 -35.93 -35.31 6.10
CA SER J 69 -36.96 -35.79 7.07
C SER J 69 -36.72 -37.26 7.40
N GLY J 70 -37.00 -37.66 8.63
CA GLY J 70 -36.93 -39.05 9.09
C GLY J 70 -38.32 -39.57 9.36
N SER J 71 -38.51 -40.89 9.37
CA SER J 71 -39.79 -41.54 9.73
C SER J 71 -39.51 -42.99 10.14
N GLY J 72 -40.57 -43.70 10.53
CA GLY J 72 -40.50 -45.09 11.01
C GLY J 72 -40.53 -45.17 12.52
N SER J 73 -40.48 -46.39 13.04
CA SER J 73 -40.62 -46.74 14.47
C SER J 73 -40.16 -48.18 14.70
N GLY J 74 -39.70 -48.50 15.91
CA GLY J 74 -39.43 -49.87 16.33
C GLY J 74 -38.22 -50.46 15.65
N THR J 75 -38.37 -50.97 14.41
CA THR J 75 -37.28 -51.68 13.68
C THR J 75 -37.10 -51.20 12.23
N ASP J 76 -37.98 -50.36 11.68
CA ASP J 76 -37.95 -49.98 10.25
C ASP J 76 -38.05 -48.47 10.12
N PHE J 77 -36.97 -47.83 9.66
CA PHE J 77 -36.82 -46.35 9.59
C PHE J 77 -36.47 -45.94 8.17
N THR J 78 -36.69 -44.66 7.87
CA THR J 78 -36.59 -44.08 6.51
C THR J 78 -36.13 -42.63 6.60
N LEU J 79 -34.92 -42.37 6.10
CA LEU J 79 -34.40 -41.01 5.78
C LEU J 79 -34.87 -40.64 4.38
N THR J 80 -35.47 -39.47 4.21
CA THR J 80 -36.02 -38.99 2.93
C THR J 80 -35.44 -37.61 2.63
N ILE J 81 -35.02 -37.38 1.38
CA ILE J 81 -34.55 -36.07 0.89
C ILE J 81 -35.48 -35.68 -0.25
N SER J 82 -36.37 -34.71 -0.02
CA SER J 82 -37.58 -34.48 -0.85
C SER J 82 -37.19 -33.91 -2.23
N SER J 83 -36.20 -33.03 -2.29
CA SER J 83 -35.77 -32.36 -3.55
C SER J 83 -34.25 -32.26 -3.58
N LEU J 84 -33.61 -33.34 -4.02
CA LEU J 84 -32.14 -33.57 -3.88
C LEU J 84 -31.35 -32.46 -4.58
N GLN J 85 -30.37 -31.90 -3.87
CA GLN J 85 -29.48 -30.82 -4.36
C GLN J 85 -28.07 -31.39 -4.59
N ALA J 86 -27.29 -30.75 -5.46
CA ALA J 86 -25.94 -31.19 -5.89
C ALA J 86 -25.08 -31.53 -4.67
N GLU J 87 -25.21 -30.76 -3.59
CA GLU J 87 -24.30 -30.81 -2.40
C GLU J 87 -24.71 -31.93 -1.44
N ASP J 88 -25.79 -32.67 -1.73
CA ASP J 88 -26.30 -33.74 -0.83
C ASP J 88 -25.53 -35.05 -1.07
N VAL J 89 -24.69 -35.10 -2.11
CA VAL J 89 -23.78 -36.25 -2.37
C VAL J 89 -22.97 -36.51 -1.10
N ALA J 90 -23.12 -37.72 -0.55
CA ALA J 90 -22.47 -38.15 0.71
C ALA J 90 -22.78 -39.63 0.96
N VAL J 91 -22.24 -40.19 2.03
CA VAL J 91 -22.63 -41.53 2.56
C VAL J 91 -23.51 -41.26 3.78
N TYR J 92 -24.71 -41.82 3.81
CA TYR J 92 -25.68 -41.68 4.92
C TYR J 92 -25.63 -42.96 5.76
N TYR J 93 -25.54 -42.78 7.08
CA TYR J 93 -25.49 -43.85 8.09
C TYR J 93 -26.69 -43.65 9.03
N CYS J 94 -27.34 -44.73 9.42
CA CYS J 94 -28.26 -44.78 10.57
C CYS J 94 -27.43 -45.31 11.75
N GLN J 95 -27.76 -44.87 12.96
CA GLN J 95 -27.05 -45.29 14.19
C GLN J 95 -28.11 -45.46 15.28
N GLN J 96 -28.09 -46.60 15.98
CA GLN J 96 -29.01 -46.90 17.09
C GLN J 96 -28.28 -46.58 18.39
N TYR J 97 -29.00 -46.01 19.36
CA TYR J 97 -28.47 -45.69 20.71
C TYR J 97 -29.29 -46.40 21.79
N TYR J 98 -30.09 -47.40 21.44
CA TYR J 98 -30.87 -48.22 22.42
C TYR J 98 -29.88 -49.01 23.28
N THR J 99 -28.81 -49.50 22.70
CA THR J 99 -27.70 -50.18 23.44
C THR J 99 -26.42 -49.35 23.29
N THR J 100 -25.35 -49.73 23.99
CA THR J 100 -23.97 -49.25 23.78
C THR J 100 -23.04 -50.46 23.92
N PRO J 101 -22.15 -50.79 22.95
CA PRO J 101 -21.88 -49.97 21.77
C PRO J 101 -23.08 -49.57 20.89
N SER J 102 -23.15 -48.28 20.55
CA SER J 102 -24.24 -47.63 19.77
C SER J 102 -23.98 -47.82 18.27
N THR J 103 -24.25 -49.02 17.77
CA THR J 103 -23.77 -49.56 16.47
C THR J 103 -24.40 -48.82 15.29
N PHE J 104 -23.71 -48.87 14.14
CA PHE J 104 -24.00 -48.13 12.89
C PHE J 104 -24.50 -49.06 11.79
N GLY J 105 -25.31 -48.52 10.87
CA GLY J 105 -25.54 -49.12 9.55
C GLY J 105 -24.25 -49.21 8.75
N GLN J 106 -24.21 -50.07 7.74
CA GLN J 106 -23.03 -50.30 6.87
C GLN J 106 -22.82 -49.06 5.98
N GLY J 107 -23.86 -48.25 5.79
CA GLY J 107 -23.82 -46.98 5.06
C GLY J 107 -24.49 -47.09 3.72
N THR J 108 -24.89 -45.96 3.14
CA THR J 108 -25.57 -45.85 1.82
C THR J 108 -24.93 -44.72 1.02
N ARG J 109 -24.22 -45.05 -0.07
CA ARG J 109 -23.61 -44.03 -0.96
C ARG J 109 -24.74 -43.40 -1.76
N LEU J 110 -24.95 -42.10 -1.64
CA LEU J 110 -25.93 -41.37 -2.49
C LEU J 110 -25.14 -40.61 -3.56
N GLU J 111 -25.43 -40.89 -4.83
CA GLU J 111 -24.87 -40.22 -6.01
C GLU J 111 -25.98 -39.37 -6.61
N ILE J 112 -25.63 -38.21 -7.18
CA ILE J 112 -26.56 -37.32 -7.92
C ILE J 112 -26.55 -37.73 -9.38
N LYS J 113 -27.72 -38.00 -9.96
CA LYS J 113 -27.92 -38.25 -11.41
C LYS J 113 -28.11 -36.87 -12.05
N ARG J 114 -27.40 -36.60 -13.15
CA ARG J 114 -27.52 -35.34 -13.93
C ARG J 114 -27.49 -35.69 -15.41
N THR J 115 -27.85 -34.73 -16.26
CA THR J 115 -27.76 -34.86 -17.74
C THR J 115 -26.32 -35.31 -18.05
N ALA J 116 -26.17 -36.33 -18.90
CA ALA J 116 -24.86 -36.92 -19.25
C ALA J 116 -23.96 -35.79 -19.76
N ALA J 117 -22.68 -35.78 -19.34
CA ALA J 117 -21.64 -34.82 -19.80
C ALA J 117 -20.42 -35.63 -20.24
N ALA J 118 -19.93 -35.35 -21.44
CA ALA J 118 -18.79 -36.05 -22.07
C ALA J 118 -17.51 -35.56 -21.42
N PRO J 119 -16.50 -36.44 -21.21
CA PRO J 119 -15.23 -36.01 -20.63
C PRO J 119 -14.41 -35.22 -21.65
N SER J 120 -13.76 -34.14 -21.21
CA SER J 120 -12.56 -33.57 -21.86
C SER J 120 -11.41 -34.53 -21.60
N VAL J 121 -10.77 -35.01 -22.67
CA VAL J 121 -9.63 -35.96 -22.56
C VAL J 121 -8.33 -35.20 -22.86
N PHE J 122 -7.33 -35.43 -22.02
CA PHE J 122 -5.98 -34.86 -22.11
C PHE J 122 -5.00 -36.01 -21.90
N ILE J 123 -3.91 -36.04 -22.67
CA ILE J 123 -2.82 -37.03 -22.45
C ILE J 123 -1.55 -36.27 -22.09
N PHE J 124 -0.73 -36.90 -21.26
CA PHE J 124 0.53 -36.35 -20.71
C PHE J 124 1.64 -37.37 -20.91
N PRO J 125 2.68 -37.03 -21.71
CA PRO J 125 3.84 -37.89 -21.86
C PRO J 125 4.64 -37.90 -20.57
N PRO J 126 5.57 -38.86 -20.37
CA PRO J 126 6.44 -38.84 -19.20
C PRO J 126 7.34 -37.60 -19.23
N SER J 127 7.74 -37.12 -18.06
CA SER J 127 8.71 -36.01 -17.91
C SER J 127 10.10 -36.52 -18.32
N ASP J 128 10.90 -35.64 -18.93
CA ASP J 128 12.32 -35.92 -19.27
C ASP J 128 13.00 -36.36 -17.96
N GLU J 129 12.71 -35.65 -16.85
CA GLU J 129 13.28 -35.92 -15.51
C GLU J 129 12.99 -37.36 -15.10
N GLN J 130 11.78 -37.88 -15.34
CA GLN J 130 11.39 -39.22 -14.82
C GLN J 130 12.18 -40.30 -15.58
N LEU J 131 12.35 -40.14 -16.90
CA LEU J 131 12.98 -41.16 -17.77
C LEU J 131 14.38 -41.50 -17.23
N LYS J 132 15.13 -40.49 -16.83
CA LYS J 132 16.50 -40.63 -16.26
C LYS J 132 16.49 -41.65 -15.10
N SER J 133 15.36 -41.86 -14.42
CA SER J 133 15.24 -42.77 -13.24
C SER J 133 15.07 -44.23 -13.68
N GLY J 134 14.55 -44.46 -14.88
CA GLY J 134 14.45 -45.81 -15.49
C GLY J 134 13.04 -46.37 -15.60
N THR J 135 11.99 -45.61 -15.24
CA THR J 135 10.60 -45.97 -15.59
C THR J 135 9.89 -44.76 -16.22
N ALA J 136 8.78 -44.99 -16.93
CA ALA J 136 8.01 -43.97 -17.66
C ALA J 136 6.53 -44.09 -17.29
N SER J 137 5.91 -42.95 -16.97
CA SER J 137 4.51 -42.87 -16.54
C SER J 137 3.78 -41.98 -17.55
N VAL J 138 2.83 -42.56 -18.27
CA VAL J 138 1.95 -41.83 -19.23
C VAL J 138 0.61 -41.69 -18.54
N VAL J 139 0.02 -40.51 -18.57
CA VAL J 139 -1.21 -40.19 -17.79
C VAL J 139 -2.26 -39.68 -18.76
N CYS J 140 -3.44 -40.31 -18.70
CA CYS J 140 -4.65 -39.87 -19.41
C CYS J 140 -5.64 -39.31 -18.38
N LEU J 141 -6.19 -38.14 -18.66
CA LEU J 141 -7.14 -37.42 -17.79
C LEU J 141 -8.48 -37.30 -18.54
N LEU J 142 -9.54 -37.87 -17.95
CA LEU J 142 -10.95 -37.63 -18.31
C LEU J 142 -11.50 -36.64 -17.29
N ASN J 143 -11.95 -35.47 -17.74
CA ASN J 143 -12.21 -34.32 -16.84
C ASN J 143 -13.69 -33.93 -16.93
N ASN J 144 -14.38 -33.97 -15.78
CA ASN J 144 -15.72 -33.38 -15.57
C ASN J 144 -16.74 -34.06 -16.49
N PHE J 145 -17.05 -35.33 -16.18
CA PHE J 145 -17.98 -36.17 -16.96
C PHE J 145 -18.99 -36.86 -16.02
N TYR J 146 -20.19 -37.13 -16.56
CA TYR J 146 -21.24 -37.97 -15.95
C TYR J 146 -21.85 -38.86 -17.03
N PRO J 147 -22.16 -40.15 -16.77
CA PRO J 147 -21.93 -40.80 -15.49
C PRO J 147 -20.51 -41.37 -15.29
N ARG J 148 -20.30 -42.07 -14.16
CA ARG J 148 -19.00 -42.56 -13.66
C ARG J 148 -18.39 -43.60 -14.60
N GLU J 149 -19.24 -44.37 -15.30
CA GLU J 149 -18.81 -45.52 -16.14
C GLU J 149 -18.08 -44.94 -17.36
N ALA J 150 -16.85 -45.41 -17.58
CA ALA J 150 -16.00 -45.03 -18.72
C ALA J 150 -14.93 -46.12 -18.94
N LYS J 151 -14.72 -46.49 -20.21
CA LYS J 151 -13.67 -47.43 -20.66
C LYS J 151 -12.47 -46.59 -21.14
N VAL J 152 -11.29 -46.87 -20.58
CA VAL J 152 -10.02 -46.18 -20.98
C VAL J 152 -9.03 -47.23 -21.48
N GLN J 153 -8.74 -47.20 -22.78
CA GLN J 153 -7.88 -48.18 -23.51
C GLN J 153 -6.53 -47.53 -23.82
N TRP J 154 -5.44 -48.18 -23.40
CA TRP J 154 -4.05 -47.78 -23.74
C TRP J 154 -3.57 -48.53 -25.00
N LYS J 155 -3.18 -47.76 -26.02
CA LYS J 155 -2.63 -48.25 -27.32
C LYS J 155 -1.18 -47.75 -27.50
N VAL J 156 -0.23 -48.67 -27.49
CA VAL J 156 1.22 -48.46 -27.77
C VAL J 156 1.53 -49.00 -29.18
N ASP J 157 1.54 -48.12 -30.19
CA ASP J 157 1.69 -48.47 -31.63
C ASP J 157 0.54 -49.42 -32.04
N ASN J 158 -0.70 -49.06 -31.71
CA ASN J 158 -1.95 -49.79 -32.06
C ASN J 158 -2.04 -51.17 -31.40
N ALA J 159 -1.09 -51.54 -30.54
CA ALA J 159 -1.17 -52.73 -29.65
C ALA J 159 -1.89 -52.32 -28.35
N LEU J 160 -2.99 -53.00 -28.03
CA LEU J 160 -3.82 -52.70 -26.84
C LEU J 160 -3.15 -53.28 -25.61
N GLN J 161 -2.97 -52.45 -24.57
CA GLN J 161 -2.21 -52.82 -23.36
C GLN J 161 -3.14 -53.47 -22.33
N SER J 162 -2.57 -54.16 -21.35
CA SER J 162 -3.35 -54.85 -20.29
C SER J 162 -2.44 -55.20 -19.11
N GLY J 163 -2.86 -54.84 -17.89
CA GLY J 163 -2.23 -55.24 -16.62
C GLY J 163 -1.09 -54.32 -16.22
N ASN J 164 -0.95 -53.18 -16.90
CA ASN J 164 0.20 -52.24 -16.77
C ASN J 164 -0.34 -50.80 -16.60
N SER J 165 -1.62 -50.64 -16.24
CA SER J 165 -2.25 -49.31 -15.99
C SER J 165 -3.12 -49.37 -14.73
N GLN J 166 -3.36 -48.22 -14.10
CA GLN J 166 -4.20 -48.04 -12.89
C GLN J 166 -5.09 -46.81 -13.06
N GLU J 167 -6.35 -46.93 -12.62
CA GLU J 167 -7.35 -45.82 -12.68
C GLU J 167 -7.54 -45.28 -11.25
N SER J 168 -7.84 -43.99 -11.14
CA SER J 168 -8.28 -43.32 -9.90
C SER J 168 -9.43 -42.37 -10.28
N VAL J 169 -10.45 -42.25 -9.44
CA VAL J 169 -11.65 -41.42 -9.72
C VAL J 169 -11.88 -40.47 -8.56
N THR J 170 -12.18 -39.20 -8.85
CA THR J 170 -12.55 -38.21 -7.81
C THR J 170 -13.89 -38.62 -7.21
N GLU J 171 -14.11 -38.25 -5.95
CA GLU J 171 -15.45 -38.19 -5.33
C GLU J 171 -16.25 -37.21 -6.20
N GLN J 172 -17.52 -37.50 -6.43
CA GLN J 172 -18.41 -36.67 -7.27
C GLN J 172 -18.39 -35.23 -6.76
N ASP J 173 -18.32 -34.25 -7.66
CA ASP J 173 -18.28 -32.81 -7.29
C ASP J 173 -19.62 -32.39 -6.64
N SER J 174 -19.55 -31.62 -5.56
CA SER J 174 -20.72 -31.13 -4.79
C SER J 174 -21.36 -29.91 -5.46
N LYS J 175 -20.85 -29.43 -6.60
CA LYS J 175 -21.44 -28.26 -7.32
C LYS J 175 -21.97 -28.72 -8.68
N ASP J 176 -21.12 -29.27 -9.56
CA ASP J 176 -21.51 -29.66 -10.95
C ASP J 176 -21.83 -31.16 -11.04
N SER J 177 -21.69 -31.91 -9.93
CA SER J 177 -22.16 -33.31 -9.81
C SER J 177 -21.47 -34.21 -10.85
N THR J 178 -20.29 -33.84 -11.33
CA THR J 178 -19.46 -34.63 -12.30
C THR J 178 -18.32 -35.36 -11.60
N TYR J 179 -17.68 -36.29 -12.31
CA TYR J 179 -16.46 -37.01 -11.88
C TYR J 179 -15.29 -36.61 -12.80
N SER J 180 -14.07 -36.86 -12.33
CA SER J 180 -12.85 -36.87 -13.16
C SER J 180 -12.07 -38.16 -12.87
N LEU J 181 -11.40 -38.69 -13.89
CA LEU J 181 -10.68 -39.98 -13.84
C LEU J 181 -9.27 -39.80 -14.42
N SER J 182 -8.29 -40.50 -13.84
CA SER J 182 -6.89 -40.59 -14.29
C SER J 182 -6.51 -42.05 -14.56
N SER J 183 -6.14 -42.36 -15.81
CA SER J 183 -5.47 -43.64 -16.16
C SER J 183 -3.97 -43.39 -16.27
N THR J 184 -3.17 -44.26 -15.65
CA THR J 184 -1.71 -44.15 -15.54
C THR J 184 -1.04 -45.45 -16.05
N LEU J 185 -0.49 -45.35 -17.25
CA LEU J 185 0.28 -46.42 -17.94
C LEU J 185 1.74 -46.36 -17.45
N THR J 186 2.25 -47.47 -16.92
CA THR J 186 3.59 -47.60 -16.30
C THR J 186 4.40 -48.68 -17.04
N LEU J 187 5.50 -48.29 -17.70
CA LEU J 187 6.45 -49.23 -18.38
C LEU J 187 7.88 -48.79 -18.07
N SER J 188 8.86 -49.64 -18.39
CA SER J 188 10.32 -49.37 -18.25
C SER J 188 10.76 -48.37 -19.33
N LYS J 189 11.92 -47.73 -19.12
CA LYS J 189 12.53 -46.75 -20.08
C LYS J 189 12.74 -47.47 -21.41
N ALA J 190 13.33 -48.67 -21.33
CA ALA J 190 13.57 -49.60 -22.47
C ALA J 190 12.31 -49.65 -23.34
N ASP J 191 11.22 -50.21 -22.80
CA ASP J 191 9.95 -50.47 -23.53
C ASP J 191 9.39 -49.13 -24.02
N TYR J 192 9.49 -48.04 -23.24
CA TYR J 192 8.91 -46.73 -23.63
C TYR J 192 9.61 -46.24 -24.91
N GLU J 193 10.92 -46.47 -25.02
CA GLU J 193 11.77 -45.91 -26.11
C GLU J 193 11.68 -46.79 -27.37
N LYS J 194 11.37 -48.09 -27.25
CA LYS J 194 11.12 -49.01 -28.40
C LYS J 194 10.00 -48.48 -29.29
N HIS J 195 8.88 -48.00 -28.73
CA HIS J 195 7.61 -47.71 -29.45
C HIS J 195 7.45 -46.20 -29.67
N LYS J 196 6.58 -45.76 -30.58
CA LYS J 196 6.54 -44.35 -31.09
C LYS J 196 5.21 -43.66 -30.73
N VAL J 197 4.08 -44.30 -31.01
CA VAL J 197 2.70 -43.72 -30.86
C VAL J 197 2.07 -44.22 -29.55
N TYR J 198 1.79 -43.27 -28.64
CA TYR J 198 1.13 -43.49 -27.32
C TYR J 198 -0.24 -42.81 -27.38
N ALA J 199 -1.28 -43.62 -27.22
CA ALA J 199 -2.70 -43.22 -27.42
C ALA J 199 -3.56 -43.76 -26.28
N CYS J 200 -4.48 -42.92 -25.83
CA CYS J 200 -5.49 -43.24 -24.80
C CYS J 200 -6.86 -43.06 -25.48
N GLU J 201 -7.62 -44.16 -25.57
CA GLU J 201 -8.95 -44.22 -26.25
C GLU J 201 -10.05 -44.33 -25.17
N VAL J 202 -11.00 -43.41 -25.20
CA VAL J 202 -12.04 -43.21 -24.14
C VAL J 202 -13.41 -43.54 -24.74
N THR J 203 -14.06 -44.59 -24.23
CA THR J 203 -15.47 -44.92 -24.54
C THR J 203 -16.35 -44.46 -23.37
N HIS J 204 -17.31 -43.57 -23.64
CA HIS J 204 -18.22 -42.99 -22.63
C HIS J 204 -19.57 -42.65 -23.26
N GLN J 205 -20.63 -42.83 -22.48
CA GLN J 205 -22.05 -42.72 -22.90
C GLN J 205 -22.34 -41.33 -23.52
N GLY J 206 -21.61 -40.29 -23.11
CA GLY J 206 -21.86 -38.90 -23.58
C GLY J 206 -21.14 -38.57 -24.87
N LEU J 207 -20.43 -39.55 -25.45
CA LEU J 207 -19.68 -39.42 -26.74
C LEU J 207 -20.35 -40.33 -27.78
N SER J 208 -20.71 -39.79 -28.95
CA SER J 208 -21.32 -40.55 -30.08
C SER J 208 -20.39 -41.70 -30.52
N SER J 209 -19.07 -41.56 -30.40
CA SER J 209 -18.09 -42.64 -30.68
C SER J 209 -16.77 -42.40 -29.95
N PRO J 210 -15.99 -43.47 -29.64
CA PRO J 210 -14.76 -43.32 -28.84
C PRO J 210 -13.86 -42.16 -29.27
N VAL J 211 -13.41 -41.34 -28.31
CA VAL J 211 -12.42 -40.24 -28.54
C VAL J 211 -11.03 -40.77 -28.19
N THR J 212 -10.05 -40.42 -29.01
CA THR J 212 -8.61 -40.79 -28.86
C THR J 212 -7.78 -39.51 -28.77
N LYS J 213 -6.94 -39.41 -27.74
CA LYS J 213 -5.81 -38.45 -27.65
C LYS J 213 -4.52 -39.28 -27.64
N SER J 214 -3.51 -38.80 -28.37
CA SER J 214 -2.22 -39.50 -28.56
C SER J 214 -1.10 -38.50 -28.85
N PHE J 215 0.14 -38.95 -28.68
CA PHE J 215 1.38 -38.20 -29.02
C PHE J 215 2.36 -39.19 -29.64
N ASN J 216 3.32 -38.67 -30.43
CA ASN J 216 4.52 -39.40 -30.92
C ASN J 216 5.70 -39.02 -30.03
N ARG J 217 6.42 -40.02 -29.50
CA ARG J 217 7.54 -39.86 -28.53
C ARG J 217 8.53 -38.76 -28.98
N GLY J 218 8.59 -37.64 -28.24
CA GLY J 218 9.45 -36.47 -28.51
C GLY J 218 8.93 -35.58 -29.62
N GLU J 219 7.65 -35.17 -29.60
CA GLU J 219 6.98 -34.39 -30.68
C GLU J 219 7.23 -35.10 -32.02
N VAL K 2 1.75 2.91 36.77
CA VAL K 2 1.74 1.85 37.90
C VAL K 2 1.00 0.59 37.45
N GLN K 3 1.64 -0.57 37.47
CA GLN K 3 1.13 -1.83 36.86
C GLN K 3 1.38 -2.99 37.82
N VAL K 4 0.36 -3.81 38.08
CA VAL K 4 0.41 -4.89 39.09
C VAL K 4 -0.01 -6.22 38.45
N VAL K 5 0.62 -7.32 38.85
CA VAL K 5 0.33 -8.70 38.38
C VAL K 5 0.16 -9.61 39.59
N GLU K 6 -1.06 -10.10 39.78
CA GLU K 6 -1.46 -11.01 40.89
C GLU K 6 -1.50 -12.45 40.35
N SER K 7 -1.01 -13.41 41.12
CA SER K 7 -1.04 -14.84 40.72
C SER K 7 -0.95 -15.74 41.95
N GLY K 8 -1.12 -17.04 41.76
CA GLY K 8 -1.52 -18.00 42.80
C GLY K 8 -3.04 -17.99 42.92
N GLY K 9 -3.59 -18.72 43.87
CA GLY K 9 -5.04 -18.68 44.15
C GLY K 9 -5.77 -19.77 43.40
N GLY K 10 -7.07 -19.90 43.67
CA GLY K 10 -7.94 -20.95 43.11
C GLY K 10 -8.23 -22.03 44.13
N LEU K 11 -8.51 -23.24 43.66
CA LEU K 11 -8.92 -24.38 44.51
C LEU K 11 -7.70 -25.04 45.11
N VAL K 12 -7.77 -25.38 46.39
CA VAL K 12 -6.75 -26.22 47.09
C VAL K 12 -7.48 -26.98 48.20
N GLN K 13 -7.09 -28.23 48.47
CA GLN K 13 -7.82 -29.08 49.45
C GLN K 13 -7.18 -28.88 50.82
N PRO K 14 -7.93 -29.05 51.93
CA PRO K 14 -7.41 -28.82 53.27
C PRO K 14 -6.08 -29.56 53.48
N GLY K 15 -5.13 -28.94 54.17
CA GLY K 15 -3.82 -29.52 54.49
C GLY K 15 -2.77 -29.18 53.45
N ARG K 16 -3.15 -29.09 52.17
CA ARG K 16 -2.23 -28.74 51.06
C ARG K 16 -1.82 -27.27 51.20
N SER K 17 -0.97 -26.78 50.30
CA SER K 17 -0.39 -25.42 50.36
C SER K 17 -0.47 -24.71 49.01
N LEU K 18 -0.19 -23.41 49.01
CA LEU K 18 -0.48 -22.44 47.92
C LEU K 18 0.45 -21.24 48.15
N ARG K 19 0.85 -20.55 47.08
CA ARG K 19 1.76 -19.38 47.17
C ARG K 19 1.10 -18.25 46.37
N LEU K 20 0.70 -17.19 47.05
CA LEU K 20 0.17 -15.96 46.42
C LEU K 20 1.34 -15.04 46.11
N SER K 21 1.17 -14.10 45.18
CA SER K 21 2.16 -13.05 44.87
C SER K 21 1.48 -11.89 44.16
N CYS K 22 1.82 -10.67 44.57
CA CYS K 22 1.66 -9.44 43.77
C CYS K 22 3.05 -8.94 43.38
N ALA K 23 3.20 -8.53 42.12
CA ALA K 23 4.42 -7.90 41.59
C ALA K 23 3.99 -6.59 40.94
N ALA K 24 4.82 -5.56 41.01
CA ALA K 24 4.44 -4.20 40.56
C ALA K 24 5.64 -3.44 40.04
N SER K 25 5.38 -2.56 39.09
CA SER K 25 6.32 -1.52 38.61
C SER K 25 5.58 -0.18 38.65
N GLY K 26 6.28 0.93 38.86
CA GLY K 26 5.72 2.29 38.79
C GLY K 26 5.70 2.99 40.14
N PHE K 27 6.02 2.24 41.21
CA PHE K 27 6.28 2.77 42.57
C PHE K 27 7.54 2.13 43.11
N THR K 28 8.21 2.82 44.01
CA THR K 28 9.55 2.40 44.51
C THR K 28 9.27 1.32 45.55
N PHE K 29 9.47 0.07 45.16
CA PHE K 29 8.96 -1.10 45.91
C PHE K 29 9.53 -1.13 47.34
N ASP K 30 10.74 -0.62 47.58
CA ASP K 30 11.39 -0.75 48.91
C ASP K 30 11.18 0.52 49.73
N ASP K 31 10.25 1.39 49.35
CA ASP K 31 9.86 2.58 50.16
C ASP K 31 8.71 2.22 51.10
N TYR K 32 8.22 0.98 51.06
CA TYR K 32 6.92 0.60 51.69
C TYR K 32 7.05 -0.67 52.53
N ALA K 33 6.36 -0.67 53.67
CA ALA K 33 6.00 -1.90 54.40
C ALA K 33 4.82 -2.53 53.64
N MET K 34 4.90 -3.83 53.44
CA MET K 34 3.92 -4.62 52.64
C MET K 34 3.07 -5.43 53.63
N TYR K 35 1.78 -5.54 53.34
CA TYR K 35 0.82 -6.29 54.18
C TYR K 35 -0.10 -7.14 53.30
N TRP K 36 -0.57 -8.25 53.87
CA TRP K 36 -1.70 -9.06 53.35
C TRP K 36 -2.94 -8.87 54.24
N VAL K 37 -4.05 -8.44 53.66
CA VAL K 37 -5.41 -8.42 54.27
C VAL K 37 -6.27 -9.47 53.58
N ARG K 38 -7.10 -10.23 54.31
CA ARG K 38 -8.04 -11.20 53.69
C ARG K 38 -9.49 -10.87 54.09
N GLN K 39 -10.43 -11.35 53.29
CA GLN K 39 -11.89 -11.15 53.44
C GLN K 39 -12.59 -12.44 53.03
N ALA K 40 -13.08 -13.24 53.98
CA ALA K 40 -13.89 -14.45 53.71
C ALA K 40 -15.17 -13.99 53.03
N PRO K 41 -15.71 -14.71 52.02
CA PRO K 41 -16.75 -14.15 51.17
C PRO K 41 -17.96 -13.79 52.04
N GLY K 42 -18.53 -12.60 51.80
CA GLY K 42 -19.69 -12.05 52.54
C GLY K 42 -19.30 -11.38 53.85
N LYS K 43 -18.20 -11.81 54.49
CA LYS K 43 -17.74 -11.35 55.83
C LYS K 43 -16.78 -10.16 55.66
N GLY K 44 -16.09 -9.74 56.73
CA GLY K 44 -15.36 -8.45 56.78
C GLY K 44 -13.86 -8.63 56.67
N LEU K 45 -13.11 -7.53 56.77
CA LEU K 45 -11.64 -7.46 56.54
C LEU K 45 -10.90 -7.98 57.76
N GLU K 46 -9.78 -8.67 57.54
CA GLU K 46 -8.91 -9.25 58.60
C GLU K 46 -7.44 -9.02 58.22
N TRP K 47 -6.71 -8.26 59.03
CA TRP K 47 -5.24 -8.11 58.98
C TRP K 47 -4.62 -9.50 59.20
N VAL K 48 -3.80 -9.94 58.26
CA VAL K 48 -3.24 -11.32 58.19
C VAL K 48 -1.76 -11.29 58.52
N SER K 49 -1.00 -10.41 57.86
CA SER K 49 0.49 -10.44 57.89
C SER K 49 1.06 -9.10 57.43
N GLY K 50 2.28 -8.79 57.87
CA GLY K 50 2.99 -7.53 57.59
C GLY K 50 4.49 -7.73 57.57
N ILE K 51 5.21 -6.90 56.81
CA ILE K 51 6.69 -7.04 56.62
C ILE K 51 7.29 -5.66 56.29
N SER K 52 8.38 -5.31 56.98
CA SER K 52 9.10 -4.02 56.84
C SER K 52 9.84 -4.04 55.49
N TRP K 53 10.22 -2.86 55.00
CA TRP K 53 10.82 -2.69 53.65
C TRP K 53 11.96 -3.69 53.42
N ASN K 54 12.79 -3.96 54.42
CA ASN K 54 14.01 -4.81 54.25
C ASN K 54 13.82 -6.20 54.88
N SER K 55 12.57 -6.64 55.08
CA SER K 55 12.21 -7.95 55.69
C SER K 55 12.75 -8.05 57.14
N GLY K 56 13.00 -6.90 57.77
CA GLY K 56 13.63 -6.78 59.10
C GLY K 56 12.72 -7.22 60.22
N SER K 57 11.46 -6.78 60.21
CA SER K 57 10.43 -7.24 61.17
C SER K 57 9.22 -7.82 60.41
N ILE K 58 8.71 -8.96 60.89
CA ILE K 58 7.59 -9.74 60.29
C ILE K 58 6.57 -10.00 61.40
N VAL K 59 5.30 -9.68 61.18
CA VAL K 59 4.21 -9.85 62.18
C VAL K 59 3.07 -10.64 61.54
N TYR K 60 2.58 -11.69 62.21
CA TYR K 60 1.39 -12.48 61.80
C TYR K 60 0.26 -12.32 62.82
N ALA K 61 -1.00 -12.24 62.37
CA ALA K 61 -2.21 -12.43 63.21
C ALA K 61 -2.21 -13.86 63.76
N ASP K 62 -2.77 -14.06 64.97
CA ASP K 62 -2.73 -15.35 65.68
C ASP K 62 -3.35 -16.44 64.80
N SER K 63 -4.44 -16.13 64.10
CA SER K 63 -5.23 -17.09 63.26
C SER K 63 -4.33 -17.85 62.27
N VAL K 64 -3.22 -17.26 61.82
CA VAL K 64 -2.37 -17.84 60.73
C VAL K 64 -0.96 -18.15 61.23
N LYS K 65 -0.55 -17.67 62.42
CA LYS K 65 0.85 -17.85 62.92
C LYS K 65 1.21 -19.35 62.87
N GLY K 66 2.42 -19.66 62.41
CA GLY K 66 2.93 -21.05 62.29
C GLY K 66 2.57 -21.72 60.96
N ARG K 67 1.60 -21.20 60.22
CA ARG K 67 1.06 -21.81 58.97
C ARG K 67 1.45 -21.00 57.73
N PHE K 68 1.32 -19.67 57.77
CA PHE K 68 1.58 -18.73 56.65
C PHE K 68 2.95 -18.09 56.81
N THR K 69 3.65 -17.89 55.71
CA THR K 69 4.97 -17.20 55.65
C THR K 69 4.86 -16.02 54.67
N ILE K 70 5.03 -14.80 55.16
CA ILE K 70 5.15 -13.59 54.32
C ILE K 70 6.62 -13.41 53.96
N SER K 71 6.89 -12.94 52.75
CA SER K 71 8.26 -12.68 52.22
C SER K 71 8.17 -11.69 51.06
N ARG K 72 9.31 -11.14 50.64
CA ARG K 72 9.36 -10.15 49.54
C ARG K 72 10.73 -10.23 48.87
N ASP K 73 10.79 -9.83 47.60
CA ASP K 73 12.00 -9.71 46.76
C ASP K 73 11.94 -8.33 46.10
N ASN K 74 12.64 -7.35 46.67
CA ASN K 74 12.58 -5.92 46.23
C ASN K 74 13.21 -5.78 44.84
N ALA K 75 14.10 -6.71 44.50
CA ALA K 75 14.78 -6.82 43.19
C ALA K 75 13.77 -7.22 42.11
N LYS K 76 12.84 -8.14 42.43
CA LYS K 76 11.76 -8.62 41.52
C LYS K 76 10.47 -7.84 41.77
N ASN K 77 10.52 -6.76 42.56
CA ASN K 77 9.34 -5.95 42.99
C ASN K 77 8.13 -6.86 43.27
N SER K 78 8.28 -7.87 44.12
CA SER K 78 7.28 -8.93 44.40
C SER K 78 7.05 -9.11 45.90
N LEU K 79 5.78 -9.26 46.29
CA LEU K 79 5.34 -9.63 47.66
C LEU K 79 4.72 -11.03 47.61
N TYR K 80 5.17 -11.93 48.48
CA TYR K 80 4.71 -13.35 48.50
C TYR K 80 3.97 -13.62 49.82
N LEU K 81 2.98 -14.52 49.79
CA LEU K 81 2.39 -15.18 50.98
C LEU K 81 2.30 -16.68 50.70
N GLN K 82 3.05 -17.49 51.46
CA GLN K 82 3.05 -18.97 51.42
C GLN K 82 1.99 -19.47 52.39
N LEU K 83 0.90 -20.05 51.89
CA LEU K 83 -0.22 -20.62 52.70
C LEU K 83 0.04 -22.11 52.88
N ASN K 84 0.40 -22.56 54.09
CA ASN K 84 0.54 -24.01 54.44
C ASN K 84 -0.60 -24.39 55.39
N SER K 85 -0.83 -25.69 55.57
CA SER K 85 -1.81 -26.26 56.53
C SER K 85 -3.15 -25.55 56.38
N LEU K 86 -3.63 -25.39 55.15
CA LEU K 86 -4.86 -24.63 54.84
C LEU K 86 -6.10 -25.33 55.41
N ARG K 87 -7.10 -24.54 55.80
CA ARG K 87 -8.35 -25.02 56.43
C ARG K 87 -9.50 -24.21 55.80
N ALA K 88 -10.72 -24.74 55.88
CA ALA K 88 -11.92 -24.17 55.21
C ALA K 88 -12.03 -22.66 55.50
N GLU K 89 -11.70 -22.21 56.71
CA GLU K 89 -11.94 -20.81 57.19
C GLU K 89 -10.98 -19.85 56.47
N ASP K 90 -9.86 -20.35 55.94
CA ASP K 90 -8.85 -19.57 55.15
C ASP K 90 -9.41 -19.19 53.78
N THR K 91 -10.48 -19.83 53.33
CA THR K 91 -11.20 -19.40 52.11
C THR K 91 -11.50 -17.91 52.25
N ALA K 92 -10.96 -17.10 51.35
CA ALA K 92 -11.09 -15.62 51.34
C ALA K 92 -10.45 -15.03 50.10
N PHE K 93 -10.83 -13.80 49.75
CA PHE K 93 -10.09 -12.88 48.86
C PHE K 93 -8.89 -12.32 49.63
N TYR K 94 -7.66 -12.56 49.18
CA TYR K 94 -6.41 -12.05 49.80
C TYR K 94 -5.93 -10.81 49.03
N TYR K 95 -5.81 -9.67 49.73
CA TYR K 95 -5.43 -8.35 49.15
C TYR K 95 -4.00 -7.98 49.52
N CYS K 96 -3.29 -7.37 48.56
CA CYS K 96 -1.94 -6.77 48.72
C CYS K 96 -2.11 -5.34 49.20
N ALA K 97 -1.45 -4.98 50.30
CA ALA K 97 -1.46 -3.59 50.81
C ALA K 97 -0.03 -3.12 51.14
N LYS K 98 0.09 -1.81 51.35
CA LYS K 98 1.33 -1.01 51.21
C LYS K 98 1.23 0.16 52.18
N ALA K 99 2.20 0.39 53.06
CA ALA K 99 2.25 1.61 53.90
C ALA K 99 3.66 2.18 53.89
N VAL K 100 3.75 3.51 53.88
CA VAL K 100 5.03 4.27 53.73
C VAL K 100 5.95 4.00 54.94
N SER K 101 5.53 4.33 56.15
CA SER K 101 6.39 4.33 57.38
C SER K 101 5.53 4.47 58.65
N GLY K 102 6.18 4.45 59.82
CA GLY K 102 5.60 4.88 61.11
C GLY K 102 4.93 6.25 61.06
N TYR K 103 5.47 7.22 60.30
CA TYR K 103 4.94 8.61 60.24
C TYR K 103 3.60 8.64 59.49
N PHE K 104 3.27 7.57 58.74
CA PHE K 104 2.00 7.43 58.00
C PHE K 104 1.76 5.96 57.67
N PRO K 105 1.17 5.17 58.60
CA PRO K 105 1.12 3.70 58.47
C PRO K 105 -0.17 3.18 57.80
N TYR K 106 -0.97 4.12 57.29
CA TYR K 106 -2.28 3.88 56.63
C TYR K 106 -2.05 3.12 55.32
N PHE K 107 -2.89 2.09 55.11
CA PHE K 107 -2.83 1.14 53.98
C PHE K 107 -3.23 1.85 52.68
N ASP K 108 -2.45 1.59 51.62
CA ASP K 108 -2.82 1.74 50.19
C ASP K 108 -2.98 0.31 49.67
N TYR K 109 -4.11 -0.01 49.03
CA TYR K 109 -4.35 -1.36 48.44
C TYR K 109 -3.92 -1.30 46.97
N TRP K 110 -3.01 -2.20 46.57
CA TRP K 110 -2.51 -2.36 45.18
C TRP K 110 -2.79 -3.79 44.74
N GLY K 111 -3.48 -3.96 43.62
CA GLY K 111 -4.03 -5.27 43.21
C GLY K 111 -5.38 -5.55 43.86
N GLN K 112 -6.23 -6.27 43.12
CA GLN K 112 -7.71 -6.34 43.22
C GLN K 112 -8.16 -7.49 44.12
N GLY K 113 -7.24 -8.31 44.62
CA GLY K 113 -7.59 -9.43 45.52
C GLY K 113 -7.58 -10.77 44.80
N ILE K 114 -7.13 -11.80 45.49
CA ILE K 114 -6.86 -13.15 44.92
C ILE K 114 -7.72 -14.14 45.70
N LEU K 115 -8.67 -14.78 45.03
CA LEU K 115 -9.60 -15.75 45.67
C LEU K 115 -8.89 -17.09 45.91
N VAL K 116 -8.78 -17.49 47.16
CA VAL K 116 -8.39 -18.86 47.58
C VAL K 116 -9.64 -19.57 48.09
N THR K 117 -9.97 -20.73 47.50
CA THR K 117 -11.09 -21.60 47.93
C THR K 117 -10.49 -22.90 48.47
N VAL K 118 -10.63 -23.14 49.76
CA VAL K 118 -10.17 -24.40 50.43
C VAL K 118 -11.38 -25.31 50.59
N SER K 119 -11.36 -26.45 49.89
CA SER K 119 -12.46 -27.45 49.83
C SER K 119 -11.94 -28.78 49.26
N SER K 120 -12.53 -29.90 49.66
CA SER K 120 -12.20 -31.26 49.13
C SER K 120 -12.95 -31.49 47.81
N ALA K 121 -14.00 -30.71 47.55
CA ALA K 121 -14.87 -30.84 46.35
C ALA K 121 -14.03 -30.68 45.07
N SER K 122 -14.41 -31.42 44.02
CA SER K 122 -13.72 -31.44 42.71
C SER K 122 -14.13 -30.20 41.92
N THR K 123 -13.22 -29.73 41.07
CA THR K 123 -13.51 -28.70 40.04
C THR K 123 -14.59 -29.22 39.10
N LYS K 124 -15.45 -28.35 38.62
CA LYS K 124 -16.47 -28.67 37.60
C LYS K 124 -16.79 -27.40 36.80
N GLY K 125 -16.67 -27.48 35.48
CA GLY K 125 -16.89 -26.34 34.58
C GLY K 125 -18.37 -25.99 34.48
N PRO K 126 -18.70 -24.74 34.17
CA PRO K 126 -20.09 -24.33 34.07
C PRO K 126 -20.74 -24.82 32.78
N SER K 127 -21.98 -25.27 32.89
CA SER K 127 -22.90 -25.46 31.77
C SER K 127 -23.53 -24.11 31.46
N VAL K 128 -23.33 -23.59 30.26
CA VAL K 128 -23.86 -22.27 29.84
C VAL K 128 -25.06 -22.50 28.91
N PHE K 129 -26.20 -21.91 29.25
CA PHE K 129 -27.50 -22.10 28.54
C PHE K 129 -28.08 -20.74 28.23
N PRO K 130 -28.66 -20.50 27.04
CA PRO K 130 -29.28 -19.22 26.74
C PRO K 130 -30.55 -18.99 27.56
N LEU K 131 -30.81 -17.73 27.89
CA LEU K 131 -32.11 -17.23 28.40
C LEU K 131 -32.67 -16.37 27.27
N ALA K 132 -33.51 -16.96 26.44
CA ALA K 132 -33.97 -16.36 25.17
C ALA K 132 -35.06 -15.33 25.44
N PRO K 133 -35.06 -14.18 24.73
CA PRO K 133 -36.20 -13.27 24.76
C PRO K 133 -37.43 -13.83 24.03
N GLY K 141 -41.16 -1.67 24.10
CA GLY K 141 -39.93 -1.15 23.48
C GLY K 141 -38.66 -1.76 24.07
N THR K 142 -38.69 -2.35 25.27
CA THR K 142 -37.50 -2.91 25.99
C THR K 142 -37.64 -4.43 26.18
N ALA K 143 -36.59 -5.19 25.84
CA ALA K 143 -36.57 -6.67 25.90
C ALA K 143 -35.35 -7.14 26.70
N ALA K 144 -35.50 -8.20 27.48
CA ALA K 144 -34.46 -8.80 28.33
C ALA K 144 -34.05 -10.15 27.75
N LEU K 145 -32.75 -10.47 27.82
CA LEU K 145 -32.15 -11.77 27.44
C LEU K 145 -30.97 -12.02 28.38
N GLY K 146 -30.35 -13.19 28.34
CA GLY K 146 -29.24 -13.53 29.24
C GLY K 146 -28.64 -14.90 29.01
N CYS K 147 -27.78 -15.31 29.93
CA CYS K 147 -27.06 -16.59 30.01
C CYS K 147 -27.28 -17.19 31.38
N LEU K 148 -27.55 -18.49 31.46
CA LEU K 148 -27.60 -19.22 32.74
C LEU K 148 -26.29 -19.99 32.85
N VAL K 149 -25.49 -19.66 33.85
CA VAL K 149 -24.15 -20.29 34.08
C VAL K 149 -24.31 -21.23 35.26
N LYS K 150 -24.58 -22.51 34.99
CA LYS K 150 -25.14 -23.45 36.00
C LYS K 150 -24.13 -24.56 36.32
N ASP K 151 -24.06 -24.95 37.59
CA ASP K 151 -23.41 -26.18 38.10
C ASP K 151 -21.90 -26.13 37.85
N TYR K 152 -21.21 -25.20 38.51
CA TYR K 152 -19.73 -25.08 38.45
C TYR K 152 -19.13 -25.00 39.86
N PHE K 153 -17.83 -25.26 39.95
CA PHE K 153 -17.07 -25.23 41.22
C PHE K 153 -15.58 -25.24 40.91
N PRO K 154 -14.75 -24.44 41.62
CA PRO K 154 -15.22 -23.46 42.60
C PRO K 154 -15.57 -22.13 41.91
N GLU K 155 -15.81 -21.09 42.71
CA GLU K 155 -15.79 -19.68 42.22
C GLU K 155 -14.36 -19.39 41.78
N PRO K 156 -14.12 -18.41 40.88
CA PRO K 156 -15.16 -17.66 40.19
C PRO K 156 -15.35 -17.90 38.69
N VAL K 157 -16.42 -17.33 38.13
CA VAL K 157 -16.62 -17.21 36.66
C VAL K 157 -16.68 -15.73 36.36
N THR K 158 -16.24 -15.36 35.16
CA THR K 158 -16.34 -14.00 34.60
C THR K 158 -17.28 -14.07 33.40
N VAL K 159 -18.17 -13.10 33.26
CA VAL K 159 -19.16 -13.06 32.15
C VAL K 159 -19.07 -11.67 31.53
N SER K 160 -18.84 -11.59 30.22
CA SER K 160 -18.97 -10.32 29.45
C SER K 160 -19.97 -10.55 28.34
N TRP K 161 -20.33 -9.50 27.61
CA TRP K 161 -21.29 -9.57 26.49
C TRP K 161 -20.67 -8.95 25.23
N ASN K 162 -20.68 -9.68 24.12
CA ASN K 162 -20.05 -9.26 22.84
C ASN K 162 -18.62 -8.82 23.14
N SER K 163 -17.92 -9.56 24.00
CA SER K 163 -16.47 -9.42 24.29
C SER K 163 -16.16 -8.05 24.91
N GLY K 164 -17.09 -7.47 25.67
CA GLY K 164 -16.87 -6.21 26.42
C GLY K 164 -17.56 -5.03 25.75
N ALA K 165 -18.02 -5.17 24.50
CA ALA K 165 -18.70 -4.13 23.70
C ALA K 165 -20.04 -3.75 24.34
N LEU K 166 -20.68 -4.69 25.05
CA LEU K 166 -21.97 -4.45 25.76
C LEU K 166 -21.74 -4.55 27.28
N THR K 167 -21.86 -3.42 27.97
CA THR K 167 -21.74 -3.28 29.45
C THR K 167 -23.00 -2.61 30.00
N SER K 168 -23.56 -1.66 29.24
CA SER K 168 -24.77 -0.90 29.63
C SER K 168 -25.99 -1.83 29.74
N GLY K 169 -26.56 -1.94 30.95
CA GLY K 169 -27.83 -2.65 31.21
C GLY K 169 -27.62 -4.06 31.74
N VAL K 170 -26.38 -4.50 31.89
CA VAL K 170 -25.99 -5.89 32.29
C VAL K 170 -26.14 -6.02 33.80
N HIS K 171 -26.69 -7.16 34.26
CA HIS K 171 -26.70 -7.60 35.68
C HIS K 171 -26.18 -9.03 35.73
N THR K 172 -24.94 -9.24 36.17
CA THR K 172 -24.35 -10.59 36.42
C THR K 172 -24.57 -10.91 37.91
N PHE K 173 -25.54 -11.77 38.20
CA PHE K 173 -25.98 -12.10 39.58
C PHE K 173 -24.82 -12.73 40.35
N PRO K 174 -24.71 -12.43 41.66
CA PRO K 174 -23.83 -13.18 42.55
C PRO K 174 -24.13 -14.69 42.48
N ALA K 175 -23.08 -15.48 42.46
CA ALA K 175 -23.18 -16.96 42.55
C ALA K 175 -23.99 -17.31 43.80
N VAL K 176 -24.79 -18.36 43.72
CA VAL K 176 -25.50 -18.97 44.87
C VAL K 176 -25.19 -20.46 44.86
N LEU K 177 -24.71 -20.99 45.98
CA LEU K 177 -24.43 -22.45 46.15
C LEU K 177 -25.77 -23.18 46.16
N GLN K 178 -25.95 -24.20 45.30
CA GLN K 178 -27.14 -25.09 45.27
C GLN K 178 -26.88 -26.26 46.23
N SER K 179 -27.92 -27.01 46.60
CA SER K 179 -27.81 -28.18 47.51
C SER K 179 -26.85 -29.23 46.92
N SER K 180 -26.68 -29.25 45.59
CA SER K 180 -25.75 -30.16 44.87
C SER K 180 -24.29 -29.92 45.32
N GLY K 181 -23.98 -28.75 45.88
CA GLY K 181 -22.60 -28.35 46.25
C GLY K 181 -21.88 -27.67 45.09
N LEU K 182 -22.65 -27.18 44.10
CA LEU K 182 -22.14 -26.46 42.89
C LEU K 182 -22.82 -25.09 42.80
N TYR K 183 -22.09 -24.09 42.33
CA TYR K 183 -22.60 -22.71 42.15
C TYR K 183 -23.43 -22.62 40.88
N SER K 184 -24.27 -21.61 40.83
CA SER K 184 -25.05 -21.22 39.62
C SER K 184 -25.38 -19.72 39.72
N LEU K 185 -25.39 -19.05 38.57
CA LEU K 185 -25.83 -17.64 38.45
C LEU K 185 -26.38 -17.46 37.04
N SER K 186 -27.08 -16.36 36.82
CA SER K 186 -27.49 -15.88 35.49
C SER K 186 -26.87 -14.50 35.28
N SER K 187 -26.48 -14.20 34.05
CA SER K 187 -26.11 -12.84 33.60
C SER K 187 -27.18 -12.43 32.61
N VAL K 188 -27.77 -11.25 32.77
CA VAL K 188 -28.92 -10.79 31.93
C VAL K 188 -28.64 -9.36 31.49
N VAL K 189 -29.39 -8.90 30.50
CA VAL K 189 -29.20 -7.54 29.91
C VAL K 189 -30.51 -7.12 29.24
N THR K 190 -30.86 -5.84 29.35
CA THR K 190 -32.00 -5.22 28.66
C THR K 190 -31.45 -4.44 27.47
N VAL K 191 -32.16 -4.50 26.35
CA VAL K 191 -31.77 -3.91 25.04
C VAL K 191 -33.06 -3.43 24.38
N PRO K 192 -32.97 -2.59 23.32
CA PRO K 192 -34.16 -2.23 22.54
C PRO K 192 -34.80 -3.47 21.93
N SER K 193 -36.14 -3.51 21.83
CA SER K 193 -36.92 -4.57 21.13
C SER K 193 -36.43 -4.69 19.68
N SER K 194 -36.44 -3.55 18.97
CA SER K 194 -36.12 -3.40 17.52
C SER K 194 -34.75 -4.03 17.19
N SER K 195 -33.81 -4.05 18.14
CA SER K 195 -32.43 -4.54 17.94
C SER K 195 -32.40 -6.09 17.94
N LEU K 196 -33.43 -6.79 18.45
CA LEU K 196 -33.74 -8.19 17.95
C LEU K 196 -35.01 -8.06 17.09
N THR K 198 -31.69 -7.60 14.56
CA THR K 198 -30.71 -6.79 13.78
C THR K 198 -29.30 -6.90 14.40
N GLN K 199 -29.17 -7.38 15.64
CA GLN K 199 -27.92 -7.34 16.43
C GLN K 199 -27.65 -8.71 17.04
N THR K 200 -26.37 -9.07 17.15
CA THR K 200 -25.88 -10.35 17.73
C THR K 200 -25.59 -10.15 19.23
N TYR K 201 -25.99 -11.13 20.05
CA TYR K 201 -25.77 -11.16 21.52
C TYR K 201 -25.10 -12.48 21.91
N ILE K 202 -23.90 -12.39 22.50
CA ILE K 202 -23.06 -13.55 22.89
C ILE K 202 -22.54 -13.32 24.32
N CYS K 203 -22.72 -14.29 25.23
CA CYS K 203 -22.07 -14.35 26.56
C CYS K 203 -20.67 -14.89 26.43
N ASN K 204 -19.70 -14.25 27.05
CA ASN K 204 -18.31 -14.75 27.12
C ASN K 204 -18.10 -15.21 28.56
N VAL K 205 -18.33 -16.50 28.79
CA VAL K 205 -18.11 -17.14 30.12
C VAL K 205 -16.70 -17.71 30.14
N ASN K 206 -15.93 -17.36 31.15
CA ASN K 206 -14.58 -17.95 31.43
C ASN K 206 -14.60 -18.48 32.86
N HIS K 207 -14.08 -19.69 33.06
CA HIS K 207 -13.94 -20.34 34.39
C HIS K 207 -12.53 -20.93 34.48
N LYS K 208 -11.57 -20.15 34.99
CA LYS K 208 -10.13 -20.51 34.96
C LYS K 208 -9.94 -21.90 35.57
N PRO K 209 -10.57 -22.25 36.71
CA PRO K 209 -10.26 -23.53 37.38
C PRO K 209 -10.52 -24.82 36.57
N SER K 210 -11.48 -24.82 35.63
CA SER K 210 -11.87 -26.00 34.80
C SER K 210 -11.32 -25.86 33.37
N ASN K 211 -10.65 -24.73 33.11
CA ASN K 211 -10.07 -24.35 31.81
C ASN K 211 -11.21 -24.31 30.78
N THR K 212 -12.31 -23.67 31.13
CA THR K 212 -13.54 -23.56 30.31
C THR K 212 -13.72 -22.13 29.83
N LYS K 213 -13.63 -21.92 28.52
CA LYS K 213 -13.98 -20.65 27.83
C LYS K 213 -15.15 -21.01 26.91
N VAL K 214 -16.32 -20.42 27.10
CA VAL K 214 -17.52 -20.69 26.24
C VAL K 214 -18.12 -19.36 25.81
N ASP K 215 -18.33 -19.18 24.50
CA ASP K 215 -19.05 -18.03 23.93
C ASP K 215 -20.38 -18.59 23.43
N LYS K 216 -21.49 -18.32 24.12
CA LYS K 216 -22.83 -18.86 23.74
C LYS K 216 -23.70 -17.78 23.09
N ARG K 217 -24.18 -18.05 21.88
CA ARG K 217 -25.12 -17.20 21.12
C ARG K 217 -26.49 -17.26 21.81
N VAL K 218 -27.17 -16.13 21.90
CA VAL K 218 -28.52 -16.00 22.54
C VAL K 218 -29.46 -15.37 21.52
N GLU K 219 -30.45 -16.13 21.04
CA GLU K 219 -31.40 -15.68 19.99
C GLU K 219 -32.81 -16.17 20.34
N PRO K 220 -33.87 -15.51 19.81
CA PRO K 220 -35.24 -15.77 20.25
C PRO K 220 -35.75 -17.22 20.16
N ASP L 1 -4.52 -7.63 72.75
CA ASP L 1 -4.74 -7.06 71.40
C ASP L 1 -6.01 -6.20 71.43
N ILE L 2 -5.97 -5.01 70.82
CA ILE L 2 -7.10 -4.04 70.72
C ILE L 2 -8.22 -4.64 69.86
N VAL L 3 -9.48 -4.34 70.21
CA VAL L 3 -10.71 -4.83 69.52
C VAL L 3 -11.54 -3.62 69.08
N MET L 4 -11.91 -3.58 67.81
CA MET L 4 -12.77 -2.50 67.25
C MET L 4 -14.19 -3.05 67.08
N THR L 5 -15.19 -2.27 67.47
CA THR L 5 -16.64 -2.61 67.40
C THR L 5 -17.34 -1.41 66.80
N GLN L 6 -17.88 -1.58 65.60
CA GLN L 6 -18.65 -0.53 64.88
C GLN L 6 -20.10 -0.66 65.32
N SER L 7 -20.89 0.37 65.08
CA SER L 7 -22.35 0.41 65.37
C SER L 7 -22.98 1.48 64.49
N PRO L 8 -24.08 1.19 63.77
CA PRO L 8 -24.70 -0.12 63.71
C PRO L 8 -23.93 -1.10 62.80
N ASP L 9 -24.34 -2.39 62.79
CA ASP L 9 -23.83 -3.42 61.83
C ASP L 9 -24.27 -3.03 60.42
N SER L 10 -25.41 -2.36 60.28
CA SER L 10 -25.94 -1.92 58.97
C SER L 10 -26.93 -0.76 59.15
N LEU L 11 -27.20 -0.04 58.06
CA LEU L 11 -27.74 1.33 58.13
C LEU L 11 -28.35 1.69 56.78
N SER L 12 -29.54 2.23 56.77
CA SER L 12 -30.28 2.59 55.54
C SER L 12 -30.73 4.05 55.64
N VAL L 13 -30.16 4.91 54.80
CA VAL L 13 -30.29 6.39 54.90
C VAL L 13 -30.75 6.94 53.55
N SER L 14 -31.70 7.87 53.54
CA SER L 14 -32.25 8.49 52.31
C SER L 14 -31.19 9.35 51.60
N LEU L 15 -31.36 9.53 50.30
CA LEU L 15 -30.55 10.43 49.44
C LEU L 15 -30.60 11.84 50.04
N GLY L 16 -29.43 12.48 50.17
CA GLY L 16 -29.30 13.89 50.60
C GLY L 16 -29.48 14.06 52.09
N GLU L 17 -29.23 13.01 52.89
CA GLU L 17 -29.52 12.98 54.34
C GLU L 17 -28.31 12.43 55.09
N ARG L 18 -28.21 12.67 56.41
CA ARG L 18 -26.97 12.39 57.16
C ARG L 18 -26.91 10.89 57.48
N ALA L 19 -25.73 10.30 57.34
CA ALA L 19 -25.43 8.90 57.71
C ALA L 19 -24.29 8.91 58.71
N THR L 20 -24.49 8.29 59.86
CA THR L 20 -23.54 8.35 61.00
C THR L 20 -23.18 6.92 61.38
N ILE L 21 -21.89 6.63 61.44
CA ILE L 21 -21.34 5.29 61.78
C ILE L 21 -20.35 5.49 62.91
N ASN L 22 -20.39 4.62 63.92
CA ASN L 22 -19.61 4.77 65.17
C ASN L 22 -18.63 3.61 65.27
N CYS L 23 -17.45 3.90 65.82
CA CYS L 23 -16.36 2.93 66.05
C CYS L 23 -15.86 3.13 67.48
N LYS L 24 -15.60 2.03 68.18
CA LYS L 24 -15.16 2.01 69.59
C LYS L 24 -13.99 1.03 69.72
N SER L 25 -12.89 1.48 70.33
CA SER L 25 -11.68 0.67 70.58
C SER L 25 -11.65 0.21 72.04
N SER L 26 -11.26 -1.04 72.28
CA SER L 26 -11.15 -1.66 73.62
C SER L 26 -10.15 -0.87 74.48
N GLN L 27 -9.07 -0.34 73.90
CA GLN L 27 -8.10 0.59 74.56
C GLN L 27 -8.08 1.89 73.77
N SER L 28 -7.50 2.94 74.34
CA SER L 28 -7.33 4.25 73.66
C SER L 28 -6.30 4.09 72.54
N VAL L 29 -6.49 4.82 71.45
CA VAL L 29 -5.59 4.88 70.26
C VAL L 29 -5.10 6.32 70.05
N LEU L 30 -5.26 7.15 71.09
CA LEU L 30 -4.56 8.46 71.22
C LEU L 30 -3.15 8.21 71.73
N TYR L 31 -2.13 8.66 71.00
CA TYR L 31 -0.70 8.64 71.41
C TYR L 31 -0.41 10.00 72.05
N SER L 32 -0.19 10.00 73.37
CA SER L 32 0.08 11.20 74.21
C SER L 32 1.30 11.96 73.67
N SER L 33 2.29 11.18 73.19
CA SER L 33 3.60 11.62 72.63
C SER L 33 3.43 12.68 71.52
N ASN L 34 2.60 12.42 70.50
CA ASN L 34 2.37 13.34 69.34
C ASN L 34 0.90 13.80 69.28
N ASN L 35 0.04 13.35 70.22
CA ASN L 35 -1.39 13.77 70.33
C ASN L 35 -2.11 13.53 68.99
N LYS L 36 -1.94 12.34 68.41
CA LYS L 36 -2.61 11.90 67.15
C LYS L 36 -3.39 10.61 67.43
N ASN L 37 -4.60 10.50 66.88
CA ASN L 37 -5.43 9.28 66.95
C ASN L 37 -5.07 8.34 65.78
N TYR L 38 -4.53 7.16 66.11
CA TYR L 38 -4.09 6.10 65.15
C TYR L 38 -5.31 5.31 64.67
N LEU L 39 -6.12 5.96 63.85
CA LEU L 39 -7.50 5.51 63.53
C LEU L 39 -7.83 5.98 62.11
N GLY L 40 -8.09 5.03 61.19
CA GLY L 40 -8.49 5.32 59.81
C GLY L 40 -9.87 4.75 59.51
N TRP L 41 -10.57 5.39 58.58
CA TRP L 41 -11.86 4.94 57.98
C TRP L 41 -11.67 4.57 56.50
N TYR L 42 -12.09 3.36 56.11
CA TYR L 42 -12.02 2.84 54.72
C TYR L 42 -13.42 2.58 54.15
N GLN L 43 -13.60 2.87 52.86
CA GLN L 43 -14.77 2.52 52.01
C GLN L 43 -14.39 1.27 51.20
N GLN L 44 -15.27 0.28 51.12
CA GLN L 44 -15.09 -0.91 50.22
C GLN L 44 -16.37 -1.07 49.40
N LYS L 45 -16.32 -0.66 48.15
CA LYS L 45 -17.42 -0.89 47.17
C LYS L 45 -17.32 -2.35 46.72
N PRO L 46 -18.43 -2.98 46.27
CA PRO L 46 -18.44 -4.42 46.01
C PRO L 46 -17.37 -4.88 45.00
N GLY L 47 -16.65 -5.97 45.36
CA GLY L 47 -15.63 -6.62 44.50
C GLY L 47 -14.48 -5.68 44.14
N GLN L 48 -14.17 -4.74 45.01
CA GLN L 48 -13.00 -3.84 44.91
C GLN L 48 -12.23 -3.91 46.22
N PRO L 49 -10.96 -3.47 46.24
CA PRO L 49 -10.23 -3.35 47.49
C PRO L 49 -10.67 -2.08 48.23
N PRO L 50 -10.38 -1.97 49.54
CA PRO L 50 -10.74 -0.78 50.31
C PRO L 50 -9.97 0.48 49.91
N LYS L 51 -10.64 1.64 49.93
CA LYS L 51 -10.11 3.01 49.66
C LYS L 51 -10.07 3.78 50.99
N LEU L 52 -8.97 4.46 51.30
CA LEU L 52 -8.81 5.28 52.53
C LEU L 52 -9.66 6.55 52.39
N LEU L 53 -10.54 6.81 53.36
CA LEU L 53 -11.43 8.00 53.37
C LEU L 53 -10.85 9.06 54.31
N ILE L 54 -10.39 8.64 55.49
CA ILE L 54 -10.08 9.54 56.64
C ILE L 54 -9.02 8.87 57.52
N TYR L 55 -7.98 9.62 57.89
CA TYR L 55 -6.82 9.18 58.71
C TYR L 55 -6.61 10.18 59.86
N TRP L 56 -5.90 9.75 60.90
CA TRP L 56 -5.74 10.51 62.18
C TRP L 56 -7.13 10.91 62.69
N ALA L 57 -8.11 10.01 62.56
CA ALA L 57 -9.49 10.12 63.06
C ALA L 57 -10.31 11.20 62.34
N SER L 58 -9.70 12.30 61.87
CA SER L 58 -10.48 13.47 61.37
C SER L 58 -9.90 14.12 60.10
N THR L 59 -8.72 13.71 59.62
CA THR L 59 -8.10 14.26 58.38
C THR L 59 -8.65 13.50 57.17
N ARG L 60 -9.31 14.23 56.26
CA ARG L 60 -9.89 13.69 55.02
C ARG L 60 -8.77 13.50 53.98
N GLU L 61 -8.69 12.35 53.31
CA GLU L 61 -7.80 12.09 52.13
C GLU L 61 -8.18 13.00 50.96
N SER L 62 -7.20 13.37 50.14
CA SER L 62 -7.42 14.20 48.92
C SER L 62 -8.21 13.35 47.92
N GLY L 63 -9.15 13.98 47.20
CA GLY L 63 -10.05 13.29 46.27
C GLY L 63 -11.37 12.94 46.93
N VAL L 64 -11.34 12.57 48.21
CA VAL L 64 -12.54 12.22 49.03
C VAL L 64 -13.40 13.47 49.15
N PRO L 65 -14.70 13.45 48.72
CA PRO L 65 -15.53 14.66 48.73
C PRO L 65 -15.81 15.26 50.12
N ASP L 66 -16.28 16.52 50.16
CA ASP L 66 -16.44 17.34 51.40
C ASP L 66 -17.32 16.62 52.42
N ARG L 67 -18.38 15.96 51.95
CA ARG L 67 -19.49 15.42 52.81
C ARG L 67 -18.99 14.34 53.78
N PHE L 68 -17.87 13.67 53.47
CA PHE L 68 -17.22 12.72 54.40
C PHE L 68 -16.41 13.51 55.43
N SER L 69 -16.60 13.23 56.71
CA SER L 69 -15.86 13.80 57.85
C SER L 69 -15.71 12.75 58.94
N GLY L 70 -14.59 12.77 59.64
CA GLY L 70 -14.31 11.93 60.82
C GLY L 70 -14.28 12.81 62.05
N SER L 71 -14.52 12.21 63.21
CA SER L 71 -14.44 12.92 64.52
C SER L 71 -14.24 11.89 65.62
N GLY L 72 -14.10 12.38 66.86
CA GLY L 72 -13.84 11.56 68.05
C GLY L 72 -12.38 11.58 68.43
N SER L 73 -12.04 10.86 69.50
CA SER L 73 -10.70 10.80 70.12
C SER L 73 -10.64 9.61 71.08
N GLY L 74 -9.46 9.07 71.33
CA GLY L 74 -9.24 8.09 72.42
C GLY L 74 -9.85 6.74 72.09
N THR L 75 -11.16 6.56 72.31
CA THR L 75 -11.84 5.25 72.16
C THR L 75 -13.17 5.35 71.39
N ASP L 76 -13.69 6.54 71.08
CA ASP L 76 -15.03 6.70 70.45
C ASP L 76 -14.92 7.62 69.25
N PHE L 77 -15.12 7.06 68.05
CA PHE L 77 -14.95 7.77 66.75
C PHE L 77 -16.25 7.69 65.95
N THR L 78 -16.37 8.58 64.98
CA THR L 78 -17.60 8.79 64.19
C THR L 78 -17.23 9.24 62.78
N LEU L 79 -17.54 8.37 61.80
CA LEU L 79 -17.58 8.71 60.35
C LEU L 79 -18.97 9.28 60.05
N THR L 80 -19.03 10.44 59.40
CA THR L 80 -20.30 11.12 59.07
C THR L 80 -20.30 11.42 57.57
N ILE L 81 -21.43 11.19 56.91
CA ILE L 81 -21.64 11.55 55.47
C ILE L 81 -22.83 12.50 55.46
N SER L 82 -22.57 13.79 55.22
CA SER L 82 -23.52 14.88 55.54
C SER L 82 -24.74 14.85 54.59
N SER L 83 -24.52 14.55 53.32
CA SER L 83 -25.57 14.57 52.27
C SER L 83 -25.37 13.39 51.33
N LEU L 84 -25.89 12.23 51.73
CA LEU L 84 -25.59 10.90 51.13
C LEU L 84 -25.97 10.90 49.64
N GLN L 85 -25.05 10.44 48.79
CA GLN L 85 -25.23 10.35 47.32
C GLN L 85 -25.33 8.87 46.94
N ALA L 86 -25.95 8.60 45.78
CA ALA L 86 -26.22 7.24 45.24
C ALA L 86 -24.97 6.35 45.31
N GLU L 87 -23.81 6.94 45.04
CA GLU L 87 -22.52 6.21 44.84
C GLU L 87 -21.85 5.89 46.17
N ASP L 88 -22.43 6.32 47.30
CA ASP L 88 -21.81 6.13 48.63
C ASP L 88 -22.15 4.73 49.18
N VAL L 89 -23.04 4.01 48.52
CA VAL L 89 -23.37 2.60 48.88
C VAL L 89 -22.07 1.79 48.90
N ALA L 90 -21.76 1.22 50.06
CA ALA L 90 -20.50 0.48 50.32
C ALA L 90 -20.54 -0.09 51.74
N VAL L 91 -19.50 -0.81 52.12
CA VAL L 91 -19.25 -1.27 53.52
C VAL L 91 -18.14 -0.37 54.06
N TYR L 92 -18.37 0.29 55.19
CA TYR L 92 -17.37 1.17 55.84
C TYR L 92 -16.74 0.43 57.02
N TYR L 93 -15.41 0.49 57.09
CA TYR L 93 -14.58 -0.13 58.14
C TYR L 93 -13.79 0.97 58.82
N CYS L 94 -13.67 0.89 60.14
CA CYS L 94 -12.65 1.64 60.92
C CYS L 94 -11.49 0.68 61.14
N GLN L 95 -10.28 1.21 61.23
CA GLN L 95 -9.05 0.41 61.46
C GLN L 95 -8.16 1.21 62.39
N GLN L 96 -7.65 0.57 63.43
CA GLN L 96 -6.70 1.20 64.41
C GLN L 96 -5.30 0.77 64.02
N TYR L 97 -4.35 1.70 64.14
CA TYR L 97 -2.91 1.46 63.85
C TYR L 97 -2.06 1.75 65.10
N TYR L 98 -2.66 1.86 66.28
CA TYR L 98 -1.92 2.07 67.56
C TYR L 98 -1.08 0.82 67.84
N THR L 99 -1.60 -0.36 67.54
CA THR L 99 -0.86 -1.63 67.66
C THR L 99 -0.72 -2.24 66.25
N THR L 100 0.03 -3.34 66.14
CA THR L 100 0.05 -4.25 64.95
C THR L 100 0.08 -5.68 65.48
N PRO L 101 -0.84 -6.60 65.10
CA PRO L 101 -1.83 -6.40 64.04
C PRO L 101 -2.74 -5.16 64.17
N SER L 102 -2.87 -4.40 63.08
CA SER L 102 -3.63 -3.13 62.96
C SER L 102 -5.10 -3.47 62.68
N THR L 103 -5.82 -3.92 63.72
CA THR L 103 -7.12 -4.63 63.63
C THR L 103 -8.23 -3.72 63.10
N PHE L 104 -9.26 -4.35 62.54
CA PHE L 104 -10.39 -3.70 61.83
C PHE L 104 -11.69 -3.84 62.64
N GLY L 105 -12.60 -2.88 62.45
CA GLY L 105 -14.02 -3.05 62.79
C GLY L 105 -14.64 -4.17 61.96
N GLN L 106 -15.76 -4.72 62.42
CA GLN L 106 -16.47 -5.85 61.77
C GLN L 106 -17.12 -5.33 60.47
N GLY L 107 -17.32 -4.02 60.36
CA GLY L 107 -17.81 -3.35 59.15
C GLY L 107 -19.25 -2.90 59.31
N THR L 108 -19.67 -1.93 58.48
CA THR L 108 -21.03 -1.34 58.50
C THR L 108 -21.57 -1.24 57.06
N ARG L 109 -22.57 -2.04 56.70
CA ARG L 109 -23.19 -2.01 55.35
C ARG L 109 -24.06 -0.74 55.28
N LEU L 110 -23.78 0.18 54.38
CA LEU L 110 -24.63 1.37 54.15
C LEU L 110 -25.45 1.14 52.88
N GLU L 111 -26.79 1.19 53.00
CA GLU L 111 -27.75 1.10 51.87
C GLU L 111 -28.34 2.50 51.67
N ILE L 112 -28.64 2.86 50.43
CA ILE L 112 -29.35 4.14 50.08
C ILE L 112 -30.85 3.85 50.06
N LYS L 113 -31.63 4.64 50.81
CA LYS L 113 -33.12 4.63 50.77
C LYS L 113 -33.53 5.59 49.65
N ARG L 114 -34.44 5.19 48.77
CA ARG L 114 -34.98 6.03 47.67
C ARG L 114 -36.48 5.78 47.56
N THR L 115 -37.18 6.66 46.82
CA THR L 115 -38.63 6.48 46.50
C THR L 115 -38.80 5.07 45.92
N ALA L 116 -39.80 4.33 46.38
CA ALA L 116 -40.10 2.96 45.91
C ALA L 116 -40.18 2.95 44.38
N ALA L 117 -39.58 1.94 43.73
CA ALA L 117 -39.68 1.67 42.28
C ALA L 117 -40.08 0.20 42.08
N ALA L 118 -41.10 -0.02 41.24
CA ALA L 118 -41.68 -1.36 40.98
C ALA L 118 -40.75 -2.14 40.04
N PRO L 119 -40.57 -3.45 40.23
CA PRO L 119 -39.73 -4.25 39.32
C PRO L 119 -40.42 -4.46 37.97
N SER L 120 -39.66 -4.38 36.87
CA SER L 120 -39.99 -5.03 35.58
C SER L 120 -39.79 -6.54 35.77
N VAL L 121 -40.82 -7.33 35.50
CA VAL L 121 -40.76 -8.81 35.63
C VAL L 121 -40.68 -9.44 34.23
N PHE L 122 -39.76 -10.39 34.08
CA PHE L 122 -39.54 -11.18 32.84
C PHE L 122 -39.42 -12.65 33.26
N ILE L 123 -39.98 -13.56 32.48
CA ILE L 123 -39.83 -15.02 32.73
C ILE L 123 -39.12 -15.65 31.53
N PHE L 124 -38.33 -16.68 31.82
CA PHE L 124 -37.46 -17.37 30.84
C PHE L 124 -37.68 -18.87 30.97
N PRO L 125 -38.17 -19.52 29.89
CA PRO L 125 -38.31 -20.98 29.88
C PRO L 125 -36.92 -21.61 29.81
N PRO L 126 -36.77 -22.91 30.12
CA PRO L 126 -35.49 -23.59 29.95
C PRO L 126 -35.11 -23.62 28.47
N SER L 127 -33.81 -23.61 28.18
CA SER L 127 -33.25 -23.73 26.83
C SER L 127 -33.46 -25.16 26.34
N ASP L 128 -33.70 -25.34 25.03
CA ASP L 128 -33.75 -26.68 24.38
C ASP L 128 -32.46 -27.42 24.74
N GLU L 129 -31.32 -26.71 24.67
CA GLU L 129 -29.98 -27.27 24.99
C GLU L 129 -29.97 -27.87 26.41
N GLN L 130 -30.58 -27.21 27.39
CA GLN L 130 -30.48 -27.66 28.80
C GLN L 130 -31.27 -28.96 28.99
N LEU L 131 -32.46 -29.05 28.37
CA LEU L 131 -33.39 -30.19 28.54
C LEU L 131 -32.66 -31.50 28.18
N LYS L 132 -31.87 -31.48 27.10
CA LYS L 132 -31.06 -32.64 26.64
C LYS L 132 -30.20 -33.21 27.79
N SER L 133 -29.86 -32.40 28.80
CA SER L 133 -28.98 -32.81 29.93
C SER L 133 -29.77 -33.56 31.02
N GLY L 134 -31.09 -33.31 31.11
CA GLY L 134 -32.00 -34.05 32.01
C GLY L 134 -32.51 -33.25 33.22
N THR L 135 -32.21 -31.96 33.31
CA THR L 135 -32.87 -31.04 34.29
C THR L 135 -33.33 -29.78 33.54
N ALA L 136 -34.25 -29.04 34.14
CA ALA L 136 -34.88 -27.82 33.56
C ALA L 136 -34.82 -26.68 34.58
N SER L 137 -34.38 -25.53 34.12
CA SER L 137 -34.21 -24.32 34.96
C SER L 137 -35.11 -23.24 34.37
N VAL L 138 -36.09 -22.81 35.15
CA VAL L 138 -37.00 -21.68 34.80
C VAL L 138 -36.50 -20.49 35.61
N VAL L 139 -36.38 -19.34 34.97
CA VAL L 139 -35.76 -18.15 35.58
C VAL L 139 -36.77 -17.01 35.51
N CYS L 140 -37.03 -16.39 36.67
CA CYS L 140 -37.81 -15.15 36.82
C CYS L 140 -36.85 -14.02 37.18
N LEU L 141 -36.95 -12.90 36.47
CA LEU L 141 -36.11 -11.71 36.66
C LEU L 141 -36.99 -10.55 37.12
N LEU L 142 -36.71 -10.00 38.32
CA LEU L 142 -37.22 -8.71 38.82
C LEU L 142 -36.11 -7.68 38.61
N ASN L 143 -36.35 -6.65 37.81
CA ASN L 143 -35.28 -5.76 37.29
C ASN L 143 -35.52 -4.33 37.80
N ASN L 144 -34.52 -3.79 38.52
CA ASN L 144 -34.40 -2.35 38.89
C ASN L 144 -35.59 -1.93 39.76
N PHE L 145 -35.61 -2.40 41.00
CA PHE L 145 -36.67 -2.12 41.99
C PHE L 145 -36.07 -1.71 43.34
N TYR L 146 -36.81 -0.88 44.09
CA TYR L 146 -36.55 -0.53 45.51
C TYR L 146 -37.88 -0.56 46.27
N PRO L 147 -37.95 -1.06 47.52
CA PRO L 147 -36.80 -1.65 48.24
C PRO L 147 -36.52 -3.11 47.92
N ARG L 148 -35.52 -3.68 48.60
CA ARG L 148 -34.93 -5.03 48.39
C ARG L 148 -35.98 -6.13 48.64
N GLU L 149 -36.92 -5.90 49.55
CA GLU L 149 -37.92 -6.92 49.98
C GLU L 149 -38.87 -7.18 48.81
N ALA L 150 -39.01 -8.44 48.43
CA ALA L 150 -39.95 -8.91 47.37
C ALA L 150 -40.26 -10.39 47.57
N LYS L 151 -41.53 -10.77 47.38
CA LYS L 151 -42.03 -12.16 47.43
C LYS L 151 -42.13 -12.67 45.98
N VAL L 152 -41.50 -13.81 45.71
CA VAL L 152 -41.55 -14.49 44.38
C VAL L 152 -42.18 -15.87 44.56
N GLN L 153 -43.37 -16.07 43.98
CA GLN L 153 -44.17 -17.33 44.03
C GLN L 153 -44.07 -18.07 42.70
N TRP L 154 -43.61 -19.33 42.73
CA TRP L 154 -43.59 -20.24 41.55
C TRP L 154 -44.86 -21.10 41.50
N LYS L 155 -45.59 -21.00 40.38
CA LYS L 155 -46.86 -21.75 40.11
C LYS L 155 -46.66 -22.64 38.87
N VAL L 156 -46.69 -23.96 39.07
CA VAL L 156 -46.69 -25.01 38.00
C VAL L 156 -48.11 -25.58 37.86
N ASP L 157 -48.88 -25.08 36.89
CA ASP L 157 -50.32 -25.43 36.68
C ASP L 157 -51.11 -25.09 37.96
N ASN L 158 -50.95 -23.87 38.48
CA ASN L 158 -51.67 -23.32 39.66
C ASN L 158 -51.33 -24.06 40.96
N ALA L 159 -50.40 -25.03 40.95
CA ALA L 159 -49.79 -25.63 42.17
C ALA L 159 -48.59 -24.78 42.61
N LEU L 160 -48.62 -24.27 43.85
CA LEU L 160 -47.57 -23.38 44.38
C LEU L 160 -46.38 -24.22 44.83
N GLN L 161 -45.18 -23.87 44.37
CA GLN L 161 -43.95 -24.68 44.56
C GLN L 161 -43.25 -24.27 45.86
N SER L 162 -42.36 -25.11 46.38
CA SER L 162 -41.62 -24.83 47.64
C SER L 162 -40.41 -25.77 47.79
N GLY L 163 -39.23 -25.21 48.07
CA GLY L 163 -37.99 -25.95 48.40
C GLY L 163 -37.21 -26.35 47.16
N ASN L 164 -37.59 -25.84 45.99
CA ASN L 164 -37.06 -26.23 44.66
C ASN L 164 -36.67 -24.98 43.85
N SER L 165 -36.47 -23.84 44.52
CA SER L 165 -36.10 -22.54 43.88
C SER L 165 -35.06 -21.84 44.75
N GLN L 166 -34.25 -20.96 44.14
CA GLN L 166 -33.20 -20.15 44.81
C GLN L 166 -33.26 -18.72 44.27
N GLU L 167 -33.06 -17.73 45.15
CA GLU L 167 -33.01 -16.29 44.79
C GLU L 167 -31.55 -15.83 44.86
N SER L 168 -31.19 -14.87 43.99
CA SER L 168 -29.90 -14.13 44.03
C SER L 168 -30.22 -12.65 43.80
N VAL L 169 -29.54 -11.76 44.52
CA VAL L 169 -29.82 -10.30 44.45
C VAL L 169 -28.52 -9.57 44.12
N THR L 170 -28.60 -8.60 43.21
CA THR L 170 -27.44 -7.74 42.86
C THR L 170 -27.11 -6.87 44.08
N GLU L 171 -25.84 -6.48 44.18
CA GLU L 171 -25.42 -5.34 45.02
C GLU L 171 -26.20 -4.12 44.50
N GLN L 172 -26.64 -3.25 45.40
CA GLN L 172 -27.43 -2.04 45.05
C GLN L 172 -26.66 -1.22 44.00
N ASP L 173 -27.35 -0.70 42.99
CA ASP L 173 -26.73 0.12 41.91
C ASP L 173 -26.22 1.44 42.49
N SER L 174 -25.02 1.85 42.07
CA SER L 174 -24.34 3.09 42.50
C SER L 174 -24.87 4.32 41.75
N LYS L 175 -25.84 4.17 40.84
CA LYS L 175 -26.41 5.31 40.07
C LYS L 175 -27.88 5.49 40.41
N ASP L 176 -28.73 4.49 40.20
CA ASP L 176 -30.21 4.59 40.41
C ASP L 176 -30.58 3.95 41.77
N SER L 177 -29.62 3.41 42.52
CA SER L 177 -29.82 2.95 43.92
C SER L 177 -30.89 1.85 44.01
N THR L 178 -31.13 1.11 42.92
CA THR L 178 -32.09 -0.02 42.84
C THR L 178 -31.38 -1.38 42.92
N TYR L 179 -32.16 -2.44 43.12
CA TYR L 179 -31.71 -3.85 43.11
C TYR L 179 -32.33 -4.56 41.90
N SER L 180 -31.76 -5.70 41.53
CA SER L 180 -32.39 -6.71 40.65
C SER L 180 -32.28 -8.08 41.32
N LEU L 181 -33.28 -8.94 41.09
CA LEU L 181 -33.39 -10.28 41.71
C LEU L 181 -33.68 -11.32 40.63
N SER L 182 -33.11 -12.52 40.78
CA SER L 182 -33.33 -13.71 39.94
C SER L 182 -33.84 -14.86 40.81
N SER L 183 -35.04 -15.36 40.51
CA SER L 183 -35.58 -16.63 41.08
C SER L 183 -35.40 -17.73 40.04
N THR L 184 -34.85 -18.87 40.48
CA THR L 184 -34.45 -20.01 39.63
C THR L 184 -35.11 -21.29 40.14
N LEU L 185 -36.17 -21.70 39.45
CA LEU L 185 -36.94 -22.95 39.69
C LEU L 185 -36.23 -24.11 38.97
N THR L 186 -35.88 -25.16 39.71
CA THR L 186 -35.09 -26.33 39.24
C THR L 186 -35.91 -27.61 39.43
N LEU L 187 -36.28 -28.29 38.35
CA LEU L 187 -36.98 -29.61 38.36
C LEU L 187 -36.34 -30.52 37.31
N SER L 188 -36.68 -31.81 37.32
CA SER L 188 -36.22 -32.83 36.33
C SER L 188 -36.94 -32.61 34.98
N LYS L 189 -36.40 -33.17 33.90
CA LYS L 189 -36.99 -33.10 32.53
C LYS L 189 -38.39 -33.71 32.59
N ALA L 190 -38.48 -34.89 33.23
CA ALA L 190 -39.73 -35.64 33.50
C ALA L 190 -40.81 -34.66 33.99
N ASP L 191 -40.60 -34.10 35.18
CA ASP L 191 -41.58 -33.21 35.88
C ASP L 191 -41.86 -31.99 34.99
N TYR L 192 -40.85 -31.43 34.31
CA TYR L 192 -41.03 -30.21 33.48
C TYR L 192 -42.01 -30.51 32.34
N GLU L 193 -41.95 -31.72 31.77
CA GLU L 193 -42.72 -32.09 30.55
C GLU L 193 -44.13 -32.54 30.93
N LYS L 194 -44.37 -33.05 32.16
CA LYS L 194 -45.73 -33.39 32.69
C LYS L 194 -46.66 -32.17 32.63
N HIS L 195 -46.21 -30.99 33.07
CA HIS L 195 -47.06 -29.79 33.35
C HIS L 195 -46.94 -28.78 32.20
N LYS L 196 -47.86 -27.81 32.09
CA LYS L 196 -48.06 -26.97 30.86
C LYS L 196 -47.78 -25.48 31.16
N VAL L 197 -48.40 -24.94 32.22
CA VAL L 197 -48.37 -23.48 32.57
C VAL L 197 -47.34 -23.24 33.68
N TYR L 198 -46.30 -22.45 33.36
CA TYR L 198 -45.22 -22.03 34.27
C TYR L 198 -45.36 -20.52 34.49
N ALA L 199 -45.56 -20.13 35.75
CA ALA L 199 -45.90 -18.75 36.17
C ALA L 199 -45.06 -18.35 37.38
N CYS L 200 -44.61 -17.11 37.36
CA CYS L 200 -43.87 -16.46 38.46
C CYS L 200 -44.69 -15.24 38.89
N GLU L 201 -45.14 -15.24 40.15
CA GLU L 201 -45.97 -14.16 40.75
C GLU L 201 -45.11 -13.34 41.73
N VAL L 202 -45.09 -12.03 41.52
CA VAL L 202 -44.20 -11.07 42.23
C VAL L 202 -45.06 -10.15 43.09
N THR L 203 -44.90 -10.22 44.42
CA THR L 203 -45.48 -9.25 45.39
C THR L 203 -44.38 -8.26 45.81
N HIS L 204 -44.58 -6.97 45.57
CA HIS L 204 -43.62 -5.90 45.92
C HIS L 204 -44.37 -4.60 46.26
N GLN L 205 -43.83 -3.86 47.21
CA GLN L 205 -44.43 -2.63 47.79
C GLN L 205 -44.75 -1.59 46.70
N GLY L 206 -44.02 -1.57 45.58
CA GLY L 206 -44.19 -0.57 44.51
C GLY L 206 -45.25 -0.96 43.50
N LEU L 207 -45.91 -2.11 43.70
CA LEU L 207 -46.99 -2.65 42.83
C LEU L 207 -48.32 -2.64 43.60
N SER L 208 -49.36 -2.03 43.02
CA SER L 208 -50.74 -1.94 43.61
C SER L 208 -51.29 -3.34 43.92
N SER L 209 -50.93 -4.36 43.13
CA SER L 209 -51.29 -5.79 43.38
C SER L 209 -50.32 -6.73 42.68
N PRO L 210 -50.13 -7.97 43.18
CA PRO L 210 -49.17 -8.92 42.61
C PRO L 210 -49.20 -8.99 41.08
N VAL L 211 -48.03 -8.89 40.42
CA VAL L 211 -47.89 -9.06 38.94
C VAL L 211 -47.44 -10.50 38.68
N THR L 212 -48.01 -11.12 37.64
CA THR L 212 -47.70 -12.50 37.18
C THR L 212 -47.23 -12.45 35.73
N LYS L 213 -46.07 -13.07 35.46
CA LYS L 213 -45.61 -13.43 34.10
C LYS L 213 -45.57 -14.96 34.03
N SER L 214 -46.00 -15.52 32.90
CA SER L 214 -46.09 -16.99 32.67
C SER L 214 -45.95 -17.31 31.18
N PHE L 215 -45.67 -18.58 30.89
CA PHE L 215 -45.60 -19.16 29.52
C PHE L 215 -46.26 -20.55 29.56
N ASN L 216 -46.70 -21.01 28.39
CA ASN L 216 -47.13 -22.42 28.15
C ASN L 216 -45.97 -23.15 27.45
N ARG L 217 -45.58 -24.32 27.97
CA ARG L 217 -44.42 -25.13 27.52
C ARG L 217 -44.40 -25.27 25.98
N GLY L 218 -43.41 -24.68 25.31
CA GLY L 218 -43.22 -24.70 23.85
C GLY L 218 -44.15 -23.75 23.11
N GLU L 219 -44.20 -22.48 23.50
CA GLU L 219 -45.11 -21.45 22.94
C GLU L 219 -46.56 -21.98 22.95
N VAL M 2 -17.99 34.03 -3.38
CA VAL M 2 -18.69 33.06 -2.42
C VAL M 2 -19.34 31.92 -3.18
N GLN M 3 -18.99 30.67 -2.86
CA GLN M 3 -19.46 29.46 -3.58
C GLN M 3 -19.86 28.39 -2.57
N VAL M 4 -21.06 27.84 -2.74
CA VAL M 4 -21.68 26.91 -1.76
C VAL M 4 -22.04 25.59 -2.45
N VAL M 5 -21.88 24.48 -1.74
CA VAL M 5 -22.27 23.12 -2.20
C VAL M 5 -23.15 22.46 -1.13
N GLU M 6 -24.42 22.28 -1.46
CA GLU M 6 -25.46 21.66 -0.60
C GLU M 6 -25.64 20.21 -1.03
N SER M 7 -25.77 19.29 -0.09
CA SER M 7 -26.02 17.87 -0.42
C SER M 7 -26.67 17.15 0.76
N GLY M 8 -27.18 15.95 0.45
CA GLY M 8 -27.68 14.95 1.40
C GLY M 8 -29.17 15.00 1.67
N GLY M 9 -30.00 15.56 0.78
CA GLY M 9 -31.46 15.56 1.01
C GLY M 9 -32.15 14.42 0.32
N GLY M 10 -33.46 14.54 0.04
CA GLY M 10 -34.21 13.61 -0.82
C GLY M 10 -35.20 12.81 0.00
N LEU M 11 -35.63 11.67 -0.53
CA LEU M 11 -36.65 10.78 0.07
C LEU M 11 -35.98 9.92 1.14
N VAL M 12 -36.64 9.76 2.28
CA VAL M 12 -36.25 8.83 3.37
C VAL M 12 -37.52 8.43 4.11
N GLN M 13 -37.61 7.18 4.56
CA GLN M 13 -38.85 6.65 5.19
C GLN M 13 -38.81 6.93 6.69
N PRO M 14 -39.98 7.08 7.35
CA PRO M 14 -40.01 7.40 8.78
C PRO M 14 -39.11 6.45 9.59
N GLY M 15 -38.40 6.96 10.59
CA GLY M 15 -37.53 6.18 11.49
C GLY M 15 -36.10 6.13 10.99
N ARG M 16 -35.87 6.11 9.67
CA ARG M 16 -34.53 6.11 9.04
C ARG M 16 -33.87 7.48 9.28
N SER M 17 -32.64 7.65 8.80
CA SER M 17 -31.81 8.86 9.06
C SER M 17 -31.14 9.35 7.77
N LEU M 18 -30.58 10.55 7.85
CA LEU M 18 -30.14 11.39 6.71
C LEU M 18 -29.14 12.41 7.26
N ARG M 19 -28.18 12.83 6.45
CA ARG M 19 -27.14 13.80 6.86
C ARG M 19 -27.10 14.91 5.81
N LEU M 20 -27.50 16.12 6.21
CA LEU M 20 -27.44 17.32 5.34
C LEU M 20 -26.06 17.95 5.50
N SER M 21 -25.63 18.73 4.51
CA SER M 21 -24.36 19.52 4.60
C SER M 21 -24.41 20.68 3.62
N CYS M 22 -24.00 21.86 4.10
CA CYS M 22 -23.52 22.96 3.24
C CYS M 22 -22.02 23.12 3.48
N ALA M 23 -21.27 23.30 2.40
CA ALA M 23 -19.83 23.64 2.39
C ALA M 23 -19.66 24.91 1.57
N ALA M 24 -18.74 25.77 1.93
CA ALA M 24 -18.56 27.09 1.30
C ALA M 24 -17.09 27.50 1.27
N SER M 25 -16.74 28.28 0.27
CA SER M 25 -15.52 29.10 0.20
C SER M 25 -15.94 30.53 -0.10
N GLY M 26 -15.18 31.52 0.34
CA GLY M 26 -15.37 32.94 -0.06
C GLY M 26 -15.70 33.80 1.15
N PHE M 27 -15.92 33.17 2.30
CA PHE M 27 -16.11 33.84 3.61
C PHE M 27 -15.36 33.03 4.68
N THR M 28 -14.97 33.71 5.75
CA THR M 28 -14.12 33.15 6.82
C THR M 28 -15.00 32.22 7.65
N PHE M 29 -14.95 30.92 7.41
CA PHE M 29 -15.96 29.97 7.93
C PHE M 29 -16.05 30.01 9.46
N ASP M 30 -14.95 30.31 10.17
CA ASP M 30 -14.92 30.22 11.65
C ASP M 30 -15.13 31.62 12.26
N ASP M 31 -15.60 32.60 11.50
CA ASP M 31 -16.00 33.94 12.03
C ASP M 31 -17.47 33.93 12.44
N TYR M 32 -18.19 32.83 12.23
CA TYR M 32 -19.67 32.80 12.24
C TYR M 32 -20.21 31.65 13.09
N ALA M 33 -21.27 31.94 13.83
CA ALA M 33 -22.20 30.92 14.38
C ALA M 33 -23.06 30.46 13.20
N MET M 34 -23.22 29.14 13.10
CA MET M 34 -23.94 28.47 12.01
C MET M 34 -25.29 28.00 12.56
N TYR M 35 -26.34 28.12 11.76
CA TYR M 35 -27.71 27.71 12.14
C TYR M 35 -28.35 26.94 10.98
N TRP M 36 -29.28 26.05 11.33
CA TRP M 36 -30.27 25.42 10.41
C TRP M 36 -31.66 26.00 10.68
N VAL M 37 -32.29 26.55 9.64
CA VAL M 37 -33.73 26.94 9.60
C VAL M 37 -34.44 25.98 8.64
N ARG M 38 -35.65 25.53 8.97
CA ARG M 38 -36.47 24.69 8.06
C ARG M 38 -37.82 25.37 7.77
N GLN M 39 -38.42 24.96 6.65
CA GLN M 39 -39.73 25.45 6.15
C GLN M 39 -40.49 24.28 5.55
N ALA M 40 -41.49 23.75 6.26
CA ALA M 40 -42.39 22.69 5.77
C ALA M 40 -43.16 23.27 4.57
N PRO M 41 -43.44 22.49 3.50
CA PRO M 41 -43.90 23.09 2.25
C PRO M 41 -45.22 23.85 2.51
N GLY M 42 -45.33 25.06 1.96
CA GLY M 42 -46.49 25.95 2.11
C GLY M 42 -46.49 26.76 3.40
N LYS M 43 -45.88 26.23 4.47
CA LYS M 43 -45.88 26.81 5.84
C LYS M 43 -44.67 27.75 6.01
N GLY M 44 -44.41 28.24 7.24
CA GLY M 44 -43.47 29.34 7.51
C GLY M 44 -42.15 28.84 8.08
N LEU M 45 -41.26 29.76 8.46
CA LEU M 45 -39.86 29.49 8.87
C LEU M 45 -39.82 29.01 10.32
N GLU M 46 -38.94 28.06 10.64
CA GLU M 46 -38.76 27.49 12.00
C GLU M 46 -37.26 27.36 12.29
N TRP M 47 -36.77 28.08 13.29
CA TRP M 47 -35.43 27.89 13.91
C TRP M 47 -35.32 26.45 14.43
N VAL M 48 -34.32 25.71 13.96
CA VAL M 48 -34.14 24.25 14.20
C VAL M 48 -32.97 24.04 15.15
N SER M 49 -31.82 24.64 14.84
CA SER M 49 -30.53 24.31 15.51
C SER M 49 -29.52 25.44 15.29
N GLY M 50 -28.55 25.54 16.20
CA GLY M 50 -27.50 26.58 16.20
C GLY M 50 -26.21 26.08 16.83
N ILE M 51 -25.07 26.62 16.42
CA ILE M 51 -23.73 26.16 16.90
C ILE M 51 -22.73 27.32 16.79
N SER M 52 -21.97 27.55 17.86
CA SER M 52 -20.95 28.62 17.98
C SER M 52 -19.77 28.27 17.08
N TRP M 53 -18.95 29.27 16.74
CA TRP M 53 -17.82 29.13 15.78
C TRP M 53 -16.97 27.89 16.10
N ASN M 54 -16.70 27.61 17.37
CA ASN M 54 -15.76 26.52 17.77
C ASN M 54 -16.52 25.30 18.32
N SER M 55 -17.81 25.15 17.99
CA SER M 55 -18.68 24.03 18.47
C SER M 55 -18.79 24.02 20.00
N GLY M 56 -18.58 25.18 20.63
CA GLY M 56 -18.55 25.37 22.09
C GLY M 56 -19.95 25.24 22.71
N SER M 57 -20.94 25.93 22.14
CA SER M 57 -22.35 25.87 22.60
C SER M 57 -23.27 25.47 21.43
N ILE M 58 -24.18 24.54 21.71
CA ILE M 58 -25.11 23.91 20.73
C ILE M 58 -26.52 24.03 21.31
N VAL M 59 -27.46 24.57 20.54
CA VAL M 59 -28.88 24.77 20.98
C VAL M 59 -29.80 24.14 19.92
N TYR M 60 -30.75 23.31 20.35
CA TYR M 60 -31.83 22.72 19.51
C TYR M 60 -33.19 23.25 19.94
N ALA M 61 -34.09 23.52 18.99
CA ALA M 61 -35.53 23.72 19.24
C ALA M 61 -36.12 22.41 19.79
N ASP M 62 -37.16 22.51 20.63
CA ASP M 62 -37.71 21.35 21.37
C ASP M 62 -38.17 20.28 20.36
N SER M 63 -38.77 20.70 19.24
CA SER M 63 -39.34 19.82 18.18
C SER M 63 -38.34 18.76 17.71
N VAL M 64 -37.03 19.03 17.77
CA VAL M 64 -35.98 18.14 17.18
C VAL M 64 -35.02 17.62 18.27
N LYS M 65 -35.03 18.19 19.48
CA LYS M 65 -34.08 17.78 20.56
C LYS M 65 -34.14 16.25 20.73
N GLY M 66 -32.99 15.61 20.89
CA GLY M 66 -32.85 14.14 21.05
C GLY M 66 -32.72 13.40 19.72
N ARG M 67 -33.12 14.00 18.60
CA ARG M 67 -33.22 13.32 17.28
C ARG M 67 -32.17 13.84 16.28
N PHE M 68 -31.99 15.16 16.21
CA PHE M 68 -31.06 15.85 15.27
C PHE M 68 -29.76 16.23 15.99
N THR M 69 -28.63 16.10 15.29
CA THR M 69 -27.28 16.53 15.77
C THR M 69 -26.71 17.54 14.79
N ILE M 70 -26.47 18.77 15.25
CA ILE M 70 -25.73 19.80 14.47
C ILE M 70 -24.24 19.63 14.78
N SER M 71 -23.39 19.85 13.77
CA SER M 71 -21.92 19.76 13.89
C SER M 71 -21.27 20.58 12.76
N ARG M 72 -19.97 20.81 12.85
CA ARG M 72 -19.23 21.57 11.80
C ARG M 72 -17.79 21.10 11.76
N ASP M 73 -17.14 21.30 10.62
CA ASP M 73 -15.69 21.08 10.37
C ASP M 73 -15.16 22.36 9.69
N ASN M 74 -14.55 23.25 10.47
CA ASN M 74 -14.09 24.59 9.98
C ASN M 74 -12.93 24.41 8.98
N ALA M 75 -12.22 23.27 9.09
CA ALA M 75 -11.11 22.85 8.21
C ALA M 75 -11.67 22.51 6.81
N LYS M 76 -12.83 21.86 6.75
CA LYS M 76 -13.52 21.48 5.49
C LYS M 76 -14.57 22.53 5.12
N ASN M 77 -14.60 23.68 5.80
CA ASN M 77 -15.61 24.76 5.65
C ASN M 77 -17.02 24.17 5.44
N SER M 78 -17.46 23.28 6.33
CA SER M 78 -18.70 22.47 6.20
C SER M 78 -19.57 22.57 7.48
N LEU M 79 -20.88 22.72 7.29
CA LEU M 79 -21.91 22.64 8.36
C LEU M 79 -22.75 21.39 8.12
N TYR M 80 -22.91 20.55 9.13
CA TYR M 80 -23.67 19.28 9.03
C TYR M 80 -24.93 19.35 9.90
N LEU M 81 -26.00 18.66 9.50
CA LEU M 81 -27.17 18.30 10.35
C LEU M 81 -27.49 16.82 10.14
N GLN M 82 -27.33 16.01 11.19
CA GLN M 82 -27.67 14.56 11.22
C GLN M 82 -29.14 14.44 11.65
N LEU M 83 -30.03 14.02 10.75
CA LEU M 83 -31.48 13.81 11.02
C LEU M 83 -31.70 12.34 11.36
N ASN M 84 -31.99 12.00 12.62
CA ASN M 84 -32.36 10.63 13.04
C ASN M 84 -33.84 10.62 13.45
N SER M 85 -34.43 9.42 13.57
CA SER M 85 -35.84 9.22 14.04
C SER M 85 -36.77 10.17 13.29
N LEU M 86 -36.64 10.24 11.97
CA LEU M 86 -37.40 11.20 11.13
C LEU M 86 -38.88 10.84 11.15
N ARG M 87 -39.72 11.87 11.02
CA ARG M 87 -41.19 11.77 11.07
C ARG M 87 -41.75 12.69 9.98
N ALA M 88 -42.98 12.45 9.54
CA ALA M 88 -43.62 13.14 8.39
C ALA M 88 -43.47 14.66 8.53
N GLU M 89 -43.56 15.21 9.77
CA GLU M 89 -43.61 16.68 10.03
C GLU M 89 -42.24 17.31 9.75
N ASP M 90 -41.17 16.52 9.77
CA ASP M 90 -39.77 16.95 9.46
C ASP M 90 -39.61 17.23 7.96
N THR M 91 -40.52 16.75 7.12
CA THR M 91 -40.55 17.12 5.68
C THR M 91 -40.51 18.65 5.60
N ALA M 92 -39.47 19.19 4.97
CA ALA M 92 -39.24 20.64 4.83
C ALA M 92 -38.03 20.90 3.94
N PHE M 93 -37.92 22.12 3.41
CA PHE M 93 -36.68 22.74 2.89
C PHE M 93 -35.82 23.16 4.08
N TYR M 94 -34.62 22.62 4.23
CA TYR M 94 -33.64 22.95 5.31
C TYR M 94 -32.60 23.96 4.77
N TYR M 95 -32.52 25.13 5.39
CA TYR M 95 -31.63 26.24 4.97
C TYR M 95 -30.42 26.38 5.92
N CYS M 96 -29.27 26.68 5.34
CA CYS M 96 -28.00 27.02 6.04
C CYS M 96 -28.00 28.51 6.34
N ALA M 97 -27.78 28.88 7.60
CA ALA M 97 -27.66 30.30 8.00
C ALA M 97 -26.44 30.52 8.89
N LYS M 98 -26.11 31.79 9.09
CA LYS M 98 -24.78 32.30 9.47
C LYS M 98 -25.00 33.60 10.26
N ALA M 99 -24.45 33.73 11.47
CA ALA M 99 -24.45 35.02 12.21
C ALA M 99 -23.06 35.28 12.80
N VAL M 100 -22.66 36.55 12.81
CA VAL M 100 -21.31 37.01 13.24
C VAL M 100 -21.07 36.68 14.72
N SER M 101 -21.89 37.22 15.63
CA SER M 101 -21.72 37.14 17.11
C SER M 101 -23.00 37.62 17.83
N GLY M 102 -23.00 37.59 19.16
CA GLY M 102 -23.99 38.29 20.03
C GLY M 102 -24.14 39.77 19.69
N TYR M 103 -23.09 40.48 19.28
CA TYR M 103 -23.14 41.94 18.98
C TYR M 103 -23.91 42.20 17.68
N PHE M 104 -24.15 41.16 16.87
CA PHE M 104 -24.99 41.23 15.65
C PHE M 104 -25.44 39.82 15.25
N PRO M 105 -26.55 39.31 15.86
CA PRO M 105 -26.91 37.90 15.76
C PRO M 105 -27.85 37.57 14.59
N TYR M 106 -28.13 38.59 13.75
CA TYR M 106 -29.04 38.55 12.59
C TYR M 106 -28.49 37.57 11.54
N PHE M 107 -29.36 36.72 11.01
CA PHE M 107 -29.06 35.62 10.07
C PHE M 107 -28.70 36.20 8.71
N ASP M 108 -27.66 35.64 8.10
CA ASP M 108 -27.35 35.66 6.65
C ASP M 108 -27.61 34.23 6.17
N TYR M 109 -28.41 34.06 5.12
CA TYR M 109 -28.70 32.73 4.53
C TYR M 109 -27.70 32.49 3.39
N TRP M 110 -26.96 31.39 3.46
CA TRP M 110 -26.00 30.93 2.42
C TRP M 110 -26.43 29.53 1.95
N GLY M 111 -26.62 29.36 0.65
CA GLY M 111 -27.28 28.16 0.12
C GLY M 111 -28.80 28.22 0.14
N GLN M 112 -29.40 27.57 -0.86
CA GLN M 112 -30.75 27.79 -1.42
C GLN M 112 -31.78 26.88 -0.75
N GLY M 113 -31.35 25.97 0.12
CA GLY M 113 -32.29 25.08 0.83
C GLY M 113 -32.29 23.69 0.24
N ILE M 114 -32.43 22.69 1.10
CA ILE M 114 -32.28 21.25 0.79
C ILE M 114 -33.59 20.58 1.14
N LEU M 115 -34.28 20.01 0.15
CA LEU M 115 -35.59 19.35 0.36
C LEU M 115 -35.39 17.97 0.97
N VAL M 116 -35.93 17.76 2.17
CA VAL M 116 -36.09 16.43 2.79
C VAL M 116 -37.57 16.06 2.70
N THR M 117 -37.89 14.91 2.11
CA THR M 117 -39.25 14.34 2.05
C THR M 117 -39.25 13.05 2.88
N VAL M 118 -40.00 13.05 3.98
CA VAL M 118 -40.16 11.85 4.86
C VAL M 118 -41.51 11.23 4.51
N SER M 119 -41.49 10.02 3.94
CA SER M 119 -42.68 9.29 3.44
C SER M 119 -42.33 7.80 3.23
N SER M 120 -43.32 6.93 3.36
CA SER M 120 -43.19 5.46 3.10
C SER M 120 -43.32 5.20 1.60
N ALA M 121 -43.89 6.13 0.85
CA ALA M 121 -44.16 6.01 -0.60
C ALA M 121 -42.85 5.75 -1.36
N SER M 122 -42.93 4.95 -2.42
CA SER M 122 -41.80 4.61 -3.31
C SER M 122 -41.58 5.77 -4.27
N THR M 123 -40.34 5.96 -4.73
CA THR M 123 -39.99 6.81 -5.87
C THR M 123 -40.74 6.33 -7.12
N LYS M 124 -41.15 7.25 -7.97
CA LYS M 124 -41.81 6.95 -9.27
C LYS M 124 -41.53 8.09 -10.24
N GLY M 125 -41.00 7.76 -11.41
CA GLY M 125 -40.63 8.77 -12.43
C GLY M 125 -41.86 9.34 -13.12
N PRO M 126 -41.77 10.56 -13.64
CA PRO M 126 -42.92 11.19 -14.28
C PRO M 126 -43.19 10.62 -15.67
N SER M 127 -44.46 10.43 -15.98
CA SER M 127 -44.99 10.25 -17.35
C SER M 127 -45.12 11.64 -17.99
N VAL M 128 -44.40 11.88 -19.08
CA VAL M 128 -44.42 13.19 -19.80
C VAL M 128 -45.29 13.05 -21.05
N PHE M 129 -46.31 13.88 -21.20
CA PHE M 129 -47.31 13.86 -22.30
C PHE M 129 -47.38 15.24 -22.94
N PRO M 130 -47.45 15.38 -24.27
CA PRO M 130 -47.53 16.70 -24.88
C PRO M 130 -48.90 17.35 -24.62
N LEU M 131 -48.92 18.68 -24.54
CA LEU M 131 -50.14 19.51 -24.61
C LEU M 131 -50.03 20.25 -25.94
N ALA M 132 -50.66 19.70 -26.98
CA ALA M 132 -50.45 20.12 -28.38
C ALA M 132 -51.26 21.38 -28.67
N PRO M 133 -50.69 22.35 -29.42
CA PRO M 133 -51.47 23.51 -29.88
C PRO M 133 -52.47 23.11 -31.00
N SER M 134 -53.58 23.82 -31.15
CA SER M 134 -54.36 23.87 -32.44
C SER M 134 -54.60 25.34 -32.82
N SER M 135 -55.13 25.58 -34.03
CA SER M 135 -55.53 26.91 -34.57
C SER M 135 -55.19 28.03 -33.57
N GLY M 141 -53.07 35.15 -33.50
CA GLY M 141 -51.69 35.65 -33.45
C GLY M 141 -50.84 34.93 -32.41
N THR M 142 -51.42 34.53 -31.26
CA THR M 142 -50.72 33.86 -30.12
C THR M 142 -51.26 32.44 -29.90
N ALA M 143 -50.37 31.45 -29.78
CA ALA M 143 -50.69 30.03 -29.56
C ALA M 143 -49.98 29.51 -28.31
N ALA M 144 -50.67 28.66 -27.54
CA ALA M 144 -50.15 28.06 -26.28
C ALA M 144 -49.91 26.57 -26.52
N LEU M 145 -48.83 26.04 -25.96
CA LEU M 145 -48.48 24.60 -25.99
C LEU M 145 -47.77 24.29 -24.68
N GLY M 146 -47.47 23.02 -24.40
CA GLY M 146 -46.87 22.63 -23.10
C GLY M 146 -46.59 21.15 -22.97
N CYS M 147 -46.22 20.74 -21.76
CA CYS M 147 -45.94 19.36 -21.32
C CYS M 147 -46.77 19.06 -20.06
N LEU M 148 -47.37 17.89 -19.98
CA LEU M 148 -48.01 17.39 -18.74
C LEU M 148 -47.05 16.41 -18.10
N VAL M 149 -46.57 16.73 -16.90
CA VAL M 149 -45.61 15.89 -16.13
C VAL M 149 -46.38 15.20 -15.02
N LYS M 150 -46.86 13.99 -15.25
CA LYS M 150 -47.93 13.35 -14.43
C LYS M 150 -47.40 12.13 -13.67
N ASP M 151 -47.85 11.95 -12.44
CA ASP M 151 -47.72 10.73 -11.61
C ASP M 151 -46.25 10.45 -11.30
N TYR M 152 -45.61 11.35 -10.52
CA TYR M 152 -44.22 11.18 -10.04
C TYR M 152 -44.14 11.38 -8.53
N PHE M 153 -43.04 10.92 -7.94
CA PHE M 153 -42.76 11.04 -6.49
C PHE M 153 -41.31 10.68 -6.21
N PRO M 154 -40.59 11.40 -5.31
CA PRO M 154 -41.11 12.61 -4.66
C PRO M 154 -40.88 13.84 -5.54
N GLU M 155 -41.11 15.03 -4.96
CA GLU M 155 -40.60 16.30 -5.53
C GLU M 155 -39.07 16.27 -5.45
N PRO M 156 -38.32 17.02 -6.29
CA PRO M 156 -38.88 17.79 -7.40
C PRO M 156 -38.60 17.31 -8.83
N VAL M 157 -39.24 17.95 -9.79
CA VAL M 157 -38.89 17.86 -11.23
C VAL M 157 -38.48 19.25 -11.68
N THR M 158 -37.61 19.32 -12.67
CA THR M 158 -37.18 20.56 -13.36
C THR M 158 -37.66 20.45 -14.80
N VAL M 159 -38.18 21.53 -15.35
CA VAL M 159 -38.64 21.59 -16.76
C VAL M 159 -37.99 22.81 -17.40
N SER M 160 -37.31 22.62 -18.53
CA SER M 160 -36.83 23.73 -19.40
C SER M 160 -37.42 23.52 -20.78
N TRP M 161 -37.23 24.48 -21.68
CA TRP M 161 -37.75 24.42 -23.08
C TRP M 161 -36.60 24.67 -24.05
N ASN M 162 -36.42 23.77 -25.02
CA ASN M 162 -35.31 23.82 -26.01
C ASN M 162 -33.99 24.01 -25.25
N SER M 163 -33.84 23.30 -24.12
CA SER M 163 -32.60 23.20 -23.32
C SER M 163 -32.18 24.57 -22.76
N GLY M 164 -33.13 25.45 -22.46
CA GLY M 164 -32.88 26.75 -21.80
C GLY M 164 -32.98 27.92 -22.77
N ALA M 165 -33.01 27.64 -24.08
CA ALA M 165 -33.09 28.66 -25.16
C ALA M 165 -34.42 29.41 -25.11
N LEU M 166 -35.48 28.77 -24.61
CA LEU M 166 -36.84 29.36 -24.47
C LEU M 166 -37.17 29.49 -22.97
N THR M 167 -37.25 30.74 -22.50
CA THR M 167 -37.60 31.10 -21.10
C THR M 167 -38.76 32.09 -21.12
N SER M 168 -38.80 32.97 -22.12
CA SER M 168 -39.86 34.00 -22.30
C SER M 168 -41.21 33.34 -22.56
N GLY M 169 -42.17 33.55 -21.66
CA GLY M 169 -43.59 33.13 -21.83
C GLY M 169 -43.91 31.85 -21.09
N VAL M 170 -42.92 31.22 -20.44
CA VAL M 170 -43.05 29.89 -19.79
C VAL M 170 -43.72 30.04 -18.44
N HIS M 171 -44.64 29.14 -18.10
CA HIS M 171 -45.24 28.98 -16.75
C HIS M 171 -45.16 27.50 -16.37
N THR M 172 -44.25 27.12 -15.48
CA THR M 172 -44.16 25.74 -14.93
C THR M 172 -44.95 25.72 -13.61
N PHE M 173 -46.15 25.16 -13.63
CA PHE M 173 -47.12 25.17 -12.50
C PHE M 173 -46.51 24.44 -11.31
N PRO M 174 -46.78 24.93 -10.08
CA PRO M 174 -46.48 24.17 -8.87
C PRO M 174 -47.10 22.78 -8.92
N ALA M 175 -46.33 21.79 -8.48
CA ALA M 175 -46.80 20.40 -8.27
C ALA M 175 -48.04 20.45 -7.38
N VAL M 176 -49.00 19.58 -7.67
CA VAL M 176 -50.19 19.32 -6.82
C VAL M 176 -50.26 17.81 -6.59
N LEU M 177 -50.35 17.39 -5.32
CA LEU M 177 -50.49 15.96 -4.95
C LEU M 177 -51.90 15.51 -5.37
N GLN M 178 -52.00 14.41 -6.12
CA GLN M 178 -53.29 13.76 -6.51
C GLN M 178 -53.66 12.77 -5.41
N SER M 179 -54.91 12.31 -5.38
CA SER M 179 -55.40 11.31 -4.39
C SER M 179 -54.60 10.00 -4.49
N SER M 180 -53.99 9.71 -5.65
CA SER M 180 -53.11 8.53 -5.87
C SER M 180 -51.89 8.57 -4.94
N GLY M 181 -51.52 9.76 -4.41
CA GLY M 181 -50.30 9.95 -3.60
C GLY M 181 -49.08 10.27 -4.46
N LEU M 182 -49.32 10.71 -5.71
CA LEU M 182 -48.27 11.09 -6.70
C LEU M 182 -48.54 12.52 -7.16
N TYR M 183 -47.46 13.26 -7.43
CA TYR M 183 -47.54 14.66 -7.89
C TYR M 183 -47.82 14.67 -9.39
N SER M 184 -48.32 15.81 -9.85
CA SER M 184 -48.53 16.13 -11.28
C SER M 184 -48.49 17.66 -11.46
N LEU M 185 -47.94 18.11 -12.57
CA LEU M 185 -47.95 19.53 -12.97
C LEU M 185 -47.92 19.59 -14.49
N SER M 186 -48.20 20.75 -15.06
CA SER M 186 -48.01 21.08 -16.48
C SER M 186 -47.02 22.25 -16.55
N SER M 187 -46.18 22.26 -17.58
CA SER M 187 -45.36 23.43 -17.98
C SER M 187 -45.91 23.86 -19.32
N VAL M 188 -46.19 25.15 -19.49
CA VAL M 188 -46.80 25.68 -20.74
C VAL M 188 -46.03 26.92 -21.18
N VAL M 189 -46.25 27.34 -22.42
CA VAL M 189 -45.58 28.52 -23.01
C VAL M 189 -46.46 29.06 -24.14
N THR M 190 -46.49 30.37 -24.29
CA THR M 190 -47.15 31.09 -25.41
C THR M 190 -46.05 31.53 -26.37
N VAL M 191 -46.35 31.41 -27.67
CA VAL M 191 -45.41 31.69 -28.79
C VAL M 191 -46.23 32.29 -29.92
N PRO M 192 -45.58 32.91 -30.94
CA PRO M 192 -46.31 33.37 -32.12
C PRO M 192 -46.98 32.20 -32.84
N SER M 193 -48.17 32.41 -33.42
CA SER M 193 -48.89 31.44 -34.28
C SER M 193 -47.96 31.01 -35.44
N SER M 194 -47.44 31.98 -36.18
CA SER M 194 -46.61 31.81 -37.41
C SER M 194 -45.43 30.87 -37.16
N SER M 195 -44.91 30.81 -35.93
CA SER M 195 -43.73 29.99 -35.56
C SER M 195 -44.10 28.51 -35.42
N LEU M 196 -45.39 28.16 -35.29
CA LEU M 196 -45.84 26.79 -34.90
C LEU M 196 -45.26 25.72 -35.84
N GLY M 197 -45.22 25.99 -37.15
CA GLY M 197 -44.75 25.04 -38.18
C GLY M 197 -43.26 25.17 -38.45
N THR M 198 -42.70 26.36 -38.19
CA THR M 198 -41.32 26.77 -38.59
C THR M 198 -40.31 26.45 -37.47
N GLN M 199 -40.75 26.17 -36.24
CA GLN M 199 -39.87 26.13 -35.04
C GLN M 199 -40.17 24.87 -34.21
N THR M 200 -39.12 24.30 -33.63
CA THR M 200 -39.16 23.08 -32.80
C THR M 200 -39.35 23.47 -31.33
N TYR M 201 -40.22 22.76 -30.62
CA TYR M 201 -40.51 22.94 -29.17
C TYR M 201 -40.37 21.59 -28.45
N ILE M 202 -39.45 21.54 -27.47
CA ILE M 202 -39.11 20.32 -26.68
C ILE M 202 -39.07 20.69 -25.19
N CYS M 203 -39.80 19.94 -24.34
CA CYS M 203 -39.69 19.99 -22.86
C CYS M 203 -38.49 19.15 -22.43
N ASN M 204 -37.67 19.68 -21.54
CA ASN M 204 -36.58 18.93 -20.90
C ASN M 204 -37.02 18.69 -19.46
N VAL M 205 -37.63 17.54 -19.21
CA VAL M 205 -38.05 17.11 -17.86
C VAL M 205 -36.92 16.27 -17.27
N ASN M 206 -36.46 16.63 -16.07
CA ASN M 206 -35.46 15.87 -15.29
C ASN M 206 -36.08 15.61 -13.91
N HIS M 207 -35.96 14.37 -13.43
CA HIS M 207 -36.44 13.94 -12.09
C HIS M 207 -35.32 13.13 -11.45
N LYS M 208 -34.45 13.79 -10.70
CA LYS M 208 -33.20 13.17 -10.16
C LYS M 208 -33.57 11.89 -9.39
N PRO M 209 -34.60 11.87 -8.53
CA PRO M 209 -34.85 10.68 -7.69
C PRO M 209 -35.12 9.36 -8.41
N SER M 210 -35.69 9.36 -9.63
CA SER M 210 -36.03 8.16 -10.44
C SER M 210 -35.02 7.93 -11.58
N ASN M 211 -34.06 8.85 -11.67
CA ASN M 211 -33.01 8.89 -12.72
C ASN M 211 -33.70 8.96 -14.08
N THR M 212 -34.67 9.86 -14.22
CA THR M 212 -35.50 10.03 -15.43
C THR M 212 -35.17 11.38 -16.08
N LYS M 213 -34.61 11.34 -17.29
CA LYS M 213 -34.37 12.50 -18.16
C LYS M 213 -35.22 12.24 -19.41
N VAL M 214 -36.22 13.07 -19.69
CA VAL M 214 -37.09 12.90 -20.89
C VAL M 214 -37.16 14.22 -21.63
N ASP M 215 -36.86 14.21 -22.93
CA ASP M 215 -37.00 15.37 -23.84
C ASP M 215 -38.17 15.00 -24.75
N LYS M 216 -39.35 15.61 -24.54
CA LYS M 216 -40.59 15.28 -25.32
C LYS M 216 -40.84 16.39 -26.34
N ARG M 217 -40.97 16.01 -27.61
CA ARG M 217 -41.31 16.90 -28.74
C ARG M 217 -42.80 17.25 -28.62
N VAL M 218 -43.15 18.50 -28.90
CA VAL M 218 -44.54 19.01 -28.82
C VAL M 218 -44.87 19.64 -30.16
N GLU M 219 -45.80 19.04 -30.93
CA GLU M 219 -46.15 19.52 -32.29
C GLU M 219 -47.66 19.47 -32.48
N PRO M 220 -48.21 20.26 -33.42
CA PRO M 220 -49.64 20.23 -33.76
C PRO M 220 -50.25 18.84 -34.08
N LYS M 221 -51.58 18.72 -33.97
CA LYS M 221 -52.36 17.54 -34.47
C LYS M 221 -53.22 18.00 -35.64
N ASP N 1 -40.71 30.56 26.39
CA ASP N 1 -40.16 30.94 25.06
C ASP N 1 -41.04 32.04 24.46
N ILE N 2 -40.43 33.09 23.89
CA ILE N 2 -41.11 34.23 23.23
C ILE N 2 -41.89 33.76 21.98
N VAL N 3 -43.04 34.36 21.72
CA VAL N 3 -43.96 34.04 20.59
C VAL N 3 -44.17 35.31 19.76
N MET N 4 -43.94 35.22 18.45
CA MET N 4 -44.16 36.36 17.51
C MET N 4 -45.47 36.10 16.76
N THR N 5 -46.30 37.15 16.62
CA THR N 5 -47.62 37.10 15.95
C THR N 5 -47.69 38.32 15.03
N GLN N 6 -47.68 38.07 13.72
CA GLN N 6 -47.77 39.14 12.70
C GLN N 6 -49.24 39.41 12.45
N SER N 7 -49.57 40.54 11.84
CA SER N 7 -50.94 40.93 11.45
C SER N 7 -50.85 41.95 10.33
N PRO N 8 -51.58 41.81 9.21
CA PRO N 8 -52.44 40.66 8.95
C PRO N 8 -51.65 39.41 8.53
N ASP N 9 -52.33 38.26 8.43
CA ASP N 9 -51.78 36.99 7.88
C ASP N 9 -51.50 37.19 6.39
N SER N 10 -52.24 38.07 5.71
CA SER N 10 -52.03 38.42 4.28
C SER N 10 -52.65 39.77 3.95
N LEU N 11 -52.24 40.35 2.83
CA LEU N 11 -52.38 41.80 2.57
C LEU N 11 -52.25 42.03 1.07
N SER N 12 -53.15 42.82 0.48
CA SER N 12 -53.20 43.11 -0.96
C SER N 12 -53.22 44.63 -1.17
N VAL N 13 -52.15 45.20 -1.73
CA VAL N 13 -51.92 46.67 -1.79
C VAL N 13 -51.59 47.06 -3.22
N SER N 14 -52.16 48.16 -3.72
CA SER N 14 -51.96 48.64 -5.11
C SER N 14 -50.51 49.10 -5.34
N LEU N 15 -50.09 49.08 -6.60
CA LEU N 15 -48.79 49.62 -7.07
C LEU N 15 -48.68 51.08 -6.65
N GLY N 16 -47.55 51.46 -6.05
CA GLY N 16 -47.22 52.86 -5.72
C GLY N 16 -47.93 53.34 -4.48
N GLU N 17 -48.33 52.44 -3.58
CA GLU N 17 -49.20 52.74 -2.41
C GLU N 17 -48.60 52.08 -1.16
N ARG N 18 -48.99 52.53 0.04
CA ARG N 18 -48.30 52.12 1.29
C ARG N 18 -48.79 50.73 1.71
N ALA N 19 -47.88 49.87 2.13
CA ALA N 19 -48.18 48.53 2.69
C ALA N 19 -47.60 48.47 4.09
N THR N 20 -48.43 48.11 5.07
CA THR N 20 -48.04 48.12 6.49
C THR N 20 -48.27 46.74 7.06
N ILE N 21 -47.25 46.16 7.70
CA ILE N 21 -47.29 44.81 8.32
C ILE N 21 -46.83 44.98 9.77
N ASN N 22 -47.50 44.31 10.71
CA ASN N 22 -47.31 44.51 12.17
C ASN N 22 -46.81 43.20 12.77
N CYS N 23 -45.95 43.31 13.78
CA CYS N 23 -45.36 42.17 14.51
C CYS N 23 -45.47 42.50 16.00
N LYS N 24 -45.79 41.49 16.81
CA LYS N 24 -46.02 41.62 18.27
C LYS N 24 -45.30 40.45 18.95
N SER N 25 -44.50 40.76 19.97
CA SER N 25 -43.76 39.75 20.79
C SER N 25 -44.47 39.54 22.12
N SER N 26 -44.54 38.28 22.58
CA SER N 26 -45.16 37.89 23.85
C SER N 26 -44.45 38.58 25.02
N GLN N 27 -43.13 38.75 24.94
CA GLN N 27 -42.32 39.56 25.91
C GLN N 27 -41.64 40.69 25.15
N SER N 28 -41.11 41.67 25.86
CA SER N 28 -40.35 42.81 25.27
C SER N 28 -39.02 42.26 24.74
N VAL N 29 -38.54 42.83 23.64
CA VAL N 29 -37.25 42.50 22.98
C VAL N 29 -36.38 43.76 22.93
N LEU N 30 -36.74 44.77 23.73
CA LEU N 30 -35.85 45.91 24.08
C LEU N 30 -34.91 45.45 25.21
N TYR N 31 -33.60 45.56 24.98
CA TYR N 31 -32.54 45.35 26.00
C TYR N 31 -32.23 46.72 26.60
N SER N 32 -32.61 46.93 27.87
CA SER N 32 -32.47 48.20 28.64
C SER N 32 -30.99 48.61 28.67
N SER N 33 -30.12 47.59 28.77
CA SER N 33 -28.63 47.66 28.85
C SER N 33 -28.02 48.51 27.72
N ASN N 34 -28.36 48.21 26.45
CA ASN N 34 -27.82 48.92 25.25
C ASN N 34 -28.94 49.64 24.48
N ASN N 35 -30.20 49.55 24.95
CA ASN N 35 -31.38 50.25 24.37
C ASN N 35 -31.50 49.94 22.86
N LYS N 36 -31.40 48.65 22.51
CA LYS N 36 -31.54 48.14 21.12
C LYS N 36 -32.67 47.09 21.10
N ASN N 37 -33.51 47.15 20.07
CA ASN N 37 -34.59 46.15 19.83
C ASN N 37 -34.03 44.97 19.03
N TYR N 38 -34.01 43.77 19.62
CA TYR N 38 -33.50 42.50 19.04
C TYR N 38 -34.56 41.91 18.11
N LEU N 39 -34.75 42.56 16.97
CA LEU N 39 -35.92 42.35 16.09
C LEU N 39 -35.49 42.64 14.66
N GLY N 40 -35.58 41.63 13.79
CA GLY N 40 -35.30 41.76 12.35
C GLY N 40 -36.51 41.45 11.50
N TRP N 41 -36.57 42.04 10.31
CA TRP N 41 -37.57 41.79 9.24
C TRP N 41 -36.88 41.13 8.01
N TYR N 42 -37.40 40.00 7.54
CA TYR N 42 -36.91 39.25 6.36
C TYR N 42 -37.98 39.21 5.25
N GLN N 43 -37.53 39.30 3.99
CA GLN N 43 -38.27 39.06 2.72
C GLN N 43 -37.95 37.64 2.25
N GLN N 44 -38.93 36.85 1.84
CA GLN N 44 -38.72 35.52 1.20
C GLN N 44 -39.54 35.49 -0.08
N LYS N 45 -38.88 35.65 -1.23
CA LYS N 45 -39.50 35.48 -2.55
C LYS N 45 -39.63 33.98 -2.82
N PRO N 46 -40.61 33.53 -3.65
CA PRO N 46 -40.88 32.10 -3.80
C PRO N 46 -39.67 31.27 -4.24
N GLY N 47 -39.43 30.13 -3.57
CA GLY N 47 -38.34 29.17 -3.85
C GLY N 47 -36.95 29.81 -3.75
N GLN N 48 -36.80 30.78 -2.85
CA GLN N 48 -35.50 31.40 -2.48
C GLN N 48 -35.38 31.36 -0.97
N PRO N 49 -34.17 31.53 -0.42
CA PRO N 49 -34.03 31.69 1.03
C PRO N 49 -34.38 33.12 1.44
N PRO N 50 -34.64 33.37 2.73
CA PRO N 50 -34.96 34.73 3.21
C PRO N 50 -33.78 35.71 3.13
N LYS N 51 -34.07 36.98 2.80
CA LYS N 51 -33.13 38.13 2.71
C LYS N 51 -33.44 39.08 3.88
N LEU N 52 -32.44 39.54 4.63
CA LEU N 52 -32.60 40.53 5.73
C LEU N 52 -32.92 41.90 5.14
N LEU N 53 -34.02 42.51 5.58
CA LEU N 53 -34.47 43.86 5.14
C LEU N 53 -34.07 44.90 6.18
N ILE N 54 -34.29 44.59 7.47
CA ILE N 54 -34.25 45.59 8.58
C ILE N 54 -33.86 44.91 9.89
N TYR N 55 -32.92 45.50 10.63
CA TYR N 55 -32.37 44.96 11.91
C TYR N 55 -32.40 46.07 12.97
N TRP N 56 -32.34 45.68 14.25
CA TRP N 56 -32.56 46.59 15.41
C TRP N 56 -33.87 47.36 15.19
N ALA N 57 -34.89 46.66 14.68
CA ALA N 57 -36.28 47.15 14.49
C ALA N 57 -36.39 48.27 13.42
N SER N 58 -35.38 49.12 13.23
CA SER N 58 -35.51 50.33 12.36
C SER N 58 -34.30 50.61 11.46
N THR N 59 -33.19 49.88 11.58
CA THR N 59 -32.00 50.05 10.70
C THR N 59 -32.17 49.24 9.42
N ARG N 60 -32.18 49.91 8.27
CA ARG N 60 -32.29 49.29 6.93
C ARG N 60 -30.93 48.70 6.53
N GLU N 61 -30.89 47.44 6.05
CA GLU N 61 -29.69 46.80 5.44
C GLU N 61 -29.27 47.53 4.17
N SER N 62 -27.97 47.52 3.85
CA SER N 62 -27.42 48.13 2.61
C SER N 62 -27.91 47.31 1.42
N GLY N 63 -28.24 47.96 0.31
CA GLY N 63 -28.82 47.31 -0.87
C GLY N 63 -30.34 47.38 -0.87
N VAL N 64 -30.96 47.26 0.32
CA VAL N 64 -32.44 47.33 0.50
C VAL N 64 -32.90 48.74 0.12
N PRO N 65 -33.85 48.90 -0.84
CA PRO N 65 -34.27 50.24 -1.30
C PRO N 65 -34.93 51.13 -0.23
N ASP N 66 -35.02 52.44 -0.49
CA ASP N 66 -35.45 53.49 0.48
C ASP N 66 -36.82 53.15 1.04
N ARG N 67 -37.74 52.66 0.20
CA ARG N 67 -39.20 52.52 0.49
C ARG N 67 -39.46 51.56 1.67
N PHE N 68 -38.55 50.62 1.93
CA PHE N 68 -38.63 49.74 3.12
C PHE N 68 -38.14 50.52 4.34
N SER N 69 -38.92 50.52 5.43
CA SER N 69 -38.59 51.14 6.74
C SER N 69 -39.20 50.31 7.86
N GLY N 70 -38.52 50.23 8.98
CA GLY N 70 -39.00 49.57 10.21
C GLY N 70 -39.28 50.61 11.28
N SER N 71 -40.11 50.28 12.25
CA SER N 71 -40.40 51.16 13.42
C SER N 71 -40.95 50.30 14.56
N GLY N 72 -41.22 50.95 15.69
CA GLY N 72 -41.72 50.29 16.91
C GLY N 72 -40.62 50.06 17.91
N SER N 73 -40.97 49.47 19.05
CA SER N 73 -40.10 49.25 20.23
C SER N 73 -40.77 48.25 21.18
N GLY N 74 -39.98 47.53 21.96
CA GLY N 74 -40.48 46.70 23.06
C GLY N 74 -41.23 45.48 22.59
N THR N 75 -42.52 45.62 22.23
CA THR N 75 -43.39 44.47 21.85
C THR N 75 -44.19 44.71 20.56
N ASP N 76 -44.19 45.92 19.98
CA ASP N 76 -45.06 46.25 18.82
C ASP N 76 -44.20 46.91 17.74
N PHE N 77 -44.02 46.23 16.61
CA PHE N 77 -43.14 46.66 15.49
C PHE N 77 -43.93 46.72 14.20
N THR N 78 -43.40 47.45 13.22
CA THR N 78 -44.07 47.78 11.95
C THR N 78 -43.05 47.88 10.83
N LEU N 79 -43.14 46.96 9.86
CA LEU N 79 -42.49 47.04 8.54
C LEU N 79 -43.41 47.83 7.61
N THR N 80 -42.89 48.85 6.93
CA THR N 80 -43.66 49.72 6.03
C THR N 80 -42.97 49.75 4.66
N ILE N 81 -43.74 49.65 3.59
CA ILE N 81 -43.24 49.79 2.19
C ILE N 81 -43.99 50.97 1.58
N SER N 82 -43.31 52.10 1.40
CA SER N 82 -43.96 53.42 1.20
C SER N 82 -44.62 53.49 -0.19
N SER N 83 -43.98 52.91 -1.22
CA SER N 83 -44.47 52.99 -2.62
C SER N 83 -44.24 51.64 -3.31
N LEU N 84 -45.18 50.73 -3.10
CA LEU N 84 -45.04 49.28 -3.41
C LEU N 84 -44.78 49.08 -4.90
N GLN N 85 -43.76 48.29 -5.23
CA GLN N 85 -43.34 47.96 -6.61
C GLN N 85 -43.69 46.50 -6.91
N ALA N 86 -43.86 46.17 -8.20
CA ALA N 86 -44.29 44.85 -8.69
C ALA N 86 -43.46 43.73 -8.04
N GLU N 87 -42.16 43.98 -7.85
CA GLU N 87 -41.17 42.96 -7.43
C GLU N 87 -41.17 42.74 -5.91
N ASP N 88 -42.01 43.48 -5.17
CA ASP N 88 -42.05 43.40 -3.68
C ASP N 88 -42.94 42.22 -3.24
N VAL N 89 -43.65 41.61 -4.19
CA VAL N 89 -44.46 40.39 -3.91
C VAL N 89 -43.55 39.34 -3.27
N ALA N 90 -43.90 38.92 -2.06
CA ALA N 90 -43.13 38.00 -1.21
C ALA N 90 -43.89 37.71 0.08
N VAL N 91 -43.33 36.86 0.93
CA VAL N 91 -43.80 36.62 2.32
C VAL N 91 -42.82 37.35 3.23
N TYR N 92 -43.30 38.24 4.10
CA TYR N 92 -42.47 38.99 5.08
C TYR N 92 -42.60 38.35 6.45
N TYR N 93 -41.46 38.13 7.10
CA TYR N 93 -41.33 37.52 8.45
C TYR N 93 -40.63 38.53 9.35
N CYS N 94 -41.08 38.64 10.59
CA CYS N 94 -40.33 39.29 11.69
C CYS N 94 -39.66 38.14 12.45
N GLN N 95 -38.51 38.41 13.05
CA GLN N 95 -37.75 37.42 13.85
C GLN N 95 -37.16 38.17 15.05
N GLN N 96 -37.32 37.61 16.25
CA GLN N 96 -36.76 38.17 17.51
C GLN N 96 -35.48 37.42 17.82
N TYR N 97 -34.46 38.13 18.29
CA TYR N 97 -33.15 37.56 18.69
C TYR N 97 -32.86 37.88 20.17
N TYR N 98 -33.86 38.31 20.95
CA TYR N 98 -33.71 38.57 22.41
C TYR N 98 -33.42 37.25 23.12
N THR N 99 -34.05 36.16 22.69
CA THR N 99 -33.78 34.80 23.19
C THR N 99 -33.23 33.95 22.04
N THR N 100 -32.79 32.72 22.35
CA THR N 100 -32.47 31.66 21.36
C THR N 100 -33.02 30.35 21.92
N PRO N 101 -33.86 29.56 21.21
CA PRO N 101 -34.22 29.79 19.80
C PRO N 101 -34.79 31.17 19.45
N SER N 102 -34.27 31.76 18.37
CA SER N 102 -34.58 33.13 17.86
C SER N 102 -35.81 33.05 16.97
N THR N 103 -36.99 32.92 17.59
CA THR N 103 -38.27 32.49 16.97
C THR N 103 -38.80 33.52 15.96
N PHE N 104 -39.62 33.04 15.02
CA PHE N 104 -40.14 33.79 13.84
C PHE N 104 -41.64 34.08 13.98
N GLY N 105 -42.10 35.16 13.35
CA GLY N 105 -43.52 35.35 13.02
C GLY N 105 -44.00 34.26 12.06
N GLN N 106 -45.31 34.05 12.01
CA GLN N 106 -45.97 33.01 11.17
C GLN N 106 -45.85 33.43 9.70
N GLY N 107 -45.61 34.73 9.43
CA GLY N 107 -45.38 35.27 8.08
C GLY N 107 -46.59 36.04 7.58
N THR N 108 -46.39 36.93 6.61
CA THR N 108 -47.42 37.79 5.98
C THR N 108 -47.28 37.75 4.46
N ARG N 109 -48.22 37.14 3.74
CA ARG N 109 -48.20 37.10 2.25
C ARG N 109 -48.58 38.49 1.75
N LEU N 110 -47.70 39.17 1.02
CA LEU N 110 -48.03 40.47 0.38
C LEU N 110 -48.27 40.22 -1.11
N GLU N 111 -49.46 40.58 -1.59
CA GLU N 111 -49.87 40.49 -3.01
C GLU N 111 -49.94 41.93 -3.54
N ILE N 112 -49.62 42.12 -4.82
CA ILE N 112 -49.74 43.42 -5.53
C ILE N 112 -51.12 43.47 -6.16
N LYS N 113 -51.88 44.54 -5.89
CA LYS N 113 -53.18 44.85 -6.54
C LYS N 113 -52.85 45.65 -7.80
N ARG N 114 -53.44 45.26 -8.94
CA ARG N 114 -53.27 45.98 -10.23
C ARG N 114 -54.63 46.05 -10.93
N THR N 115 -54.74 46.87 -11.97
CA THR N 115 -55.96 46.95 -12.82
C THR N 115 -56.28 45.52 -13.27
N ALA N 116 -57.55 45.12 -13.16
CA ALA N 116 -58.01 43.76 -13.52
C ALA N 116 -57.54 43.44 -14.96
N ALA N 117 -57.05 42.23 -15.19
CA ALA N 117 -56.67 41.72 -16.53
C ALA N 117 -57.36 40.37 -16.73
N ALA N 118 -58.04 40.20 -17.87
CA ALA N 118 -58.83 39.00 -18.23
C ALA N 118 -57.86 37.91 -18.64
N PRO N 119 -58.12 36.63 -18.28
CA PRO N 119 -57.25 35.53 -18.71
C PRO N 119 -57.45 35.22 -20.19
N SER N 120 -56.36 34.95 -20.91
CA SER N 120 -56.37 34.16 -22.17
C SER N 120 -56.65 32.71 -21.80
N VAL N 121 -57.70 32.12 -22.37
CA VAL N 121 -58.08 30.70 -22.07
C VAL N 121 -57.70 29.83 -23.27
N PHE N 122 -57.08 28.68 -22.97
CA PHE N 122 -56.65 27.65 -23.94
C PHE N 122 -57.05 26.30 -23.37
N ILE N 123 -57.54 25.40 -24.22
CA ILE N 123 -57.89 24.01 -23.78
C ILE N 123 -57.01 23.03 -24.57
N PHE N 124 -56.66 21.92 -23.92
CA PHE N 124 -55.72 20.90 -24.42
C PHE N 124 -56.35 19.53 -24.24
N PRO N 125 -56.61 18.80 -25.35
CA PRO N 125 -57.12 17.44 -25.26
C PRO N 125 -56.02 16.51 -24.75
N PRO N 126 -56.35 15.29 -24.29
CA PRO N 126 -55.33 14.33 -23.90
C PRO N 126 -54.49 13.93 -25.12
N SER N 127 -53.22 13.58 -24.90
CA SER N 127 -52.30 13.05 -25.94
C SER N 127 -52.76 11.64 -26.32
N ASP N 128 -52.61 11.28 -27.59
CA ASP N 128 -52.84 9.88 -28.08
C ASP N 128 -52.02 8.94 -27.21
N GLU N 129 -50.76 9.32 -26.93
CA GLU N 129 -49.82 8.53 -26.09
C GLU N 129 -50.44 8.25 -24.71
N GLN N 130 -51.11 9.22 -24.09
CA GLN N 130 -51.62 9.05 -22.70
C GLN N 130 -52.77 8.03 -22.70
N LEU N 131 -53.65 8.10 -23.69
CA LEU N 131 -54.87 7.25 -23.76
C LEU N 131 -54.48 5.76 -23.69
N LYS N 132 -53.41 5.37 -24.40
CA LYS N 132 -52.86 3.99 -24.41
C LYS N 132 -52.64 3.49 -22.98
N SER N 133 -52.40 4.38 -22.01
CA SER N 133 -52.10 4.01 -20.59
C SER N 133 -53.38 3.69 -19.80
N GLY N 134 -54.53 4.24 -20.22
CA GLY N 134 -55.86 3.93 -19.67
C GLY N 134 -56.49 5.05 -18.85
N THR N 135 -55.88 6.23 -18.77
CA THR N 135 -56.54 7.46 -18.22
C THR N 135 -56.34 8.61 -19.21
N ALA N 136 -57.17 9.65 -19.09
CA ALA N 136 -57.19 10.84 -19.97
C ALA N 136 -57.17 12.10 -19.11
N SER N 137 -56.30 13.03 -19.46
CA SER N 137 -56.10 14.31 -18.75
C SER N 137 -56.41 15.43 -19.74
N VAL N 138 -57.45 16.20 -19.44
CA VAL N 138 -57.84 17.41 -20.22
C VAL N 138 -57.38 18.60 -19.39
N VAL N 139 -56.73 19.56 -20.03
CA VAL N 139 -56.06 20.68 -19.32
C VAL N 139 -56.64 21.98 -19.89
N CYS N 140 -57.10 22.83 -18.98
CA CYS N 140 -57.51 24.22 -19.27
C CYS N 140 -56.46 25.16 -18.68
N LEU N 141 -56.01 26.13 -19.47
CA LEU N 141 -55.01 27.14 -19.07
C LEU N 141 -55.67 28.53 -19.10
N LEU N 142 -55.68 29.20 -17.95
CA LEU N 142 -55.97 30.65 -17.80
C LEU N 142 -54.61 31.36 -17.66
N ASN N 143 -54.29 32.26 -18.59
CA ASN N 143 -52.93 32.81 -18.72
C ASN N 143 -52.93 34.32 -18.47
N ASN N 144 -52.16 34.76 -17.46
CA ASN N 144 -51.79 36.19 -17.22
C ASN N 144 -53.04 37.01 -16.92
N PHE N 145 -53.63 36.78 -15.75
CA PHE N 145 -54.87 37.43 -15.28
C PHE N 145 -54.72 37.94 -13.85
N TYR N 146 -55.46 39.01 -13.52
CA TYR N 146 -55.64 39.56 -12.15
C TYR N 146 -57.11 39.95 -11.98
N PRO N 147 -57.76 39.70 -10.81
CA PRO N 147 -57.13 39.05 -9.66
C PRO N 147 -57.16 37.51 -9.69
N ARG N 148 -56.68 36.89 -8.60
CA ARG N 148 -56.42 35.43 -8.45
C ARG N 148 -57.73 34.64 -8.54
N GLU N 149 -58.85 35.24 -8.11
CA GLU N 149 -60.17 34.55 -8.00
C GLU N 149 -60.67 34.29 -9.42
N ALA N 150 -60.98 33.03 -9.71
CA ALA N 150 -61.56 32.59 -11.00
C ALA N 150 -62.32 31.28 -10.79
N LYS N 151 -63.49 31.16 -11.42
CA LYS N 151 -64.31 29.93 -11.47
C LYS N 151 -64.00 29.22 -12.79
N VAL N 152 -63.60 27.95 -12.71
CA VAL N 152 -63.33 27.09 -13.90
C VAL N 152 -64.29 25.89 -13.84
N GLN N 153 -65.25 25.86 -14.79
CA GLN N 153 -66.33 24.84 -14.89
C GLN N 153 -65.99 23.86 -16.02
N TRP N 154 -65.95 22.56 -15.70
CA TRP N 154 -65.76 21.46 -16.69
C TRP N 154 -67.12 20.92 -17.15
N LYS N 155 -67.36 20.98 -18.46
CA LYS N 155 -68.61 20.50 -19.12
C LYS N 155 -68.26 19.39 -20.12
N VAL N 156 -68.71 18.16 -19.83
CA VAL N 156 -68.61 16.95 -20.69
C VAL N 156 -69.99 16.68 -21.32
N ASP N 157 -70.20 17.13 -22.57
CA ASP N 157 -71.51 17.08 -23.28
C ASP N 157 -72.56 17.86 -22.45
N ASN N 158 -72.24 19.08 -22.02
CA ASN N 158 -73.13 20.00 -21.26
C ASN N 158 -73.50 19.47 -19.87
N ALA N 159 -72.96 18.33 -19.43
CA ALA N 159 -73.01 17.85 -18.03
C ALA N 159 -71.86 18.47 -17.22
N LEU N 160 -72.17 19.20 -16.15
CA LEU N 160 -71.17 19.91 -15.32
C LEU N 160 -70.50 18.91 -14.39
N GLN N 161 -69.16 18.88 -14.39
CA GLN N 161 -68.34 17.87 -13.66
C GLN N 161 -68.06 18.39 -12.24
N SER N 162 -67.66 17.51 -11.32
CA SER N 162 -67.34 17.88 -9.93
C SER N 162 -66.59 16.73 -9.24
N GLY N 163 -65.45 17.03 -8.59
CA GLY N 163 -64.67 16.10 -7.75
C GLY N 163 -63.69 15.26 -8.56
N ASN N 164 -63.46 15.64 -9.83
CA ASN N 164 -62.64 14.90 -10.81
C ASN N 164 -61.67 15.86 -11.50
N SER N 165 -61.43 17.04 -10.92
CA SER N 165 -60.48 18.05 -11.46
C SER N 165 -59.63 18.63 -10.31
N GLN N 166 -58.44 19.17 -10.64
CA GLN N 166 -57.53 19.88 -9.70
C GLN N 166 -57.02 21.16 -10.35
N GLU N 167 -56.89 22.22 -9.56
CA GLU N 167 -56.35 23.53 -10.00
C GLU N 167 -54.94 23.67 -9.42
N SER N 168 -54.07 24.38 -10.14
CA SER N 168 -52.73 24.83 -9.67
C SER N 168 -52.56 26.26 -10.15
N VAL N 169 -51.95 27.12 -9.33
CA VAL N 169 -51.79 28.57 -9.64
C VAL N 169 -50.32 28.93 -9.50
N THR N 170 -49.80 29.73 -10.43
CA THR N 170 -48.42 30.28 -10.34
C THR N 170 -48.37 31.24 -9.17
N GLU N 171 -47.18 31.39 -8.58
CA GLU N 171 -46.85 32.54 -7.71
C GLU N 171 -47.03 33.78 -8.60
N GLN N 172 -47.53 34.88 -8.04
CA GLN N 172 -47.78 36.14 -8.78
C GLN N 172 -46.48 36.57 -9.46
N ASP N 173 -46.56 37.03 -10.70
CA ASP N 173 -45.37 37.50 -11.47
C ASP N 173 -44.80 38.78 -10.83
N SER N 174 -43.48 38.85 -10.74
CA SER N 174 -42.72 39.97 -10.14
C SER N 174 -42.58 41.15 -11.13
N LYS N 175 -43.12 41.05 -12.36
CA LYS N 175 -43.03 42.16 -13.35
C LYS N 175 -44.43 42.68 -13.66
N ASP N 176 -45.34 41.83 -14.19
CA ASP N 176 -46.70 42.25 -14.62
C ASP N 176 -47.74 41.95 -13.52
N SER N 177 -47.32 41.36 -12.40
CA SER N 177 -48.15 41.22 -11.18
C SER N 177 -49.42 40.40 -11.47
N THR N 178 -49.40 39.55 -12.50
CA THR N 178 -50.53 38.64 -12.87
C THR N 178 -50.27 37.21 -12.40
N TYR N 179 -51.32 36.39 -12.44
CA TYR N 179 -51.29 34.94 -12.15
C TYR N 179 -51.58 34.17 -13.46
N SER N 180 -51.24 32.89 -13.48
CA SER N 180 -51.74 31.89 -14.44
C SER N 180 -52.24 30.67 -13.66
N LEU N 181 -53.27 30.00 -14.19
CA LEU N 181 -53.96 28.87 -13.52
C LEU N 181 -54.13 27.72 -14.53
N SER N 182 -54.01 26.48 -14.05
CA SER N 182 -54.26 25.22 -14.79
C SER N 182 -55.35 24.41 -14.09
N SER N 183 -56.45 24.14 -14.80
CA SER N 183 -57.45 23.12 -14.36
C SER N 183 -57.21 21.84 -15.14
N THR N 184 -57.18 20.70 -14.44
CA THR N 184 -56.84 19.37 -14.98
C THR N 184 -57.96 18.38 -14.65
N LEU N 185 -58.78 18.09 -15.65
CA LEU N 185 -59.89 17.10 -15.61
C LEU N 185 -59.32 15.71 -15.91
N THR N 186 -59.55 14.76 -15.00
CA THR N 186 -58.99 13.39 -15.02
C THR N 186 -60.14 12.37 -15.04
N LEU N 187 -60.27 11.61 -16.14
CA LEU N 187 -61.27 10.52 -16.33
C LEU N 187 -60.57 9.27 -16.88
N SER N 188 -61.25 8.13 -16.88
CA SER N 188 -60.78 6.87 -17.50
C SER N 188 -60.89 6.97 -19.04
N LYS N 189 -60.16 6.11 -19.77
CA LYS N 189 -60.20 6.05 -21.26
C LYS N 189 -61.65 5.78 -21.68
N ALA N 190 -62.26 4.78 -21.04
CA ALA N 190 -63.68 4.39 -21.19
C ALA N 190 -64.56 5.65 -21.24
N ASP N 191 -64.64 6.38 -20.11
CA ASP N 191 -65.52 7.57 -19.93
C ASP N 191 -65.12 8.63 -20.95
N TYR N 192 -63.82 8.82 -21.24
CA TYR N 192 -63.37 9.88 -22.18
C TYR N 192 -63.95 9.60 -23.58
N GLU N 193 -64.01 8.32 -23.97
CA GLU N 193 -64.38 7.91 -25.36
C GLU N 193 -65.92 7.85 -25.51
N LYS N 194 -66.69 7.65 -24.43
CA LYS N 194 -68.18 7.72 -24.42
C LYS N 194 -68.67 9.09 -24.94
N HIS N 195 -68.09 10.20 -24.48
CA HIS N 195 -68.61 11.58 -24.65
C HIS N 195 -67.83 12.31 -25.75
N LYS N 196 -68.37 13.40 -26.31
CA LYS N 196 -67.88 14.03 -27.58
C LYS N 196 -67.34 15.45 -27.33
N VAL N 197 -68.11 16.30 -26.65
CA VAL N 197 -67.81 17.75 -26.45
C VAL N 197 -67.19 17.97 -25.05
N TYR N 198 -65.94 18.44 -25.03
CA TYR N 198 -65.16 18.79 -23.81
C TYR N 198 -64.95 20.30 -23.81
N ALA N 199 -65.49 20.95 -22.78
CA ALA N 199 -65.56 22.42 -22.66
C ALA N 199 -65.12 22.85 -21.25
N CYS N 200 -64.36 23.94 -21.22
CA CYS N 200 -63.88 24.60 -19.99
C CYS N 200 -64.47 26.02 -20.03
N GLU N 201 -65.31 26.35 -19.04
CA GLU N 201 -66.00 27.66 -18.91
C GLU N 201 -65.35 28.44 -17.76
N VAL N 202 -64.91 29.67 -18.06
CA VAL N 202 -64.11 30.53 -17.15
C VAL N 202 -64.94 31.75 -16.78
N THR N 203 -65.31 31.88 -15.49
CA THR N 203 -65.91 33.11 -14.92
C THR N 203 -64.82 33.89 -14.18
N HIS N 204 -64.57 35.13 -14.59
CA HIS N 204 -63.54 36.01 -14.00
C HIS N 204 -63.98 37.49 -14.11
N GLN N 205 -63.60 38.26 -13.08
CA GLN N 205 -64.00 39.69 -12.91
C GLN N 205 -63.64 40.53 -14.14
N GLY N 206 -62.59 40.19 -14.89
CA GLY N 206 -62.10 40.98 -16.03
C GLY N 206 -62.80 40.65 -17.34
N LEU N 207 -63.77 39.72 -17.30
CA LEU N 207 -64.58 39.27 -18.47
C LEU N 207 -66.03 39.71 -18.29
N SER N 208 -66.59 40.43 -19.27
CA SER N 208 -67.99 40.93 -19.27
C SER N 208 -68.98 39.76 -19.12
N SER N 209 -68.66 38.57 -19.63
CA SER N 209 -69.45 37.33 -19.40
C SER N 209 -68.58 36.08 -19.56
N PRO N 210 -68.94 34.94 -18.91
CA PRO N 210 -68.12 33.72 -18.97
C PRO N 210 -67.61 33.38 -20.38
N VAL N 211 -66.30 33.10 -20.52
CA VAL N 211 -65.68 32.63 -21.79
C VAL N 211 -65.58 31.10 -21.72
N THR N 212 -65.90 30.45 -22.83
CA THR N 212 -65.86 28.97 -23.02
C THR N 212 -64.90 28.65 -24.17
N LYS N 213 -63.94 27.77 -23.91
CA LYS N 213 -63.13 27.06 -24.95
C LYS N 213 -63.49 25.58 -24.86
N SER N 214 -63.63 24.92 -26.00
CA SER N 214 -64.04 23.50 -26.10
C SER N 214 -63.46 22.87 -27.38
N PHE N 215 -63.46 21.54 -27.42
CA PHE N 215 -63.07 20.72 -28.59
C PHE N 215 -64.06 19.54 -28.67
N ASN N 216 -64.20 18.97 -29.87
CA ASN N 216 -64.88 17.66 -30.12
C ASN N 216 -63.79 16.59 -30.24
N ARG N 217 -63.93 15.49 -29.49
CA ARG N 217 -62.95 14.36 -29.42
C ARG N 217 -62.52 13.93 -30.83
N GLY N 218 -61.23 14.13 -31.19
CA GLY N 218 -60.64 13.80 -32.50
C GLY N 218 -60.98 14.82 -33.57
N GLU N 219 -60.74 16.12 -33.29
CA GLU N 219 -61.01 17.27 -34.20
C GLU N 219 -62.47 17.19 -34.69
N VAL O 2 31.61 -0.22 13.98
CA VAL O 2 32.27 -0.60 15.32
C VAL O 2 31.23 -0.61 16.44
N GLN O 3 31.04 -1.75 17.11
CA GLN O 3 29.93 -1.96 18.07
C GLN O 3 30.47 -2.70 19.30
N VAL O 4 30.19 -2.15 20.48
CA VAL O 4 30.82 -2.62 21.75
C VAL O 4 29.73 -2.94 22.77
N VAL O 5 29.92 -4.00 23.55
CA VAL O 5 29.00 -4.43 24.64
C VAL O 5 29.79 -4.60 25.93
N GLU O 6 29.54 -3.71 26.89
CA GLU O 6 30.19 -3.65 28.21
C GLU O 6 29.25 -4.25 29.24
N SER O 7 29.76 -5.08 30.14
CA SER O 7 28.92 -5.72 31.18
C SER O 7 29.75 -6.12 32.38
N GLY O 8 29.03 -6.42 33.47
CA GLY O 8 29.54 -7.04 34.69
C GLY O 8 29.92 -6.08 35.79
N GLY O 9 29.42 -4.84 35.81
CA GLY O 9 29.75 -3.91 36.92
C GLY O 9 28.69 -3.90 37.98
N GLY O 10 28.59 -2.80 38.74
CA GLY O 10 27.49 -2.56 39.70
C GLY O 10 27.99 -2.66 41.11
N LEU O 11 27.09 -2.94 42.05
CA LEU O 11 27.39 -2.99 43.51
C LEU O 11 27.99 -4.35 43.86
N VAL O 12 29.03 -4.36 44.68
CA VAL O 12 29.64 -5.59 45.24
C VAL O 12 30.27 -5.21 46.59
N GLN O 13 30.22 -6.10 47.58
CA GLN O 13 30.66 -5.78 48.95
C GLN O 13 32.15 -6.12 49.07
N PRO O 14 32.90 -5.42 49.95
CA PRO O 14 34.34 -5.67 50.08
C PRO O 14 34.63 -7.17 50.26
N GLY O 15 35.71 -7.66 49.66
CA GLY O 15 36.14 -9.06 49.78
C GLY O 15 35.56 -9.96 48.68
N ARG O 16 34.32 -9.69 48.26
CA ARG O 16 33.64 -10.44 47.17
C ARG O 16 34.32 -10.08 45.83
N SER O 17 33.85 -10.68 44.74
CA SER O 17 34.50 -10.56 43.41
C SER O 17 33.46 -10.29 42.32
N LEU O 18 33.97 -9.93 41.15
CA LEU O 18 33.22 -9.33 40.01
C LEU O 18 34.02 -9.58 38.75
N ARG O 19 33.37 -9.72 37.61
CA ARG O 19 34.05 -9.96 36.30
C ARG O 19 33.53 -8.92 35.31
N LEU O 20 34.39 -8.01 34.88
CA LEU O 20 34.07 -7.02 33.83
C LEU O 20 34.35 -7.64 32.47
N SER O 21 33.73 -7.12 31.41
CA SER O 21 34.01 -7.52 30.01
C SER O 21 33.58 -6.41 29.05
N CYS O 22 34.43 -6.11 28.08
CA CYS O 22 34.04 -5.47 26.80
C CYS O 22 34.19 -6.50 25.68
N ALA O 23 33.21 -6.55 24.80
CA ALA O 23 33.19 -7.36 23.56
C ALA O 23 32.92 -6.41 22.40
N ALA O 24 33.49 -6.66 21.23
CA ALA O 24 33.42 -5.72 20.10
C ALA O 24 33.48 -6.46 18.77
N SER O 25 32.82 -5.88 17.78
CA SER O 25 32.97 -6.19 16.35
C SER O 25 33.27 -4.87 15.63
N GLY O 26 33.97 -4.91 14.51
CA GLY O 26 34.20 -3.76 13.62
C GLY O 26 35.65 -3.34 13.58
N PHE O 27 36.48 -3.98 14.41
CA PHE O 27 37.95 -3.84 14.40
C PHE O 27 38.54 -5.23 14.62
N THR O 28 39.78 -5.44 14.14
CA THR O 28 40.39 -6.78 14.13
C THR O 28 40.92 -7.00 15.55
N PHE O 29 40.19 -7.78 16.33
CA PHE O 29 40.38 -7.87 17.80
C PHE O 29 41.81 -8.28 18.15
N ASP O 30 42.48 -9.10 17.32
CA ASP O 30 43.81 -9.66 17.71
C ASP O 30 44.94 -8.85 17.06
N ASP O 31 44.66 -7.65 16.56
CA ASP O 31 45.69 -6.71 16.05
C ASP O 31 46.18 -5.79 17.18
N TYR O 32 45.62 -5.90 18.38
CA TYR O 32 45.77 -4.89 19.45
C TYR O 32 46.15 -5.52 20.79
N ALA O 33 47.03 -4.82 21.51
CA ALA O 33 47.21 -5.01 22.97
C ALA O 33 46.02 -4.31 23.64
N MET O 34 45.43 -4.99 24.61
CA MET O 34 44.22 -4.55 25.33
C MET O 34 44.65 -4.09 26.74
N TYR O 35 44.04 -3.02 27.21
CA TYR O 35 44.33 -2.44 28.53
C TYR O 35 43.01 -2.11 29.26
N TRP O 36 43.07 -2.15 30.59
CA TRP O 36 42.08 -1.55 31.52
C TRP O 36 42.67 -0.29 32.17
N VAL O 37 41.99 0.83 32.03
CA VAL O 37 42.22 2.11 32.78
C VAL O 37 41.03 2.30 33.73
N ARG O 38 41.26 2.75 34.97
CA ARG O 38 40.16 3.10 35.92
C ARG O 38 40.26 4.55 36.38
N GLN O 39 39.14 5.09 36.84
CA GLN O 39 38.98 6.49 37.31
C GLN O 39 38.01 6.48 38.49
N ALA O 40 38.51 6.62 39.72
CA ALA O 40 37.67 6.75 40.94
C ALA O 40 36.87 8.04 40.79
N PRO O 41 35.58 8.11 41.18
CA PRO O 41 34.74 9.24 40.76
C PRO O 41 35.35 10.53 41.31
N GLY O 42 35.40 11.57 40.47
CA GLY O 42 35.98 12.91 40.78
C GLY O 42 37.50 12.96 40.65
N LYS O 43 38.19 11.82 40.79
CA LYS O 43 39.68 11.73 40.71
C LYS O 43 40.12 11.45 39.25
N GLY O 44 41.40 11.18 39.01
CA GLY O 44 42.01 11.10 37.67
C GLY O 44 42.23 9.68 37.21
N LEU O 45 42.81 9.51 36.01
CA LEU O 45 42.97 8.22 35.27
C LEU O 45 44.14 7.44 35.86
N GLU O 46 44.02 6.11 35.93
CA GLU O 46 45.03 5.17 36.50
C GLU O 46 45.14 3.95 35.58
N TRP O 47 46.31 3.73 34.99
CA TRP O 47 46.69 2.48 34.29
C TRP O 47 46.59 1.30 35.28
N VAL O 48 45.79 0.29 34.96
CA VAL O 48 45.43 -0.83 35.87
C VAL O 48 46.10 -2.12 35.38
N SER O 49 45.96 -2.44 34.09
CA SER O 49 46.32 -3.77 33.54
C SER O 49 46.49 -3.70 32.02
N GLY O 50 47.27 -4.62 31.47
CA GLY O 50 47.60 -4.68 30.03
C GLY O 50 47.89 -6.11 29.61
N ILE O 51 47.64 -6.42 28.33
CA ILE O 51 47.79 -7.79 27.78
C ILE O 51 48.07 -7.72 26.28
N SER O 52 49.08 -8.46 25.83
CA SER O 52 49.54 -8.53 24.43
C SER O 52 48.48 -9.30 23.62
N TRP O 53 48.49 -9.13 22.30
CA TRP O 53 47.46 -9.69 21.39
C TRP O 53 47.19 -11.18 21.69
N ASN O 54 48.23 -11.96 21.98
CA ASN O 54 48.10 -13.45 22.13
C ASN O 54 48.18 -13.86 23.60
N SER O 55 47.93 -12.94 24.54
CA SER O 55 48.01 -13.19 26.01
C SER O 55 49.43 -13.61 26.44
N GLY O 56 50.43 -13.24 25.63
CA GLY O 56 51.84 -13.65 25.80
C GLY O 56 52.49 -12.96 26.98
N SER O 57 52.33 -11.63 27.11
CA SER O 57 52.82 -10.86 28.28
C SER O 57 51.65 -10.10 28.94
N ILE O 58 51.59 -10.15 30.26
CA ILE O 58 50.52 -9.58 31.13
C ILE O 58 51.19 -8.70 32.19
N VAL O 59 50.78 -7.45 32.32
CA VAL O 59 51.37 -6.47 33.27
C VAL O 59 50.24 -5.86 34.11
N TYR O 60 50.40 -5.86 35.43
CA TYR O 60 49.49 -5.19 36.40
C TYR O 60 50.21 -4.04 37.09
N ALA O 61 49.51 -2.93 37.34
CA ALA O 61 49.94 -1.87 38.29
C ALA O 61 49.98 -2.48 39.70
N ASP O 62 50.86 -1.97 40.55
CA ASP O 62 51.16 -2.56 41.89
C ASP O 62 49.86 -2.57 42.70
N SER O 63 49.03 -1.51 42.60
CA SER O 63 47.77 -1.32 43.37
C SER O 63 46.84 -2.53 43.27
N VAL O 64 46.90 -3.29 42.16
CA VAL O 64 45.93 -4.40 41.87
C VAL O 64 46.62 -5.76 41.80
N LYS O 65 47.96 -5.81 41.71
CA LYS O 65 48.70 -7.08 41.53
C LYS O 65 48.28 -8.08 42.63
N GLY O 66 48.06 -9.34 42.27
CA GLY O 66 47.65 -10.43 43.19
C GLY O 66 46.13 -10.54 43.33
N ARG O 67 45.38 -9.50 42.98
CA ARG O 67 43.90 -9.44 43.22
C ARG O 67 43.12 -9.51 41.91
N PHE O 68 43.54 -8.77 40.87
CA PHE O 68 42.87 -8.66 39.56
C PHE O 68 43.58 -9.58 38.54
N THR O 69 42.79 -10.22 37.67
CA THR O 69 43.29 -11.06 36.56
C THR O 69 42.73 -10.50 35.23
N ILE O 70 43.61 -10.05 34.35
CA ILE O 70 43.24 -9.65 32.96
C ILE O 70 43.33 -10.90 32.08
N SER O 71 42.42 -11.03 31.11
CA SER O 71 42.38 -12.15 30.15
C SER O 71 41.62 -11.69 28.90
N ARG O 72 41.70 -12.47 27.83
CA ARG O 72 40.97 -12.18 26.58
C ARG O 72 40.63 -13.49 25.87
N ASP O 73 39.60 -13.44 25.04
CA ASP O 73 39.20 -14.52 24.09
C ASP O 73 39.02 -13.86 22.72
N ASN O 74 40.03 -13.96 21.85
CA ASN O 74 40.06 -13.30 20.51
C ASN O 74 38.98 -13.91 19.60
N ALA O 75 38.61 -15.16 19.90
CA ALA O 75 37.54 -15.93 19.20
C ALA O 75 36.17 -15.30 19.53
N LYS O 76 35.95 -14.87 20.78
CA LYS O 76 34.70 -14.22 21.24
C LYS O 76 34.85 -12.68 21.20
N ASN O 77 35.91 -12.16 20.59
CA ASN O 77 36.28 -10.72 20.54
C ASN O 77 35.95 -10.04 21.88
N SER O 78 36.46 -10.57 22.99
CA SER O 78 36.14 -10.15 24.38
C SER O 78 37.41 -9.91 25.22
N LEU O 79 37.41 -8.84 26.00
CA LEU O 79 38.45 -8.50 27.01
C LEU O 79 37.80 -8.62 28.40
N TYR O 80 38.42 -9.36 29.30
CA TYR O 80 37.90 -9.61 30.67
C TYR O 80 38.83 -8.97 31.70
N LEU O 81 38.27 -8.53 32.83
CA LEU O 81 39.00 -8.21 34.08
C LEU O 81 38.26 -8.85 35.26
N GLN O 82 38.89 -9.83 35.92
CA GLN O 82 38.39 -10.53 37.13
C GLN O 82 38.85 -9.74 38.36
N LEU O 83 37.93 -9.08 39.08
CA LEU O 83 38.22 -8.29 40.30
C LEU O 83 37.97 -9.19 41.51
N ASN O 84 39.03 -9.61 42.22
CA ASN O 84 38.91 -10.37 43.50
C ASN O 84 39.40 -9.46 44.63
N SER O 85 39.09 -9.83 45.88
CA SER O 85 39.57 -9.14 47.11
C SER O 85 39.33 -7.63 46.98
N LEU O 86 38.12 -7.26 46.56
CA LEU O 86 37.78 -5.84 46.27
C LEU O 86 37.77 -5.03 47.58
N ARG O 87 38.15 -3.74 47.48
CA ARG O 87 38.18 -2.79 48.61
C ARG O 87 37.57 -1.47 48.13
N ALA O 88 37.14 -0.62 49.07
CA ALA O 88 36.42 0.64 48.81
C ALA O 88 37.13 1.46 47.72
N GLU O 89 38.45 1.50 47.70
CA GLU O 89 39.27 2.40 46.83
C GLU O 89 39.19 1.94 45.37
N ASP O 90 38.86 0.67 45.13
CA ASP O 90 38.64 0.07 43.77
C ASP O 90 37.36 0.62 43.11
N THR O 91 36.46 1.22 43.89
CA THR O 91 35.29 1.95 43.35
C THR O 91 35.81 2.92 42.28
N ALA O 92 35.38 2.75 41.03
CA ALA O 92 35.82 3.55 39.87
C ALA O 92 35.00 3.15 38.63
N PHE O 93 35.01 4.04 37.62
CA PHE O 93 34.68 3.72 36.22
C PHE O 93 35.87 2.99 35.61
N TYR O 94 35.69 1.75 35.13
CA TYR O 94 36.74 0.93 34.45
C TYR O 94 36.54 1.02 32.93
N TYR O 95 37.56 1.51 32.22
CA TYR O 95 37.54 1.73 30.75
C TYR O 95 38.35 0.65 30.01
N CYS O 96 37.83 0.24 28.86
CA CYS O 96 38.49 -0.66 27.88
C CYS O 96 39.34 0.20 26.96
N ALA O 97 40.63 -0.14 26.81
CA ALA O 97 41.53 0.55 25.88
C ALA O 97 42.34 -0.47 25.06
N LYS O 98 42.98 0.05 24.02
CA LYS O 98 43.44 -0.70 22.83
C LYS O 98 44.68 0.02 22.28
N ALA O 99 45.79 -0.68 22.07
CA ALA O 99 46.96 -0.11 21.36
C ALA O 99 47.49 -1.10 20.33
N VAL O 100 47.96 -0.59 19.19
CA VAL O 100 48.39 -1.39 18.00
C VAL O 100 49.61 -2.25 18.36
N SER O 101 50.74 -1.63 18.75
CA SER O 101 52.05 -2.30 18.97
C SER O 101 53.01 -1.35 19.71
N GLY O 102 54.23 -1.84 19.98
CA GLY O 102 55.39 -1.02 20.39
C GLY O 102 55.65 0.17 19.46
N TYR O 103 55.44 0.05 18.15
CA TYR O 103 55.74 1.12 17.16
C TYR O 103 54.72 2.26 17.29
N PHE O 104 53.60 2.03 17.98
CA PHE O 104 52.55 3.05 18.25
C PHE O 104 51.69 2.61 19.42
N PRO O 105 52.12 2.87 20.68
CA PRO O 105 51.51 2.26 21.87
C PRO O 105 50.39 3.11 22.50
N TYR O 106 50.03 4.22 21.82
CA TYR O 106 49.02 5.22 22.26
C TYR O 106 47.64 4.55 22.33
N PHE O 107 46.92 4.83 23.41
CA PHE O 107 45.60 4.23 23.76
C PHE O 107 44.53 4.78 22.81
N ASP O 108 43.68 3.88 22.33
CA ASP O 108 42.34 4.15 21.76
C ASP O 108 41.35 3.60 22.79
N TYR O 109 40.38 4.39 23.24
CA TYR O 109 39.36 3.95 24.22
C TYR O 109 38.14 3.47 23.42
N TRP O 110 37.72 2.22 23.64
CA TRP O 110 36.51 1.59 23.04
C TRP O 110 35.58 1.17 24.19
N GLY O 111 34.34 1.64 24.14
CA GLY O 111 33.42 1.52 25.28
C GLY O 111 33.60 2.62 26.32
N GLN O 112 32.47 2.95 26.97
CA GLN O 112 32.18 4.23 27.67
C GLN O 112 32.55 4.16 29.15
N GLY O 113 32.98 3.00 29.65
CA GLY O 113 33.35 2.85 31.07
C GLY O 113 32.27 2.13 31.85
N ILE O 114 32.69 1.30 32.80
CA ILE O 114 31.82 0.40 33.58
C ILE O 114 31.98 0.79 35.05
N LEU O 115 30.90 1.23 35.70
CA LEU O 115 30.93 1.64 37.12
C LEU O 115 30.95 0.41 38.03
N VAL O 116 32.01 0.27 38.81
CA VAL O 116 32.05 -0.67 39.97
C VAL O 116 31.94 0.16 41.25
N THR O 117 30.96 -0.16 42.09
CA THR O 117 30.79 0.44 43.44
C THR O 117 31.05 -0.65 44.48
N VAL O 118 32.12 -0.52 45.25
CA VAL O 118 32.48 -1.45 46.35
C VAL O 118 32.04 -0.80 47.67
N SER O 119 31.04 -1.40 48.33
CA SER O 119 30.36 -0.87 49.53
C SER O 119 29.56 -1.99 50.20
N SER O 120 29.41 -1.91 51.53
CA SER O 120 28.57 -2.85 52.32
C SER O 120 27.12 -2.39 52.27
N ALA O 121 26.87 -1.13 51.91
CA ALA O 121 25.54 -0.49 51.83
C ALA O 121 24.61 -1.30 50.90
N SER O 122 23.34 -1.33 51.26
CA SER O 122 22.27 -2.08 50.56
C SER O 122 21.86 -1.27 49.33
N THR O 123 21.41 -1.93 48.27
CA THR O 123 20.69 -1.29 47.15
C THR O 123 19.41 -0.68 47.71
N LYS O 124 19.02 0.49 47.20
CA LYS O 124 17.83 1.21 47.68
C LYS O 124 17.32 2.07 46.53
N GLY O 125 16.05 1.87 46.15
CA GLY O 125 15.46 2.58 45.02
C GLY O 125 15.17 4.03 45.40
N PRO O 126 15.11 4.93 44.39
CA PRO O 126 14.86 6.33 44.66
C PRO O 126 13.40 6.59 44.98
N SER O 127 13.17 7.47 45.96
CA SER O 127 11.88 8.16 46.17
C SER O 127 11.84 9.35 45.21
N VAL O 128 10.85 9.38 44.32
CA VAL O 128 10.70 10.47 43.31
C VAL O 128 9.56 11.39 43.76
N PHE O 129 9.84 12.69 43.90
CA PHE O 129 8.91 13.72 44.42
C PHE O 129 8.85 14.88 43.44
N PRO O 130 7.67 15.46 43.15
CA PRO O 130 7.60 16.58 42.22
C PRO O 130 8.24 17.85 42.83
N LEU O 131 8.82 18.68 41.96
CA LEU O 131 9.18 20.08 42.26
C LEU O 131 8.21 20.93 41.43
N ALA O 132 7.11 21.34 42.04
CA ALA O 132 5.95 21.93 41.35
C ALA O 132 6.23 23.41 41.04
N PRO O 133 5.85 23.89 39.83
CA PRO O 133 5.98 25.31 39.51
C PRO O 133 4.95 26.18 40.24
N ALA O 143 9.20 29.65 33.28
CA ALA O 143 8.85 28.96 34.55
C ALA O 143 9.59 27.63 34.66
N ALA O 144 10.05 27.30 35.87
CA ALA O 144 10.88 26.11 36.16
C ALA O 144 10.04 25.09 36.95
N LEU O 145 10.23 23.81 36.64
CA LEU O 145 9.64 22.65 37.37
C LEU O 145 10.67 21.53 37.33
N GLY O 146 10.43 20.42 38.04
CA GLY O 146 11.40 19.33 38.11
C GLY O 146 10.94 18.13 38.94
N CYS O 147 11.87 17.22 39.17
CA CYS O 147 11.74 15.99 39.99
C CYS O 147 12.87 15.95 41.01
N LEU O 148 12.57 15.60 42.25
CA LEU O 148 13.58 15.31 43.28
C LEU O 148 13.73 13.79 43.37
N VAL O 149 14.92 13.28 43.04
CA VAL O 149 15.21 11.81 43.05
C VAL O 149 16.06 11.54 44.30
N LYS O 150 15.42 11.16 45.41
CA LYS O 150 16.04 11.23 46.76
C LYS O 150 16.23 9.82 47.34
N ASP O 151 17.37 9.63 48.02
CA ASP O 151 17.66 8.49 48.93
C ASP O 151 17.71 7.19 48.12
N TYR O 152 18.69 7.07 47.22
CA TYR O 152 18.92 5.83 46.43
C TYR O 152 20.39 5.41 46.52
N PHE O 153 20.65 4.15 46.18
CA PHE O 153 22.01 3.58 46.17
C PHE O 153 22.00 2.23 45.44
N PRO O 154 23.04 1.92 44.63
CA PRO O 154 24.13 2.84 44.32
C PRO O 154 23.78 3.75 43.14
N GLU O 155 24.75 4.49 42.61
CA GLU O 155 24.65 5.12 41.27
C GLU O 155 24.57 4.00 40.24
N PRO O 156 23.98 4.22 39.03
CA PRO O 156 23.31 5.48 38.67
C PRO O 156 21.79 5.46 38.51
N VAL O 157 21.21 6.64 38.35
CA VAL O 157 19.82 6.82 37.88
C VAL O 157 19.89 7.57 36.55
N THR O 158 18.90 7.33 35.69
CA THR O 158 18.67 8.07 34.44
C THR O 158 17.34 8.80 34.61
N VAL O 159 17.28 10.05 34.17
CA VAL O 159 16.04 10.87 34.20
C VAL O 159 15.82 11.42 32.80
N SER O 160 14.65 11.18 32.22
CA SER O 160 14.20 11.82 30.96
C SER O 160 12.89 12.54 31.25
N TRP O 161 12.40 13.32 30.29
CA TRP O 161 11.15 14.09 30.43
C TRP O 161 10.22 13.77 29.26
N ASN O 162 8.97 13.40 29.55
CA ASN O 162 7.97 13.00 28.54
C ASN O 162 8.59 11.95 27.61
N SER O 163 9.35 11.01 28.20
CA SER O 163 9.91 9.82 27.53
C SER O 163 10.89 10.20 26.42
N GLY O 164 11.61 11.30 26.58
CA GLY O 164 12.67 11.73 25.64
C GLY O 164 12.23 12.87 24.74
N ALA O 165 10.92 13.16 24.68
CA ALA O 165 10.31 14.23 23.85
C ALA O 165 10.79 15.62 24.30
N LEU O 166 11.12 15.78 25.58
CA LEU O 166 11.63 17.05 26.17
C LEU O 166 13.09 16.85 26.59
N THR O 167 14.02 17.53 25.90
CA THR O 167 15.47 17.54 26.18
C THR O 167 15.95 19.00 26.33
N SER O 168 15.37 19.92 25.56
CA SER O 168 15.72 21.36 25.57
C SER O 168 15.39 21.98 26.94
N GLY O 169 16.40 22.48 27.64
CA GLY O 169 16.27 23.27 28.88
C GLY O 169 16.44 22.45 30.14
N VAL O 170 16.69 21.15 30.01
CA VAL O 170 16.79 20.17 31.13
C VAL O 170 18.17 20.29 31.78
N HIS O 171 18.23 20.26 33.11
CA HIS O 171 19.46 20.11 33.92
C HIS O 171 19.25 19.00 34.94
N THR O 172 19.83 17.82 34.70
CA THR O 172 19.84 16.69 35.67
C THR O 172 21.12 16.78 36.48
N PHE O 173 21.03 17.26 37.73
CA PHE O 173 22.19 17.57 38.59
C PHE O 173 22.96 16.28 38.87
N PRO O 174 24.31 16.37 38.96
CA PRO O 174 25.12 15.27 39.49
C PRO O 174 24.62 14.84 40.87
N ALA O 175 24.56 13.53 41.09
CA ALA O 175 24.24 12.92 42.39
C ALA O 175 25.20 13.50 43.42
N VAL O 176 24.71 13.72 44.64
CA VAL O 176 25.53 14.10 45.82
C VAL O 176 25.19 13.12 46.94
N LEU O 177 26.22 12.49 47.52
CA LEU O 177 26.07 11.55 48.65
C LEU O 177 25.66 12.37 49.88
N GLN O 178 24.57 11.98 50.56
CA GLN O 178 24.10 12.59 51.83
C GLN O 178 24.78 11.84 52.98
N SER O 179 24.78 12.41 54.20
CA SER O 179 25.38 11.77 55.39
C SER O 179 24.73 10.40 55.67
N SER O 180 23.48 10.20 55.22
CA SER O 180 22.74 8.91 55.36
C SER O 180 23.48 7.78 54.63
N GLY O 181 24.36 8.10 53.67
CA GLY O 181 25.05 7.10 52.83
C GLY O 181 24.24 6.75 51.57
N LEU O 182 23.28 7.59 51.21
CA LEU O 182 22.39 7.44 50.02
C LEU O 182 22.53 8.70 49.16
N TYR O 183 22.44 8.53 47.83
CA TYR O 183 22.52 9.65 46.86
C TYR O 183 21.18 10.36 46.79
N SER O 184 21.23 11.60 46.32
CA SER O 184 20.06 12.43 45.97
C SER O 184 20.47 13.44 44.88
N LEU O 185 19.54 13.71 43.96
CA LEU O 185 19.72 14.75 42.94
C LEU O 185 18.33 15.27 42.57
N SER O 186 18.29 16.42 41.89
CA SER O 186 17.07 16.95 41.25
C SER O 186 17.33 17.03 39.75
N SER O 187 16.31 16.76 38.94
CA SER O 187 16.29 17.08 37.50
C SER O 187 15.26 18.19 37.32
N VAL O 188 15.61 19.26 36.64
CA VAL O 188 14.71 20.44 36.48
C VAL O 188 14.70 20.83 35.00
N VAL O 189 13.73 21.66 34.62
CA VAL O 189 13.56 22.13 33.22
C VAL O 189 12.80 23.44 33.26
N THR O 190 13.17 24.36 32.36
CA THR O 190 12.48 25.64 32.13
C THR O 190 11.61 25.49 30.88
N VAL O 191 10.40 26.05 30.92
CA VAL O 191 9.37 25.94 29.87
C VAL O 191 8.62 27.27 29.83
N PRO O 192 7.80 27.53 28.79
CA PRO O 192 6.96 28.72 28.76
C PRO O 192 6.01 28.77 29.97
N SER O 193 5.79 30.00 30.49
CA SER O 193 4.91 30.29 31.65
C SER O 193 3.52 29.77 31.37
N SER O 194 2.93 30.14 30.22
CA SER O 194 1.57 29.84 29.73
C SER O 194 1.22 28.35 29.90
N SER O 195 2.20 27.44 29.81
CA SER O 195 1.95 25.97 29.87
C SER O 195 1.69 25.51 31.32
N THR O 200 1.51 18.50 29.48
CA THR O 200 1.82 17.47 30.49
C THR O 200 3.34 17.35 30.65
N TYR O 201 3.81 17.26 31.90
CA TYR O 201 5.24 17.10 32.28
C TYR O 201 5.40 15.89 33.21
N ILE O 202 6.19 14.90 32.78
CA ILE O 202 6.43 13.62 33.50
C ILE O 202 7.94 13.34 33.51
N CYS O 203 8.53 13.08 34.68
CA CYS O 203 9.91 12.54 34.85
C CYS O 203 9.88 11.04 34.65
N ASN O 204 10.80 10.52 33.87
CA ASN O 204 11.00 9.05 33.70
C ASN O 204 12.29 8.73 34.44
N VAL O 205 12.15 8.34 35.71
CA VAL O 205 13.30 7.92 36.56
C VAL O 205 13.43 6.40 36.43
N ASN O 206 14.63 5.93 36.08
CA ASN O 206 14.97 4.49 36.04
C ASN O 206 16.21 4.33 36.93
N HIS O 207 16.20 3.30 37.77
CA HIS O 207 17.33 2.92 38.64
C HIS O 207 17.54 1.41 38.50
N LYS O 208 18.40 1.00 37.56
CA LYS O 208 18.56 -0.44 37.19
C LYS O 208 18.84 -1.27 38.45
N PRO O 209 19.72 -0.84 39.38
CA PRO O 209 20.10 -1.71 40.50
C PRO O 209 18.97 -2.15 41.45
N SER O 210 17.88 -1.37 41.61
CA SER O 210 16.72 -1.65 42.51
C SER O 210 15.51 -2.13 41.71
N ASN O 211 15.68 -2.16 40.38
CA ASN O 211 14.62 -2.53 39.40
C ASN O 211 13.44 -1.58 39.60
N THR O 212 13.72 -0.28 39.67
CA THR O 212 12.73 0.80 39.92
C THR O 212 12.58 1.65 38.66
N LYS O 213 11.40 1.60 38.05
CA LYS O 213 10.99 2.49 36.94
C LYS O 213 9.82 3.31 37.46
N VAL O 214 9.94 4.62 37.59
CA VAL O 214 8.85 5.50 38.10
C VAL O 214 8.66 6.67 37.14
N ASP O 215 7.42 6.87 36.69
CA ASP O 215 7.04 8.03 35.85
C ASP O 215 6.17 8.91 36.75
N LYS O 216 6.70 10.04 37.23
CA LYS O 216 5.98 10.95 38.17
C LYS O 216 5.47 12.18 37.43
N ARG O 217 4.16 12.43 37.52
CA ARG O 217 3.48 13.63 36.97
C ARG O 217 3.89 14.83 37.83
N VAL O 218 4.12 15.98 37.20
CA VAL O 218 4.52 17.24 37.87
C VAL O 218 3.53 18.33 37.45
N GLU O 219 2.70 18.80 38.37
CA GLU O 219 1.68 19.84 38.10
C GLU O 219 1.62 20.78 39.29
N PRO O 220 1.11 22.02 39.11
CA PRO O 220 0.84 22.94 40.22
C PRO O 220 -0.11 22.37 41.30
N ASP P 1 59.69 3.71 38.69
CA ASP P 1 58.55 4.01 37.80
C ASP P 1 58.46 5.53 37.60
N ILE P 2 58.26 5.97 36.35
CA ILE P 2 58.15 7.40 35.94
C ILE P 2 56.89 8.05 36.54
N VAL P 3 56.98 9.32 36.91
CA VAL P 3 55.90 10.12 37.54
C VAL P 3 55.63 11.36 36.69
N MET P 4 54.37 11.60 36.31
CA MET P 4 53.96 12.76 35.51
C MET P 4 53.29 13.78 36.45
N THR P 5 53.62 15.06 36.30
CA THR P 5 53.09 16.18 37.12
C THR P 5 52.73 17.30 36.14
N GLN P 6 51.44 17.59 36.03
CA GLN P 6 50.91 18.67 35.18
C GLN P 6 50.91 19.96 36.00
N SER P 7 50.79 21.10 35.33
CA SER P 7 50.69 22.44 35.97
C SER P 7 50.03 23.39 34.97
N PRO P 8 49.01 24.18 35.36
CA PRO P 8 48.40 24.14 36.68
C PRO P 8 47.48 22.93 36.89
N ASP P 9 46.99 22.73 38.11
CA ASP P 9 45.94 21.72 38.45
C ASP P 9 44.64 22.14 37.77
N SER P 10 44.42 23.44 37.57
CA SER P 10 43.21 23.98 36.89
C SER P 10 43.47 25.39 36.37
N LEU P 11 42.62 25.86 35.47
CA LEU P 11 42.95 26.96 34.54
C LEU P 11 41.64 27.51 33.98
N SER P 12 41.48 28.83 33.99
CA SER P 12 40.26 29.53 33.51
C SER P 12 40.67 30.58 32.47
N VAL P 13 40.27 30.37 31.21
CA VAL P 13 40.77 31.16 30.04
C VAL P 13 39.56 31.68 29.26
N SER P 14 39.59 32.94 28.83
CA SER P 14 38.49 33.60 28.09
C SER P 14 38.35 32.98 26.69
N LEU P 15 37.15 33.11 26.12
CA LEU P 15 36.82 32.70 24.73
C LEU P 15 37.78 33.42 23.77
N GLY P 16 38.37 32.68 22.83
CA GLY P 16 39.21 33.21 21.74
C GLY P 16 40.60 33.60 22.22
N GLU P 17 41.09 32.98 23.29
CA GLU P 17 42.37 33.36 23.96
C GLU P 17 43.21 32.11 24.22
N ARG P 18 44.51 32.26 24.44
CA ARG P 18 45.44 31.10 24.51
C ARG P 18 45.31 30.43 25.88
N ALA P 19 45.29 29.10 25.89
CA ALA P 19 45.33 28.26 27.11
C ALA P 19 46.56 27.36 27.03
N THR P 20 47.38 27.36 28.07
CA THR P 20 48.67 26.64 28.08
C THR P 20 48.69 25.72 29.29
N ILE P 21 48.99 24.44 29.06
CA ILE P 21 49.04 23.39 30.12
C ILE P 21 50.39 22.69 29.99
N ASN P 22 51.06 22.43 31.11
CA ASN P 22 52.47 21.94 31.15
C ASN P 22 52.48 20.56 31.80
N CYS P 23 53.37 19.70 31.32
CA CYS P 23 53.56 18.32 31.82
C CYS P 23 55.06 18.10 31.99
N LYS P 24 55.44 17.43 33.09
CA LYS P 24 56.85 17.17 33.45
C LYS P 24 56.97 15.69 33.87
N SER P 25 57.94 14.98 33.30
CA SER P 25 58.22 13.56 33.63
C SER P 25 59.45 13.48 34.56
N SER P 26 59.40 12.59 35.55
CA SER P 26 60.48 12.34 36.53
C SER P 26 61.75 11.89 35.80
N GLN P 27 61.62 11.10 34.73
CA GLN P 27 62.75 10.71 33.82
C GLN P 27 62.43 11.21 32.41
N SER P 28 63.42 11.22 31.52
CA SER P 28 63.23 11.60 30.10
C SER P 28 62.41 10.50 29.42
N VAL P 29 61.57 10.90 28.46
CA VAL P 29 60.72 9.99 27.64
C VAL P 29 61.08 10.19 26.16
N LEU P 30 62.24 10.82 25.89
CA LEU P 30 62.93 10.81 24.58
C LEU P 30 63.69 9.49 24.46
N TYR P 31 63.42 8.72 23.40
CA TYR P 31 64.20 7.52 23.01
C TYR P 31 65.24 7.99 21.99
N SER P 32 66.52 7.98 22.40
CA SER P 32 67.69 8.46 21.61
C SER P 32 67.77 7.67 20.29
N SER P 33 67.42 6.39 20.37
CA SER P 33 67.41 5.37 19.27
C SER P 33 66.62 5.86 18.04
N ASN P 34 65.37 6.30 18.20
CA ASN P 34 64.48 6.78 17.10
C ASN P 34 64.14 8.28 17.26
N ASN P 35 64.63 8.93 18.31
CA ASN P 35 64.47 10.40 18.55
C ASN P 35 62.98 10.77 18.54
N LYS P 36 62.16 10.00 19.26
CA LYS P 36 60.70 10.23 19.41
C LYS P 36 60.37 10.34 20.91
N ASN P 37 59.52 11.31 21.26
CA ASN P 37 59.01 11.51 22.64
C ASN P 37 57.75 10.64 22.85
N TYR P 38 57.83 9.66 23.75
CA TYR P 38 56.75 8.69 24.11
C TYR P 38 55.78 9.37 25.08
N LEU P 39 55.02 10.33 24.56
CA LEU P 39 54.24 11.30 25.35
C LEU P 39 52.99 11.68 24.54
N GLY P 40 51.80 11.38 25.09
CA GLY P 40 50.51 11.73 24.49
C GLY P 40 49.72 12.66 25.38
N TRP P 41 48.86 13.48 24.77
CA TRP P 41 47.87 14.37 25.43
C TRP P 41 46.44 13.90 25.11
N TYR P 42 45.61 13.71 26.14
CA TYR P 42 44.18 13.28 26.03
C TYR P 42 43.24 14.36 26.57
N GLN P 43 42.08 14.53 25.92
CA GLN P 43 40.89 15.32 26.34
C GLN P 43 39.88 14.35 26.96
N GLN P 44 39.25 14.70 28.09
CA GLN P 44 38.12 13.93 28.67
C GLN P 44 37.01 14.91 28.97
N LYS P 45 35.98 14.91 28.13
CA LYS P 45 34.73 15.69 28.36
C LYS P 45 33.91 14.91 29.37
N PRO P 46 33.02 15.58 30.15
CA PRO P 46 32.33 14.91 31.26
C PRO P 46 31.52 13.67 30.84
N GLY P 47 31.67 12.57 31.60
CA GLY P 47 30.94 11.30 31.42
C GLY P 47 31.20 10.68 30.06
N GLN P 48 32.39 10.89 29.51
CA GLN P 48 32.89 10.22 28.28
C GLN P 48 34.26 9.62 28.60
N PRO P 49 34.76 8.68 27.77
CA PRO P 49 36.14 8.23 27.90
C PRO P 49 37.09 9.25 27.26
N PRO P 50 38.40 9.17 27.54
CA PRO P 50 39.36 10.10 26.95
C PRO P 50 39.55 9.95 25.43
N LYS P 51 39.75 11.08 24.74
CA LYS P 51 40.05 11.20 23.27
C LYS P 51 41.52 11.61 23.12
N LEU P 52 42.30 10.94 22.27
CA LEU P 52 43.71 11.31 21.96
C LEU P 52 43.74 12.61 21.15
N LEU P 53 44.47 13.61 21.62
CA LEU P 53 44.62 14.94 20.96
C LEU P 53 45.94 14.98 20.19
N ILE P 54 47.03 14.48 20.80
CA ILE P 54 48.42 14.72 20.35
C ILE P 54 49.31 13.57 20.84
N TYR P 55 50.14 13.03 19.94
CA TYR P 55 51.06 11.88 20.18
C TYR P 55 52.45 12.25 19.67
N TRP P 56 53.49 11.53 20.15
CA TRP P 56 54.91 11.87 19.94
C TRP P 56 55.14 13.35 20.33
N ALA P 57 54.48 13.79 21.41
CA ALA P 57 54.62 15.13 22.03
C ALA P 57 54.09 16.27 21.15
N SER P 58 54.15 16.17 19.82
CA SER P 58 53.83 17.33 18.93
C SER P 58 52.97 16.98 17.70
N THR P 59 52.72 15.70 17.41
CA THR P 59 51.88 15.26 16.25
C THR P 59 50.40 15.29 16.63
N ARG P 60 49.61 16.12 15.93
CA ARG P 60 48.15 16.27 16.14
C ARG P 60 47.43 15.08 15.48
N GLU P 61 46.50 14.43 16.19
CA GLU P 61 45.58 13.38 15.64
C GLU P 61 44.66 13.99 14.58
N SER P 62 44.25 13.18 13.60
CA SER P 62 43.28 13.59 12.55
C SER P 62 41.93 13.81 13.21
N GLY P 63 41.19 14.83 12.76
CA GLY P 63 39.90 15.23 13.35
C GLY P 63 40.07 16.32 14.37
N VAL P 64 41.17 16.28 15.14
CA VAL P 64 41.51 17.30 16.19
C VAL P 64 41.72 18.64 15.51
N PRO P 65 40.99 19.72 15.87
CA PRO P 65 41.11 21.01 15.20
C PRO P 65 42.50 21.68 15.29
N ASP P 66 42.74 22.69 14.44
CA ASP P 66 44.05 23.35 14.21
C ASP P 66 44.60 23.88 15.56
N ARG P 67 43.71 24.47 16.39
CA ARG P 67 44.08 25.29 17.57
C ARG P 67 44.83 24.47 18.63
N PHE P 68 44.64 23.16 18.67
CA PHE P 68 45.40 22.25 19.56
C PHE P 68 46.77 21.98 18.94
N SER P 69 47.84 22.17 19.72
CA SER P 69 49.26 21.88 19.35
C SER P 69 50.01 21.42 20.58
N GLY P 70 50.96 20.51 20.39
CA GLY P 70 51.87 20.02 21.44
C GLY P 70 53.27 20.51 21.17
N SER P 71 54.12 20.57 22.20
CA SER P 71 55.56 20.92 22.05
C SER P 71 56.33 20.38 23.25
N GLY P 72 57.65 20.60 23.24
CA GLY P 72 58.56 20.13 24.30
C GLY P 72 59.28 18.86 23.88
N SER P 73 60.14 18.35 24.78
CA SER P 73 61.04 17.20 24.55
C SER P 73 61.60 16.71 25.89
N GLY P 74 61.98 15.44 25.97
CA GLY P 74 62.74 14.90 27.11
C GLY P 74 61.88 14.80 28.37
N THR P 75 61.70 15.91 29.10
CA THR P 75 61.00 15.91 30.42
C THR P 75 59.99 17.07 30.55
N ASP P 76 59.93 18.03 29.62
CA ASP P 76 59.07 19.23 29.78
C ASP P 76 58.25 19.43 28.49
N PHE P 77 56.93 19.27 28.59
CA PHE P 77 55.99 19.29 27.44
C PHE P 77 54.89 20.32 27.70
N THR P 78 54.23 20.73 26.63
CA THR P 78 53.23 21.83 26.63
C THR P 78 52.14 21.57 25.58
N LEU P 79 50.92 21.35 26.07
CA LEU P 79 49.67 21.39 25.26
C LEU P 79 49.20 22.86 25.20
N THR P 80 48.93 23.37 24.00
CA THR P 80 48.50 24.77 23.78
C THR P 80 47.20 24.76 22.97
N ILE P 81 46.23 25.59 23.37
CA ILE P 81 44.96 25.79 22.62
C ILE P 81 44.91 27.27 22.24
N SER P 82 45.12 27.59 20.98
CA SER P 82 45.49 28.95 20.51
C SER P 82 44.29 29.90 20.65
N SER P 83 43.07 29.46 20.36
CA SER P 83 41.87 30.33 20.34
C SER P 83 40.68 29.56 20.92
N LEU P 84 40.59 29.55 22.25
CA LEU P 84 39.72 28.65 23.04
C LEU P 84 38.25 28.86 22.66
N GLN P 85 37.55 27.75 22.39
CA GLN P 85 36.11 27.71 22.03
C GLN P 85 35.31 27.12 23.19
N ALA P 86 34.03 27.45 23.27
CA ALA P 86 33.10 27.04 24.36
C ALA P 86 33.19 25.54 24.64
N GLU P 87 33.35 24.75 23.59
CA GLU P 87 33.28 23.26 23.59
C GLU P 87 34.60 22.64 24.05
N ASP P 88 35.64 23.43 24.33
CA ASP P 88 36.98 22.91 24.72
C ASP P 88 37.01 22.64 26.23
N VAL P 89 35.96 23.04 26.96
CA VAL P 89 35.82 22.73 28.41
C VAL P 89 35.94 21.21 28.59
N ALA P 90 36.93 20.79 29.37
CA ALA P 90 37.28 19.38 29.60
C ALA P 90 38.43 19.28 30.61
N VAL P 91 38.83 18.07 30.96
CA VAL P 91 40.04 17.77 31.78
C VAL P 91 41.08 17.23 30.82
N TYR P 92 42.27 17.83 30.76
CA TYR P 92 43.38 17.41 29.87
C TYR P 92 44.41 16.65 30.70
N TYR P 93 44.83 15.50 30.18
CA TYR P 93 45.82 14.58 30.79
C TYR P 93 46.97 14.41 29.81
N CYS P 94 48.20 14.39 30.32
CA CYS P 94 49.39 13.90 29.60
C CYS P 94 49.61 12.46 30.05
N GLN P 95 50.17 11.63 29.18
CA GLN P 95 50.44 10.19 29.46
C GLN P 95 51.76 9.84 28.79
N GLN P 96 52.66 9.19 29.53
CA GLN P 96 53.98 8.73 29.02
C GLN P 96 53.85 7.26 28.68
N TYR P 97 54.48 6.83 27.58
CA TYR P 97 54.50 5.42 27.13
C TYR P 97 55.95 4.94 27.01
N TYR P 98 56.93 5.64 27.60
CA TYR P 98 58.35 5.21 27.62
C TYR P 98 58.47 3.92 28.45
N THR P 99 57.70 3.83 29.53
CA THR P 99 57.62 2.60 30.37
C THR P 99 56.19 2.07 30.30
N THR P 100 55.95 0.89 30.88
CA THR P 100 54.60 0.34 31.18
C THR P 100 54.68 -0.30 32.57
N PRO P 101 53.80 0.04 33.55
CA PRO P 101 52.64 0.92 33.36
C PRO P 101 52.90 2.30 32.75
N SER P 102 52.08 2.66 31.75
CA SER P 102 52.15 3.91 30.95
C SER P 102 51.41 5.03 31.69
N THR P 103 52.05 5.57 32.73
CA THR P 103 51.41 6.38 33.81
C THR P 103 50.94 7.75 33.28
N PHE P 104 49.98 8.34 33.98
CA PHE P 104 49.23 9.57 33.60
C PHE P 104 49.60 10.76 34.49
N GLY P 105 49.48 11.97 33.97
CA GLY P 105 49.38 13.20 34.77
C GLY P 105 48.14 13.18 35.65
N GLN P 106 48.13 13.99 36.70
CA GLN P 106 47.01 14.07 37.69
C GLN P 106 45.81 14.75 37.00
N GLY P 107 46.05 15.49 35.93
CA GLY P 107 45.00 16.12 35.11
C GLY P 107 44.92 17.62 35.32
N THR P 108 44.33 18.34 34.37
CA THR P 108 44.18 19.82 34.39
C THR P 108 42.76 20.21 33.96
N ARG P 109 41.93 20.71 34.88
CA ARG P 109 40.54 21.16 34.57
C ARG P 109 40.65 22.48 33.81
N LEU P 110 40.14 22.53 32.59
CA LEU P 110 40.04 23.82 31.84
C LEU P 110 38.59 24.31 31.89
N GLU P 111 38.39 25.51 32.42
CA GLU P 111 37.08 26.23 32.44
C GLU P 111 37.15 27.37 31.42
N ILE P 112 36.03 27.69 30.79
CA ILE P 112 35.88 28.85 29.85
C ILE P 112 35.44 30.06 30.67
N LYS P 113 36.17 31.18 30.58
CA LYS P 113 35.79 32.49 31.16
C LYS P 113 34.91 33.20 30.12
N ARG P 114 33.77 33.73 30.55
CA ARG P 114 32.82 34.50 29.68
C ARG P 114 32.30 35.69 30.47
N THR P 115 31.66 36.65 29.80
CA THR P 115 30.98 37.81 30.44
C THR P 115 30.07 37.25 31.53
N ALA P 116 30.10 37.84 32.73
CA ALA P 116 29.26 37.42 33.87
C ALA P 116 27.79 37.37 33.42
N ALA P 117 27.07 36.32 33.82
CA ALA P 117 25.61 36.17 33.64
C ALA P 117 24.97 35.85 34.99
N ALA P 118 23.92 36.59 35.35
CA ALA P 118 23.21 36.46 36.64
C ALA P 118 22.31 35.22 36.60
N PRO P 119 22.19 34.46 37.71
CA PRO P 119 21.32 33.30 37.74
C PRO P 119 19.85 33.69 37.76
N SER P 120 19.00 32.99 37.02
CA SER P 120 17.54 32.88 37.28
C SER P 120 17.36 32.02 38.54
N VAL P 121 16.71 32.56 39.56
CA VAL P 121 16.49 31.83 40.84
C VAL P 121 15.02 31.40 40.92
N PHE P 122 14.81 30.14 41.32
CA PHE P 122 13.49 29.51 41.54
C PHE P 122 13.56 28.76 42.88
N ILE P 123 12.49 28.77 43.65
CA ILE P 123 12.38 27.97 44.90
C ILE P 123 11.24 26.97 44.74
N PHE P 124 11.39 25.81 45.37
CA PHE P 124 10.46 24.66 45.30
C PHE P 124 10.14 24.17 46.71
N PRO P 125 8.87 24.24 47.13
CA PRO P 125 8.47 23.71 48.43
C PRO P 125 8.51 22.19 48.40
N PRO P 126 8.50 21.52 49.57
CA PRO P 126 8.40 20.06 49.60
C PRO P 126 7.04 19.62 49.04
N SER P 127 6.98 18.45 48.43
CA SER P 127 5.74 17.81 47.92
C SER P 127 4.91 17.33 49.11
N ASP P 128 3.59 17.41 49.01
CA ASP P 128 2.63 16.79 49.97
C ASP P 128 3.04 15.32 50.17
N GLU P 129 3.34 14.63 49.08
CA GLU P 129 3.74 13.19 49.07
C GLU P 129 4.96 12.99 49.97
N GLN P 130 5.95 13.89 49.94
CA GLN P 130 7.22 13.68 50.69
C GLN P 130 6.96 13.80 52.19
N LEU P 131 6.13 14.76 52.59
CA LEU P 131 5.87 15.08 54.03
C LEU P 131 5.35 13.82 54.74
N LYS P 132 4.47 13.06 54.09
CA LYS P 132 3.91 11.78 54.62
C LYS P 132 5.04 10.83 55.07
N SER P 133 6.25 10.94 54.50
CA SER P 133 7.40 10.05 54.81
C SER P 133 8.13 10.48 56.09
N GLY P 134 8.04 11.77 56.45
CA GLY P 134 8.56 12.30 57.73
C GLY P 134 9.79 13.20 57.60
N THR P 135 10.25 13.52 56.38
CA THR P 135 11.26 14.59 56.16
C THR P 135 10.76 15.53 55.05
N ALA P 136 11.32 16.73 54.98
CA ALA P 136 10.94 17.81 54.03
C ALA P 136 12.19 18.34 53.34
N SER P 137 12.12 18.45 52.02
CA SER P 137 13.24 18.90 51.16
C SER P 137 12.78 20.15 50.44
N VAL P 138 13.45 21.27 50.71
CA VAL P 138 13.21 22.56 50.01
C VAL P 138 14.38 22.71 49.04
N VAL P 139 14.09 23.08 47.79
CA VAL P 139 15.12 23.14 46.72
C VAL P 139 15.14 24.55 46.14
N CYS P 140 16.33 25.13 46.10
CA CYS P 140 16.61 26.41 45.42
C CYS P 140 17.45 26.11 44.16
N LEU P 141 17.04 26.67 43.03
CA LEU P 141 17.69 26.48 41.71
C LEU P 141 18.23 27.82 41.22
N LEU P 142 19.55 27.89 41.01
CA LEU P 142 20.24 28.98 40.28
C LEU P 142 20.53 28.44 38.87
N ASN P 143 19.99 29.08 37.84
CA ASN P 143 19.96 28.51 36.46
C ASN P 143 20.76 29.41 35.50
N ASN P 144 21.79 28.84 34.86
CA ASN P 144 22.51 29.41 33.69
C ASN P 144 23.19 30.72 34.09
N PHE P 145 24.24 30.61 34.91
CA PHE P 145 25.02 31.76 35.45
C PHE P 145 26.52 31.51 35.29
N TYR P 146 27.28 32.61 35.17
CA TYR P 146 28.76 32.66 35.23
C TYR P 146 29.19 33.87 36.06
N PRO P 147 30.23 33.79 36.93
CA PRO P 147 31.00 32.58 37.17
C PRO P 147 30.40 31.61 38.20
N ARG P 148 31.14 30.54 38.48
CA ARG P 148 30.71 29.37 39.30
C ARG P 148 30.43 29.76 40.75
N GLU P 149 31.14 30.78 41.26
CA GLU P 149 31.08 31.21 42.68
C GLU P 149 29.71 31.84 42.91
N ALA P 150 28.99 31.34 43.92
CA ALA P 150 27.71 31.92 44.40
C ALA P 150 27.49 31.54 45.87
N LYS P 151 26.95 32.48 46.65
CA LYS P 151 26.52 32.30 48.05
C LYS P 151 25.02 32.04 48.04
N VAL P 152 24.58 30.94 48.65
CA VAL P 152 23.14 30.60 48.83
C VAL P 152 22.86 30.52 50.34
N GLN P 153 22.04 31.45 50.83
CA GLN P 153 21.59 31.56 52.25
C GLN P 153 20.16 31.03 52.38
N TRP P 154 19.96 30.03 53.27
CA TRP P 154 18.64 29.51 53.66
C TRP P 154 18.13 30.24 54.91
N LYS P 155 16.94 30.85 54.78
CA LYS P 155 16.24 31.60 55.86
C LYS P 155 14.89 30.93 56.14
N VAL P 156 14.75 30.38 57.36
CA VAL P 156 13.49 29.82 57.92
C VAL P 156 12.94 30.82 58.95
N ASP P 157 11.97 31.66 58.55
CA ASP P 157 11.42 32.77 59.37
C ASP P 157 12.55 33.72 59.78
N ASN P 158 13.36 34.16 58.80
CA ASN P 158 14.47 35.14 58.96
C ASN P 158 15.61 34.60 59.86
N ALA P 159 15.54 33.35 60.33
CA ALA P 159 16.66 32.65 61.00
C ALA P 159 17.55 31.97 59.93
N LEU P 160 18.84 32.30 59.90
CA LEU P 160 19.80 31.82 58.88
C LEU P 160 20.21 30.40 59.26
N GLN P 161 20.11 29.46 58.30
CA GLN P 161 20.33 28.01 58.54
C GLN P 161 21.80 27.66 58.34
N SER P 162 22.25 26.52 58.86
CA SER P 162 23.66 26.09 58.72
C SER P 162 23.81 24.59 59.00
N GLY P 163 24.46 23.85 58.09
CA GLY P 163 24.86 22.44 58.26
C GLY P 163 23.75 21.46 57.91
N ASN P 164 22.68 21.96 57.27
CA ASN P 164 21.43 21.21 56.98
C ASN P 164 21.05 21.39 55.49
N SER P 165 22.00 21.80 54.65
CA SER P 165 21.80 22.01 53.19
C SER P 165 23.01 21.48 52.42
N GLN P 166 22.81 21.10 51.15
CA GLN P 166 23.86 20.57 50.24
C GLN P 166 23.71 21.21 48.86
N GLU P 167 24.84 21.54 48.22
CA GLU P 167 24.87 22.11 46.86
C GLU P 167 25.31 21.02 45.86
N SER P 168 24.81 21.11 44.63
CA SER P 168 25.29 20.35 43.45
C SER P 168 25.42 21.34 42.30
N VAL P 169 26.46 21.21 41.49
CA VAL P 169 26.71 22.13 40.34
C VAL P 169 26.88 21.29 39.08
N THR P 170 26.26 21.73 37.99
CA THR P 170 26.41 21.07 36.67
C THR P 170 27.85 21.27 36.19
N GLU P 171 28.33 20.33 35.38
CA GLU P 171 29.52 20.55 34.52
C GLU P 171 29.19 21.75 33.63
N GLN P 172 30.17 22.62 33.38
CA GLN P 172 29.97 23.86 32.58
C GLN P 172 29.39 23.47 31.22
N ASP P 173 28.41 24.22 30.71
CA ASP P 173 27.78 23.95 29.39
C ASP P 173 28.81 24.17 28.26
N SER P 174 28.83 23.26 27.29
CA SER P 174 29.78 23.27 26.15
C SER P 174 29.30 24.23 25.04
N LYS P 175 28.16 24.92 25.21
CA LYS P 175 27.65 25.90 24.22
C LYS P 175 27.66 27.31 24.82
N ASP P 176 26.94 27.56 25.93
CA ASP P 176 26.79 28.91 26.52
C ASP P 176 27.78 29.10 27.69
N SER P 177 28.56 28.08 28.03
CA SER P 177 29.70 28.18 28.97
C SER P 177 29.22 28.64 30.37
N THR P 178 27.94 28.41 30.70
CA THR P 178 27.33 28.72 32.03
C THR P 178 27.21 27.48 32.91
N TYR P 179 26.96 27.70 34.19
CA TYR P 179 26.68 26.66 35.20
C TYR P 179 25.23 26.79 35.67
N SER P 180 24.71 25.72 36.28
CA SER P 180 23.48 25.74 37.11
C SER P 180 23.78 25.05 38.45
N LEU P 181 23.14 25.51 39.52
CA LEU P 181 23.38 25.06 40.91
C LEU P 181 22.03 24.77 41.60
N SER P 182 22.01 23.74 42.45
CA SER P 182 20.86 23.34 43.30
C SER P 182 21.31 23.34 44.77
N SER P 183 20.67 24.16 45.60
CA SER P 183 20.77 24.08 47.08
C SER P 183 19.54 23.34 47.61
N THR P 184 19.78 22.35 48.48
CA THR P 184 18.74 21.42 49.01
C THR P 184 18.76 21.45 50.55
N LEU P 185 17.78 22.16 51.12
CA LEU P 185 17.55 22.27 52.57
C LEU P 185 16.72 21.07 53.05
N THR P 186 17.24 20.31 54.02
CA THR P 186 16.65 19.05 54.55
C THR P 186 16.37 19.19 56.04
N LEU P 187 15.10 19.15 56.46
CA LEU P 187 14.65 19.17 57.88
C LEU P 187 13.55 18.12 58.09
N SER P 188 13.19 17.84 59.33
CA SER P 188 12.09 16.91 59.71
C SER P 188 10.73 17.56 59.41
N LYS P 189 9.67 16.74 59.34
CA LYS P 189 8.26 17.19 59.13
C LYS P 189 7.91 18.15 60.26
N ALA P 190 8.21 17.75 61.50
CA ALA P 190 8.06 18.53 62.74
C ALA P 190 8.53 19.97 62.50
N ASP P 191 9.84 20.14 62.28
CA ASP P 191 10.51 21.46 62.13
C ASP P 191 9.90 22.19 60.93
N TYR P 192 9.58 21.50 59.83
CA TYR P 192 9.04 22.16 58.62
C TYR P 192 7.69 22.81 58.95
N GLU P 193 6.88 22.16 59.78
CA GLU P 193 5.48 22.59 60.06
C GLU P 193 5.45 23.68 61.15
N LYS P 194 6.46 23.74 62.05
CA LYS P 194 6.61 24.82 63.07
C LYS P 194 6.66 26.21 62.40
N HIS P 195 7.43 26.38 61.33
CA HIS P 195 7.83 27.69 60.74
C HIS P 195 7.00 27.97 59.47
N LYS P 196 6.94 29.22 59.00
CA LYS P 196 5.97 29.70 57.98
C LYS P 196 6.66 30.15 56.68
N VAL P 197 7.69 31.01 56.80
CA VAL P 197 8.38 31.67 55.64
C VAL P 197 9.70 30.94 55.34
N TYR P 198 9.78 30.37 54.14
CA TYR P 198 10.96 29.65 53.60
C TYR P 198 11.52 30.47 52.43
N ALA P 199 12.77 30.91 52.58
CA ALA P 199 13.44 31.87 51.67
C ALA P 199 14.86 31.39 51.36
N CYS P 200 15.25 31.56 50.09
CA CYS P 200 16.61 31.28 49.58
C CYS P 200 17.14 32.62 49.03
N GLU P 201 18.23 33.11 49.62
CA GLU P 201 18.92 34.39 49.26
C GLU P 201 20.21 34.08 48.51
N VAL P 202 20.35 34.66 47.32
CA VAL P 202 21.45 34.35 46.35
C VAL P 202 22.32 35.59 46.19
N THR P 203 23.58 35.51 46.61
CA THR P 203 24.62 36.54 46.34
C THR P 203 25.51 36.05 45.19
N HIS P 204 25.58 36.80 44.09
CA HIS P 204 26.36 36.45 42.89
C HIS P 204 26.87 37.73 42.21
N GLN P 205 28.07 37.64 41.63
CA GLN P 205 28.81 38.78 41.02
C GLN P 205 27.97 39.48 39.94
N GLY P 206 27.06 38.76 39.26
CA GLY P 206 26.26 39.30 38.14
C GLY P 206 24.98 39.97 38.60
N LEU P 207 24.76 40.04 39.92
CA LEU P 207 23.58 40.71 40.56
C LEU P 207 24.06 41.94 41.35
N SER P 208 23.48 43.11 41.06
CA SER P 208 23.80 44.40 41.74
C SER P 208 23.57 44.27 43.26
N SER P 209 22.61 43.45 43.71
CA SER P 209 22.40 43.15 45.15
C SER P 209 21.68 41.80 45.32
N PRO P 210 21.87 41.12 46.48
CA PRO P 210 21.29 39.78 46.69
C PRO P 210 19.82 39.66 46.27
N VAL P 211 19.47 38.63 45.50
CA VAL P 211 18.06 38.30 45.13
C VAL P 211 17.55 37.22 46.10
N THR P 212 16.30 37.37 46.53
CA THR P 212 15.59 36.43 47.43
C THR P 212 14.32 35.92 46.73
N LYS P 213 14.15 34.59 46.69
CA LYS P 213 12.88 33.91 46.36
C LYS P 213 12.44 33.16 47.63
N SER P 214 11.13 33.20 47.92
CA SER P 214 10.53 32.60 49.14
C SER P 214 9.07 32.20 48.89
N PHE P 215 8.52 31.38 49.79
CA PHE P 215 7.09 30.97 49.83
C PHE P 215 6.65 30.92 51.31
N ASN P 216 5.34 31.03 51.54
CA ASN P 216 4.70 30.75 52.85
C ASN P 216 4.08 29.35 52.78
N ARG P 217 4.38 28.50 53.79
CA ARG P 217 3.91 27.09 53.89
C ARG P 217 2.40 26.98 53.61
N GLY P 218 2.02 26.33 52.51
CA GLY P 218 0.63 26.10 52.08
C GLY P 218 0.03 27.33 51.41
N GLU P 219 0.72 27.91 50.41
CA GLU P 219 0.29 29.15 49.70
C GLU P 219 -0.03 30.25 50.73
CL CL Q . 20.35 -17.53 -35.74
CL CL R . 24.80 26.37 10.49
CL CL S . -20.79 -50.20 15.04
CL CL T . -8.10 -7.90 62.03
#